data_8DY6
#
_entry.id   8DY6
#
_cell.length_a   1.00
_cell.length_b   1.00
_cell.length_c   1.00
_cell.angle_alpha   90.00
_cell.angle_beta   90.00
_cell.angle_gamma   90.00
#
_symmetry.space_group_name_H-M   'P 1'
#
loop_
_entity.id
_entity.type
_entity.pdbx_description
1 polymer 'Envelope glycoprotein gp160'
2 polymer 'MU89+S27Y Heavy Chain'
3 polymer 'MU89+S27Y Light Chain'
4 branched beta-D-mannopyranose-(1-4)-2-acetamido-2-deoxy-beta-D-glucopyranose-(1-4)-2-acetamido-2-deoxy-beta-D-glucopyranose
5 branched alpha-D-mannopyranose-(1-3)-beta-D-mannopyranose-(1-4)-2-acetamido-2-deoxy-beta-D-glucopyranose-(1-4)-2-acetamido-2-deoxy-beta-D-glucopyranose
6 branched 2-acetamido-2-deoxy-beta-D-glucopyranose-(1-4)-2-acetamido-2-deoxy-beta-D-glucopyranose
7 branched alpha-D-mannopyranose-(1-2)-alpha-D-mannopyranose-(1-2)-alpha-D-mannopyranose-(1-3)-[alpha-D-mannopyranose-(1-6)]beta-D-mannopyranose-(1-4)-2-acetamido-2-deoxy-beta-D-glucopyranose-(1-4)-2-acetamido-2-deoxy-beta-D-glucopyranose
8 branched alpha-D-mannopyranose-(1-3)-[alpha-D-mannopyranose-(1-6)]beta-D-mannopyranose-(1-4)-2-acetamido-2-deoxy-beta-D-glucopyranose-(1-4)-2-acetamido-2-deoxy-beta-D-glucopyranose
9 branched 2-acetamido-2-deoxy-beta-D-glucopyranose-(1-4)-2-acetamido-2-deoxy-beta-D-glucopyranose-(1-4)-2-acetamido-2-deoxy-beta-D-glucopyranose
10 non-polymer 2-acetamido-2-deoxy-beta-D-glucopyranose
#
loop_
_entity_poly.entity_id
_entity_poly.type
_entity_poly.pdbx_seq_one_letter_code
_entity_poly.pdbx_strand_id
1 'polypeptide(L)'
;MGSLQPLATLYLLGMLVASVLAAENLWVTVYYGVPVWKEAKTTLFCASDARAYEKEVHNVWATHACVPTDPSPQELVLGN
VTENFNMWKNDMVDQMHEDIISLWDQSLKPCVKLTPLCVTLICSDATVKTGTVEEMKNCSFNTTTEIRDKEKKEYALFYK
PDIVPLSETNNTSEYRLINCNTSACTQACPKVTFEPIPIHYCAPAGYAILKCNDETFNGTGPCSNVSTVQCTHGIRPVVS
TQLLLNGSLAEKEIVIRSENLTNNAKIIIVHLHTPVEIVCTRPNNNTRKSVRIGPGQTFYATGDIIGDIKQAHCNISEEK
WNDTLQKVGIELQKHFPNKTIKYNQSAGGDMEITTHSFNCGGEFFYCNTSNLFNGTYNGTYISTNSSANSTSTITLQCRI
KQIINMWQGVGRCMYAPPIAGNITCRSNITGLLLTRDGGTNSNETETFRPAGGDMRDNWRSELYKYKVVKIEPLGVAPTR
CKRRVVGRRRRRRAVGIGAVFLGFLGAAGSTMGAASMTLTVQARNLLSGIVQQQSNLLRAPEAQQHLLKLTVWGIKQLQA
RVLAVERYLRDQQLLGIWGCSGKLICCTNVPWNSSWSNRNLSEIWDNMTWLQWDKEISNYTQIIYGLLEESQNQQEKNEQ
DLLALD
;
A,B,E,F,I,J
2 'polypeptide(L)'
;MGWSCIILFLVATATGVHSQVQLVQSGAEVKKPGASVKVSCKASGYRFTDHYIHWVRQAPGQGPEWMGWINTSSGRSNFA
QKFQGRVTMTRDTSISTAYMELNRLKSDDTAVYYCTTGSWISLYYDSSGYPNFDYWGQGTLVTVT
;
C,G,K
3 'polypeptide(L)'
;QSALTQPASVSGSPGQPITISCTGTSYDVGNYDLVSWYQQHPGNAPKYMIYEVTKRPAGISNRFSGSKSGNTASLTISGL
QAEDAADYYCCSYAGSSTVIFGGGTKVTVL
;
D,H,L
#
loop_
_chem_comp.id
_chem_comp.type
_chem_comp.name
_chem_comp.formula
BMA D-saccharide, beta linking beta-D-mannopyranose 'C6 H12 O6'
MAN D-saccharide, alpha linking alpha-D-mannopyranose 'C6 H12 O6'
NAG D-saccharide, beta linking 2-acetamido-2-deoxy-beta-D-glucopyranose 'C8 H15 N O6'
#
# COMPACT_ATOMS: atom_id res chain seq x y z
N ASN A 25 -59.00 -13.99 24.52
CA ASN A 25 -59.96 -13.59 23.49
C ASN A 25 -59.24 -13.16 22.22
N LEU A 26 -58.65 -11.97 22.26
CA LEU A 26 -57.95 -11.43 21.10
C LEU A 26 -56.64 -12.18 20.86
N TRP A 27 -56.25 -12.25 19.60
CA TRP A 27 -55.09 -13.02 19.17
C TRP A 27 -54.12 -12.13 18.43
N VAL A 28 -52.84 -12.22 18.80
CA VAL A 28 -51.80 -11.50 18.07
C VAL A 28 -51.60 -12.15 16.70
N THR A 29 -51.20 -11.32 15.74
CA THR A 29 -50.74 -11.76 14.42
C THR A 29 -49.56 -10.87 14.04
N VAL A 30 -48.64 -11.43 13.27
CA VAL A 30 -47.52 -10.67 12.73
C VAL A 30 -47.54 -10.79 11.22
N TYR A 31 -47.23 -9.67 10.57
CA TYR A 31 -47.31 -9.53 9.12
C TYR A 31 -45.93 -9.22 8.57
N TYR A 32 -45.63 -9.80 7.41
CA TYR A 32 -44.36 -9.62 6.75
C TYR A 32 -44.54 -8.70 5.56
N GLY A 33 -43.63 -7.74 5.41
CA GLY A 33 -43.70 -6.79 4.32
C GLY A 33 -44.54 -5.57 4.61
N VAL A 34 -44.61 -5.14 5.86
CA VAL A 34 -45.41 -3.95 6.19
C VAL A 34 -44.68 -2.71 5.69
N PRO A 35 -45.37 -1.65 5.32
CA PRO A 35 -44.68 -0.44 4.86
C PRO A 35 -44.40 0.58 5.97
N VAL A 36 -43.45 0.25 6.85
CA VAL A 36 -42.96 1.18 7.85
C VAL A 36 -41.46 1.27 7.71
N TRP A 37 -40.89 2.34 8.26
CA TRP A 37 -39.45 2.56 8.16
C TRP A 37 -38.94 3.23 9.42
N LYS A 38 -37.64 3.53 9.42
CA LYS A 38 -37.02 4.20 10.54
C LYS A 38 -35.80 4.95 10.05
N GLU A 39 -35.36 5.96 10.80
CA GLU A 39 -34.12 6.63 10.49
C GLU A 39 -32.93 5.73 10.80
N ALA A 40 -31.94 5.77 9.91
CA ALA A 40 -30.74 4.94 10.06
C ALA A 40 -29.61 5.56 9.25
N LYS A 41 -28.40 5.06 9.50
CA LYS A 41 -27.23 5.39 8.72
C LYS A 41 -26.73 4.12 8.03
N THR A 42 -26.29 4.26 6.78
CA THR A 42 -25.78 3.11 6.04
C THR A 42 -24.80 3.59 4.99
N THR A 43 -24.02 2.64 4.47
CA THR A 43 -23.01 2.94 3.47
C THR A 43 -23.63 2.87 2.08
N LEU A 44 -23.64 3.98 1.37
CA LEU A 44 -24.19 4.02 0.03
C LEU A 44 -23.15 3.59 -0.98
N PHE A 45 -23.57 3.50 -2.24
CA PHE A 45 -22.64 3.17 -3.30
C PHE A 45 -23.01 3.92 -4.57
N CYS A 46 -21.98 4.11 -5.40
CA CYS A 46 -22.07 4.96 -6.57
C CYS A 46 -22.76 4.26 -7.73
N ALA A 47 -23.28 5.06 -8.63
CA ALA A 47 -23.93 4.58 -9.84
C ALA A 47 -23.87 5.68 -10.88
N SER A 48 -23.22 5.40 -12.00
CA SER A 48 -23.10 6.37 -13.06
C SER A 48 -24.34 6.32 -13.96
N ASP A 49 -24.27 7.06 -15.06
CA ASP A 49 -25.40 7.20 -15.97
C ASP A 49 -25.22 6.39 -17.25
N ALA A 50 -24.46 5.29 -17.20
CA ALA A 50 -24.15 4.41 -18.33
C ALA A 50 -23.52 5.17 -19.50
N ARG A 51 -22.68 6.15 -19.18
CA ARG A 51 -21.97 6.92 -20.18
C ARG A 51 -20.83 6.06 -20.76
N ALA A 52 -20.45 6.38 -22.00
CA ALA A 52 -19.40 5.62 -22.68
C ALA A 52 -18.03 5.94 -22.08
N TYR A 53 -17.63 5.20 -21.05
CA TYR A 53 -16.41 5.48 -20.32
C TYR A 53 -15.20 4.72 -20.84
N GLU A 54 -15.33 4.02 -21.97
CA GLU A 54 -14.29 3.10 -22.42
C GLU A 54 -13.02 3.83 -22.84
N LYS A 55 -13.15 5.08 -23.28
CA LYS A 55 -11.97 5.90 -23.54
C LYS A 55 -11.54 6.67 -22.31
N GLU A 56 -12.46 6.92 -21.37
CA GLU A 56 -12.26 7.89 -20.31
C GLU A 56 -12.24 7.21 -18.95
N VAL A 57 -11.55 6.07 -18.86
CA VAL A 57 -11.36 5.40 -17.57
C VAL A 57 -10.42 6.17 -16.67
N HIS A 58 -9.64 7.08 -17.24
CA HIS A 58 -8.68 7.92 -16.56
C HIS A 58 -9.29 9.18 -15.95
N ASN A 59 -10.59 9.20 -15.70
CA ASN A 59 -11.19 10.30 -14.96
C ASN A 59 -10.75 10.26 -13.50
N VAL A 60 -10.66 11.43 -12.89
CA VAL A 60 -10.14 11.51 -11.53
C VAL A 60 -11.17 11.02 -10.53
N TRP A 61 -12.45 11.06 -10.89
CA TRP A 61 -13.46 10.61 -9.96
C TRP A 61 -13.75 9.13 -10.06
N ALA A 62 -13.10 8.43 -11.00
CA ALA A 62 -13.18 6.98 -11.18
C ALA A 62 -14.61 6.50 -11.35
N THR A 63 -15.41 7.27 -12.08
CA THR A 63 -16.84 6.99 -12.20
C THR A 63 -17.14 5.83 -13.13
N HIS A 64 -16.13 5.30 -13.83
CA HIS A 64 -16.35 4.16 -14.71
C HIS A 64 -16.65 2.90 -13.92
N ALA A 65 -16.15 2.81 -12.69
CA ALA A 65 -16.32 1.59 -11.92
C ALA A 65 -17.70 1.46 -11.31
N CYS A 66 -18.53 2.50 -11.38
CA CYS A 66 -19.85 2.45 -10.78
C CYS A 66 -20.79 1.57 -11.59
N VAL A 67 -21.85 1.10 -10.94
CA VAL A 67 -22.85 0.27 -11.63
C VAL A 67 -23.73 1.16 -12.50
N PRO A 68 -23.90 0.85 -13.78
CA PRO A 68 -24.73 1.72 -14.63
C PRO A 68 -26.20 1.59 -14.32
N THR A 69 -26.85 2.75 -14.16
CA THR A 69 -28.30 2.81 -13.98
C THR A 69 -28.96 2.61 -15.34
N ASP A 70 -29.34 1.36 -15.61
CA ASP A 70 -29.97 1.05 -16.89
C ASP A 70 -31.39 1.62 -17.03
N PRO A 71 -32.39 1.28 -16.19
CA PRO A 71 -33.76 1.66 -16.53
C PRO A 71 -34.07 3.08 -16.08
N SER A 72 -35.36 3.44 -16.21
CA SER A 72 -35.86 4.69 -15.68
C SER A 72 -35.83 4.66 -14.16
N PRO A 73 -35.62 5.81 -13.52
CA PRO A 73 -35.64 5.85 -12.05
C PRO A 73 -37.03 5.59 -11.50
N GLN A 74 -37.07 5.02 -10.30
CA GLN A 74 -38.32 4.66 -9.63
C GLN A 74 -38.92 5.90 -8.98
N GLU A 75 -39.49 6.77 -9.83
CA GLU A 75 -40.11 8.00 -9.37
C GLU A 75 -41.46 7.70 -8.75
N LEU A 76 -41.46 7.22 -7.51
CA LEU A 76 -42.65 6.71 -6.86
C LEU A 76 -43.09 7.70 -5.79
N VAL A 77 -44.13 8.46 -6.09
CA VAL A 77 -44.74 9.35 -5.11
C VAL A 77 -45.60 8.52 -4.17
N LEU A 78 -45.60 8.87 -2.89
CA LEU A 78 -46.30 8.06 -1.90
C LEU A 78 -47.74 8.54 -1.72
N GLY A 79 -47.92 9.80 -1.33
CA GLY A 79 -49.24 10.29 -1.02
C GLY A 79 -49.62 10.02 0.41
N ASN A 80 -50.27 10.99 1.06
CA ASN A 80 -50.70 10.97 2.45
C ASN A 80 -49.53 10.76 3.42
N VAL A 81 -48.35 11.23 3.07
CA VAL A 81 -47.14 10.98 3.85
C VAL A 81 -46.50 12.32 4.19
N THR A 82 -46.29 12.55 5.48
CA THR A 82 -45.57 13.72 5.97
C THR A 82 -44.45 13.25 6.90
N GLU A 83 -43.29 13.89 6.79
CA GLU A 83 -42.14 13.51 7.59
C GLU A 83 -41.23 14.72 7.77
N ASN A 84 -40.56 14.77 8.91
CA ASN A 84 -39.63 15.85 9.22
C ASN A 84 -38.29 15.60 8.54
N PHE A 85 -37.65 16.68 8.10
CA PHE A 85 -36.37 16.60 7.41
C PHE A 85 -35.38 17.56 8.04
N ASN A 86 -34.10 17.19 7.98
CA ASN A 86 -33.03 18.05 8.50
C ASN A 86 -31.80 17.78 7.64
N MET A 87 -31.56 18.66 6.67
CA MET A 87 -30.39 18.47 5.82
C MET A 87 -29.12 19.01 6.44
N TRP A 88 -29.21 19.77 7.54
CA TRP A 88 -28.00 20.14 8.24
C TRP A 88 -27.50 19.04 9.16
N LYS A 89 -28.34 18.05 9.45
CA LYS A 89 -27.93 16.89 10.22
C LYS A 89 -27.74 15.65 9.36
N ASN A 90 -27.72 15.78 8.05
CA ASN A 90 -27.66 14.63 7.17
C ASN A 90 -26.27 13.99 7.20
N ASP A 91 -26.27 12.67 7.31
CA ASP A 91 -25.05 11.88 7.27
C ASP A 91 -24.44 11.79 5.88
N MET A 92 -25.27 11.97 4.84
CA MET A 92 -24.87 11.69 3.47
C MET A 92 -23.77 12.64 2.99
N VAL A 93 -23.85 13.90 3.42
CA VAL A 93 -22.88 14.90 2.97
C VAL A 93 -21.49 14.60 3.51
N ASP A 94 -21.40 14.11 4.75
CA ASP A 94 -20.10 13.78 5.31
C ASP A 94 -19.50 12.54 4.67
N GLN A 95 -20.36 11.55 4.36
CA GLN A 95 -19.91 10.36 3.65
C GLN A 95 -19.36 10.71 2.28
N MET A 96 -20.05 11.59 1.56
CA MET A 96 -19.58 11.88 0.21
C MET A 96 -18.39 12.83 0.25
N HIS A 97 -18.25 13.62 1.31
CA HIS A 97 -17.01 14.38 1.51
C HIS A 97 -15.82 13.45 1.70
N GLU A 98 -16.00 12.42 2.53
CA GLU A 98 -14.94 11.45 2.74
C GLU A 98 -14.64 10.67 1.46
N ASP A 99 -15.67 10.39 0.67
CA ASP A 99 -15.47 9.68 -0.58
C ASP A 99 -14.69 10.51 -1.58
N ILE A 100 -14.98 11.82 -1.64
CA ILE A 100 -14.25 12.70 -2.55
C ILE A 100 -12.78 12.80 -2.13
N ILE A 101 -12.53 12.91 -0.81
CA ILE A 101 -11.16 12.99 -0.32
C ILE A 101 -10.39 11.70 -0.61
N SER A 102 -11.05 10.56 -0.39
CA SER A 102 -10.41 9.27 -0.65
C SER A 102 -10.16 9.06 -2.14
N LEU A 103 -11.09 9.53 -2.98
CA LEU A 103 -10.90 9.44 -4.43
C LEU A 103 -9.72 10.29 -4.87
N TRP A 104 -9.59 11.48 -4.29
CA TRP A 104 -8.47 12.36 -4.61
C TRP A 104 -7.14 11.72 -4.23
N ASP A 105 -7.10 11.10 -3.04
CA ASP A 105 -5.88 10.43 -2.60
C ASP A 105 -5.53 9.23 -3.48
N GLN A 106 -6.53 8.43 -3.83
CA GLN A 106 -6.25 7.22 -4.59
C GLN A 106 -5.96 7.54 -6.05
N SER A 107 -6.42 8.69 -6.54
CA SER A 107 -6.09 9.09 -7.89
C SER A 107 -4.72 9.73 -7.95
N LEU A 108 -4.35 10.45 -6.90
CA LEU A 108 -3.06 11.12 -6.88
C LEU A 108 -1.94 10.22 -6.38
N LYS A 109 -2.26 9.05 -5.86
CA LYS A 109 -1.23 8.14 -5.33
C LYS A 109 -0.21 7.63 -6.35
N PRO A 110 -0.58 7.06 -7.51
CA PRO A 110 0.46 6.48 -8.35
C PRO A 110 1.21 7.48 -9.22
N CYS A 111 0.94 8.78 -9.11
CA CYS A 111 1.58 9.74 -10.00
C CYS A 111 2.98 10.10 -9.50
N VAL A 112 3.62 11.01 -10.25
CA VAL A 112 5.04 11.29 -10.04
C VAL A 112 5.22 12.32 -8.93
N LYS A 113 6.22 12.09 -8.09
CA LYS A 113 6.54 12.96 -6.96
C LYS A 113 7.55 14.03 -7.38
N LEU A 114 7.56 15.12 -6.61
CA LEU A 114 8.43 16.27 -6.89
C LEU A 114 9.43 16.54 -5.79
N THR A 115 9.83 15.53 -5.02
CA THR A 115 10.88 15.72 -4.02
C THR A 115 12.26 16.15 -4.57
N PRO A 116 12.79 15.65 -5.70
CA PRO A 116 14.10 16.17 -6.12
C PRO A 116 14.08 17.59 -6.64
N LEU A 117 12.90 18.11 -6.99
CA LEU A 117 12.81 19.43 -7.58
C LEU A 117 13.01 20.54 -6.55
N CYS A 118 12.79 20.23 -5.27
CA CYS A 118 12.91 21.26 -4.24
C CYS A 118 14.37 21.61 -3.99
N VAL A 119 14.91 22.49 -4.81
CA VAL A 119 16.31 22.91 -4.74
C VAL A 119 16.36 24.43 -4.70
N THR A 120 17.58 24.97 -4.72
CA THR A 120 17.77 26.41 -4.75
C THR A 120 17.46 26.93 -6.14
N LEU A 121 16.63 27.97 -6.22
CA LEU A 121 16.28 28.57 -7.50
C LEU A 121 16.95 29.92 -7.66
N ILE A 122 17.29 30.24 -8.90
CA ILE A 122 17.79 31.57 -9.26
C ILE A 122 16.86 32.16 -10.30
N CYS A 123 16.23 33.27 -9.97
CA CYS A 123 15.08 33.74 -10.72
C CYS A 123 15.27 35.16 -11.22
N SER A 124 14.69 35.45 -12.37
CA SER A 124 14.70 36.76 -12.98
C SER A 124 13.32 37.01 -13.57
N ASP A 125 13.15 38.19 -14.15
CA ASP A 125 11.88 38.61 -14.73
C ASP A 125 11.83 38.17 -16.19
N ALA A 126 10.83 37.34 -16.51
CA ALA A 126 10.62 36.94 -17.90
C ALA A 126 9.74 37.92 -18.64
N THR A 127 8.81 38.56 -17.95
CA THR A 127 7.96 39.57 -18.57
C THR A 127 8.76 40.85 -18.74
N VAL A 128 8.55 41.53 -19.88
CA VAL A 128 9.40 42.66 -20.27
C VAL A 128 9.18 43.85 -19.33
N LYS A 129 7.92 44.22 -19.10
CA LYS A 129 7.61 45.33 -18.23
C LYS A 129 6.57 44.85 -17.23
N THR A 130 6.34 45.64 -16.18
CA THR A 130 5.41 45.23 -15.13
C THR A 130 3.96 45.16 -15.66
N GLY A 131 3.59 46.07 -16.56
CA GLY A 131 2.34 46.01 -17.32
C GLY A 131 1.09 45.99 -16.47
N THR A 132 0.15 45.15 -16.85
CA THR A 132 -0.99 44.82 -16.01
C THR A 132 -0.87 43.42 -15.42
N VAL A 133 -0.02 42.58 -15.98
CA VAL A 133 0.36 41.31 -15.38
C VAL A 133 1.79 40.99 -15.82
N GLU A 134 2.62 40.59 -14.85
CA GLU A 134 4.01 40.24 -15.13
C GLU A 134 4.46 39.03 -14.34
N GLU A 135 3.53 38.35 -13.67
CA GLU A 135 3.86 37.38 -12.63
C GLU A 135 4.42 36.07 -13.16
N MET A 136 4.61 35.94 -14.48
CA MET A 136 5.36 34.82 -15.02
C MET A 136 6.85 35.03 -14.76
N LYS A 137 7.37 34.46 -13.69
CA LYS A 137 8.78 34.57 -13.35
C LYS A 137 9.58 33.50 -14.06
N ASN A 138 10.81 33.85 -14.46
CA ASN A 138 11.74 32.88 -15.02
C ASN A 138 12.65 32.42 -13.90
N CYS A 139 12.98 31.14 -13.89
CA CYS A 139 13.86 30.61 -12.85
C CYS A 139 14.74 29.53 -13.46
N SER A 140 15.89 29.30 -12.82
CA SER A 140 16.84 28.28 -13.21
C SER A 140 17.30 27.54 -11.97
N PHE A 141 17.73 26.30 -12.16
CA PHE A 141 17.94 25.37 -11.06
C PHE A 141 18.81 24.22 -11.55
N ASN A 142 19.01 23.24 -10.68
CA ASN A 142 19.74 22.02 -11.00
C ASN A 142 18.83 20.81 -10.83
N THR A 143 19.06 19.81 -11.65
CA THR A 143 18.27 18.59 -11.60
C THR A 143 19.18 17.38 -11.73
N THR A 144 18.64 16.24 -11.32
CA THR A 144 19.32 14.96 -11.46
C THR A 144 18.83 14.27 -12.72
N THR A 145 19.77 13.81 -13.53
CA THR A 145 19.43 13.08 -14.75
C THR A 145 19.13 11.63 -14.39
N GLU A 146 19.13 10.77 -15.42
CA GLU A 146 19.00 9.34 -15.21
C GLU A 146 20.18 8.80 -14.40
N ILE A 147 21.37 9.32 -14.67
CA ILE A 147 22.56 8.95 -13.91
C ILE A 147 22.58 9.80 -12.65
N ARG A 148 22.91 9.17 -11.52
CA ARG A 148 22.92 9.86 -10.24
C ARG A 148 24.01 10.93 -10.17
N ASP A 149 25.18 10.66 -10.76
CA ASP A 149 26.31 11.56 -10.62
C ASP A 149 26.32 12.70 -11.63
N LYS A 150 25.34 12.76 -12.53
CA LYS A 150 25.30 13.79 -13.56
C LYS A 150 24.25 14.83 -13.18
N GLU A 151 24.71 15.99 -12.72
CA GLU A 151 23.83 17.11 -12.45
C GLU A 151 23.67 17.95 -13.71
N LYS A 152 22.46 18.43 -13.95
CA LYS A 152 22.16 19.17 -15.16
C LYS A 152 21.50 20.50 -14.81
N LYS A 153 21.98 21.57 -15.43
CA LYS A 153 21.38 22.88 -15.22
C LYS A 153 20.14 23.04 -16.10
N GLU A 154 19.04 23.47 -15.50
CA GLU A 154 17.77 23.55 -16.22
C GLU A 154 17.07 24.84 -15.86
N TYR A 155 16.01 25.14 -16.59
CA TYR A 155 15.24 26.36 -16.40
C TYR A 155 13.76 26.06 -16.54
N ALA A 156 12.94 26.89 -15.92
CA ALA A 156 11.49 26.77 -16.01
C ALA A 156 10.85 28.11 -15.68
N LEU A 157 9.61 28.25 -16.11
CA LEU A 157 8.81 29.42 -15.76
C LEU A 157 7.81 29.04 -14.67
N PHE A 158 7.54 29.99 -13.79
CA PHE A 158 6.61 29.77 -12.69
C PHE A 158 5.75 31.01 -12.50
N TYR A 159 4.81 30.89 -11.58
CA TYR A 159 4.02 32.04 -11.17
C TYR A 159 4.50 32.56 -9.83
N LYS A 160 4.33 33.87 -9.62
CA LYS A 160 4.73 34.49 -8.36
C LYS A 160 4.05 33.94 -7.11
N PRO A 161 2.75 33.56 -7.10
CA PRO A 161 2.24 32.86 -5.90
C PRO A 161 2.88 31.51 -5.65
N ASP A 162 3.42 30.85 -6.66
CA ASP A 162 4.04 29.55 -6.43
C ASP A 162 5.38 29.66 -5.74
N ILE A 163 6.19 30.64 -6.11
CA ILE A 163 7.56 30.74 -5.62
C ILE A 163 7.60 31.68 -4.42
N VAL A 164 8.55 31.44 -3.54
CA VAL A 164 8.75 32.25 -2.34
C VAL A 164 10.22 32.64 -2.31
N PRO A 165 10.56 33.89 -2.04
CA PRO A 165 11.96 34.26 -1.87
C PRO A 165 12.59 33.50 -0.70
N LEU A 166 13.86 33.13 -0.88
CA LEU A 166 14.53 32.27 0.08
C LEU A 166 14.74 33.00 1.40
N SER A 167 14.99 32.21 2.44
CA SER A 167 15.23 32.77 3.77
C SER A 167 16.54 33.57 3.79
N GLU A 168 16.58 34.58 4.66
CA GLU A 168 17.69 35.52 4.89
C GLU A 168 18.24 36.11 3.59
N THR A 169 17.35 36.37 2.63
CA THR A 169 17.77 36.87 1.34
C THR A 169 18.20 38.33 1.44
N ASN A 170 19.25 38.67 0.69
CA ASN A 170 19.69 40.05 0.56
C ASN A 170 19.08 40.71 -0.67
N ASN A 171 17.75 40.60 -0.77
CA ASN A 171 16.96 40.94 -1.96
C ASN A 171 17.49 40.25 -3.22
N THR A 172 17.88 38.99 -3.07
CA THR A 172 18.58 38.28 -4.13
C THR A 172 17.59 37.55 -5.03
N SER A 173 18.14 36.73 -5.91
CA SER A 173 17.36 35.89 -6.81
C SER A 173 17.10 34.52 -6.24
N GLU A 174 17.45 34.30 -4.97
CA GLU A 174 17.29 32.99 -4.35
C GLU A 174 15.83 32.73 -4.02
N TYR A 175 15.32 31.58 -4.46
CA TYR A 175 13.90 31.29 -4.38
C TYR A 175 13.70 29.81 -4.11
N ARG A 176 12.51 29.48 -3.64
CA ARG A 176 12.11 28.10 -3.37
C ARG A 176 10.62 27.97 -3.63
N LEU A 177 10.12 26.75 -3.47
CA LEU A 177 8.69 26.53 -3.60
C LEU A 177 7.99 26.80 -2.29
N ILE A 178 6.67 27.00 -2.38
CA ILE A 178 5.87 27.29 -1.19
C ILE A 178 5.74 26.06 -0.30
N ASN A 179 5.64 24.87 -0.91
CA ASN A 179 5.30 23.68 -0.14
C ASN A 179 6.47 23.10 0.64
N CYS A 180 7.70 23.52 0.33
CA CYS A 180 8.89 22.78 0.75
C CYS A 180 9.14 22.82 2.25
N ASN A 181 8.59 23.79 2.95
CA ASN A 181 8.63 23.80 4.40
C ASN A 181 7.35 23.27 5.02
N THR A 182 6.42 22.75 4.21
CA THR A 182 5.20 22.17 4.74
C THR A 182 5.09 20.68 4.46
N SER A 183 5.11 20.26 3.20
CA SER A 183 4.97 18.87 2.79
C SER A 183 5.32 18.76 1.32
N ALA A 184 5.71 17.56 0.91
CA ALA A 184 6.03 17.33 -0.49
C ALA A 184 4.75 17.20 -1.31
N CYS A 185 4.83 17.64 -2.56
CA CYS A 185 3.72 17.53 -3.50
C CYS A 185 4.03 16.45 -4.53
N THR A 186 2.97 16.03 -5.22
CA THR A 186 3.08 15.17 -6.39
C THR A 186 2.32 15.84 -7.52
N GLN A 187 2.88 15.80 -8.73
CA GLN A 187 2.19 16.38 -9.86
C GLN A 187 1.04 15.48 -10.28
N ALA A 188 0.05 16.06 -10.94
CA ALA A 188 -1.04 15.26 -11.48
C ALA A 188 -0.59 14.55 -12.73
N CYS A 189 -1.10 13.34 -12.94
CA CYS A 189 -0.79 12.61 -14.15
C CYS A 189 -1.46 13.29 -15.34
N PRO A 190 -0.80 13.33 -16.51
CA PRO A 190 -1.36 14.07 -17.64
C PRO A 190 -2.57 13.40 -18.26
N LYS A 191 -2.76 12.10 -18.04
CA LYS A 191 -3.94 11.43 -18.56
C LYS A 191 -5.19 11.74 -17.74
N VAL A 192 -5.02 12.32 -16.56
CA VAL A 192 -6.13 12.53 -15.65
C VAL A 192 -6.99 13.68 -16.14
N THR A 193 -8.30 13.43 -16.25
CA THR A 193 -9.26 14.43 -16.70
C THR A 193 -10.15 14.82 -15.54
N PHE A 194 -10.30 16.13 -15.31
CA PHE A 194 -11.02 16.64 -14.15
C PHE A 194 -12.43 17.08 -14.48
N GLU A 195 -13.06 16.45 -15.47
CA GLU A 195 -14.42 16.81 -15.82
C GLU A 195 -15.39 16.29 -14.77
N PRO A 196 -16.27 17.12 -14.23
CA PRO A 196 -17.22 16.64 -13.22
C PRO A 196 -18.32 15.77 -13.81
N ILE A 197 -18.04 14.48 -13.96
CA ILE A 197 -19.05 13.52 -14.40
C ILE A 197 -20.11 13.39 -13.32
N PRO A 198 -21.40 13.40 -13.66
CA PRO A 198 -22.44 13.26 -12.63
C PRO A 198 -22.42 11.89 -11.98
N ILE A 199 -22.83 11.88 -10.71
CA ILE A 199 -22.74 10.71 -9.85
C ILE A 199 -24.10 10.52 -9.17
N HIS A 200 -24.62 9.30 -9.25
CA HIS A 200 -25.82 8.92 -8.51
C HIS A 200 -25.41 8.11 -7.29
N TYR A 201 -26.12 8.30 -6.18
CA TYR A 201 -26.02 7.41 -5.03
C TYR A 201 -27.25 6.53 -4.91
N CYS A 202 -27.01 5.25 -4.61
CA CYS A 202 -28.09 4.32 -4.37
C CYS A 202 -27.91 3.68 -3.00
N ALA A 203 -29.00 3.56 -2.27
CA ALA A 203 -29.01 2.85 -1.01
C ALA A 203 -28.93 1.35 -1.28
N PRO A 204 -28.44 0.57 -0.32
CA PRO A 204 -28.48 -0.88 -0.49
C PRO A 204 -29.91 -1.40 -0.37
N ALA A 205 -30.11 -2.60 -0.90
CA ALA A 205 -31.42 -3.23 -0.84
C ALA A 205 -31.80 -3.53 0.60
N GLY A 206 -33.04 -3.20 0.95
CA GLY A 206 -33.48 -3.20 2.32
C GLY A 206 -33.50 -1.83 2.95
N TYR A 207 -32.84 -0.86 2.33
CA TYR A 207 -32.92 0.53 2.73
C TYR A 207 -33.70 1.30 1.67
N ALA A 208 -33.91 2.58 1.93
CA ALA A 208 -34.66 3.40 0.98
C ALA A 208 -34.22 4.85 1.09
N ILE A 209 -34.47 5.59 0.03
CA ILE A 209 -34.22 7.02 -0.03
C ILE A 209 -35.55 7.74 -0.17
N LEU A 210 -35.83 8.62 0.77
CA LEU A 210 -37.00 9.49 0.74
C LEU A 210 -36.55 10.90 0.41
N LYS A 211 -37.21 11.53 -0.55
CA LYS A 211 -36.89 12.89 -0.94
C LYS A 211 -38.13 13.77 -0.86
N CYS A 212 -37.88 15.06 -0.67
CA CYS A 212 -38.95 16.03 -0.57
C CYS A 212 -39.39 16.48 -1.95
N ASN A 213 -40.65 16.90 -2.05
CA ASN A 213 -41.16 17.47 -3.29
C ASN A 213 -41.78 18.83 -3.09
N ASP A 214 -41.82 19.34 -1.86
CA ASP A 214 -42.39 20.65 -1.61
C ASP A 214 -41.52 21.74 -2.22
N GLU A 215 -42.16 22.61 -2.99
CA GLU A 215 -41.46 23.51 -3.88
C GLU A 215 -40.76 24.65 -3.17
N THR A 216 -41.20 24.98 -1.96
CA THR A 216 -40.63 26.08 -1.19
C THR A 216 -40.00 25.54 0.08
N PHE A 217 -39.51 24.30 0.02
CA PHE A 217 -38.96 23.66 1.20
C PHE A 217 -37.58 24.24 1.48
N ASN A 218 -37.43 24.83 2.66
CA ASN A 218 -36.13 25.28 3.15
C ASN A 218 -35.38 24.09 3.73
N GLY A 219 -34.35 24.37 4.53
CA GLY A 219 -33.51 23.30 5.07
C GLY A 219 -34.21 22.34 6.01
N THR A 220 -35.07 22.82 6.90
CA THR A 220 -35.69 21.94 7.88
C THR A 220 -37.20 22.13 7.85
N GLY A 221 -37.91 21.12 8.33
CA GLY A 221 -39.35 21.18 8.42
C GLY A 221 -40.03 19.91 7.96
N PRO A 222 -41.34 19.85 8.10
CA PRO A 222 -42.09 18.69 7.60
C PRO A 222 -42.42 18.85 6.12
N CYS A 223 -42.03 17.85 5.33
CA CYS A 223 -42.31 17.87 3.90
C CYS A 223 -43.66 17.21 3.67
N SER A 224 -44.61 17.97 3.12
CA SER A 224 -45.95 17.43 2.89
C SER A 224 -45.95 16.45 1.72
N ASN A 225 -45.07 16.64 0.76
CA ASN A 225 -45.01 15.81 -0.44
C ASN A 225 -43.67 15.08 -0.46
N VAL A 226 -43.70 13.79 -0.20
CA VAL A 226 -42.50 12.97 -0.05
C VAL A 226 -42.58 11.82 -1.04
N SER A 227 -41.52 11.61 -1.80
CA SER A 227 -41.46 10.50 -2.74
C SER A 227 -40.23 9.65 -2.48
N THR A 228 -40.37 8.33 -2.59
CA THR A 228 -39.23 7.45 -2.48
C THR A 228 -38.55 7.30 -3.83
N VAL A 229 -37.28 6.90 -3.78
CA VAL A 229 -36.51 6.64 -4.99
C VAL A 229 -35.40 5.66 -4.64
N GLN A 230 -35.03 4.84 -5.62
CA GLN A 230 -33.93 3.90 -5.40
C GLN A 230 -32.58 4.60 -5.50
N CYS A 231 -32.43 5.54 -6.44
CA CYS A 231 -31.16 6.21 -6.66
C CYS A 231 -31.39 7.70 -6.83
N THR A 232 -30.45 8.48 -6.31
CA THR A 232 -30.53 9.93 -6.40
C THR A 232 -30.24 10.40 -7.82
N HIS A 233 -30.55 11.67 -8.07
CA HIS A 233 -30.34 12.23 -9.40
C HIS A 233 -28.85 12.55 -9.59
N GLY A 234 -28.53 13.02 -10.79
CA GLY A 234 -27.15 13.20 -11.18
C GLY A 234 -26.50 14.44 -10.62
N ILE A 235 -26.18 14.42 -9.32
CA ILE A 235 -25.45 15.54 -8.75
C ILE A 235 -24.02 15.55 -9.27
N ARG A 236 -23.40 16.72 -9.18
CA ARG A 236 -22.08 16.88 -9.76
C ARG A 236 -21.07 17.28 -8.70
N PRO A 237 -19.87 16.70 -8.73
CA PRO A 237 -18.85 17.03 -7.73
C PRO A 237 -18.03 18.27 -8.14
N VAL A 238 -18.70 19.42 -8.21
CA VAL A 238 -18.04 20.61 -8.71
C VAL A 238 -17.17 21.23 -7.63
N VAL A 239 -15.89 21.37 -7.92
CA VAL A 239 -14.92 21.97 -7.00
C VAL A 239 -14.96 23.48 -7.19
N SER A 240 -15.55 24.19 -6.24
CA SER A 240 -15.64 25.64 -6.31
C SER A 240 -15.87 26.20 -4.91
N THR A 241 -15.56 27.49 -4.77
CA THR A 241 -15.88 28.21 -3.55
C THR A 241 -16.47 29.57 -3.91
N GLN A 242 -17.38 30.05 -3.03
CA GLN A 242 -18.08 31.33 -3.06
C GLN A 242 -19.13 31.44 -4.16
N LEU A 243 -19.14 30.52 -5.11
CA LEU A 243 -20.11 30.52 -6.21
C LEU A 243 -20.38 29.08 -6.57
N LEU A 244 -21.63 28.63 -6.40
CA LEU A 244 -22.01 27.30 -6.83
C LEU A 244 -22.14 27.28 -8.34
N LEU A 245 -21.52 26.30 -8.99
CA LEU A 245 -21.51 26.22 -10.43
C LEU A 245 -22.20 24.95 -10.90
N ASN A 246 -23.07 25.10 -11.91
CA ASN A 246 -23.79 24.03 -12.59
C ASN A 246 -24.66 23.20 -11.67
N GLY A 247 -25.10 23.77 -10.55
CA GLY A 247 -25.93 23.02 -9.64
C GLY A 247 -27.36 22.91 -10.13
N SER A 248 -28.14 22.11 -9.41
CA SER A 248 -29.55 21.98 -9.74
C SER A 248 -30.27 23.28 -9.41
N LEU A 249 -31.04 23.78 -10.37
CA LEU A 249 -31.68 25.07 -10.22
C LEU A 249 -32.85 24.98 -9.24
N ALA A 250 -33.13 26.10 -8.57
CA ALA A 250 -34.36 26.19 -7.82
C ALA A 250 -35.53 26.21 -8.80
N GLU A 251 -36.60 25.50 -8.45
CA GLU A 251 -37.63 25.21 -9.44
C GLU A 251 -38.48 26.44 -9.76
N LYS A 252 -38.89 27.19 -8.75
CA LYS A 252 -39.68 28.38 -8.99
C LYS A 252 -39.32 29.58 -8.13
N GLU A 253 -38.60 29.41 -7.03
CA GLU A 253 -38.43 30.49 -6.07
C GLU A 253 -37.03 30.40 -5.48
N ILE A 254 -36.42 31.57 -5.27
CA ILE A 254 -35.07 31.66 -4.73
C ILE A 254 -35.13 31.26 -3.26
N VAL A 255 -34.35 30.26 -2.88
CA VAL A 255 -34.41 29.68 -1.55
C VAL A 255 -33.25 30.19 -0.72
N ILE A 256 -33.52 30.59 0.52
CA ILE A 256 -32.50 30.96 1.48
C ILE A 256 -32.47 29.91 2.56
N ARG A 257 -31.32 29.27 2.76
CA ARG A 257 -31.16 28.25 3.78
C ARG A 257 -30.08 28.67 4.76
N SER A 258 -30.41 28.68 6.04
CA SER A 258 -29.43 28.99 7.08
C SER A 258 -29.84 28.25 8.34
N GLU A 259 -28.84 27.78 9.09
CA GLU A 259 -29.13 26.90 10.22
C GLU A 259 -29.77 27.66 11.38
N ASN A 260 -29.46 28.94 11.52
CA ASN A 260 -30.07 29.72 12.60
C ASN A 260 -30.72 31.00 12.08
N LEU A 261 -30.13 31.59 11.04
CA LEU A 261 -30.45 32.87 10.41
C LEU A 261 -30.15 34.08 11.29
N THR A 262 -29.76 33.88 12.55
CA THR A 262 -29.38 34.98 13.42
C THR A 262 -27.96 34.85 13.93
N ASN A 263 -27.32 33.70 13.72
CA ASN A 263 -25.91 33.53 14.04
C ASN A 263 -25.10 33.76 12.77
N ASN A 264 -24.01 34.52 12.89
CA ASN A 264 -23.18 34.80 11.73
C ASN A 264 -22.36 33.59 11.31
N ALA A 265 -22.19 32.62 12.21
CA ALA A 265 -21.40 31.43 11.88
C ALA A 265 -22.15 30.51 10.92
N LYS A 266 -23.46 30.61 10.85
CA LYS A 266 -24.25 29.75 9.97
C LYS A 266 -24.18 30.33 8.56
N ILE A 267 -23.65 29.55 7.63
CA ILE A 267 -23.46 30.05 6.27
C ILE A 267 -24.76 29.99 5.50
N ILE A 268 -25.16 31.12 4.97
CA ILE A 268 -26.38 31.21 4.18
C ILE A 268 -26.12 30.63 2.81
N ILE A 269 -26.95 29.67 2.41
CA ILE A 269 -26.95 29.09 1.09
C ILE A 269 -28.07 29.75 0.31
N VAL A 270 -27.73 30.37 -0.81
CA VAL A 270 -28.70 31.05 -1.66
C VAL A 270 -28.87 30.25 -2.93
N HIS A 271 -30.07 29.75 -3.15
CA HIS A 271 -30.39 28.90 -4.29
C HIS A 271 -31.18 29.73 -5.29
N LEU A 272 -30.57 30.02 -6.43
CA LEU A 272 -31.16 30.92 -7.40
C LEU A 272 -32.17 30.18 -8.27
N HIS A 273 -33.24 30.89 -8.63
CA HIS A 273 -34.25 30.34 -9.51
C HIS A 273 -33.77 30.28 -10.96
N THR A 274 -32.99 31.26 -11.40
CA THR A 274 -32.53 31.31 -12.78
C THR A 274 -31.01 31.39 -12.82
N PRO A 275 -30.38 30.69 -13.75
CA PRO A 275 -28.91 30.69 -13.80
C PRO A 275 -28.37 31.98 -14.39
N VAL A 276 -27.12 32.27 -14.03
CA VAL A 276 -26.40 33.42 -14.57
C VAL A 276 -25.18 32.89 -15.31
N GLU A 277 -25.09 33.17 -16.60
CA GLU A 277 -24.04 32.57 -17.41
C GLU A 277 -22.72 33.34 -17.25
N ILE A 278 -21.65 32.60 -16.99
CA ILE A 278 -20.34 33.19 -16.71
C ILE A 278 -19.31 32.54 -17.62
N VAL A 279 -18.45 33.38 -18.21
CA VAL A 279 -17.38 32.90 -19.08
C VAL A 279 -16.05 33.22 -18.41
N CYS A 280 -15.11 32.29 -18.49
CA CYS A 280 -13.78 32.54 -17.93
C CYS A 280 -12.74 32.04 -18.92
N THR A 281 -11.65 32.81 -19.05
CA THR A 281 -10.62 32.39 -19.98
C THR A 281 -9.25 32.87 -19.57
N ARG A 282 -8.23 32.09 -19.95
CA ARG A 282 -6.86 32.59 -19.97
C ARG A 282 -6.49 32.85 -21.42
N PRO A 283 -6.14 34.08 -21.78
CA PRO A 283 -6.02 34.39 -23.21
C PRO A 283 -4.71 33.99 -23.83
N ASN A 284 -3.62 34.00 -23.08
CA ASN A 284 -2.29 33.87 -23.68
C ASN A 284 -2.01 32.44 -24.12
N ASN A 285 -1.12 32.32 -25.10
CA ASN A 285 -0.75 31.01 -25.66
C ASN A 285 0.39 30.44 -24.82
N ASN A 286 0.00 29.66 -23.81
CA ASN A 286 0.98 29.02 -22.95
C ASN A 286 1.58 27.79 -23.64
N THR A 287 2.85 27.51 -23.35
CA THR A 287 3.52 26.35 -23.91
C THR A 287 4.02 25.44 -22.79
N ARG A 288 4.13 24.15 -23.10
CA ARG A 288 4.52 23.13 -22.14
C ARG A 288 5.85 22.51 -22.53
N LYS A 289 6.77 22.45 -21.56
CA LYS A 289 8.06 21.79 -21.71
C LYS A 289 8.17 20.67 -20.69
N SER A 290 9.15 19.79 -20.92
CA SER A 290 9.35 18.61 -20.09
C SER A 290 10.79 18.58 -19.60
N VAL A 291 10.97 18.07 -18.39
CA VAL A 291 12.27 17.97 -17.74
C VAL A 291 12.42 16.56 -17.19
N ARG A 292 13.52 15.90 -17.55
CA ARG A 292 13.81 14.58 -17.00
C ARG A 292 14.26 14.70 -15.56
N ILE A 293 13.56 14.02 -14.65
CA ILE A 293 13.95 13.97 -13.24
C ILE A 293 14.02 12.52 -12.80
N GLY A 294 15.21 12.06 -12.47
CA GLY A 294 15.39 10.76 -11.89
C GLY A 294 15.22 9.62 -12.88
N PRO A 295 15.22 8.39 -12.40
CA PRO A 295 15.10 7.24 -13.29
C PRO A 295 13.69 7.02 -13.80
N GLY A 296 13.48 7.32 -15.07
CA GLY A 296 12.20 7.05 -15.72
C GLY A 296 11.03 7.86 -15.21
N GLN A 297 11.29 9.10 -14.80
CA GLN A 297 10.23 9.98 -14.34
C GLN A 297 10.41 11.34 -15.00
N THR A 298 9.29 12.00 -15.30
CA THR A 298 9.31 13.26 -16.00
C THR A 298 8.56 14.31 -15.20
N PHE A 299 8.85 15.57 -15.50
CA PHE A 299 8.20 16.71 -14.89
C PHE A 299 7.78 17.68 -15.98
N TYR A 300 6.63 18.30 -15.81
CA TYR A 300 6.09 19.20 -16.82
C TYR A 300 6.05 20.63 -16.29
N ALA A 301 6.39 21.57 -17.15
CA ALA A 301 6.48 22.96 -16.70
C ALA A 301 6.11 23.89 -17.84
N THR A 302 5.96 25.16 -17.51
CA THR A 302 5.72 26.20 -18.49
C THR A 302 7.03 26.60 -19.14
N GLY A 303 7.11 26.47 -20.46
CA GLY A 303 8.35 26.72 -21.17
C GLY A 303 8.49 28.13 -21.69
N ASP A 304 7.45 28.62 -22.37
CA ASP A 304 7.47 29.94 -22.98
C ASP A 304 6.03 30.39 -23.17
N ILE A 305 5.87 31.69 -23.38
CA ILE A 305 4.59 32.27 -23.74
C ILE A 305 4.71 32.79 -25.17
N ILE A 306 3.82 32.35 -26.02
CA ILE A 306 3.80 32.77 -27.41
C ILE A 306 2.84 33.95 -27.54
N GLY A 307 3.32 35.02 -28.15
CA GLY A 307 2.48 36.18 -28.39
C GLY A 307 2.44 37.12 -27.21
N ASP A 308 1.63 38.16 -27.36
CA ASP A 308 1.54 39.18 -26.34
C ASP A 308 0.73 38.68 -25.16
N ILE A 309 1.25 38.89 -23.95
CA ILE A 309 0.57 38.43 -22.76
C ILE A 309 -0.63 39.32 -22.48
N LYS A 310 -1.75 38.70 -22.13
CA LYS A 310 -2.94 39.44 -21.73
C LYS A 310 -3.48 38.84 -20.45
N GLN A 311 -4.38 39.59 -19.80
CA GLN A 311 -4.83 39.26 -18.46
C GLN A 311 -5.90 38.18 -18.48
N ALA A 312 -5.75 37.21 -17.57
CA ALA A 312 -6.76 36.19 -17.35
C ALA A 312 -7.96 36.79 -16.63
N HIS A 313 -9.15 36.48 -17.10
CA HIS A 313 -10.33 37.19 -16.60
C HIS A 313 -11.58 36.35 -16.76
N CYS A 314 -12.68 36.90 -16.23
CA CYS A 314 -14.00 36.31 -16.35
C CYS A 314 -15.00 37.42 -16.65
N ASN A 315 -16.08 37.02 -17.32
CA ASN A 315 -17.09 37.91 -17.87
C ASN A 315 -18.47 37.46 -17.41
N ILE A 316 -19.24 38.40 -16.86
CA ILE A 316 -20.57 38.16 -16.33
C ILE A 316 -21.50 39.23 -16.88
N SER A 317 -22.67 38.82 -17.38
CA SER A 317 -23.71 39.75 -17.80
C SER A 317 -24.20 40.54 -16.60
N GLU A 318 -24.02 41.86 -16.64
CA GLU A 318 -24.19 42.69 -15.45
C GLU A 318 -25.67 42.86 -15.08
N GLU A 319 -26.54 42.97 -16.09
CA GLU A 319 -27.94 43.26 -15.85
C GLU A 319 -28.65 42.09 -15.14
N LYS A 320 -28.37 40.88 -15.60
CA LYS A 320 -28.98 39.69 -14.98
C LYS A 320 -28.48 39.50 -13.57
N TRP A 321 -27.18 39.77 -13.34
CA TRP A 321 -26.61 39.67 -12.00
C TRP A 321 -27.23 40.70 -11.07
N ASN A 322 -27.47 41.91 -11.57
CA ASN A 322 -28.09 42.95 -10.76
C ASN A 322 -29.53 42.58 -10.41
N ASP A 323 -30.28 42.06 -11.38
CA ASP A 323 -31.66 41.66 -11.11
C ASP A 323 -31.71 40.49 -10.14
N THR A 324 -30.75 39.57 -10.24
CA THR A 324 -30.66 38.45 -9.32
C THR A 324 -30.35 38.93 -7.90
N LEU A 325 -29.45 39.92 -7.79
CA LEU A 325 -29.14 40.49 -6.47
C LEU A 325 -30.34 41.22 -5.90
N GLN A 326 -31.13 41.87 -6.76
CA GLN A 326 -32.34 42.54 -6.30
C GLN A 326 -33.36 41.54 -5.75
N LYS A 327 -33.54 40.42 -6.45
CA LYS A 327 -34.49 39.42 -5.99
C LYS A 327 -34.00 38.72 -4.72
N VAL A 328 -32.68 38.55 -4.60
CA VAL A 328 -32.10 38.00 -3.37
C VAL A 328 -32.31 38.97 -2.21
N GLY A 329 -32.20 40.27 -2.49
CA GLY A 329 -32.50 41.26 -1.46
C GLY A 329 -33.96 41.26 -1.05
N ILE A 330 -34.86 41.00 -2.01
CA ILE A 330 -36.28 40.84 -1.69
C ILE A 330 -36.49 39.65 -0.76
N GLU A 331 -35.89 38.51 -1.12
CA GLU A 331 -36.06 37.29 -0.33
C GLU A 331 -35.37 37.38 1.03
N LEU A 332 -34.38 38.25 1.15
CA LEU A 332 -33.70 38.42 2.43
C LEU A 332 -34.41 39.46 3.31
N GLN A 333 -34.96 40.51 2.71
CA GLN A 333 -35.67 41.51 3.48
C GLN A 333 -37.05 41.02 3.89
N LYS A 334 -37.60 40.01 3.21
CA LYS A 334 -38.78 39.37 3.77
C LYS A 334 -38.42 38.42 4.90
N HIS A 335 -37.14 38.08 5.05
CA HIS A 335 -36.66 37.43 6.26
C HIS A 335 -36.10 38.43 7.27
N PHE A 336 -35.67 39.59 6.81
CA PHE A 336 -35.14 40.65 7.67
C PHE A 336 -35.87 41.95 7.37
N PRO A 337 -37.00 42.19 8.02
CA PRO A 337 -37.81 43.36 7.70
C PRO A 337 -37.16 44.66 8.15
N ASN A 338 -37.41 45.71 7.36
CA ASN A 338 -36.97 47.09 7.63
C ASN A 338 -35.45 47.20 7.77
N LYS A 339 -34.73 46.45 6.94
CA LYS A 339 -33.28 46.49 6.97
C LYS A 339 -32.76 46.44 5.55
N THR A 340 -32.01 47.46 5.16
CA THR A 340 -31.35 47.50 3.87
C THR A 340 -30.18 46.52 3.86
N ILE A 341 -30.01 45.83 2.74
CA ILE A 341 -28.94 44.83 2.60
C ILE A 341 -27.81 45.42 1.78
N LYS A 342 -26.59 45.37 2.32
CA LYS A 342 -25.42 45.85 1.61
C LYS A 342 -24.61 44.68 1.09
N TYR A 343 -24.63 44.47 -0.23
CA TYR A 343 -23.73 43.51 -0.86
C TYR A 343 -22.33 44.10 -0.89
N ASN A 344 -21.47 43.61 -0.02
CA ASN A 344 -20.12 44.13 0.16
C ASN A 344 -19.14 43.01 -0.14
N GLN A 345 -17.87 43.37 -0.25
CA GLN A 345 -16.81 42.39 -0.45
C GLN A 345 -16.68 41.45 0.73
N SER A 346 -16.06 40.30 0.49
CA SER A 346 -15.77 39.36 1.55
C SER A 346 -14.68 39.92 2.46
N ALA A 347 -14.59 39.34 3.65
CA ALA A 347 -13.60 39.78 4.63
C ALA A 347 -12.19 39.43 4.15
N GLY A 348 -11.21 40.17 4.64
CA GLY A 348 -9.83 39.95 4.23
C GLY A 348 -9.29 38.66 4.79
N GLY A 349 -8.32 38.10 4.07
CA GLY A 349 -7.75 36.82 4.44
C GLY A 349 -6.83 36.32 3.35
N ASP A 350 -6.78 34.99 3.23
CA ASP A 350 -5.87 34.37 2.29
C ASP A 350 -6.39 34.49 0.86
N MET A 351 -5.51 34.17 -0.09
CA MET A 351 -5.88 34.17 -1.50
C MET A 351 -6.94 33.11 -1.78
N GLU A 352 -6.81 31.94 -1.17
CA GLU A 352 -7.74 30.86 -1.45
C GLU A 352 -9.10 31.10 -0.81
N ILE A 353 -9.17 31.97 0.19
CA ILE A 353 -10.43 32.17 0.90
C ILE A 353 -11.18 33.38 0.34
N THR A 354 -10.48 34.50 0.12
CA THR A 354 -11.13 35.70 -0.37
C THR A 354 -11.57 35.55 -1.83
N THR A 355 -10.67 35.08 -2.68
CA THR A 355 -10.95 35.00 -4.09
C THR A 355 -11.85 33.81 -4.41
N HIS A 356 -12.69 33.98 -5.42
CA HIS A 356 -13.48 32.86 -5.90
C HIS A 356 -12.59 31.89 -6.67
N SER A 357 -12.51 30.66 -6.18
CA SER A 357 -11.57 29.70 -6.73
C SER A 357 -12.32 28.57 -7.40
N PHE A 358 -11.81 28.14 -8.55
CA PHE A 358 -12.38 27.00 -9.26
C PHE A 358 -11.31 26.45 -10.19
N ASN A 359 -11.70 25.46 -11.00
CA ASN A 359 -10.85 24.94 -12.05
C ASN A 359 -11.68 24.72 -13.30
N CYS A 360 -11.06 24.94 -14.46
CA CYS A 360 -11.75 24.58 -15.70
C CYS A 360 -10.71 24.21 -16.74
N GLY A 361 -10.95 23.09 -17.42
CA GLY A 361 -10.05 22.59 -18.43
C GLY A 361 -8.86 21.84 -17.88
N GLY A 362 -8.66 21.83 -16.57
CA GLY A 362 -7.45 21.29 -15.97
C GLY A 362 -6.53 22.31 -15.36
N GLU A 363 -6.90 23.58 -15.36
CA GLU A 363 -6.12 24.63 -14.73
C GLU A 363 -6.99 25.32 -13.67
N PHE A 364 -6.33 25.98 -12.73
CA PHE A 364 -6.99 26.51 -11.55
C PHE A 364 -7.00 28.02 -11.57
N PHE A 365 -8.15 28.60 -11.23
CA PHE A 365 -8.42 30.02 -11.32
C PHE A 365 -8.79 30.58 -9.96
N TYR A 366 -8.32 31.79 -9.69
CA TYR A 366 -8.66 32.54 -8.49
C TYR A 366 -9.06 33.93 -8.90
N CYS A 367 -10.30 34.31 -8.68
CA CYS A 367 -10.86 35.53 -9.23
C CYS A 367 -11.20 36.53 -8.13
N ASN A 368 -11.00 37.81 -8.45
CA ASN A 368 -10.83 38.87 -7.46
C ASN A 368 -12.13 39.17 -6.71
N THR A 369 -13.24 39.31 -7.43
CA THR A 369 -14.61 39.47 -6.93
C THR A 369 -14.81 40.67 -6.01
N SER A 370 -14.01 41.72 -6.12
CA SER A 370 -14.31 42.93 -5.36
C SER A 370 -15.50 43.67 -5.95
N ASN A 371 -15.49 43.91 -7.27
CA ASN A 371 -16.53 44.69 -7.90
C ASN A 371 -17.79 43.87 -8.15
N LEU A 372 -17.72 42.55 -8.00
CA LEU A 372 -18.90 41.72 -8.17
C LEU A 372 -19.89 41.94 -7.03
N PHE A 373 -19.40 41.94 -5.79
CA PHE A 373 -20.25 42.13 -4.62
C PHE A 373 -20.13 43.56 -4.13
N ASN A 374 -20.70 44.47 -4.93
CA ASN A 374 -20.61 45.91 -4.67
C ASN A 374 -21.96 46.52 -5.00
N GLY A 375 -22.81 46.64 -3.99
CA GLY A 375 -24.13 47.21 -4.22
C GLY A 375 -24.95 47.15 -2.95
N THR A 376 -26.21 47.52 -3.10
CA THR A 376 -27.13 47.49 -1.97
C THR A 376 -28.56 47.37 -2.49
N TYR A 377 -29.46 47.03 -1.58
CA TYR A 377 -30.87 46.90 -1.91
C TYR A 377 -31.71 47.12 -0.66
N ASN A 378 -32.72 47.98 -0.79
CA ASN A 378 -33.64 48.29 0.28
C ASN A 378 -35.03 47.80 -0.14
N GLY A 379 -36.05 48.20 0.63
CA GLY A 379 -37.42 47.79 0.31
C GLY A 379 -37.90 48.34 -1.02
N THR A 380 -37.40 49.50 -1.42
CA THR A 380 -37.71 50.07 -2.71
C THR A 380 -37.03 49.25 -3.81
N TYR A 381 -37.80 48.91 -4.85
CA TYR A 381 -37.24 48.31 -6.05
C TYR A 381 -36.43 49.38 -6.76
N ILE A 382 -35.12 49.36 -6.51
CA ILE A 382 -34.25 50.46 -6.90
C ILE A 382 -34.04 50.51 -8.41
N SER A 383 -34.11 49.37 -9.09
CA SER A 383 -33.59 49.26 -10.45
C SER A 383 -34.67 48.77 -11.40
N THR A 384 -35.45 49.70 -11.93
CA THR A 384 -36.24 49.43 -13.12
C THR A 384 -35.43 49.59 -14.39
N ASN A 385 -34.17 50.03 -14.27
CA ASN A 385 -33.26 50.10 -15.41
C ASN A 385 -32.89 48.72 -15.95
N SER A 386 -33.12 47.66 -15.17
CA SER A 386 -33.04 46.30 -15.68
C SER A 386 -34.07 46.04 -16.77
N SER A 387 -35.19 46.77 -16.75
CA SER A 387 -36.16 46.67 -17.83
C SER A 387 -35.62 47.25 -19.14
N ALA A 388 -34.69 48.19 -19.07
CA ALA A 388 -34.11 48.77 -20.28
C ALA A 388 -33.12 47.80 -20.92
N ASN A 389 -32.87 48.02 -22.21
CA ASN A 389 -31.94 47.18 -22.96
C ASN A 389 -30.51 47.68 -22.77
N SER A 390 -29.60 46.74 -22.48
CA SER A 390 -28.20 47.07 -22.28
C SER A 390 -27.36 45.84 -22.58
N THR A 391 -26.07 46.08 -22.87
CA THR A 391 -25.10 45.01 -23.10
C THR A 391 -23.91 45.15 -22.16
N SER A 392 -24.15 45.64 -20.94
CA SER A 392 -23.06 45.82 -20.00
C SER A 392 -22.62 44.49 -19.43
N THR A 393 -21.32 44.23 -19.49
CA THR A 393 -20.72 42.99 -18.97
C THR A 393 -19.63 43.38 -17.98
N ILE A 394 -19.77 42.94 -16.73
CA ILE A 394 -18.71 43.13 -15.77
C ILE A 394 -17.60 42.13 -16.05
N THR A 395 -16.36 42.63 -16.02
CA THR A 395 -15.18 41.82 -16.25
C THR A 395 -14.30 41.90 -15.01
N LEU A 396 -13.95 40.74 -14.47
CA LEU A 396 -13.12 40.70 -13.28
C LEU A 396 -11.86 39.89 -13.57
N GLN A 397 -10.73 40.40 -13.07
CA GLN A 397 -9.44 39.77 -13.31
C GLN A 397 -9.25 38.55 -12.41
N CYS A 398 -8.46 37.61 -12.91
CA CYS A 398 -8.18 36.37 -12.17
C CYS A 398 -6.71 36.02 -12.31
N ARG A 399 -6.23 35.26 -11.35
CA ARG A 399 -4.84 34.79 -11.30
C ARG A 399 -4.81 33.28 -11.22
N ILE A 400 -3.63 32.73 -11.43
CA ILE A 400 -3.46 31.29 -11.63
C ILE A 400 -2.37 30.77 -10.71
N LYS A 401 -2.69 29.73 -9.93
CA LYS A 401 -1.76 29.05 -9.07
C LYS A 401 -1.47 27.66 -9.61
N GLN A 402 -0.23 27.20 -9.46
CA GLN A 402 0.11 25.84 -9.85
C GLN A 402 0.04 24.87 -8.68
N ILE A 403 0.36 25.33 -7.49
CA ILE A 403 0.42 24.49 -6.30
C ILE A 403 -0.75 24.85 -5.39
N ILE A 404 -1.55 23.85 -5.03
CA ILE A 404 -2.74 24.05 -4.22
C ILE A 404 -2.71 23.11 -3.02
N ASN A 405 -3.34 23.55 -1.93
CA ASN A 405 -3.45 22.78 -0.70
C ASN A 405 -4.90 22.75 -0.25
N MET A 406 -5.82 22.50 -1.17
CA MET A 406 -7.23 22.66 -0.89
C MET A 406 -7.77 21.50 -0.05
N TRP A 407 -8.99 21.70 0.45
CA TRP A 407 -9.56 21.02 1.61
C TRP A 407 -8.67 21.13 2.84
N GLN A 408 -8.06 22.30 3.01
CA GLN A 408 -7.27 22.67 4.20
C GLN A 408 -6.11 21.72 4.45
N GLY A 409 -5.53 21.20 3.36
CA GLY A 409 -4.35 20.38 3.47
C GLY A 409 -4.56 18.98 3.99
N VAL A 410 -5.80 18.49 4.05
CA VAL A 410 -6.02 17.12 4.52
C VAL A 410 -5.63 16.11 3.45
N GLY A 411 -5.57 16.55 2.19
CA GLY A 411 -4.99 15.72 1.17
C GLY A 411 -3.57 16.16 0.85
N ARG A 412 -2.88 15.35 0.06
CA ARG A 412 -1.56 15.74 -0.41
C ARG A 412 -1.69 16.85 -1.43
N CYS A 413 -0.72 17.76 -1.44
CA CYS A 413 -0.79 18.93 -2.31
C CYS A 413 -0.55 18.53 -3.76
N MET A 414 -1.36 19.08 -4.65
CA MET A 414 -1.31 18.76 -6.06
C MET A 414 -0.65 19.89 -6.84
N TYR A 415 0.33 19.53 -7.66
CA TYR A 415 0.92 20.45 -8.62
C TYR A 415 0.16 20.28 -9.93
N ALA A 416 -0.56 21.31 -10.34
CA ALA A 416 -1.29 21.24 -11.59
C ALA A 416 -0.32 21.40 -12.75
N PRO A 417 -0.28 20.46 -13.70
CA PRO A 417 0.57 20.64 -14.86
C PRO A 417 -0.01 21.68 -15.79
N PRO A 418 0.82 22.49 -16.45
CA PRO A 418 0.31 23.49 -17.37
C PRO A 418 -0.19 22.85 -18.65
N ILE A 419 -1.09 23.57 -19.32
CA ILE A 419 -1.78 23.07 -20.49
C ILE A 419 -1.53 24.00 -21.66
N ALA A 420 -1.07 23.43 -22.77
CA ALA A 420 -0.76 24.20 -23.97
C ALA A 420 -2.03 24.77 -24.59
N GLY A 421 -1.85 25.89 -25.28
CA GLY A 421 -2.97 26.58 -25.89
C GLY A 421 -3.76 27.39 -24.89
N ASN A 422 -4.77 28.09 -25.40
CA ASN A 422 -5.61 28.86 -24.51
C ASN A 422 -6.69 27.98 -23.90
N ILE A 423 -7.33 28.49 -22.85
CA ILE A 423 -8.38 27.80 -22.12
C ILE A 423 -9.61 28.69 -22.11
N THR A 424 -10.76 28.10 -22.42
CA THR A 424 -12.04 28.80 -22.28
C THR A 424 -13.01 27.88 -21.55
N CYS A 425 -13.81 28.46 -20.66
CA CYS A 425 -14.78 27.65 -19.94
C CYS A 425 -16.01 28.48 -19.65
N ARG A 426 -17.17 27.82 -19.72
CA ARG A 426 -18.46 28.46 -19.56
C ARG A 426 -19.24 27.73 -18.47
N SER A 427 -20.01 28.48 -17.70
CA SER A 427 -20.67 27.88 -16.55
C SER A 427 -21.94 28.65 -16.22
N ASN A 428 -22.77 28.03 -15.39
CA ASN A 428 -23.96 28.66 -14.84
C ASN A 428 -23.75 28.85 -13.35
N ILE A 429 -23.85 30.09 -12.90
CA ILE A 429 -23.99 30.36 -11.48
C ILE A 429 -25.42 30.05 -11.08
N THR A 430 -25.57 29.11 -10.14
CA THR A 430 -26.87 28.73 -9.63
C THR A 430 -27.02 28.96 -8.14
N GLY A 431 -25.94 29.19 -7.40
CA GLY A 431 -26.05 29.36 -5.97
C GLY A 431 -24.91 30.18 -5.40
N LEU A 432 -25.17 30.80 -4.27
CA LEU A 432 -24.23 31.69 -3.60
C LEU A 432 -24.02 31.28 -2.16
N LEU A 433 -22.81 31.49 -1.67
CA LEU A 433 -22.46 31.23 -0.28
C LEU A 433 -22.21 32.58 0.41
N LEU A 434 -23.12 32.95 1.31
CA LEU A 434 -23.08 34.28 1.90
C LEU A 434 -23.01 34.18 3.41
N THR A 435 -22.45 35.22 4.03
CA THR A 435 -22.41 35.35 5.47
C THR A 435 -22.91 36.73 5.86
N ARG A 436 -23.47 36.81 7.07
CA ARG A 436 -24.03 38.07 7.58
C ARG A 436 -22.98 38.73 8.47
N ASP A 437 -22.41 39.83 7.99
CA ASP A 437 -21.47 40.61 8.78
C ASP A 437 -22.28 41.41 9.79
N GLY A 438 -22.50 40.82 10.95
CA GLY A 438 -23.37 41.42 11.95
C GLY A 438 -22.72 42.54 12.74
N GLY A 439 -22.51 43.68 12.10
CA GLY A 439 -21.89 44.81 12.78
C GLY A 439 -22.85 45.52 13.70
N THR A 440 -22.27 46.35 14.58
CA THR A 440 -23.06 47.09 15.55
C THR A 440 -23.87 48.20 14.89
N ASN A 441 -23.33 48.83 13.86
CA ASN A 441 -24.01 49.89 13.14
C ASN A 441 -24.90 49.40 12.00
N SER A 442 -25.31 48.13 12.05
CA SER A 442 -26.19 47.55 11.05
C SER A 442 -27.65 47.59 11.49
N ASN A 443 -28.07 48.67 12.14
CA ASN A 443 -29.44 48.79 12.60
C ASN A 443 -30.42 48.90 11.44
N GLU A 444 -29.99 49.50 10.34
CA GLU A 444 -30.80 49.59 9.14
C GLU A 444 -30.10 49.08 7.89
N THR A 445 -28.77 49.09 7.85
CA THR A 445 -28.01 48.67 6.67
C THR A 445 -27.24 47.41 7.05
N GLU A 446 -27.74 46.26 6.63
CA GLU A 446 -27.09 45.00 6.94
C GLU A 446 -26.10 44.61 5.84
N THR A 447 -24.99 44.01 6.25
CA THR A 447 -23.90 43.65 5.35
C THR A 447 -23.88 42.15 5.14
N PHE A 448 -23.85 41.73 3.89
CA PHE A 448 -23.70 40.33 3.52
C PHE A 448 -22.54 40.18 2.57
N ARG A 449 -21.67 39.22 2.87
CA ARG A 449 -20.39 39.05 2.21
C ARG A 449 -20.30 37.64 1.63
N PRO A 450 -19.47 37.43 0.61
CA PRO A 450 -19.19 36.06 0.16
C PRO A 450 -18.42 35.28 1.21
N ALA A 451 -18.62 33.97 1.21
CA ALA A 451 -17.97 33.11 2.18
C ALA A 451 -17.72 31.76 1.53
N GLY A 452 -17.06 30.87 2.29
CA GLY A 452 -16.77 29.55 1.79
C GLY A 452 -15.64 28.92 2.58
N GLY A 453 -15.03 27.90 1.97
CA GLY A 453 -13.91 27.23 2.59
C GLY A 453 -14.21 25.80 2.97
N ASP A 454 -15.36 25.57 3.58
CA ASP A 454 -15.82 24.23 3.90
C ASP A 454 -16.53 23.69 2.68
N MET A 455 -15.94 22.69 2.04
CA MET A 455 -16.45 22.24 0.76
C MET A 455 -17.72 21.43 0.87
N ARG A 456 -18.08 20.98 2.08
CA ARG A 456 -19.34 20.26 2.24
C ARG A 456 -20.52 21.21 2.17
N ASP A 457 -20.29 22.51 2.34
CA ASP A 457 -21.34 23.49 2.16
C ASP A 457 -21.73 23.61 0.70
N ASN A 458 -20.80 23.31 -0.22
CA ASN A 458 -21.14 23.22 -1.63
C ASN A 458 -22.08 22.07 -1.88
N TRP A 459 -21.95 21.01 -1.09
CA TRP A 459 -22.67 19.79 -1.35
C TRP A 459 -23.97 19.68 -0.57
N ARG A 460 -24.12 20.47 0.49
CA ARG A 460 -25.38 20.48 1.22
C ARG A 460 -26.48 21.14 0.41
N SER A 461 -26.10 22.01 -0.54
CA SER A 461 -27.09 22.59 -1.44
C SER A 461 -27.66 21.56 -2.39
N GLU A 462 -26.90 20.51 -2.69
CA GLU A 462 -27.37 19.48 -3.60
C GLU A 462 -27.99 18.30 -2.87
N LEU A 463 -27.56 18.03 -1.66
CA LEU A 463 -28.16 16.96 -0.85
C LEU A 463 -29.19 17.48 0.14
N TYR A 464 -29.80 18.62 -0.15
CA TYR A 464 -30.84 19.14 0.73
C TYR A 464 -32.10 18.30 0.68
N LYS A 465 -32.32 17.60 -0.43
CA LYS A 465 -33.61 16.98 -0.68
C LYS A 465 -33.68 15.56 -0.11
N TYR A 466 -32.58 14.84 -0.12
CA TYR A 466 -32.61 13.39 0.08
C TYR A 466 -32.45 13.04 1.56
N LYS A 467 -32.88 11.81 1.89
CA LYS A 467 -32.80 11.27 3.23
C LYS A 467 -32.79 9.76 3.15
N VAL A 468 -32.02 9.11 4.02
CA VAL A 468 -31.90 7.66 4.02
C VAL A 468 -32.70 7.08 5.19
N VAL A 469 -33.46 6.02 4.90
CA VAL A 469 -34.24 5.31 5.91
C VAL A 469 -34.04 3.82 5.74
N LYS A 470 -34.45 3.07 6.77
CA LYS A 470 -34.34 1.63 6.83
C LYS A 470 -35.72 1.02 6.87
N ILE A 471 -35.94 0.03 5.99
CA ILE A 471 -37.21 -0.68 5.94
C ILE A 471 -37.25 -1.74 7.03
N GLU A 472 -38.37 -1.82 7.75
CA GLU A 472 -38.55 -2.80 8.82
C GLU A 472 -39.84 -3.56 8.53
N PRO A 473 -39.77 -4.64 7.76
CA PRO A 473 -40.97 -5.20 7.13
C PRO A 473 -41.82 -6.10 8.03
N LEU A 474 -41.64 -6.08 9.35
CA LEU A 474 -42.45 -6.89 10.24
C LEU A 474 -43.38 -6.00 11.06
N GLY A 475 -44.64 -6.41 11.17
CA GLY A 475 -45.62 -5.66 11.93
C GLY A 475 -46.43 -6.57 12.83
N VAL A 476 -46.97 -5.97 13.90
CA VAL A 476 -47.71 -6.68 14.93
C VAL A 476 -49.10 -6.06 15.04
N ALA A 477 -50.13 -6.89 15.00
CA ALA A 477 -51.50 -6.40 15.09
C ALA A 477 -52.40 -7.52 15.62
N PRO A 478 -53.43 -7.19 16.39
CA PRO A 478 -54.43 -8.18 16.76
C PRO A 478 -55.62 -8.20 15.81
N THR A 479 -56.12 -9.42 15.57
CA THR A 479 -57.30 -9.60 14.72
C THR A 479 -58.32 -10.59 15.28
N ARG A 480 -58.12 -11.11 16.50
CA ARG A 480 -58.88 -12.22 17.08
C ARG A 480 -58.92 -13.44 16.17
N CYS A 481 -57.79 -13.76 15.53
CA CYS A 481 -57.71 -14.85 14.58
C CYS A 481 -56.82 -15.94 15.14
N LYS A 482 -57.37 -17.13 15.32
CA LYS A 482 -56.71 -18.21 16.03
C LYS A 482 -56.13 -19.20 15.04
N ARG A 483 -54.92 -19.68 15.33
CA ARG A 483 -54.29 -20.69 14.49
C ARG A 483 -54.99 -22.03 14.66
N ARG A 484 -55.10 -22.78 13.57
CA ARG A 484 -55.59 -24.14 13.63
C ARG A 484 -54.60 -25.03 14.36
N VAL A 485 -55.12 -25.99 15.12
CA VAL A 485 -54.28 -26.93 15.83
C VAL A 485 -54.95 -28.29 15.89
N PHE B 504 -42.76 -0.33 -5.25
CA PHE B 504 -42.13 -0.43 -3.94
C PHE B 504 -42.72 0.61 -2.99
N LEU B 505 -43.24 0.11 -1.85
CA LEU B 505 -43.93 0.93 -0.84
C LEU B 505 -45.09 1.73 -1.44
N GLY B 506 -45.85 1.07 -2.31
CA GLY B 506 -46.91 1.75 -3.05
C GLY B 506 -48.13 2.08 -2.24
N ALA B 507 -48.26 1.54 -1.03
CA ALA B 507 -49.40 1.82 -0.17
C ALA B 507 -48.93 2.10 1.25
N ALA B 508 -47.91 2.96 1.39
CA ALA B 508 -47.33 3.20 2.70
C ALA B 508 -48.25 4.01 3.60
N GLY B 509 -49.00 4.96 3.03
CA GLY B 509 -49.87 5.79 3.82
C GLY B 509 -51.26 5.25 4.06
N SER B 510 -51.59 4.10 3.47
CA SER B 510 -52.95 3.58 3.53
C SER B 510 -53.19 2.85 4.84
N THR B 511 -54.38 2.26 4.97
CA THR B 511 -54.72 1.47 6.14
C THR B 511 -54.15 0.06 6.01
N MET B 512 -54.28 -0.71 7.09
CA MET B 512 -53.78 -2.08 7.10
C MET B 512 -54.60 -2.98 6.20
N GLY B 513 -55.91 -2.75 6.12
CA GLY B 513 -56.73 -3.51 5.20
C GLY B 513 -56.38 -3.24 3.75
N ALA B 514 -56.03 -2.00 3.44
CA ALA B 514 -55.59 -1.67 2.09
C ALA B 514 -54.20 -2.23 1.81
N ALA B 515 -53.33 -2.22 2.82
CA ALA B 515 -51.99 -2.76 2.65
C ALA B 515 -51.97 -4.28 2.66
N SER B 516 -53.09 -4.91 3.01
CA SER B 516 -53.17 -6.37 2.98
C SER B 516 -53.16 -6.94 1.57
N MET B 517 -53.32 -6.12 0.54
CA MET B 517 -53.18 -6.60 -0.82
C MET B 517 -51.77 -6.37 -1.38
N THR B 518 -51.11 -5.30 -0.93
CA THR B 518 -49.82 -4.91 -1.47
C THR B 518 -48.65 -5.21 -0.54
N LEU B 519 -48.79 -6.20 0.34
CA LEU B 519 -47.70 -6.48 1.27
C LEU B 519 -46.60 -7.32 0.63
N THR B 520 -46.81 -7.80 -0.60
CA THR B 520 -45.80 -8.63 -1.25
C THR B 520 -44.79 -7.80 -2.04
N VAL B 521 -45.13 -6.55 -2.40
CA VAL B 521 -44.25 -5.79 -3.27
C VAL B 521 -43.08 -5.22 -2.46
N GLN B 522 -43.24 -5.10 -1.13
CA GLN B 522 -42.11 -4.73 -0.28
C GLN B 522 -41.08 -5.84 -0.26
N ALA B 523 -41.51 -7.08 -0.01
CA ALA B 523 -40.57 -8.19 0.04
C ALA B 523 -40.12 -8.64 -1.33
N ARG B 524 -40.78 -8.15 -2.38
CA ARG B 524 -40.39 -8.52 -3.75
C ARG B 524 -39.03 -7.94 -4.11
N ASN B 525 -38.72 -6.73 -3.66
CA ASN B 525 -37.51 -6.03 -4.08
C ASN B 525 -36.44 -5.95 -2.99
N LEU B 526 -36.42 -6.87 -2.03
CA LEU B 526 -35.47 -6.77 -0.93
C LEU B 526 -34.11 -7.35 -1.25
N LEU B 527 -33.89 -7.91 -2.44
CA LEU B 527 -32.61 -8.56 -2.67
C LEU B 527 -32.04 -8.25 -4.06
N SER B 528 -32.77 -7.53 -4.90
CA SER B 528 -32.29 -7.23 -6.25
C SER B 528 -32.22 -5.73 -6.44
N GLY B 529 -31.31 -5.31 -7.30
CA GLY B 529 -31.13 -3.90 -7.59
C GLY B 529 -30.11 -3.63 -8.69
N THR B 551 -10.41 1.38 -6.26
CA THR B 551 -10.96 0.33 -5.41
C THR B 551 -11.79 0.93 -4.29
N VAL B 552 -11.95 2.24 -4.32
CA VAL B 552 -12.73 2.94 -3.30
C VAL B 552 -14.21 2.60 -3.45
N TRP B 553 -14.71 2.58 -4.68
CA TRP B 553 -16.11 2.22 -4.88
C TRP B 553 -16.36 0.73 -4.65
N GLY B 554 -15.34 -0.11 -4.88
CA GLY B 554 -15.54 -1.55 -4.78
C GLY B 554 -15.78 -2.01 -3.36
N ILE B 555 -15.20 -1.31 -2.38
CA ILE B 555 -15.40 -1.65 -0.98
C ILE B 555 -16.87 -1.45 -0.60
N LYS B 556 -17.43 -0.31 -0.99
CA LYS B 556 -18.84 -0.05 -0.72
C LYS B 556 -19.75 -0.96 -1.52
N GLN B 557 -19.31 -1.34 -2.72
CA GLN B 557 -20.07 -2.26 -3.55
C GLN B 557 -20.17 -3.63 -2.89
N LEU B 558 -19.08 -4.08 -2.26
CA LEU B 558 -19.14 -5.31 -1.47
C LEU B 558 -20.00 -5.14 -0.23
N GLN B 559 -19.87 -3.99 0.44
CA GLN B 559 -20.51 -3.78 1.72
C GLN B 559 -22.02 -3.75 1.59
N ALA B 560 -22.53 -3.17 0.50
CA ALA B 560 -23.97 -3.09 0.29
C ALA B 560 -24.59 -4.47 0.12
N ARG B 561 -23.93 -5.34 -0.65
CA ARG B 561 -24.44 -6.68 -0.85
C ARG B 561 -24.40 -7.49 0.44
N VAL B 562 -23.33 -7.33 1.22
CA VAL B 562 -23.23 -8.04 2.50
C VAL B 562 -24.33 -7.59 3.46
N LEU B 563 -24.58 -6.28 3.52
CA LEU B 563 -25.62 -5.75 4.40
C LEU B 563 -27.01 -6.21 3.98
N ALA B 564 -27.27 -6.25 2.66
CA ALA B 564 -28.57 -6.69 2.18
C ALA B 564 -28.83 -8.15 2.49
N VAL B 565 -27.80 -8.99 2.32
CA VAL B 565 -27.92 -10.42 2.61
C VAL B 565 -28.18 -10.64 4.09
N GLU B 566 -27.46 -9.92 4.95
CA GLU B 566 -27.67 -10.03 6.39
C GLU B 566 -29.07 -9.58 6.80
N ARG B 567 -29.54 -8.48 6.21
CA ARG B 567 -30.83 -7.91 6.59
C ARG B 567 -31.97 -8.82 6.17
N TYR B 568 -31.86 -9.46 5.01
CA TYR B 568 -32.89 -10.41 4.60
C TYR B 568 -32.85 -11.66 5.47
N LEU B 569 -31.65 -12.17 5.76
CA LEU B 569 -31.56 -13.43 6.47
C LEU B 569 -31.96 -13.30 7.94
N ARG B 570 -31.88 -12.09 8.50
CA ARG B 570 -32.27 -11.87 9.89
C ARG B 570 -33.74 -12.19 10.10
N ASP B 571 -34.62 -11.45 9.43
CA ASP B 571 -36.04 -11.68 9.67
C ASP B 571 -36.54 -12.94 8.96
N GLN B 572 -35.81 -13.46 7.98
CA GLN B 572 -36.14 -14.81 7.51
C GLN B 572 -35.89 -15.84 8.60
N GLN B 573 -34.80 -15.68 9.36
CA GLN B 573 -34.55 -16.55 10.50
C GLN B 573 -35.60 -16.39 11.58
N LEU B 574 -36.04 -15.15 11.80
CA LEU B 574 -37.08 -14.91 12.82
C LEU B 574 -38.41 -15.54 12.43
N LEU B 575 -38.79 -15.45 11.15
CA LEU B 575 -40.00 -16.11 10.68
C LEU B 575 -39.87 -17.63 10.74
N GLY B 576 -38.65 -18.14 10.51
CA GLY B 576 -38.43 -19.57 10.65
C GLY B 576 -38.56 -20.04 12.09
N ILE B 577 -38.10 -19.23 13.04
CA ILE B 577 -38.25 -19.56 14.46
C ILE B 577 -39.72 -19.52 14.86
N TRP B 578 -40.46 -18.52 14.40
CA TRP B 578 -41.87 -18.47 14.77
C TRP B 578 -42.72 -19.50 14.06
N GLY B 579 -42.20 -20.17 13.03
CA GLY B 579 -42.87 -21.28 12.41
C GLY B 579 -43.87 -20.89 11.34
N CYS B 580 -44.24 -19.62 11.27
CA CYS B 580 -45.14 -19.15 10.24
C CYS B 580 -44.39 -18.62 9.02
N SER B 581 -43.18 -19.12 8.79
CA SER B 581 -42.41 -18.74 7.60
C SER B 581 -43.03 -19.36 6.36
N GLY B 582 -42.73 -18.75 5.22
CA GLY B 582 -43.30 -19.18 3.96
C GLY B 582 -44.63 -18.57 3.63
N LYS B 583 -45.25 -17.85 4.57
CA LYS B 583 -46.49 -17.14 4.33
C LYS B 583 -46.38 -15.75 4.92
N LEU B 584 -47.12 -14.82 4.33
CA LEU B 584 -47.00 -13.42 4.73
C LEU B 584 -47.89 -13.06 5.92
N ILE B 585 -48.90 -13.87 6.23
CA ILE B 585 -49.79 -13.62 7.35
C ILE B 585 -49.67 -14.78 8.32
N CYS B 586 -49.44 -14.48 9.59
CA CYS B 586 -49.18 -15.49 10.60
C CYS B 586 -50.36 -15.60 11.54
N CYS B 587 -50.86 -16.83 11.69
CA CYS B 587 -51.79 -17.18 12.75
C CYS B 587 -50.98 -17.78 13.89
N THR B 588 -51.16 -17.27 15.10
CA THR B 588 -50.11 -17.36 16.12
C THR B 588 -50.40 -18.28 17.28
N ASN B 589 -51.68 -18.46 17.65
CA ASN B 589 -52.09 -19.14 18.89
C ASN B 589 -51.43 -18.52 20.12
N VAL B 590 -51.36 -17.20 20.14
CA VAL B 590 -50.89 -16.47 21.33
C VAL B 590 -51.93 -15.42 21.66
N PRO B 591 -52.45 -15.41 22.89
CA PRO B 591 -53.51 -14.45 23.24
C PRO B 591 -52.94 -13.05 23.38
N TRP B 592 -53.69 -12.08 22.88
CA TRP B 592 -53.31 -10.69 22.97
C TRP B 592 -53.60 -10.19 24.39
N ASN B 593 -52.57 -9.68 25.06
CA ASN B 593 -52.71 -9.23 26.43
C ASN B 593 -53.47 -7.92 26.51
N SER B 594 -54.20 -7.73 27.61
CA SER B 594 -55.06 -6.57 27.76
C SER B 594 -54.26 -5.30 27.99
N SER B 595 -53.04 -5.43 28.52
CA SER B 595 -52.17 -4.26 28.70
C SER B 595 -51.74 -3.70 27.36
N TRP B 596 -51.63 -4.54 26.33
CA TRP B 596 -51.36 -4.08 24.99
C TRP B 596 -52.59 -3.48 24.33
N SER B 597 -53.77 -3.79 24.84
CA SER B 597 -55.03 -3.48 24.16
C SER B 597 -55.60 -2.17 24.65
N ASN B 598 -55.80 -1.25 23.72
CA ASN B 598 -56.52 -0.01 23.99
C ASN B 598 -57.57 0.31 22.93
N ARG B 599 -57.34 -0.11 21.69
CA ARG B 599 -58.24 0.21 20.59
C ARG B 599 -59.11 -0.99 20.23
N ASN B 600 -60.19 -0.70 19.50
CA ASN B 600 -61.03 -1.74 18.95
C ASN B 600 -60.47 -2.24 17.64
N LEU B 601 -61.04 -3.34 17.14
CA LEU B 601 -60.59 -3.93 15.89
C LEU B 601 -60.95 -3.05 14.70
N SER B 602 -62.14 -2.44 14.72
CA SER B 602 -62.51 -1.55 13.63
C SER B 602 -61.75 -0.24 13.69
N GLU B 603 -61.36 0.18 14.90
CA GLU B 603 -60.54 1.37 15.05
C GLU B 603 -59.16 1.17 14.47
N ILE B 604 -58.62 -0.04 14.57
CA ILE B 604 -57.30 -0.32 14.02
C ILE B 604 -57.41 -0.57 12.52
N TRP B 605 -58.11 -1.62 12.13
CA TRP B 605 -57.98 -2.12 10.76
C TRP B 605 -58.77 -1.34 9.73
N ASP B 606 -59.45 -0.28 10.11
CA ASP B 606 -60.11 0.55 9.12
C ASP B 606 -59.69 2.01 9.19
N ASN B 607 -59.31 2.49 10.38
CA ASN B 607 -58.99 3.90 10.55
C ASN B 607 -57.49 4.16 10.61
N MET B 608 -56.73 3.21 11.13
CA MET B 608 -55.36 3.45 11.55
C MET B 608 -54.43 3.08 10.40
N THR B 609 -53.26 3.72 10.33
CA THR B 609 -52.25 3.39 9.33
C THR B 609 -51.05 2.76 10.02
N TRP B 610 -50.30 1.96 9.24
CA TRP B 610 -49.23 1.11 9.78
C TRP B 610 -48.13 1.92 10.44
N LEU B 611 -47.73 3.03 9.80
CA LEU B 611 -46.55 3.77 10.22
C LEU B 611 -46.75 4.44 11.57
N GLN B 612 -47.93 4.97 11.82
CA GLN B 612 -48.19 5.60 13.11
C GLN B 612 -48.55 4.56 14.15
N TRP B 613 -49.11 3.43 13.71
CA TRP B 613 -49.43 2.33 14.62
C TRP B 613 -48.16 1.68 15.15
N ASP B 614 -47.08 1.72 14.37
CA ASP B 614 -45.80 1.18 14.81
C ASP B 614 -45.28 1.97 16.01
N LYS B 615 -45.60 3.26 16.07
CA LYS B 615 -45.16 4.10 17.18
C LYS B 615 -45.79 3.67 18.50
N GLU B 616 -47.09 3.38 18.47
CA GLU B 616 -47.76 2.99 19.71
C GLU B 616 -47.53 1.52 20.03
N ILE B 617 -47.25 0.69 19.03
CA ILE B 617 -46.95 -0.72 19.30
C ILE B 617 -45.47 -0.95 19.54
N SER B 618 -44.66 0.10 19.52
CA SER B 618 -43.26 0.00 19.91
C SER B 618 -43.10 -0.45 21.37
N ASN B 619 -44.05 -0.10 22.22
CA ASN B 619 -44.07 -0.63 23.58
C ASN B 619 -44.43 -2.10 23.55
N TYR B 620 -43.91 -2.85 24.55
CA TYR B 620 -44.15 -4.27 24.83
C TYR B 620 -43.71 -5.21 23.71
N THR B 621 -42.98 -4.72 22.71
CA THR B 621 -42.74 -5.49 21.50
C THR B 621 -41.72 -6.60 21.73
N GLN B 622 -40.83 -6.41 22.71
CA GLN B 622 -39.63 -7.24 22.83
C GLN B 622 -39.97 -8.63 23.35
N ILE B 623 -41.03 -8.75 24.14
CA ILE B 623 -41.41 -10.05 24.70
C ILE B 623 -42.28 -10.86 23.76
N ILE B 624 -42.85 -10.22 22.74
CA ILE B 624 -43.78 -10.89 21.84
C ILE B 624 -43.06 -11.96 21.03
N TYR B 625 -41.82 -11.66 20.63
CA TYR B 625 -41.04 -12.60 19.83
C TYR B 625 -40.70 -13.85 20.63
N GLY B 626 -40.34 -13.68 21.91
CA GLY B 626 -40.10 -14.83 22.76
C GLY B 626 -41.36 -15.63 23.04
N LEU B 627 -42.49 -14.94 23.18
CA LEU B 627 -43.76 -15.63 23.36
C LEU B 627 -44.12 -16.47 22.14
N LEU B 628 -43.90 -15.91 20.95
CA LEU B 628 -44.15 -16.65 19.72
C LEU B 628 -43.21 -17.85 19.59
N GLU B 629 -41.95 -17.67 19.98
CA GLU B 629 -40.96 -18.74 19.90
C GLU B 629 -41.32 -19.89 20.84
N GLU B 630 -41.69 -19.57 22.08
CA GLU B 630 -42.02 -20.61 23.02
C GLU B 630 -43.34 -21.29 22.67
N SER B 631 -44.28 -20.54 22.09
CA SER B 631 -45.53 -21.16 21.65
C SER B 631 -45.30 -22.08 20.46
N GLN B 632 -44.41 -21.68 19.55
CA GLN B 632 -44.07 -22.54 18.41
C GLN B 632 -43.38 -23.81 18.87
N ASN B 633 -42.49 -23.69 19.86
CA ASN B 633 -41.81 -24.87 20.40
C ASN B 633 -42.79 -25.79 21.11
N GLN B 634 -43.75 -25.22 21.86
CA GLN B 634 -44.77 -26.02 22.52
C GLN B 634 -45.65 -26.73 21.51
N GLN B 635 -46.01 -26.04 20.43
CA GLN B 635 -46.81 -26.67 19.38
C GLN B 635 -46.06 -27.80 18.70
N GLU B 636 -44.76 -27.61 18.45
CA GLU B 636 -43.97 -28.65 17.81
C GLU B 636 -43.79 -29.86 18.73
N LYS B 637 -43.58 -29.63 20.03
CA LYS B 637 -43.40 -30.76 20.93
C LYS B 637 -44.72 -31.48 21.18
N ASN B 638 -45.84 -30.76 21.14
CA ASN B 638 -47.14 -31.43 21.25
C ASN B 638 -47.44 -32.23 20.00
N GLU B 639 -47.05 -31.72 18.83
CA GLU B 639 -47.23 -32.46 17.59
C GLU B 639 -46.36 -33.71 17.56
N GLN B 640 -45.14 -33.62 18.13
CA GLN B 640 -44.29 -34.80 18.22
C GLN B 640 -44.87 -35.82 19.20
N ASP B 641 -45.39 -35.36 20.35
CA ASP B 641 -45.97 -36.28 21.31
C ASP B 641 -47.24 -36.92 20.79
N LEU B 642 -47.95 -36.23 19.90
CA LEU B 642 -49.09 -36.84 19.24
C LEU B 642 -48.63 -37.86 18.20
N LEU B 643 -47.79 -37.44 17.26
CA LEU B 643 -47.47 -38.26 16.08
C LEU B 643 -46.48 -39.37 16.37
N ALA B 644 -45.87 -39.40 17.57
CA ALA B 644 -45.03 -40.53 17.94
C ALA B 644 -45.85 -41.80 18.11
N LEU B 645 -47.09 -41.66 18.56
CA LEU B 645 -48.03 -42.79 18.63
C LEU B 645 -49.09 -42.76 17.55
N ASP B 646 -49.58 -41.59 17.18
CA ASP B 646 -50.56 -41.48 16.11
C ASP B 646 -49.89 -41.65 14.76
N GLN C 20 -7.16 61.98 -38.49
CA GLN C 20 -5.91 61.83 -39.23
C GLN C 20 -4.78 61.42 -38.30
N VAL C 21 -3.97 60.46 -38.75
CA VAL C 21 -2.74 60.08 -38.06
C VAL C 21 -1.62 60.19 -39.08
N GLN C 22 -0.38 60.19 -38.58
CA GLN C 22 0.75 60.22 -39.49
C GLN C 22 1.94 59.52 -38.83
N LEU C 23 2.70 58.79 -39.65
CA LEU C 23 3.70 57.82 -39.23
C LEU C 23 5.05 58.12 -39.86
N VAL C 24 5.53 59.36 -39.67
CA VAL C 24 6.71 59.85 -40.39
C VAL C 24 7.95 59.06 -39.99
N GLN C 25 8.50 58.33 -40.95
CA GLN C 25 9.71 57.56 -40.71
C GLN C 25 10.94 58.45 -40.90
N SER C 26 12.12 57.84 -40.74
CA SER C 26 13.36 58.58 -40.88
C SER C 26 13.73 58.72 -42.35
N GLY C 27 14.87 59.37 -42.60
CA GLY C 27 15.34 59.58 -43.95
C GLY C 27 16.02 58.37 -44.54
N ALA C 28 16.56 58.55 -45.74
CA ALA C 28 17.24 57.47 -46.44
C ALA C 28 18.59 57.18 -45.79
N GLU C 29 18.89 55.90 -45.65
CA GLU C 29 20.15 55.43 -45.09
C GLU C 29 20.98 54.84 -46.21
N VAL C 30 22.25 55.23 -46.28
CA VAL C 30 23.21 54.67 -47.22
C VAL C 30 24.40 54.21 -46.42
N LYS C 31 24.67 52.89 -46.42
CA LYS C 31 25.83 52.44 -45.66
C LYS C 31 26.36 51.12 -46.23
N LYS C 32 27.53 50.75 -45.74
CA LYS C 32 28.24 49.55 -46.16
C LYS C 32 27.61 48.30 -45.55
N PRO C 33 27.86 47.13 -46.14
CA PRO C 33 27.43 45.88 -45.50
C PRO C 33 28.13 45.65 -44.17
N GLY C 34 27.44 44.95 -43.28
CA GLY C 34 27.95 44.67 -41.96
C GLY C 34 27.70 45.76 -40.94
N ALA C 35 27.08 46.87 -41.35
CA ALA C 35 26.82 47.98 -40.45
C ALA C 35 25.49 47.75 -39.72
N SER C 36 24.97 48.80 -39.10
CA SER C 36 23.71 48.73 -38.38
C SER C 36 22.86 49.94 -38.74
N VAL C 37 21.54 49.77 -38.59
CA VAL C 37 20.55 50.75 -39.02
C VAL C 37 19.62 51.05 -37.85
N LYS C 38 19.49 52.32 -37.51
CA LYS C 38 18.48 52.81 -36.59
C LYS C 38 17.55 53.75 -37.33
N VAL C 39 16.25 53.45 -37.31
CA VAL C 39 15.25 54.26 -37.99
C VAL C 39 14.15 54.61 -37.00
N SER C 40 13.85 55.90 -36.88
CA SER C 40 12.76 56.38 -36.05
C SER C 40 11.46 56.43 -36.87
N CYS C 41 10.35 56.38 -36.15
CA CYS C 41 9.02 56.53 -36.75
C CYS C 41 8.19 57.34 -35.77
N LYS C 42 7.98 58.61 -36.09
CA LYS C 42 7.22 59.53 -35.24
C LYS C 42 5.75 59.40 -35.59
N ALA C 43 4.94 59.04 -34.61
CA ALA C 43 3.50 58.93 -34.82
C ALA C 43 2.77 60.15 -34.27
N SER C 44 1.67 60.50 -34.93
CA SER C 44 0.95 61.72 -34.60
C SER C 44 -0.52 61.55 -34.94
N GLY C 45 -1.34 62.38 -34.31
CA GLY C 45 -2.76 62.44 -34.61
C GLY C 45 -3.66 61.57 -33.78
N TYR C 46 -3.11 60.76 -32.88
CA TYR C 46 -3.90 59.84 -32.08
C TYR C 46 -3.13 59.47 -30.83
N ARG C 47 -3.82 58.85 -29.88
CA ARG C 47 -3.16 58.35 -28.68
C ARG C 47 -2.32 57.13 -29.05
N PHE C 48 -1.00 57.33 -29.09
CA PHE C 48 -0.09 56.39 -29.73
C PHE C 48 -0.02 55.06 -28.99
N THR C 49 -0.28 55.07 -27.69
CA THR C 49 -0.22 53.86 -26.88
C THR C 49 -1.34 52.87 -27.22
N ASP C 50 -2.42 53.36 -27.83
CA ASP C 50 -3.62 52.55 -28.01
C ASP C 50 -3.48 51.48 -29.09
N HIS C 51 -2.50 51.57 -29.97
CA HIS C 51 -2.42 50.67 -31.11
C HIS C 51 -1.04 50.04 -31.22
N TYR C 52 -1.03 48.80 -31.70
CA TYR C 52 0.22 48.08 -31.95
C TYR C 52 0.94 48.71 -33.15
N ILE C 53 2.23 48.43 -33.26
CA ILE C 53 3.01 48.94 -34.38
C ILE C 53 3.69 47.77 -35.07
N HIS C 54 3.40 47.59 -36.35
CA HIS C 54 4.07 46.59 -37.14
C HIS C 54 4.98 47.28 -38.15
N TRP C 55 5.86 46.49 -38.76
CA TRP C 55 6.73 47.05 -39.78
C TRP C 55 6.83 46.13 -40.99
N VAL C 56 7.01 46.75 -42.15
CA VAL C 56 6.97 46.07 -43.44
C VAL C 56 8.27 46.37 -44.20
N ARG C 57 8.90 45.32 -44.71
CA ARG C 57 10.04 45.45 -45.62
C ARG C 57 9.56 45.20 -47.05
N GLN C 58 10.18 45.91 -47.99
CA GLN C 58 9.87 45.69 -49.40
C GLN C 58 11.14 45.84 -50.21
N ALA C 59 11.64 44.73 -50.73
CA ALA C 59 12.75 44.76 -51.68
C ALA C 59 12.28 45.41 -52.98
N PRO C 60 13.17 46.10 -53.68
CA PRO C 60 12.78 46.74 -54.95
C PRO C 60 12.44 45.69 -56.01
N GLY C 61 11.28 45.88 -56.64
CA GLY C 61 10.76 44.88 -57.54
C GLY C 61 10.07 43.73 -56.87
N GLN C 62 9.88 43.79 -55.56
CA GLN C 62 9.29 42.70 -54.79
C GLN C 62 8.13 43.23 -53.95
N GLY C 63 7.40 42.31 -53.32
CA GLY C 63 6.26 42.67 -52.53
C GLY C 63 6.64 43.00 -51.10
N PRO C 64 5.62 43.11 -50.26
CA PRO C 64 5.85 43.42 -48.84
C PRO C 64 6.48 42.24 -48.11
N GLU C 65 7.07 42.55 -46.96
CA GLU C 65 7.65 41.54 -46.09
C GLU C 65 7.57 42.07 -44.66
N TRP C 66 6.57 41.60 -43.92
CA TRP C 66 6.50 41.87 -42.50
C TRP C 66 7.64 41.17 -41.78
N MET C 67 8.21 41.84 -40.79
CA MET C 67 9.20 41.11 -40.02
C MET C 67 8.88 41.11 -38.54
N GLY C 68 8.07 42.06 -38.07
CA GLY C 68 8.01 42.29 -36.63
C GLY C 68 6.89 43.24 -36.24
N TRP C 69 6.46 43.06 -35.00
CA TRP C 69 5.50 43.93 -34.37
C TRP C 69 5.95 44.24 -32.95
N ILE C 70 5.41 45.32 -32.41
CA ILE C 70 5.65 45.74 -31.03
C ILE C 70 4.33 46.19 -30.40
N ASN C 71 4.12 45.74 -29.17
CA ASN C 71 3.18 46.36 -28.25
C ASN C 71 3.82 47.66 -27.76
N THR C 72 3.15 48.78 -28.00
CA THR C 72 3.71 50.07 -27.62
C THR C 72 3.62 50.28 -26.11
N SER C 73 2.68 49.60 -25.46
CA SER C 73 2.48 49.81 -24.04
C SER C 73 3.58 49.13 -23.22
N SER C 74 3.66 47.80 -23.32
CA SER C 74 4.60 47.06 -22.51
C SER C 74 6.00 47.02 -23.09
N GLY C 75 6.15 47.36 -24.37
CA GLY C 75 7.42 47.19 -25.03
C GLY C 75 7.70 45.80 -25.53
N ARG C 76 6.78 44.86 -25.31
CA ARG C 76 6.97 43.51 -25.80
C ARG C 76 6.83 43.47 -27.32
N SER C 77 7.76 42.76 -27.96
CA SER C 77 7.82 42.73 -29.40
C SER C 77 8.03 41.31 -29.86
N ASN C 78 7.62 41.03 -31.09
CA ASN C 78 7.86 39.73 -31.69
C ASN C 78 8.33 39.89 -33.12
N PHE C 79 9.07 38.89 -33.61
CA PHE C 79 9.78 38.98 -34.87
C PHE C 79 9.55 37.71 -35.67
N ALA C 80 9.89 37.80 -36.97
CA ALA C 80 9.95 36.62 -37.80
C ALA C 80 11.17 35.78 -37.44
N GLN C 81 11.16 34.52 -37.86
CA GLN C 81 12.18 33.58 -37.41
C GLN C 81 13.53 33.85 -38.08
N LYS C 82 13.52 34.47 -39.26
CA LYS C 82 14.78 34.77 -39.91
C LYS C 82 15.28 36.17 -39.58
N PHE C 83 14.53 36.91 -38.76
CA PHE C 83 14.96 38.20 -38.27
C PHE C 83 15.36 38.16 -36.81
N GLN C 84 15.50 36.96 -36.24
CA GLN C 84 15.79 36.83 -34.82
C GLN C 84 17.23 37.23 -34.52
N GLY C 85 17.41 38.02 -33.49
CA GLY C 85 18.72 38.49 -33.09
C GLY C 85 19.21 39.75 -33.78
N ARG C 86 19.04 39.80 -35.10
CA ARG C 86 19.51 40.95 -35.88
C ARG C 86 18.68 42.19 -35.63
N VAL C 87 17.40 42.03 -35.31
CA VAL C 87 16.45 43.14 -35.31
C VAL C 87 15.94 43.37 -33.90
N THR C 88 16.01 44.63 -33.45
CA THR C 88 15.58 44.99 -32.10
C THR C 88 14.70 46.22 -32.14
N MET C 89 13.78 46.27 -31.17
CA MET C 89 12.73 47.28 -31.09
C MET C 89 12.91 48.16 -29.88
N THR C 90 12.69 49.45 -30.08
CA THR C 90 12.47 50.39 -28.98
C THR C 90 11.32 51.30 -29.36
N ARG C 91 10.68 51.88 -28.36
CA ARG C 91 9.57 52.79 -28.59
C ARG C 91 9.49 53.77 -27.43
N ASP C 92 8.81 54.89 -27.68
CA ASP C 92 8.60 55.91 -26.65
C ASP C 92 7.22 56.52 -26.85
N THR C 93 6.30 56.18 -25.95
CA THR C 93 4.95 56.73 -26.02
C THR C 93 4.90 58.17 -25.54
N SER C 94 5.92 58.60 -24.78
CA SER C 94 5.97 59.97 -24.31
C SER C 94 6.21 60.96 -25.45
N ILE C 95 6.90 60.54 -26.51
CA ILE C 95 7.13 61.40 -27.66
C ILE C 95 6.55 60.73 -28.91
N SER C 96 5.89 59.59 -28.72
CA SER C 96 5.12 58.87 -29.74
C SER C 96 5.98 58.47 -30.94
N THR C 97 6.93 57.57 -30.69
CA THR C 97 7.79 57.09 -31.76
C THR C 97 8.14 55.63 -31.54
N ALA C 98 8.60 54.99 -32.62
CA ALA C 98 9.06 53.62 -32.61
C ALA C 98 10.37 53.55 -33.38
N TYR C 99 11.08 52.42 -33.27
CA TYR C 99 12.39 52.32 -33.88
C TYR C 99 12.67 50.94 -34.48
N MET C 100 13.15 50.96 -35.72
CA MET C 100 14.00 49.92 -36.28
C MET C 100 15.39 49.97 -35.68
N GLU C 101 15.90 48.80 -35.25
CA GLU C 101 17.33 48.61 -35.23
C GLU C 101 17.63 47.27 -35.90
N LEU C 102 18.54 47.31 -36.85
CA LEU C 102 18.97 46.11 -37.58
C LEU C 102 20.49 46.06 -37.55
N ASN C 103 21.02 44.86 -37.35
CA ASN C 103 22.45 44.67 -37.22
C ASN C 103 22.95 43.77 -38.33
N ARG C 104 24.18 44.04 -38.79
CA ARG C 104 24.93 43.21 -39.73
C ARG C 104 24.19 43.05 -41.06
N LEU C 105 24.04 44.16 -41.76
CA LEU C 105 23.24 44.19 -42.98
C LEU C 105 23.92 43.45 -44.12
N LYS C 106 23.10 42.86 -44.99
CA LYS C 106 23.56 42.22 -46.21
C LYS C 106 23.03 42.99 -47.41
N SER C 107 23.37 42.49 -48.60
CA SER C 107 23.07 43.22 -49.84
C SER C 107 21.58 43.21 -50.15
N ASP C 108 20.86 42.20 -49.68
CA ASP C 108 19.42 42.13 -49.91
C ASP C 108 18.64 43.10 -49.03
N ASP C 109 19.28 43.65 -48.00
CA ASP C 109 18.59 44.50 -47.03
C ASP C 109 18.34 45.91 -47.58
N THR C 110 18.87 46.23 -48.75
CA THR C 110 18.48 47.44 -49.46
C THR C 110 17.00 47.36 -49.79
N ALA C 111 16.18 48.15 -49.11
CA ALA C 111 14.74 47.96 -49.17
C ALA C 111 14.03 49.22 -48.71
N VAL C 112 12.73 49.26 -48.98
CA VAL C 112 11.85 50.32 -48.49
C VAL C 112 11.08 49.79 -47.29
N TYR C 113 11.06 50.58 -46.23
CA TYR C 113 10.54 50.16 -44.94
C TYR C 113 9.34 51.01 -44.58
N TYR C 114 8.32 50.37 -44.02
CA TYR C 114 7.03 51.00 -43.76
C TYR C 114 6.63 50.79 -42.32
N CYS C 115 6.40 51.91 -41.62
CA CYS C 115 5.83 51.93 -40.29
C CYS C 115 4.32 51.81 -40.42
N THR C 116 3.73 50.82 -39.76
CA THR C 116 2.29 50.62 -39.86
C THR C 116 1.66 50.55 -38.48
N THR C 117 0.49 51.17 -38.38
CA THR C 117 -0.33 51.11 -37.17
C THR C 117 -1.12 49.82 -37.19
N GLY C 118 -0.97 49.01 -36.15
CA GLY C 118 -1.71 47.77 -36.03
C GLY C 118 -3.09 47.99 -35.46
N SER C 119 -3.66 46.91 -34.96
CA SER C 119 -4.99 46.98 -34.37
C SER C 119 -4.95 47.65 -33.01
N TRP C 120 -6.13 47.88 -32.45
CA TRP C 120 -6.22 48.49 -31.13
C TRP C 120 -5.75 47.51 -30.06
N ILE C 121 -5.07 48.04 -29.06
CA ILE C 121 -4.50 47.20 -28.01
C ILE C 121 -5.55 46.97 -26.94
N SER C 122 -6.03 45.74 -26.85
CA SER C 122 -6.90 45.33 -25.77
C SER C 122 -6.08 44.86 -24.58
N LEU C 123 -6.74 44.76 -23.44
CA LEU C 123 -6.11 44.18 -22.26
C LEU C 123 -6.52 42.74 -22.06
N TYR C 124 -7.56 42.27 -22.74
CA TYR C 124 -8.17 40.99 -22.44
C TYR C 124 -8.05 39.97 -23.55
N TYR C 125 -7.55 40.34 -24.72
CA TYR C 125 -7.33 39.34 -25.75
C TYR C 125 -6.12 39.72 -26.59
N ASP C 126 -5.52 38.71 -27.20
CA ASP C 126 -4.32 38.90 -28.02
C ASP C 126 -4.76 39.29 -29.42
N SER C 127 -4.74 40.58 -29.70
CA SER C 127 -4.99 41.10 -31.04
C SER C 127 -3.74 41.64 -31.69
N SER C 128 -2.57 41.35 -31.13
CA SER C 128 -1.32 41.90 -31.66
C SER C 128 -0.97 41.27 -33.01
N GLY C 129 -1.43 40.06 -33.25
CA GLY C 129 -1.19 39.41 -34.52
C GLY C 129 -2.18 39.73 -35.61
N TYR C 130 -3.07 40.69 -35.38
CA TYR C 130 -4.10 41.00 -36.35
C TYR C 130 -3.49 41.72 -37.55
N PRO C 131 -3.74 41.26 -38.78
CA PRO C 131 -3.16 41.90 -39.97
C PRO C 131 -3.93 43.13 -40.44
N ASN C 132 -4.18 44.05 -39.53
CA ASN C 132 -4.97 45.25 -39.83
C ASN C 132 -4.05 46.46 -39.75
N PHE C 133 -3.41 46.75 -40.88
CA PHE C 133 -2.47 47.86 -40.97
C PHE C 133 -3.22 49.03 -41.57
N ASP C 134 -3.90 49.78 -40.70
CA ASP C 134 -4.87 50.77 -41.13
C ASP C 134 -4.20 51.95 -41.83
N TYR C 135 -3.07 52.40 -41.31
CA TYR C 135 -2.38 53.55 -41.87
C TYR C 135 -0.91 53.20 -42.04
N TRP C 136 -0.28 53.88 -42.99
CA TRP C 136 1.06 53.53 -43.41
C TRP C 136 1.96 54.75 -43.32
N GLY C 137 3.23 54.50 -43.01
CA GLY C 137 4.21 55.56 -43.06
C GLY C 137 4.59 55.88 -44.49
N GLN C 138 5.37 56.95 -44.63
CA GLN C 138 5.80 57.39 -45.96
C GLN C 138 6.83 56.46 -46.58
N GLY C 139 7.44 55.57 -45.80
CA GLY C 139 8.46 54.69 -46.29
C GLY C 139 9.84 55.31 -46.22
N THR C 140 10.84 54.47 -46.00
CA THR C 140 12.21 54.94 -46.02
C THR C 140 13.03 53.95 -46.83
N LEU C 141 14.14 54.42 -47.40
CA LEU C 141 14.98 53.58 -48.25
C LEU C 141 16.32 53.35 -47.57
N VAL C 142 16.69 52.08 -47.44
CA VAL C 142 17.99 51.71 -46.90
C VAL C 142 18.78 51.03 -48.01
N THR C 143 19.94 51.59 -48.33
CA THR C 143 20.79 51.08 -49.40
C THR C 143 22.09 50.54 -48.80
N VAL C 144 22.44 49.34 -49.22
CA VAL C 144 23.59 48.61 -48.70
C VAL C 144 24.61 48.54 -49.82
N THR C 145 25.54 49.49 -49.84
CA THR C 145 26.52 49.57 -50.92
C THR C 145 27.69 48.63 -50.66
N THR D 5 0.35 32.00 -50.84
CA THR D 5 0.66 32.01 -52.27
C THR D 5 -0.32 32.90 -53.03
N GLN D 6 0.07 33.31 -54.22
CA GLN D 6 -0.74 34.23 -55.01
C GLN D 6 -0.43 34.08 -56.49
N PRO D 7 -1.45 34.05 -57.35
CA PRO D 7 -1.19 34.03 -58.80
C PRO D 7 -0.51 35.30 -59.28
N ALA D 8 0.29 35.16 -60.33
CA ALA D 8 1.25 36.20 -60.71
C ALA D 8 0.56 37.41 -61.32
N SER D 9 -0.41 37.20 -62.21
CA SER D 9 -1.00 38.32 -62.91
C SER D 9 -2.43 37.99 -63.32
N VAL D 10 -3.18 39.03 -63.66
CA VAL D 10 -4.55 38.91 -64.16
C VAL D 10 -4.81 40.13 -65.03
N SER D 11 -5.76 39.99 -65.96
CA SER D 11 -6.11 41.07 -66.87
C SER D 11 -7.61 41.07 -67.09
N GLY D 12 -8.13 42.23 -67.50
CA GLY D 12 -9.54 42.36 -67.79
C GLY D 12 -9.92 43.71 -68.36
N SER D 13 -11.05 43.76 -69.06
CA SER D 13 -11.52 44.99 -69.67
C SER D 13 -12.00 45.97 -68.60
N PRO D 14 -11.96 47.27 -68.88
CA PRO D 14 -12.56 48.24 -67.94
C PRO D 14 -14.07 48.05 -67.83
N GLY D 15 -14.57 48.16 -66.61
CA GLY D 15 -15.98 48.01 -66.33
C GLY D 15 -16.42 46.60 -66.02
N GLN D 16 -15.54 45.61 -66.23
CA GLN D 16 -15.92 44.25 -65.93
C GLN D 16 -15.33 43.80 -64.61
N PRO D 17 -16.00 42.88 -63.90
CA PRO D 17 -15.46 42.38 -62.63
C PRO D 17 -14.50 41.21 -62.83
N ILE D 18 -13.52 41.15 -61.92
CA ILE D 18 -12.54 40.06 -61.89
C ILE D 18 -12.42 39.58 -60.44
N THR D 19 -11.77 38.42 -60.28
CA THR D 19 -11.47 37.88 -58.96
C THR D 19 -9.98 37.62 -58.84
N ILE D 20 -9.40 37.96 -57.71
CA ILE D 20 -8.01 37.68 -57.41
C ILE D 20 -7.98 36.76 -56.20
N SER D 21 -7.29 35.62 -56.34
CA SER D 21 -7.33 34.59 -55.31
C SER D 21 -5.99 34.53 -54.59
N CYS D 22 -6.00 33.84 -53.46
CA CYS D 22 -4.80 33.45 -52.72
C CYS D 22 -5.04 32.12 -52.07
N THR D 23 -4.10 31.20 -52.28
CA THR D 23 -4.18 29.85 -51.72
C THR D 23 -3.16 29.75 -50.60
N GLY D 24 -3.60 29.29 -49.43
CA GLY D 24 -2.72 29.10 -48.30
C GLY D 24 -3.02 27.79 -47.60
N THR D 25 -2.25 27.52 -46.55
CA THR D 25 -2.43 26.31 -45.79
C THR D 25 -3.65 26.45 -44.86
N SER D 26 -3.93 25.35 -44.16
CA SER D 26 -5.01 25.37 -43.17
C SER D 26 -4.64 26.27 -41.99
N TYR D 27 -3.36 26.30 -41.63
CA TYR D 27 -2.90 27.16 -40.54
C TYR D 27 -3.07 28.63 -40.89
N ASP D 28 -2.83 29.00 -42.15
CA ASP D 28 -2.78 30.38 -42.57
C ASP D 28 -4.13 30.93 -43.01
N VAL D 29 -4.92 30.13 -43.72
CA VAL D 29 -6.21 30.55 -44.25
C VAL D 29 -7.35 29.79 -43.59
N GLY D 30 -7.20 28.46 -43.48
CA GLY D 30 -8.29 27.63 -43.00
C GLY D 30 -8.60 27.83 -41.52
N ASN D 31 -7.58 28.11 -40.72
CA ASN D 31 -7.82 28.26 -39.30
C ASN D 31 -8.49 29.58 -38.95
N TYR D 32 -8.10 30.68 -39.59
CA TYR D 32 -8.56 31.99 -39.16
C TYR D 32 -9.07 32.81 -40.34
N ASP D 33 -10.05 33.66 -40.08
CA ASP D 33 -10.57 34.56 -41.08
C ASP D 33 -9.83 35.89 -41.13
N LEU D 34 -8.78 36.04 -40.33
CA LEU D 34 -8.03 37.29 -40.29
C LEU D 34 -7.19 37.46 -41.54
N VAL D 35 -7.83 37.89 -42.63
CA VAL D 35 -7.15 38.07 -43.91
C VAL D 35 -7.51 39.46 -44.44
N SER D 36 -6.52 40.11 -45.04
CA SER D 36 -6.63 41.49 -45.48
C SER D 36 -6.08 41.60 -46.90
N TRP D 37 -6.54 42.62 -47.61
CA TRP D 37 -6.08 42.87 -48.96
C TRP D 37 -5.50 44.26 -49.05
N TYR D 38 -4.48 44.41 -49.90
CA TYR D 38 -3.77 45.66 -50.07
C TYR D 38 -3.51 45.87 -51.55
N GLN D 39 -3.39 47.14 -51.94
CA GLN D 39 -3.02 47.48 -53.30
C GLN D 39 -1.89 48.49 -53.27
N GLN D 40 -0.83 48.18 -54.00
CA GLN D 40 0.33 49.05 -54.03
C GLN D 40 0.58 49.50 -55.46
N HIS D 41 0.33 50.78 -55.73
CA HIS D 41 0.73 51.37 -56.99
C HIS D 41 2.25 51.52 -57.01
N PRO D 42 2.87 51.49 -58.19
CA PRO D 42 4.33 51.70 -58.28
C PRO D 42 4.72 53.09 -57.84
N GLY D 43 5.71 53.16 -56.95
CA GLY D 43 6.09 54.41 -56.34
C GLY D 43 5.15 54.89 -55.24
N ASN D 44 4.27 54.02 -54.75
CA ASN D 44 3.24 54.41 -53.82
C ASN D 44 3.21 53.46 -52.62
N ALA D 45 2.62 53.95 -51.54
CA ALA D 45 2.36 53.14 -50.36
C ALA D 45 1.20 52.17 -50.64
N PRO D 46 1.14 51.06 -49.92
CA PRO D 46 -0.01 50.16 -50.06
C PRO D 46 -1.31 50.79 -49.56
N LYS D 47 -2.41 50.30 -50.10
CA LYS D 47 -3.73 50.86 -49.87
C LYS D 47 -4.57 49.89 -49.03
N TYR D 48 -5.54 50.45 -48.31
CA TYR D 48 -6.32 49.72 -47.32
C TYR D 48 -7.76 49.65 -47.80
N MET D 49 -8.20 48.47 -48.24
CA MET D 49 -9.57 48.31 -48.70
C MET D 49 -10.29 47.06 -48.22
N ILE D 50 -9.58 46.07 -47.67
CA ILE D 50 -10.19 44.88 -47.11
C ILE D 50 -9.40 44.55 -45.84
N TYR D 51 -10.09 44.53 -44.69
CA TYR D 51 -9.45 44.22 -43.41
C TYR D 51 -10.00 42.93 -42.80
N GLU D 52 -11.31 42.80 -42.71
CA GLU D 52 -11.89 41.48 -42.51
C GLU D 52 -12.25 40.90 -43.86
N VAL D 53 -12.57 39.60 -43.86
CA VAL D 53 -12.76 38.87 -45.11
C VAL D 53 -13.99 39.37 -45.88
N THR D 54 -14.96 39.96 -45.19
CA THR D 54 -16.12 40.55 -45.87
C THR D 54 -16.26 42.04 -45.62
N LYS D 55 -15.36 42.65 -44.87
CA LYS D 55 -15.53 44.03 -44.43
C LYS D 55 -14.54 44.95 -45.12
N ARG D 56 -15.01 46.13 -45.51
CA ARG D 56 -14.30 47.24 -46.12
C ARG D 56 -14.26 48.42 -45.17
N PRO D 57 -13.16 49.16 -45.12
CA PRO D 57 -13.11 50.37 -44.30
C PRO D 57 -13.94 51.48 -44.89
N ALA D 58 -14.13 52.53 -44.08
CA ALA D 58 -14.81 53.72 -44.55
C ALA D 58 -13.96 54.42 -45.60
N GLY D 59 -14.63 54.98 -46.61
CA GLY D 59 -13.94 55.57 -47.74
C GLY D 59 -13.69 54.61 -48.88
N ILE D 60 -13.99 53.32 -48.70
CA ILE D 60 -13.85 52.35 -49.77
C ILE D 60 -15.23 52.02 -50.32
N SER D 61 -15.37 52.15 -51.63
CA SER D 61 -16.67 51.95 -52.27
C SER D 61 -16.94 50.46 -52.48
N ASN D 62 -17.96 50.17 -53.28
CA ASN D 62 -18.33 48.81 -53.64
C ASN D 62 -17.50 48.27 -54.80
N ARG D 63 -16.35 48.88 -55.07
CA ARG D 63 -15.42 48.44 -56.09
C ARG D 63 -14.88 47.05 -55.79
N PHE D 64 -14.68 46.75 -54.52
CA PHE D 64 -14.10 45.49 -54.09
C PHE D 64 -15.04 44.75 -53.17
N SER D 65 -14.88 43.43 -53.13
CA SER D 65 -15.65 42.59 -52.21
C SER D 65 -14.88 41.32 -51.94
N GLY D 66 -14.58 41.03 -50.68
CA GLY D 66 -13.82 39.85 -50.34
C GLY D 66 -14.69 38.62 -50.11
N SER D 67 -14.04 37.46 -50.16
CA SER D 67 -14.69 36.17 -49.97
C SER D 67 -13.65 35.14 -49.60
N LYS D 68 -14.13 33.99 -49.12
CA LYS D 68 -13.26 32.92 -48.66
C LYS D 68 -13.96 31.58 -48.85
N SER D 69 -13.21 30.59 -49.32
CA SER D 69 -13.73 29.24 -49.48
C SER D 69 -12.61 28.25 -49.24
N GLY D 70 -12.83 27.32 -48.31
CA GLY D 70 -11.84 26.28 -48.04
C GLY D 70 -10.57 26.85 -47.47
N ASN D 71 -9.47 26.63 -48.19
CA ASN D 71 -8.20 27.23 -47.81
C ASN D 71 -7.75 28.26 -48.85
N THR D 72 -8.69 28.93 -49.50
CA THR D 72 -8.30 30.01 -50.40
C THR D 72 -9.24 31.20 -50.21
N ALA D 73 -8.66 32.39 -50.22
CA ALA D 73 -9.44 33.62 -50.18
C ALA D 73 -9.45 34.26 -51.55
N SER D 74 -10.35 35.23 -51.74
CA SER D 74 -10.46 35.90 -53.02
C SER D 74 -11.03 37.29 -52.81
N LEU D 75 -10.78 38.14 -53.80
CA LEU D 75 -11.23 39.53 -53.79
C LEU D 75 -11.78 39.84 -55.17
N THR D 76 -13.06 40.19 -55.24
CA THR D 76 -13.70 40.51 -56.51
C THR D 76 -13.68 42.02 -56.71
N ILE D 77 -13.05 42.46 -57.79
CA ILE D 77 -13.11 43.83 -58.26
C ILE D 77 -14.34 43.94 -59.15
N SER D 78 -15.38 44.60 -58.63
CA SER D 78 -16.69 44.67 -59.31
C SER D 78 -16.72 45.82 -60.31
N GLY D 79 -16.15 45.58 -61.49
CA GLY D 79 -16.09 46.57 -62.52
C GLY D 79 -14.75 47.29 -62.54
N LEU D 80 -13.91 46.98 -63.50
CA LEU D 80 -12.55 47.49 -63.51
C LEU D 80 -12.51 48.96 -63.91
N GLN D 81 -11.65 49.72 -63.22
CA GLN D 81 -11.42 51.13 -63.51
C GLN D 81 -9.96 51.32 -63.89
N ALA D 82 -9.61 52.57 -64.23
CA ALA D 82 -8.23 52.86 -64.63
C ALA D 82 -7.27 52.81 -63.45
N GLU D 83 -7.75 53.11 -62.24
CA GLU D 83 -6.88 53.14 -61.08
C GLU D 83 -6.61 51.74 -60.52
N ASP D 84 -7.31 50.73 -61.03
CA ASP D 84 -7.15 49.36 -60.57
C ASP D 84 -6.07 48.60 -61.33
N ALA D 85 -5.16 49.30 -62.00
CA ALA D 85 -4.10 48.67 -62.76
C ALA D 85 -2.85 48.38 -61.94
N ALA D 86 -2.97 48.45 -60.61
CA ALA D 86 -1.82 48.28 -59.74
C ALA D 86 -1.73 46.84 -59.23
N ASP D 87 -0.70 46.60 -58.43
CA ASP D 87 -0.49 45.27 -57.86
C ASP D 87 -1.32 45.11 -56.59
N TYR D 88 -1.76 43.88 -56.36
CA TYR D 88 -2.57 43.55 -55.20
C TYR D 88 -1.92 42.44 -54.41
N TYR D 89 -2.07 42.51 -53.09
CA TYR D 89 -1.43 41.58 -52.18
C TYR D 89 -2.45 41.13 -51.14
N CYS D 90 -2.37 39.87 -50.75
CA CYS D 90 -3.17 39.36 -49.66
C CYS D 90 -2.25 39.10 -48.46
N CYS D 91 -2.75 39.41 -47.27
CA CYS D 91 -1.98 39.32 -46.05
C CYS D 91 -2.81 38.57 -45.03
N SER D 92 -2.15 37.77 -44.19
CA SER D 92 -2.91 36.97 -43.26
C SER D 92 -2.12 36.69 -41.99
N TYR D 93 -2.86 36.42 -40.93
CA TYR D 93 -2.29 35.83 -39.73
C TYR D 93 -1.79 34.43 -40.05
N ALA D 94 -0.72 34.03 -39.37
CA ALA D 94 -0.15 32.71 -39.57
C ALA D 94 0.48 32.23 -38.28
N GLY D 95 0.04 31.07 -37.82
CA GLY D 95 0.76 30.30 -36.82
C GLY D 95 0.88 30.98 -35.48
N SER D 96 2.10 30.96 -34.95
CA SER D 96 2.39 31.50 -33.63
C SER D 96 2.70 32.99 -33.77
N SER D 97 1.62 33.77 -33.93
CA SER D 97 1.65 35.23 -33.95
C SER D 97 2.54 35.79 -35.06
N THR D 98 2.48 35.22 -36.25
CA THR D 98 3.23 35.76 -37.38
C THR D 98 2.28 36.33 -38.42
N VAL D 99 2.85 37.15 -39.31
CA VAL D 99 2.09 37.82 -40.34
C VAL D 99 2.75 37.50 -41.68
N ILE D 100 1.96 36.98 -42.63
CA ILE D 100 2.51 36.55 -43.91
C ILE D 100 1.77 37.25 -45.05
N PHE D 101 2.40 37.22 -46.22
CA PHE D 101 1.85 37.81 -47.44
C PHE D 101 1.82 36.77 -48.53
N GLY D 102 0.83 36.88 -49.42
CA GLY D 102 0.69 35.91 -50.50
C GLY D 102 1.77 36.05 -51.55
N GLY D 103 2.07 37.27 -51.97
CA GLY D 103 3.15 37.51 -52.91
C GLY D 103 2.88 38.50 -54.01
N GLY D 104 1.64 38.56 -54.51
CA GLY D 104 1.32 39.59 -55.49
C GLY D 104 0.67 39.16 -56.77
N THR D 105 -0.33 39.93 -57.22
CA THR D 105 -0.96 39.76 -58.51
C THR D 105 -0.96 41.10 -59.24
N LYS D 106 -0.40 41.12 -60.44
CA LYS D 106 -0.40 42.31 -61.30
C LYS D 106 -1.74 42.35 -62.03
N VAL D 107 -2.50 43.41 -61.83
CA VAL D 107 -3.77 43.59 -62.54
C VAL D 107 -3.53 44.51 -63.73
N THR D 108 -3.92 44.03 -64.91
CA THR D 108 -3.72 44.76 -66.15
C THR D 108 -5.07 45.19 -66.70
N VAL D 109 -5.33 46.49 -66.70
CA VAL D 109 -6.59 47.03 -67.18
C VAL D 109 -6.49 47.22 -68.69
N LEU D 110 -7.29 46.48 -69.43
CA LEU D 110 -7.22 46.48 -70.89
C LEU D 110 -8.00 47.63 -71.49
N ASN E 25 -58.04 -24.71 -18.09
CA ASN E 25 -57.70 -26.09 -18.40
C ASN E 25 -56.27 -26.39 -17.97
N LEU E 26 -55.31 -25.99 -18.79
CA LEU E 26 -53.91 -26.24 -18.51
C LEU E 26 -53.42 -25.35 -17.36
N TRP E 27 -52.45 -25.88 -16.62
CA TRP E 27 -51.94 -25.20 -15.44
C TRP E 27 -50.44 -25.06 -15.54
N VAL E 28 -49.94 -23.85 -15.32
CA VAL E 28 -48.50 -23.62 -15.27
C VAL E 28 -47.94 -24.21 -13.98
N THR E 29 -46.72 -24.73 -14.06
CA THR E 29 -45.99 -25.28 -12.92
C THR E 29 -44.54 -24.88 -13.08
N VAL E 30 -43.84 -24.79 -11.95
CA VAL E 30 -42.43 -24.44 -11.94
C VAL E 30 -41.66 -25.49 -11.15
N TYR E 31 -40.45 -25.78 -11.61
CA TYR E 31 -39.61 -26.82 -11.07
C TYR E 31 -38.28 -26.22 -10.62
N TYR E 32 -37.78 -26.70 -9.50
CA TYR E 32 -36.54 -26.22 -8.91
C TYR E 32 -35.44 -27.24 -9.08
N GLY E 33 -34.35 -26.82 -9.71
CA GLY E 33 -33.26 -27.74 -9.99
C GLY E 33 -33.25 -28.31 -11.38
N VAL E 34 -33.71 -27.56 -12.37
CA VAL E 34 -33.73 -28.08 -13.74
C VAL E 34 -32.31 -28.06 -14.30
N PRO E 35 -31.96 -28.95 -15.22
CA PRO E 35 -30.61 -28.91 -15.80
C PRO E 35 -30.49 -28.08 -17.08
N VAL E 36 -30.51 -26.76 -16.92
CA VAL E 36 -30.22 -25.83 -18.01
C VAL E 36 -29.17 -24.85 -17.53
N TRP E 37 -28.48 -24.24 -18.49
CA TRP E 37 -27.42 -23.30 -18.16
C TRP E 37 -27.44 -22.15 -19.15
N LYS E 38 -26.48 -21.24 -18.98
CA LYS E 38 -26.34 -20.11 -19.88
C LYS E 38 -24.88 -19.66 -19.87
N GLU E 39 -24.48 -18.99 -20.95
CA GLU E 39 -23.15 -18.39 -20.99
C GLU E 39 -23.08 -17.19 -20.05
N ALA E 40 -21.96 -17.11 -19.31
CA ALA E 40 -21.79 -16.04 -18.35
C ALA E 40 -20.30 -15.85 -18.08
N LYS E 41 -19.98 -14.73 -17.44
CA LYS E 41 -18.63 -14.47 -16.96
C LYS E 41 -18.64 -14.44 -15.44
N THR E 42 -17.58 -14.98 -14.83
CA THR E 42 -17.50 -15.00 -13.37
C THR E 42 -16.04 -15.03 -12.96
N THR E 43 -15.81 -14.79 -11.68
CA THR E 43 -14.45 -14.72 -11.14
C THR E 43 -14.08 -16.10 -10.62
N LEU E 44 -13.24 -16.81 -11.36
CA LEU E 44 -12.78 -18.11 -10.89
C LEU E 44 -11.71 -17.93 -9.83
N PHE E 45 -11.42 -19.02 -9.12
CA PHE E 45 -10.44 -18.95 -8.04
C PHE E 45 -9.53 -20.16 -8.08
N CYS E 46 -8.33 -19.98 -7.51
CA CYS E 46 -7.28 -20.97 -7.60
C CYS E 46 -7.51 -22.14 -6.66
N ALA E 47 -6.92 -23.27 -7.02
CA ALA E 47 -6.85 -24.44 -6.18
C ALA E 47 -5.64 -25.25 -6.62
N SER E 48 -4.74 -25.52 -5.68
CA SER E 48 -3.50 -26.22 -6.00
C SER E 48 -3.76 -27.72 -6.07
N ASP E 49 -2.70 -28.49 -6.18
CA ASP E 49 -2.80 -29.94 -6.29
C ASP E 49 -2.78 -30.63 -4.94
N ALA E 50 -2.86 -29.86 -3.84
CA ALA E 50 -2.73 -30.32 -2.45
C ALA E 50 -1.41 -31.03 -2.21
N ARG E 51 -0.35 -30.61 -2.87
CA ARG E 51 0.94 -31.25 -2.74
C ARG E 51 2.05 -30.27 -2.43
N ALA E 52 2.01 -29.06 -3.01
CA ALA E 52 3.10 -28.12 -2.88
C ALA E 52 3.12 -27.45 -1.50
N TYR E 53 3.40 -28.23 -0.47
CA TYR E 53 3.44 -27.74 0.90
C TYR E 53 4.68 -28.34 1.56
N GLU E 54 5.60 -27.48 1.94
CA GLU E 54 6.93 -27.88 2.37
C GLU E 54 7.49 -26.77 3.24
N LYS E 55 8.80 -26.80 3.47
CA LYS E 55 9.47 -25.74 4.22
C LYS E 55 9.48 -24.43 3.44
N GLU E 56 9.36 -24.49 2.12
CA GLU E 56 9.39 -23.31 1.28
C GLU E 56 7.99 -22.94 0.83
N VAL E 57 7.61 -21.69 1.08
CA VAL E 57 6.31 -21.18 0.66
C VAL E 57 6.44 -20.04 -0.33
N HIS E 58 7.65 -19.56 -0.60
CA HIS E 58 7.80 -18.37 -1.42
C HIS E 58 7.99 -18.73 -2.89
N ASN E 59 7.10 -19.54 -3.43
CA ASN E 59 6.99 -19.62 -4.87
C ASN E 59 6.43 -18.31 -5.39
N VAL E 60 6.83 -17.92 -6.61
CA VAL E 60 6.43 -16.62 -7.13
C VAL E 60 4.96 -16.63 -7.51
N TRP E 61 4.40 -17.80 -7.78
CA TRP E 61 2.97 -17.84 -8.11
C TRP E 61 2.09 -17.98 -6.88
N ALA E 62 2.68 -18.07 -5.69
CA ALA E 62 1.98 -18.05 -4.40
C ALA E 62 0.92 -19.15 -4.31
N THR E 63 1.25 -20.33 -4.81
CA THR E 63 0.27 -21.39 -4.94
C THR E 63 -0.05 -22.06 -3.61
N HIS E 64 0.68 -21.74 -2.55
CA HIS E 64 0.39 -22.33 -1.25
C HIS E 64 -0.92 -21.80 -0.67
N ALA E 65 -1.32 -20.59 -1.05
CA ALA E 65 -2.53 -20.01 -0.48
C ALA E 65 -3.80 -20.55 -1.09
N CYS E 66 -3.70 -21.34 -2.15
CA CYS E 66 -4.89 -21.86 -2.82
C CYS E 66 -5.55 -22.95 -1.98
N VAL E 67 -6.79 -23.25 -2.32
CA VAL E 67 -7.54 -24.29 -1.62
C VAL E 67 -7.04 -25.66 -2.07
N PRO E 68 -6.72 -26.57 -1.14
CA PRO E 68 -6.29 -27.91 -1.57
C PRO E 68 -7.43 -28.72 -2.14
N THR E 69 -7.18 -29.29 -3.32
CA THR E 69 -8.14 -30.19 -3.95
C THR E 69 -8.02 -31.56 -3.31
N ASP E 70 -8.88 -31.80 -2.32
CA ASP E 70 -8.86 -33.08 -1.61
C ASP E 70 -9.28 -34.28 -2.46
N PRO E 71 -10.47 -34.35 -3.06
CA PRO E 71 -10.90 -35.62 -3.66
C PRO E 71 -10.30 -35.83 -5.05
N SER E 72 -10.77 -36.89 -5.69
CA SER E 72 -10.38 -37.19 -7.05
C SER E 72 -11.01 -36.19 -8.01
N PRO E 73 -10.40 -35.98 -9.18
CA PRO E 73 -11.05 -35.18 -10.21
C PRO E 73 -12.34 -35.84 -10.70
N GLN E 74 -13.31 -35.01 -11.08
CA GLN E 74 -14.62 -35.49 -11.45
C GLN E 74 -14.60 -36.18 -12.80
N GLU E 75 -15.36 -37.26 -12.91
CA GLU E 75 -15.51 -38.01 -14.15
C GLU E 75 -16.86 -37.74 -14.80
N LEU E 76 -17.34 -36.50 -14.71
CA LEU E 76 -18.74 -36.18 -14.94
C LEU E 76 -19.00 -35.99 -16.43
N VAL E 77 -19.13 -37.13 -17.12
CA VAL E 77 -19.51 -37.13 -18.52
C VAL E 77 -21.02 -36.98 -18.62
N LEU E 78 -21.49 -36.19 -19.58
CA LEU E 78 -22.91 -35.88 -19.67
C LEU E 78 -23.63 -36.84 -20.61
N GLY E 79 -23.23 -36.88 -21.88
CA GLY E 79 -23.93 -37.67 -22.86
C GLY E 79 -25.16 -36.96 -23.42
N ASN E 80 -25.42 -37.17 -24.71
CA ASN E 80 -26.52 -36.56 -25.47
C ASN E 80 -26.47 -35.04 -25.46
N VAL E 81 -25.28 -34.46 -25.37
CA VAL E 81 -25.11 -33.03 -25.21
C VAL E 81 -24.20 -32.50 -26.33
N THR E 82 -24.68 -31.51 -27.07
CA THR E 82 -23.89 -30.80 -28.05
C THR E 82 -23.85 -29.32 -27.68
N GLU E 83 -22.67 -28.72 -27.80
CA GLU E 83 -22.49 -27.34 -27.37
C GLU E 83 -21.42 -26.70 -28.25
N ASN E 84 -21.66 -25.45 -28.64
CA ASN E 84 -20.70 -24.69 -29.43
C ASN E 84 -19.67 -24.04 -28.53
N PHE E 85 -18.43 -24.01 -29.01
CA PHE E 85 -17.30 -23.48 -28.26
C PHE E 85 -16.55 -22.47 -29.11
N ASN E 86 -15.95 -21.48 -28.44
CA ASN E 86 -15.11 -20.50 -29.13
C ASN E 86 -14.00 -20.12 -28.15
N MET E 87 -12.84 -20.76 -28.29
CA MET E 87 -11.77 -20.47 -27.36
C MET E 87 -11.00 -19.21 -27.71
N TRP E 88 -11.24 -18.62 -28.90
CA TRP E 88 -10.66 -17.31 -29.14
C TRP E 88 -11.48 -16.21 -28.48
N LYS E 89 -12.72 -16.50 -28.11
CA LYS E 89 -13.55 -15.55 -27.38
C LYS E 89 -13.67 -15.89 -25.90
N ASN E 90 -12.85 -16.80 -25.39
CA ASN E 90 -12.95 -17.21 -24.00
C ASN E 90 -12.51 -16.11 -23.06
N ASP E 91 -13.29 -15.91 -22.00
CA ASP E 91 -12.98 -14.89 -21.00
C ASP E 91 -11.86 -15.31 -20.07
N MET E 92 -11.68 -16.61 -19.84
CA MET E 92 -10.80 -17.08 -18.77
C MET E 92 -9.33 -16.79 -19.05
N VAL E 93 -8.96 -16.65 -20.31
CA VAL E 93 -7.56 -16.39 -20.65
C VAL E 93 -7.16 -14.98 -20.22
N ASP E 94 -8.08 -14.03 -20.32
CA ASP E 94 -7.77 -12.67 -19.88
C ASP E 94 -7.66 -12.60 -18.36
N GLN E 95 -8.51 -13.37 -17.67
CA GLN E 95 -8.39 -13.47 -16.21
C GLN E 95 -7.06 -14.10 -15.82
N MET E 96 -6.62 -15.11 -16.58
CA MET E 96 -5.34 -15.74 -16.31
C MET E 96 -4.18 -14.77 -16.50
N HIS E 97 -4.22 -13.98 -17.56
CA HIS E 97 -3.17 -13.01 -17.82
C HIS E 97 -3.12 -11.93 -16.75
N GLU E 98 -4.30 -11.46 -16.33
CA GLU E 98 -4.36 -10.46 -15.26
C GLU E 98 -3.88 -11.03 -13.94
N ASP E 99 -4.19 -12.29 -13.65
CA ASP E 99 -3.75 -12.89 -12.40
C ASP E 99 -2.25 -13.11 -12.38
N ILE E 100 -1.67 -13.49 -13.52
CA ILE E 100 -0.22 -13.66 -13.59
C ILE E 100 0.49 -12.33 -13.40
N ILE E 101 -0.04 -11.27 -14.02
CA ILE E 101 0.53 -9.93 -13.85
C ILE E 101 0.43 -9.48 -12.39
N SER E 102 -0.73 -9.69 -11.76
CA SER E 102 -0.93 -9.29 -10.39
C SER E 102 -0.05 -10.08 -9.43
N LEU E 103 0.12 -11.38 -9.67
CA LEU E 103 1.02 -12.19 -8.86
C LEU E 103 2.45 -11.72 -8.99
N TRP E 104 2.85 -11.36 -10.21
CA TRP E 104 4.20 -10.87 -10.44
C TRP E 104 4.44 -9.57 -9.68
N ASP E 105 3.47 -8.67 -9.71
CA ASP E 105 3.61 -7.40 -9.01
C ASP E 105 3.63 -7.60 -7.50
N GLN E 106 2.77 -8.48 -6.98
CA GLN E 106 2.70 -8.65 -5.53
C GLN E 106 3.87 -9.47 -5.02
N SER E 107 4.52 -10.24 -5.89
CA SER E 107 5.71 -10.96 -5.47
C SER E 107 6.95 -10.08 -5.54
N LEU E 108 7.02 -9.22 -6.55
CA LEU E 108 8.17 -8.36 -6.71
C LEU E 108 8.06 -7.08 -5.90
N LYS E 109 6.90 -6.84 -5.26
CA LYS E 109 6.70 -5.62 -4.49
C LYS E 109 7.61 -5.46 -3.27
N PRO E 110 7.74 -6.42 -2.34
CA PRO E 110 8.53 -6.11 -1.14
C PRO E 110 10.03 -6.31 -1.30
N CYS E 111 10.53 -6.63 -2.50
CA CYS E 111 11.94 -6.92 -2.63
C CYS E 111 12.76 -5.63 -2.73
N VAL E 112 14.08 -5.82 -2.88
CA VAL E 112 15.02 -4.71 -2.80
C VAL E 112 15.05 -3.94 -4.13
N LYS E 113 15.15 -2.63 -4.03
CA LYS E 113 15.19 -1.74 -5.19
C LYS E 113 16.62 -1.46 -5.61
N LEU E 114 16.76 -1.00 -6.86
CA LEU E 114 18.06 -0.66 -7.43
C LEU E 114 18.16 0.80 -7.83
N THR E 115 17.46 1.69 -7.12
CA THR E 115 17.60 3.11 -7.38
C THR E 115 19.01 3.68 -7.13
N PRO E 116 19.73 3.40 -6.03
CA PRO E 116 21.05 4.03 -5.89
C PRO E 116 22.11 3.47 -6.81
N LEU E 117 21.89 2.30 -7.39
CA LEU E 117 22.92 1.67 -8.19
C LEU E 117 23.10 2.33 -9.55
N CYS E 118 22.08 3.01 -10.05
CA CYS E 118 22.13 3.61 -11.38
C CYS E 118 23.05 4.83 -11.35
N VAL E 119 24.35 4.58 -11.51
CA VAL E 119 25.38 5.60 -11.48
C VAL E 119 26.25 5.45 -12.72
N THR E 120 27.29 6.26 -12.79
CA THR E 120 28.26 6.14 -13.87
C THR E 120 29.09 4.88 -13.68
N LEU E 121 29.23 4.09 -14.74
CA LEU E 121 29.99 2.86 -14.71
C LEU E 121 31.23 3.02 -15.59
N ILE E 122 32.39 2.71 -15.04
CA ILE E 122 33.63 2.67 -15.79
C ILE E 122 33.95 1.20 -16.07
N CYS E 123 33.98 0.83 -17.34
CA CYS E 123 33.96 -0.57 -17.72
C CYS E 123 35.11 -0.91 -18.65
N SER E 124 35.48 -2.18 -18.65
CA SER E 124 36.56 -2.68 -19.48
C SER E 124 36.30 -4.15 -19.81
N ASP E 125 37.21 -4.70 -20.60
CA ASP E 125 37.10 -6.09 -21.04
C ASP E 125 37.32 -7.05 -19.87
N ALA E 126 36.53 -8.11 -19.85
CA ALA E 126 36.62 -9.15 -18.83
C ALA E 126 37.14 -10.47 -19.37
N THR E 127 36.61 -10.93 -20.50
CA THR E 127 37.12 -12.14 -21.13
C THR E 127 38.45 -11.87 -21.81
N VAL E 128 39.34 -12.86 -21.79
CA VAL E 128 40.60 -12.76 -22.51
C VAL E 128 40.44 -13.12 -23.99
N LYS E 129 39.26 -13.61 -24.38
CA LYS E 129 39.02 -14.04 -25.75
C LYS E 129 38.67 -12.85 -26.63
N THR E 130 38.16 -13.15 -27.83
CA THR E 130 37.63 -12.13 -28.72
C THR E 130 36.35 -12.59 -29.41
N GLY E 131 35.80 -13.74 -29.01
CA GLY E 131 34.59 -14.24 -29.65
C GLY E 131 33.86 -15.17 -28.71
N THR E 132 32.77 -15.76 -29.24
CA THR E 132 31.89 -16.71 -28.58
C THR E 132 31.28 -16.18 -27.30
N VAL E 133 32.09 -16.11 -26.24
CA VAL E 133 31.61 -15.79 -24.90
C VAL E 133 32.07 -14.39 -24.49
N GLU E 134 32.22 -13.50 -25.47
CA GLU E 134 32.75 -12.15 -25.26
C GLU E 134 31.77 -11.23 -24.52
N GLU E 135 30.57 -11.72 -24.20
CA GLU E 135 29.53 -10.88 -23.60
C GLU E 135 29.88 -10.43 -22.18
N MET E 136 30.86 -11.06 -21.55
CA MET E 136 31.27 -10.64 -20.22
C MET E 136 31.98 -9.29 -20.28
N LYS E 137 31.63 -8.39 -19.36
CA LYS E 137 32.36 -7.16 -19.18
C LYS E 137 32.56 -6.91 -17.70
N ASN E 138 33.63 -6.19 -17.39
CA ASN E 138 33.94 -5.81 -16.02
C ASN E 138 33.61 -4.33 -15.86
N CYS E 139 33.11 -3.95 -14.69
CA CYS E 139 32.71 -2.57 -14.47
C CYS E 139 33.01 -2.19 -13.03
N SER E 140 33.17 -0.89 -12.81
CA SER E 140 33.40 -0.33 -11.49
C SER E 140 32.58 0.95 -11.35
N PHE E 141 32.27 1.28 -10.11
CA PHE E 141 31.31 2.33 -9.80
C PHE E 141 31.52 2.76 -8.35
N ASN E 142 30.60 3.61 -7.86
CA ASN E 142 30.64 4.11 -6.49
C ASN E 142 29.33 3.74 -5.81
N THR E 143 29.39 2.85 -4.85
CA THR E 143 28.22 2.52 -4.08
C THR E 143 28.15 3.38 -2.82
N THR E 144 26.97 3.41 -2.23
CA THR E 144 26.75 4.06 -0.95
C THR E 144 26.73 3.00 0.14
N THR E 145 27.50 3.24 1.20
CA THR E 145 27.56 2.31 2.32
C THR E 145 26.35 2.52 3.23
N GLU E 146 26.44 1.96 4.43
CA GLU E 146 25.42 2.19 5.45
C GLU E 146 25.37 3.66 5.82
N ILE E 147 26.52 4.27 5.99
CA ILE E 147 26.61 5.69 6.29
C ILE E 147 26.38 6.47 5.00
N ARG E 148 25.63 7.56 5.09
CA ARG E 148 25.30 8.36 3.91
C ARG E 148 26.55 9.05 3.34
N ASP E 149 27.44 9.53 4.22
CA ASP E 149 28.57 10.31 3.76
C ASP E 149 29.75 9.46 3.29
N LYS E 150 29.68 8.14 3.43
CA LYS E 150 30.79 7.26 3.05
C LYS E 150 30.46 6.59 1.73
N GLU E 151 31.11 7.04 0.67
CA GLU E 151 31.00 6.40 -0.62
C GLU E 151 32.17 5.44 -0.80
N LYS E 152 31.90 4.30 -1.44
CA LYS E 152 32.88 3.23 -1.53
C LYS E 152 33.01 2.79 -2.99
N LYS E 153 34.25 2.68 -3.46
CA LYS E 153 34.48 2.18 -4.81
C LYS E 153 34.17 0.69 -4.86
N GLU E 154 33.52 0.26 -5.94
CA GLU E 154 33.03 -1.10 -6.03
C GLU E 154 33.15 -1.60 -7.45
N TYR E 155 33.16 -2.93 -7.62
CA TYR E 155 33.29 -3.54 -8.93
C TYR E 155 32.26 -4.65 -9.07
N ALA E 156 31.89 -4.93 -10.32
CA ALA E 156 30.97 -6.02 -10.61
C ALA E 156 31.16 -6.45 -12.06
N LEU E 157 30.74 -7.67 -12.34
CA LEU E 157 30.72 -8.20 -13.71
C LEU E 157 29.31 -8.09 -14.27
N PHE E 158 29.25 -7.92 -15.58
CA PHE E 158 27.96 -7.78 -16.25
C PHE E 158 27.99 -8.46 -17.61
N TYR E 159 26.79 -8.57 -18.17
CA TYR E 159 26.61 -9.02 -19.53
C TYR E 159 26.54 -7.81 -20.44
N LYS E 160 27.01 -7.98 -21.67
CA LYS E 160 26.95 -6.90 -22.66
C LYS E 160 25.53 -6.45 -23.03
N PRO E 161 24.51 -7.30 -23.15
CA PRO E 161 23.15 -6.75 -23.36
C PRO E 161 22.61 -5.93 -22.19
N ASP E 162 23.10 -6.15 -20.98
CA ASP E 162 22.60 -5.39 -19.84
C ASP E 162 23.09 -3.94 -19.87
N ILE E 163 24.37 -3.74 -20.15
CA ILE E 163 24.97 -2.43 -20.06
C ILE E 163 24.87 -1.72 -21.40
N VAL E 164 24.84 -0.40 -21.35
CA VAL E 164 24.77 0.45 -22.53
C VAL E 164 25.90 1.46 -22.41
N PRO E 165 26.67 1.71 -23.48
CA PRO E 165 27.64 2.80 -23.43
C PRO E 165 26.94 4.13 -23.24
N LEU E 166 27.58 5.02 -22.46
CA LEU E 166 26.95 6.26 -22.07
C LEU E 166 26.81 7.20 -23.27
N SER E 167 25.96 8.20 -23.12
CA SER E 167 25.73 9.17 -24.18
C SER E 167 26.99 10.00 -24.41
N GLU E 168 27.11 10.50 -25.65
CA GLU E 168 28.22 11.32 -26.17
C GLU E 168 29.61 10.75 -25.86
N THR E 169 29.71 9.42 -25.83
CA THR E 169 30.97 8.78 -25.47
C THR E 169 31.99 8.92 -26.60
N ASN E 170 33.24 9.12 -26.22
CA ASN E 170 34.35 9.11 -27.17
C ASN E 170 35.00 7.72 -27.22
N ASN E 171 34.14 6.72 -27.43
CA ASN E 171 34.48 5.29 -27.28
C ASN E 171 35.10 5.01 -25.92
N THR E 172 34.56 5.64 -24.88
CA THR E 172 35.16 5.61 -23.56
C THR E 172 34.66 4.43 -22.75
N SER E 173 35.01 4.42 -21.48
CA SER E 173 34.59 3.40 -20.55
C SER E 173 33.27 3.72 -19.87
N GLU E 174 32.65 4.84 -20.22
CA GLU E 174 31.46 5.31 -19.54
C GLU E 174 30.24 4.49 -19.95
N TYR E 175 29.55 3.95 -18.95
CA TYR E 175 28.48 3.00 -19.19
C TYR E 175 27.37 3.20 -18.17
N ARG E 176 26.19 2.66 -18.49
CA ARG E 176 25.04 2.72 -17.62
C ARG E 176 24.19 1.48 -17.84
N LEU E 177 23.11 1.39 -17.07
CA LEU E 177 22.17 0.30 -17.26
C LEU E 177 21.19 0.63 -18.37
N ILE E 178 20.55 -0.43 -18.89
CA ILE E 178 19.58 -0.26 -19.97
C ILE E 178 18.33 0.44 -19.48
N ASN E 179 17.90 0.15 -18.26
CA ASN E 179 16.58 0.61 -17.83
C ASN E 179 16.59 1.99 -17.19
N CYS E 180 17.76 2.62 -17.05
CA CYS E 180 17.86 3.87 -16.30
C CYS E 180 17.18 5.05 -16.98
N ASN E 181 16.99 4.99 -18.29
CA ASN E 181 16.24 6.02 -18.98
C ASN E 181 14.81 5.58 -19.30
N THR E 182 14.34 4.49 -18.70
CA THR E 182 12.98 4.02 -18.91
C THR E 182 12.15 4.06 -17.65
N SER E 183 12.61 3.41 -16.57
CA SER E 183 11.85 3.30 -15.33
C SER E 183 12.81 2.84 -14.24
N ALA E 184 12.25 2.49 -13.09
CA ALA E 184 13.04 1.91 -12.02
C ALA E 184 13.14 0.40 -12.22
N CYS E 185 13.81 -0.25 -11.28
CA CYS E 185 13.93 -1.70 -11.33
C CYS E 185 14.12 -2.22 -9.92
N THR E 186 13.73 -3.50 -9.73
CA THR E 186 13.90 -4.17 -8.45
C THR E 186 14.48 -5.55 -8.69
N GLN E 187 15.42 -5.96 -7.86
CA GLN E 187 15.95 -7.31 -7.96
C GLN E 187 14.96 -8.29 -7.34
N ALA E 188 15.10 -9.55 -7.71
CA ALA E 188 14.26 -10.58 -7.13
C ALA E 188 14.82 -11.00 -5.79
N CYS E 189 13.93 -11.32 -4.86
CA CYS E 189 14.37 -11.85 -3.58
C CYS E 189 14.94 -13.25 -3.77
N PRO E 190 16.04 -13.59 -3.09
CA PRO E 190 16.69 -14.89 -3.35
C PRO E 190 15.90 -16.08 -2.86
N LYS E 191 14.91 -15.89 -1.98
CA LYS E 191 14.08 -17.00 -1.55
C LYS E 191 13.04 -17.38 -2.58
N VAL E 192 12.84 -16.54 -3.60
CA VAL E 192 11.76 -16.74 -4.56
C VAL E 192 12.14 -17.86 -5.53
N THR E 193 11.26 -18.84 -5.67
CA THR E 193 11.48 -19.97 -6.54
C THR E 193 10.51 -19.89 -7.72
N PHE E 194 11.03 -20.02 -8.94
CA PHE E 194 10.25 -19.82 -10.15
C PHE E 194 9.79 -21.13 -10.78
N GLU E 195 9.61 -22.16 -9.98
CA GLU E 195 9.16 -23.44 -10.52
C GLU E 195 7.67 -23.36 -10.87
N PRO E 196 7.28 -23.75 -12.07
CA PRO E 196 5.86 -23.68 -12.45
C PRO E 196 5.02 -24.73 -11.77
N ILE E 197 4.57 -24.45 -10.55
CA ILE E 197 3.62 -25.33 -9.87
C ILE E 197 2.29 -25.28 -10.60
N PRO E 198 1.62 -26.41 -10.84
CA PRO E 198 0.35 -26.39 -11.56
C PRO E 198 -0.75 -25.72 -10.76
N ILE E 199 -1.71 -25.15 -11.50
CA ILE E 199 -2.80 -24.38 -10.94
C ILE E 199 -4.10 -24.93 -11.50
N HIS E 200 -5.05 -25.23 -10.62
CA HIS E 200 -6.39 -25.63 -11.01
C HIS E 200 -7.34 -24.45 -10.83
N TYR E 201 -7.90 -23.97 -11.93
CA TYR E 201 -8.97 -22.99 -11.84
C TYR E 201 -10.27 -23.68 -11.44
N CYS E 202 -11.02 -23.06 -10.55
CA CYS E 202 -12.33 -23.58 -10.16
C CYS E 202 -13.36 -22.47 -10.21
N ALA E 203 -14.55 -22.84 -10.69
CA ALA E 203 -15.70 -21.97 -10.72
C ALA E 203 -16.34 -21.93 -9.34
N PRO E 204 -17.05 -20.84 -9.00
CA PRO E 204 -17.78 -20.82 -7.73
C PRO E 204 -18.98 -21.74 -7.78
N ALA E 205 -19.50 -22.04 -6.60
CA ALA E 205 -20.69 -22.87 -6.49
C ALA E 205 -21.89 -22.13 -7.09
N GLY E 206 -22.67 -22.87 -7.87
CA GLY E 206 -23.72 -22.28 -8.66
C GLY E 206 -23.34 -22.05 -10.10
N TYR E 207 -22.06 -22.12 -10.42
CA TYR E 207 -21.57 -22.08 -11.79
C TYR E 207 -21.06 -23.46 -12.18
N ALA E 208 -20.63 -23.57 -13.43
CA ALA E 208 -20.15 -24.86 -13.90
C ALA E 208 -19.12 -24.65 -14.99
N ILE E 209 -18.30 -25.68 -15.17
CA ILE E 209 -17.25 -25.69 -16.19
C ILE E 209 -17.55 -26.83 -17.17
N LEU E 210 -17.74 -26.49 -18.43
CA LEU E 210 -17.96 -27.44 -19.49
C LEU E 210 -16.70 -27.53 -20.36
N LYS E 211 -16.28 -28.75 -20.67
CA LYS E 211 -15.11 -28.95 -21.51
C LYS E 211 -15.43 -29.93 -22.62
N CYS E 212 -14.71 -29.76 -23.73
CA CYS E 212 -14.83 -30.65 -24.87
C CYS E 212 -14.08 -31.94 -24.62
N ASN E 213 -14.57 -33.02 -25.23
CA ASN E 213 -13.84 -34.27 -25.21
C ASN E 213 -13.53 -34.79 -26.60
N ASP E 214 -13.98 -34.11 -27.64
CA ASP E 214 -13.73 -34.56 -29.00
C ASP E 214 -12.26 -34.34 -29.35
N GLU E 215 -11.62 -35.39 -29.85
CA GLU E 215 -10.18 -35.41 -29.99
C GLU E 215 -9.69 -34.56 -31.16
N THR E 216 -10.57 -34.24 -32.11
CA THR E 216 -10.20 -33.45 -33.26
C THR E 216 -10.71 -32.02 -33.16
N PHE E 217 -11.11 -31.61 -31.97
CA PHE E 217 -11.68 -30.28 -31.77
C PHE E 217 -10.58 -29.24 -31.89
N ASN E 218 -10.61 -28.47 -32.96
CA ASN E 218 -9.54 -27.54 -33.32
C ASN E 218 -9.76 -26.15 -32.74
N GLY E 219 -10.60 -26.03 -31.71
CA GLY E 219 -10.82 -24.78 -31.04
C GLY E 219 -12.10 -24.07 -31.38
N THR E 220 -12.74 -24.41 -32.50
CA THR E 220 -14.03 -23.85 -32.85
C THR E 220 -14.96 -24.99 -33.25
N GLY E 221 -16.26 -24.68 -33.27
CA GLY E 221 -17.25 -25.64 -33.67
C GLY E 221 -17.86 -26.38 -32.49
N PRO E 222 -19.00 -27.02 -32.72
CA PRO E 222 -19.68 -27.72 -31.62
C PRO E 222 -19.00 -29.04 -31.30
N CYS E 223 -18.98 -29.37 -30.01
CA CYS E 223 -18.40 -30.63 -29.57
C CYS E 223 -19.51 -31.64 -29.30
N SER E 224 -19.40 -32.81 -29.90
CA SER E 224 -20.38 -33.86 -29.66
C SER E 224 -20.23 -34.45 -28.26
N ASN E 225 -19.02 -34.43 -27.73
CA ASN E 225 -18.74 -35.02 -26.43
C ASN E 225 -18.31 -33.93 -25.47
N VAL E 226 -19.21 -33.56 -24.55
CA VAL E 226 -19.00 -32.47 -23.63
C VAL E 226 -19.17 -33.00 -22.21
N SER E 227 -18.20 -32.70 -21.34
CA SER E 227 -18.29 -33.13 -19.95
C SER E 227 -18.09 -31.95 -19.03
N THR E 228 -18.85 -31.91 -17.95
CA THR E 228 -18.65 -30.90 -16.94
C THR E 228 -17.61 -31.35 -15.92
N VAL E 229 -17.06 -30.38 -15.20
CA VAL E 229 -16.06 -30.65 -14.19
C VAL E 229 -16.10 -29.51 -13.18
N GLN E 230 -15.76 -29.82 -11.92
CA GLN E 230 -15.71 -28.78 -10.90
C GLN E 230 -14.48 -27.91 -11.06
N CYS E 231 -13.33 -28.50 -11.35
CA CYS E 231 -12.09 -27.75 -11.44
C CYS E 231 -11.29 -28.22 -12.65
N THR E 232 -10.51 -27.30 -13.21
CA THR E 232 -9.69 -27.61 -14.36
C THR E 232 -8.51 -28.49 -13.95
N HIS E 233 -7.86 -29.08 -14.94
CA HIS E 233 -6.72 -29.93 -14.68
C HIS E 233 -5.47 -29.08 -14.42
N GLY E 234 -4.36 -29.75 -14.14
CA GLY E 234 -3.16 -29.08 -13.69
C GLY E 234 -2.39 -28.36 -14.78
N ILE E 235 -2.95 -27.26 -15.30
CA ILE E 235 -2.23 -26.47 -16.27
C ILE E 235 -1.10 -25.72 -15.59
N ARG E 236 -0.07 -25.41 -16.36
CA ARG E 236 1.14 -24.86 -15.80
C ARG E 236 1.37 -23.45 -16.31
N PRO E 237 1.84 -22.54 -15.46
CA PRO E 237 2.10 -21.17 -15.90
C PRO E 237 3.52 -20.99 -16.45
N VAL E 238 3.83 -21.74 -17.50
CA VAL E 238 5.18 -21.71 -18.05
C VAL E 238 5.34 -20.49 -18.93
N VAL E 239 6.29 -19.64 -18.58
CA VAL E 239 6.57 -18.43 -19.33
C VAL E 239 7.58 -18.77 -20.42
N SER E 240 7.17 -18.64 -21.68
CA SER E 240 8.04 -18.91 -22.81
C SER E 240 7.49 -18.20 -24.02
N THR E 241 8.34 -18.06 -25.03
CA THR E 241 7.90 -17.57 -26.32
C THR E 241 8.48 -18.45 -27.42
N GLN E 242 7.76 -18.54 -28.53
CA GLN E 242 8.06 -19.25 -29.78
C GLN E 242 8.02 -20.76 -29.65
N LEU E 243 7.89 -21.28 -28.43
CA LEU E 243 7.79 -22.72 -28.20
C LEU E 243 6.94 -22.95 -26.96
N LEU E 244 6.24 -24.07 -26.94
CA LEU E 244 5.49 -24.49 -25.75
C LEU E 244 6.31 -25.51 -24.99
N LEU E 245 6.52 -25.26 -23.70
CA LEU E 245 7.32 -26.15 -22.87
C LEU E 245 6.45 -26.77 -21.79
N ASN E 246 6.63 -28.08 -21.59
CA ASN E 246 5.98 -28.89 -20.56
C ASN E 246 4.46 -28.88 -20.66
N GLY E 247 3.91 -28.56 -21.83
CA GLY E 247 2.48 -28.42 -21.95
C GLY E 247 1.77 -29.75 -22.07
N SER E 248 0.45 -29.67 -22.10
CA SER E 248 -0.36 -30.86 -22.28
C SER E 248 -0.25 -31.36 -23.71
N LEU E 249 0.03 -32.65 -23.86
CA LEU E 249 0.22 -33.25 -25.18
C LEU E 249 -1.11 -33.36 -25.90
N ALA E 250 -1.04 -33.30 -27.23
CA ALA E 250 -2.20 -33.66 -28.03
C ALA E 250 -2.46 -35.15 -27.90
N GLU E 251 -3.74 -35.53 -28.02
CA GLU E 251 -4.11 -36.89 -27.67
C GLU E 251 -3.72 -37.89 -28.76
N LYS E 252 -4.19 -37.66 -29.98
CA LYS E 252 -3.95 -38.60 -31.06
C LYS E 252 -3.48 -37.95 -32.36
N GLU E 253 -3.70 -36.65 -32.54
CA GLU E 253 -3.43 -36.02 -33.83
C GLU E 253 -2.84 -34.65 -33.57
N ILE E 254 -1.92 -34.23 -34.44
CA ILE E 254 -1.32 -32.91 -34.35
C ILE E 254 -2.38 -31.89 -34.75
N VAL E 255 -2.67 -30.95 -33.85
CA VAL E 255 -3.78 -30.03 -34.03
C VAL E 255 -3.24 -28.68 -34.49
N ILE E 256 -3.88 -28.09 -35.48
CA ILE E 256 -3.58 -26.75 -35.93
C ILE E 256 -4.76 -25.87 -35.58
N ARG E 257 -4.52 -24.82 -34.79
CA ARG E 257 -5.57 -23.90 -34.41
C ARG E 257 -5.22 -22.49 -34.89
N SER E 258 -6.10 -21.91 -35.68
CA SER E 258 -5.94 -20.52 -36.08
C SER E 258 -7.32 -19.90 -36.19
N GLU E 259 -7.41 -18.60 -35.88
CA GLU E 259 -8.70 -17.94 -35.81
C GLU E 259 -9.34 -17.80 -37.18
N ASN E 260 -8.53 -17.65 -38.23
CA ASN E 260 -9.06 -17.56 -39.59
C ASN E 260 -8.32 -18.42 -40.60
N LEU E 261 -7.04 -18.75 -40.36
CA LEU E 261 -6.13 -19.59 -41.16
C LEU E 261 -5.75 -18.99 -42.51
N THR E 262 -6.47 -17.99 -42.99
CA THR E 262 -6.04 -17.31 -44.20
C THR E 262 -5.47 -15.94 -43.87
N ASN E 263 -5.97 -15.32 -42.81
CA ASN E 263 -5.41 -14.07 -42.35
C ASN E 263 -4.05 -14.32 -41.72
N ASN E 264 -3.04 -13.59 -42.19
CA ASN E 264 -1.70 -13.76 -41.66
C ASN E 264 -1.52 -13.06 -40.33
N ALA E 265 -2.46 -12.19 -39.94
CA ALA E 265 -2.38 -11.55 -38.64
C ALA E 265 -2.69 -12.52 -37.51
N LYS E 266 -3.44 -13.59 -37.79
CA LYS E 266 -3.74 -14.59 -36.78
C LYS E 266 -2.51 -15.45 -36.49
N ILE E 267 -2.42 -15.91 -35.26
CA ILE E 267 -1.29 -16.71 -34.82
C ILE E 267 -1.68 -18.18 -34.81
N ILE E 268 -0.91 -18.98 -35.52
CA ILE E 268 -1.16 -20.41 -35.62
C ILE E 268 -0.57 -21.08 -34.38
N ILE E 269 -1.42 -21.84 -33.68
CA ILE E 269 -1.00 -22.67 -32.56
C ILE E 269 -0.88 -24.09 -33.06
N VAL E 270 0.29 -24.69 -32.89
CA VAL E 270 0.55 -26.05 -33.33
C VAL E 270 0.69 -26.93 -32.10
N HIS E 271 -0.21 -27.89 -31.95
CA HIS E 271 -0.24 -28.80 -30.82
C HIS E 271 0.31 -30.14 -31.28
N LEU E 272 1.52 -30.46 -30.82
CA LEU E 272 2.20 -31.66 -31.25
C LEU E 272 1.65 -32.88 -30.52
N HIS E 273 1.58 -33.99 -31.24
CA HIS E 273 1.10 -35.22 -30.62
C HIS E 273 2.15 -35.82 -29.70
N THR E 274 3.41 -35.78 -30.08
CA THR E 274 4.46 -36.37 -29.27
C THR E 274 5.48 -35.30 -28.89
N PRO E 275 5.95 -35.31 -27.65
CA PRO E 275 6.89 -34.29 -27.20
C PRO E 275 8.28 -34.51 -27.79
N VAL E 276 9.02 -33.41 -27.89
CA VAL E 276 10.41 -33.44 -28.32
C VAL E 276 11.28 -32.98 -27.17
N GLU E 277 12.18 -33.85 -26.72
CA GLU E 277 12.92 -33.56 -25.50
C GLU E 277 14.12 -32.66 -25.81
N ILE E 278 14.28 -31.62 -24.98
CA ILE E 278 15.26 -30.58 -25.22
C ILE E 278 16.07 -30.34 -23.96
N VAL E 279 17.38 -30.21 -24.13
CA VAL E 279 18.30 -29.95 -23.02
C VAL E 279 18.81 -28.53 -23.16
N CYS E 280 18.88 -27.80 -22.05
CA CYS E 280 19.50 -26.49 -22.11
C CYS E 280 20.40 -26.31 -20.89
N THR E 281 21.56 -25.70 -21.13
CA THR E 281 22.50 -25.51 -20.03
C THR E 281 23.39 -24.30 -20.27
N ARG E 282 23.83 -23.70 -19.17
CA ARG E 282 24.93 -22.75 -19.12
C ARG E 282 26.10 -23.44 -18.43
N PRO E 283 27.18 -23.73 -19.14
CA PRO E 283 28.19 -24.63 -18.58
C PRO E 283 29.15 -23.98 -17.60
N ASN E 284 29.50 -22.71 -17.80
CA ASN E 284 30.64 -22.15 -17.08
C ASN E 284 30.29 -21.84 -15.62
N ASN E 285 31.27 -22.02 -14.75
CA ASN E 285 31.07 -21.89 -13.32
C ASN E 285 31.03 -20.42 -12.93
N ASN E 286 29.88 -19.97 -12.46
CA ASN E 286 29.68 -18.59 -12.06
C ASN E 286 29.72 -18.47 -10.54
N THR E 287 30.16 -17.31 -10.04
CA THR E 287 30.19 -17.04 -8.61
C THR E 287 29.31 -15.84 -8.30
N ARG E 288 28.66 -15.87 -7.14
CA ARG E 288 27.81 -14.79 -6.70
C ARG E 288 28.49 -14.00 -5.59
N LYS E 289 28.59 -12.69 -5.76
CA LYS E 289 29.11 -11.79 -4.75
C LYS E 289 27.99 -10.92 -4.19
N SER E 290 28.30 -10.20 -3.14
CA SER E 290 27.33 -9.35 -2.47
C SER E 290 27.89 -7.94 -2.34
N VAL E 291 27.01 -6.95 -2.53
CA VAL E 291 27.36 -5.55 -2.43
C VAL E 291 26.38 -4.87 -1.49
N ARG E 292 26.90 -4.22 -0.45
CA ARG E 292 26.05 -3.47 0.45
C ARG E 292 25.63 -2.16 -0.20
N ILE E 293 24.32 -1.91 -0.23
CA ILE E 293 23.79 -0.66 -0.77
C ILE E 293 22.82 -0.08 0.25
N GLY E 294 23.18 1.04 0.85
CA GLY E 294 22.28 1.77 1.71
C GLY E 294 22.01 1.09 3.04
N PRO E 295 21.02 1.57 3.77
CA PRO E 295 20.74 1.05 5.11
C PRO E 295 20.04 -0.31 5.06
N GLY E 296 20.77 -1.36 5.42
CA GLY E 296 20.19 -2.65 5.71
C GLY E 296 19.55 -3.40 4.56
N GLN E 297 20.14 -3.30 3.37
CA GLN E 297 19.64 -4.04 2.22
C GLN E 297 20.81 -4.26 1.27
N THR E 298 20.82 -5.42 0.63
CA THR E 298 21.98 -5.90 -0.10
C THR E 298 21.70 -6.07 -1.57
N PHE E 299 22.76 -6.06 -2.36
CA PHE E 299 22.70 -6.28 -3.79
C PHE E 299 23.58 -7.46 -4.18
N TYR E 300 23.11 -8.27 -5.10
CA TYR E 300 23.82 -9.46 -5.54
C TYR E 300 24.25 -9.30 -7.00
N ALA E 301 25.43 -9.82 -7.32
CA ALA E 301 25.96 -9.66 -8.67
C ALA E 301 26.93 -10.79 -8.95
N THR E 302 27.27 -10.91 -10.24
CA THR E 302 28.26 -11.88 -10.68
C THR E 302 29.65 -11.42 -10.28
N GLY E 303 30.34 -12.25 -9.51
CA GLY E 303 31.62 -11.87 -8.96
C GLY E 303 32.81 -12.35 -9.77
N ASP E 304 32.79 -13.62 -10.17
CA ASP E 304 33.92 -14.20 -10.90
C ASP E 304 33.43 -15.41 -11.66
N ILE E 305 34.22 -15.84 -12.63
CA ILE E 305 34.00 -17.07 -13.38
C ILE E 305 35.19 -17.99 -13.12
N ILE E 306 34.90 -19.23 -12.76
CA ILE E 306 35.94 -20.21 -12.49
C ILE E 306 36.04 -21.16 -13.67
N GLY E 307 37.23 -21.31 -14.21
CA GLY E 307 37.47 -22.24 -15.29
C GLY E 307 37.33 -21.61 -16.66
N ASP E 308 37.55 -22.43 -17.67
CA ASP E 308 37.46 -21.96 -19.04
C ASP E 308 36.00 -21.73 -19.40
N ILE E 309 35.72 -20.55 -19.97
CA ILE E 309 34.34 -20.18 -20.22
C ILE E 309 33.87 -20.89 -21.48
N LYS E 310 32.68 -21.49 -21.41
CA LYS E 310 32.13 -22.17 -22.57
C LYS E 310 30.74 -21.62 -22.86
N GLN E 311 30.31 -21.82 -24.10
CA GLN E 311 29.09 -21.19 -24.60
C GLN E 311 27.83 -21.83 -24.02
N ALA E 312 26.90 -21.00 -23.57
CA ALA E 312 25.60 -21.47 -23.13
C ALA E 312 24.78 -21.91 -24.31
N HIS E 313 24.14 -23.08 -24.20
CA HIS E 313 23.56 -23.67 -25.40
C HIS E 313 22.38 -24.56 -25.05
N CYS E 314 21.75 -25.07 -26.10
CA CYS E 314 20.66 -26.02 -26.01
C CYS E 314 20.87 -27.11 -27.05
N ASN E 315 20.34 -28.29 -26.76
CA ASN E 315 20.53 -29.49 -27.56
C ASN E 315 19.19 -30.13 -27.86
N ILE E 316 18.94 -30.41 -29.14
CA ILE E 316 17.70 -31.01 -29.62
C ILE E 316 18.05 -32.19 -30.50
N SER E 317 17.36 -33.31 -30.30
CA SER E 317 17.49 -34.47 -31.19
C SER E 317 16.97 -34.10 -32.57
N GLU E 318 17.87 -34.12 -33.55
CA GLU E 318 17.57 -33.54 -34.86
C GLU E 318 16.58 -34.39 -35.65
N GLU E 319 16.69 -35.73 -35.51
CA GLU E 319 15.86 -36.64 -36.29
C GLU E 319 14.39 -36.53 -35.88
N LYS E 320 14.13 -36.51 -34.58
CA LYS E 320 12.76 -36.40 -34.08
C LYS E 320 12.18 -35.03 -34.41
N TRP E 321 13.01 -33.99 -34.37
CA TRP E 321 12.57 -32.65 -34.74
C TRP E 321 12.20 -32.57 -36.20
N ASN E 322 12.99 -33.21 -37.08
CA ASN E 322 12.66 -33.19 -38.49
C ASN E 322 11.41 -34.01 -38.78
N ASP E 323 11.23 -35.13 -38.08
CA ASP E 323 10.01 -35.93 -38.26
C ASP E 323 8.78 -35.17 -37.79
N THR E 324 8.91 -34.44 -36.68
CA THR E 324 7.82 -33.62 -36.16
C THR E 324 7.47 -32.51 -37.13
N LEU E 325 8.49 -31.85 -37.68
CA LEU E 325 8.25 -30.79 -38.67
C LEU E 325 7.63 -31.36 -39.94
N GLN E 326 8.00 -32.59 -40.29
CA GLN E 326 7.44 -33.26 -41.46
C GLN E 326 5.96 -33.54 -41.28
N LYS E 327 5.58 -34.03 -40.11
CA LYS E 327 4.18 -34.32 -39.85
C LYS E 327 3.37 -33.02 -39.72
N VAL E 328 3.99 -31.97 -39.19
CA VAL E 328 3.35 -30.66 -39.14
C VAL E 328 3.14 -30.12 -40.56
N GLY E 329 4.10 -30.37 -41.43
CA GLY E 329 3.94 -30.01 -42.84
C GLY E 329 2.83 -30.79 -43.51
N ILE E 330 2.65 -32.05 -43.14
CA ILE E 330 1.53 -32.84 -43.64
C ILE E 330 0.20 -32.23 -43.19
N GLU E 331 0.10 -31.91 -41.91
CA GLU E 331 -1.14 -31.36 -41.36
C GLU E 331 -1.40 -29.94 -41.86
N LEU E 332 -0.37 -29.25 -42.31
CA LEU E 332 -0.56 -27.91 -42.84
C LEU E 332 -0.85 -27.93 -44.33
N GLN E 333 -0.25 -28.87 -45.06
CA GLN E 333 -0.49 -28.98 -46.49
C GLN E 333 -1.82 -29.64 -46.78
N LYS E 334 -2.40 -30.35 -45.80
CA LYS E 334 -3.78 -30.78 -45.98
C LYS E 334 -4.76 -29.65 -45.68
N HIS E 335 -4.31 -28.59 -45.00
CA HIS E 335 -5.09 -27.36 -44.90
C HIS E 335 -4.79 -26.38 -46.02
N PHE E 336 -3.61 -26.49 -46.63
CA PHE E 336 -3.24 -25.68 -47.79
C PHE E 336 -2.81 -26.61 -48.91
N PRO E 337 -3.75 -27.05 -49.75
CA PRO E 337 -3.41 -28.02 -50.79
C PRO E 337 -2.60 -27.39 -51.91
N ASN E 338 -1.73 -28.23 -52.49
CA ASN E 338 -0.90 -27.92 -53.66
C ASN E 338 0.01 -26.71 -53.43
N LYS E 339 0.50 -26.59 -52.20
CA LYS E 339 1.45 -25.54 -51.85
C LYS E 339 2.51 -26.15 -50.95
N THR E 340 3.74 -26.21 -51.44
CA THR E 340 4.87 -26.59 -50.61
C THR E 340 5.12 -25.52 -49.55
N ILE E 341 5.28 -25.94 -48.30
CA ILE E 341 5.56 -24.98 -47.24
C ILE E 341 7.07 -24.96 -47.00
N LYS E 342 7.52 -23.87 -46.38
CA LYS E 342 8.92 -23.70 -46.03
C LYS E 342 9.02 -23.34 -44.56
N TYR E 343 9.98 -23.94 -43.86
CA TYR E 343 10.32 -23.54 -42.52
C TYR E 343 11.50 -22.59 -42.58
N ASN E 344 11.29 -21.37 -42.11
CA ASN E 344 12.29 -20.32 -42.20
C ASN E 344 12.38 -19.65 -40.85
N GLN E 345 13.45 -18.87 -40.64
CA GLN E 345 13.64 -18.15 -39.40
C GLN E 345 12.60 -17.06 -39.23
N SER E 346 12.42 -16.57 -38.01
CA SER E 346 11.46 -15.51 -37.76
C SER E 346 11.96 -14.19 -38.35
N ALA E 347 11.03 -13.25 -38.47
CA ALA E 347 11.36 -11.93 -39.00
C ALA E 347 12.24 -11.17 -38.01
N GLY E 348 13.00 -10.22 -38.54
CA GLY E 348 13.92 -9.46 -37.70
C GLY E 348 13.20 -8.52 -36.76
N GLY E 349 13.84 -8.23 -35.64
CA GLY E 349 13.21 -7.41 -34.62
C GLY E 349 14.06 -7.41 -33.36
N ASP E 350 13.37 -7.37 -32.22
CA ASP E 350 14.07 -7.31 -30.94
C ASP E 350 14.67 -8.66 -30.59
N MET E 351 15.63 -8.62 -29.66
CA MET E 351 16.25 -9.84 -29.15
C MET E 351 15.23 -10.66 -28.37
N GLU E 352 14.33 -10.00 -27.65
CA GLU E 352 13.30 -10.73 -26.90
C GLU E 352 12.24 -11.32 -27.82
N ILE E 353 12.12 -10.80 -29.04
CA ILE E 353 11.09 -11.26 -29.97
C ILE E 353 11.62 -12.31 -30.93
N THR E 354 12.80 -12.07 -31.51
CA THR E 354 13.37 -13.00 -32.48
C THR E 354 13.82 -14.29 -31.79
N THR E 355 14.58 -14.16 -30.72
CA THR E 355 15.14 -15.32 -30.05
C THR E 355 14.08 -16.00 -29.19
N HIS E 356 14.18 -17.32 -29.10
CA HIS E 356 13.31 -18.07 -28.20
C HIS E 356 13.75 -17.82 -26.76
N SER E 357 12.85 -17.28 -25.95
CA SER E 357 13.18 -16.87 -24.60
C SER E 357 12.44 -17.74 -23.60
N PHE E 358 13.15 -18.09 -22.53
CA PHE E 358 12.56 -18.87 -21.46
C PHE E 358 13.41 -18.70 -20.21
N ASN E 359 13.06 -19.42 -19.16
CA ASN E 359 13.92 -19.54 -17.99
C ASN E 359 13.93 -20.96 -17.47
N CYS E 360 15.07 -21.37 -16.93
CA CYS E 360 15.16 -22.57 -16.13
C CYS E 360 16.15 -22.29 -15.01
N GLY E 361 15.73 -22.58 -13.79
CA GLY E 361 16.37 -21.95 -12.67
C GLY E 361 15.96 -20.48 -12.62
N GLY E 362 16.74 -19.72 -11.88
CA GLY E 362 16.50 -18.30 -11.77
C GLY E 362 17.11 -17.45 -12.86
N GLU E 363 17.81 -18.05 -13.81
CA GLU E 363 18.47 -17.33 -14.88
C GLU E 363 17.61 -17.39 -16.13
N PHE E 364 17.82 -16.45 -17.05
CA PHE E 364 16.98 -16.31 -18.21
C PHE E 364 17.77 -16.54 -19.49
N PHE E 365 17.15 -17.24 -20.43
CA PHE E 365 17.82 -17.72 -21.63
C PHE E 365 17.14 -17.15 -22.87
N TYR E 366 17.97 -16.78 -23.85
CA TYR E 366 17.53 -16.33 -25.15
C TYR E 366 18.33 -17.08 -26.20
N CYS E 367 17.66 -17.91 -26.99
CA CYS E 367 18.35 -18.82 -27.89
C CYS E 367 18.05 -18.47 -29.34
N ASN E 368 19.05 -18.67 -30.19
CA ASN E 368 19.09 -18.07 -31.52
C ASN E 368 17.99 -18.60 -32.44
N THR E 369 17.89 -19.93 -32.56
CA THR E 369 16.85 -20.67 -33.28
C THR E 369 16.67 -20.28 -34.73
N SER E 370 17.67 -19.71 -35.39
CA SER E 370 17.54 -19.44 -36.81
C SER E 370 17.68 -20.72 -37.62
N ASN E 371 18.66 -21.55 -37.28
CA ASN E 371 18.88 -22.79 -38.01
C ASN E 371 17.95 -23.90 -37.53
N LEU E 372 17.22 -23.67 -36.45
CA LEU E 372 16.21 -24.62 -36.01
C LEU E 372 15.06 -24.71 -37.01
N PHE E 373 14.63 -23.56 -37.51
CA PHE E 373 13.51 -23.49 -38.44
C PHE E 373 14.11 -23.35 -39.84
N ASN E 374 14.45 -24.49 -40.43
CA ASN E 374 15.16 -24.51 -41.70
C ASN E 374 14.70 -25.73 -42.49
N GLY E 375 14.54 -25.54 -43.80
CA GLY E 375 14.15 -26.61 -44.69
C GLY E 375 12.73 -26.44 -45.19
N THR E 376 12.47 -27.13 -46.30
CA THR E 376 11.19 -27.07 -47.00
C THR E 376 10.59 -28.47 -47.00
N TYR E 377 9.29 -28.57 -46.77
CA TYR E 377 8.62 -29.86 -46.89
C TYR E 377 7.71 -29.87 -48.12
N ASN E 378 8.03 -30.75 -49.07
CA ASN E 378 7.12 -31.04 -50.16
C ASN E 378 6.85 -32.53 -50.16
N GLY E 379 6.09 -32.99 -51.15
CA GLY E 379 5.85 -34.41 -51.34
C GLY E 379 5.03 -35.00 -50.21
N THR E 380 5.17 -36.31 -50.05
CA THR E 380 4.48 -37.06 -49.00
C THR E 380 5.50 -37.92 -48.28
N TYR E 381 5.90 -37.47 -47.09
CA TYR E 381 6.83 -38.18 -46.19
C TYR E 381 8.17 -38.43 -46.89
N ILE E 382 8.85 -37.32 -47.19
CA ILE E 382 10.05 -37.38 -48.02
C ILE E 382 11.30 -37.66 -47.19
N SER E 383 11.28 -37.30 -45.91
CA SER E 383 12.47 -37.49 -45.09
C SER E 383 12.68 -38.96 -44.75
N THR E 384 11.59 -39.76 -44.78
CA THR E 384 11.58 -41.20 -44.52
C THR E 384 12.17 -41.55 -43.15
N ASN E 385 11.95 -40.66 -42.18
CA ASN E 385 12.51 -40.70 -40.83
C ASN E 385 14.03 -40.82 -40.88
N SER E 386 14.52 -42.06 -40.87
CA SER E 386 15.95 -42.33 -40.93
C SER E 386 16.14 -43.73 -41.48
N SER E 387 17.35 -44.00 -41.96
CA SER E 387 17.75 -45.32 -42.40
C SER E 387 18.67 -46.01 -41.41
N ALA E 388 19.42 -45.24 -40.62
CA ALA E 388 20.33 -45.78 -39.62
C ALA E 388 20.00 -45.21 -38.24
N ASN E 389 20.82 -45.59 -37.26
CA ASN E 389 20.67 -45.10 -35.90
C ASN E 389 21.46 -43.81 -35.71
N SER E 390 20.90 -42.73 -36.25
CA SER E 390 21.55 -41.43 -36.19
C SER E 390 21.43 -40.82 -34.80
N THR E 391 22.52 -40.21 -34.34
CA THR E 391 22.55 -39.48 -33.08
C THR E 391 22.83 -38.00 -33.31
N SER E 392 22.33 -37.46 -34.42
CA SER E 392 22.56 -36.06 -34.74
C SER E 392 21.75 -35.16 -33.81
N THR E 393 22.42 -34.18 -33.22
CA THR E 393 21.80 -33.24 -32.29
C THR E 393 22.09 -31.83 -32.77
N ILE E 394 21.02 -31.08 -33.06
CA ILE E 394 21.21 -29.67 -33.38
C ILE E 394 21.43 -28.89 -32.10
N THR E 395 22.46 -28.05 -32.10
CA THR E 395 22.85 -27.27 -30.93
C THR E 395 22.60 -25.79 -31.23
N LEU E 396 21.86 -25.14 -30.34
CA LEU E 396 21.52 -23.73 -30.45
C LEU E 396 22.35 -22.93 -29.46
N GLN E 397 23.03 -21.91 -29.95
CA GLN E 397 23.73 -21.00 -29.05
C GLN E 397 22.73 -20.11 -28.34
N CYS E 398 23.02 -19.75 -27.10
CA CYS E 398 22.10 -18.97 -26.29
C CYS E 398 22.86 -17.90 -25.52
N ARG E 399 22.17 -16.81 -25.24
CA ARG E 399 22.69 -15.67 -24.50
C ARG E 399 21.81 -15.43 -23.28
N ILE E 400 22.33 -14.67 -22.33
CA ILE E 400 21.71 -14.52 -21.03
C ILE E 400 21.61 -13.05 -20.67
N LYS E 401 20.41 -12.62 -20.29
CA LYS E 401 20.17 -11.26 -19.82
C LYS E 401 19.88 -11.27 -18.34
N GLN E 402 20.25 -10.19 -17.66
CA GLN E 402 19.88 -10.00 -16.26
C GLN E 402 18.66 -9.12 -16.10
N ILE E 403 18.54 -8.08 -16.90
CA ILE E 403 17.44 -7.13 -16.79
C ILE E 403 16.44 -7.43 -17.88
N ILE E 404 15.19 -7.69 -17.48
CA ILE E 404 14.13 -8.04 -18.43
C ILE E 404 12.93 -7.15 -18.20
N ASN E 405 12.40 -6.58 -19.28
CA ASN E 405 11.13 -5.85 -19.25
C ASN E 405 10.05 -6.76 -19.79
N MET E 406 9.66 -7.72 -18.95
CA MET E 406 8.77 -8.79 -19.39
C MET E 406 7.35 -8.24 -19.50
N TRP E 407 6.56 -8.84 -20.41
CA TRP E 407 5.22 -8.40 -20.81
C TRP E 407 5.26 -7.00 -21.42
N GLN E 408 6.38 -6.68 -22.08
CA GLN E 408 6.56 -5.46 -22.87
C GLN E 408 6.33 -4.19 -22.06
N GLY E 409 6.81 -4.18 -20.81
CA GLY E 409 6.71 -3.01 -19.97
C GLY E 409 5.38 -2.84 -19.26
N VAL E 410 4.40 -3.72 -19.52
CA VAL E 410 3.16 -3.68 -18.77
C VAL E 410 3.38 -4.12 -17.33
N GLY E 411 4.31 -5.04 -17.10
CA GLY E 411 4.60 -5.48 -15.76
C GLY E 411 5.60 -4.57 -15.08
N ARG E 412 6.79 -5.08 -14.80
CA ARG E 412 7.82 -4.28 -14.15
C ARG E 412 9.19 -4.81 -14.54
N CYS E 413 10.20 -3.98 -14.36
CA CYS E 413 11.57 -4.41 -14.55
C CYS E 413 11.98 -5.38 -13.44
N MET E 414 12.79 -6.36 -13.81
CA MET E 414 13.43 -7.23 -12.83
C MET E 414 14.88 -7.43 -13.17
N TYR E 415 15.73 -7.37 -12.14
CA TYR E 415 17.10 -7.82 -12.24
C TYR E 415 17.15 -9.22 -11.62
N ALA E 416 17.33 -10.23 -12.45
CA ALA E 416 17.43 -11.59 -11.96
C ALA E 416 18.79 -11.77 -11.30
N PRO E 417 18.85 -12.25 -10.06
CA PRO E 417 20.13 -12.45 -9.41
C PRO E 417 20.84 -13.65 -10.00
N PRO E 418 22.17 -13.64 -10.06
CA PRO E 418 22.90 -14.78 -10.61
C PRO E 418 22.92 -15.94 -9.64
N ILE E 419 23.21 -17.12 -10.19
CA ILE E 419 23.18 -18.36 -9.43
C ILE E 419 24.54 -19.04 -9.54
N ALA E 420 25.10 -19.40 -8.38
CA ALA E 420 26.40 -20.06 -8.35
C ALA E 420 26.31 -21.46 -8.93
N GLY E 421 27.46 -21.99 -9.31
CA GLY E 421 27.52 -23.30 -9.92
C GLY E 421 27.17 -23.26 -11.38
N ASN E 422 26.46 -24.28 -11.86
CA ASN E 422 25.98 -24.31 -13.23
C ASN E 422 24.50 -24.62 -13.24
N ILE E 423 23.88 -24.48 -14.40
CA ILE E 423 22.45 -24.71 -14.58
C ILE E 423 22.28 -25.75 -15.67
N THR E 424 21.47 -26.76 -15.40
CA THR E 424 21.05 -27.71 -16.42
C THR E 424 19.54 -27.89 -16.31
N CYS E 425 18.87 -28.00 -17.44
CA CYS E 425 17.43 -28.11 -17.39
C CYS E 425 16.91 -28.90 -18.60
N ARG E 426 15.91 -29.73 -18.34
CA ARG E 426 15.34 -30.64 -19.31
C ARG E 426 13.89 -30.26 -19.54
N SER E 427 13.43 -30.38 -20.79
CA SER E 427 12.07 -29.95 -21.06
C SER E 427 11.49 -30.75 -22.21
N ASN E 428 10.18 -30.67 -22.34
CA ASN E 428 9.46 -31.24 -23.47
C ASN E 428 8.87 -30.11 -24.30
N ILE E 429 9.18 -30.10 -25.59
CA ILE E 429 8.49 -29.25 -26.53
C ILE E 429 7.20 -29.95 -26.93
N THR E 430 6.07 -29.30 -26.65
CA THR E 430 4.77 -29.84 -26.99
C THR E 430 4.00 -29.02 -28.02
N GLY E 431 4.47 -27.83 -28.36
CA GLY E 431 3.74 -27.02 -29.32
C GLY E 431 4.55 -25.86 -29.83
N LEU E 432 4.10 -25.31 -30.96
CA LEU E 432 4.79 -24.25 -31.66
C LEU E 432 3.87 -23.07 -31.91
N LEU E 433 4.45 -21.87 -31.93
CA LEU E 433 3.74 -20.65 -32.28
C LEU E 433 4.25 -20.17 -33.63
N LEU E 434 3.39 -20.19 -34.64
CA LEU E 434 3.82 -19.93 -36.00
C LEU E 434 2.97 -18.81 -36.61
N THR E 435 3.55 -18.17 -37.62
CA THR E 435 2.85 -17.16 -38.40
C THR E 435 3.08 -17.44 -39.88
N ARG E 436 2.10 -17.08 -40.70
CA ARG E 436 2.15 -17.32 -42.14
C ARG E 436 2.74 -16.09 -42.81
N ASP E 437 3.99 -16.20 -43.24
CA ASP E 437 4.64 -15.12 -43.98
C ASP E 437 4.15 -15.21 -45.42
N GLY E 438 3.02 -14.56 -45.67
CA GLY E 438 2.34 -14.65 -46.95
C GLY E 438 2.88 -13.73 -48.01
N GLY E 439 4.02 -14.09 -48.60
CA GLY E 439 4.61 -13.29 -49.65
C GLY E 439 3.87 -13.41 -50.97
N THR E 440 4.20 -12.50 -51.88
CA THR E 440 3.54 -12.49 -53.19
C THR E 440 3.98 -13.66 -54.05
N ASN E 441 5.23 -14.08 -53.92
CA ASN E 441 5.77 -15.19 -54.69
C ASN E 441 5.53 -16.55 -54.03
N SER E 442 4.56 -16.65 -53.12
CA SER E 442 4.24 -17.89 -52.43
C SER E 442 3.09 -18.64 -53.10
N ASN E 443 3.05 -18.64 -54.44
CA ASN E 443 2.00 -19.35 -55.16
C ASN E 443 2.13 -20.85 -54.98
N GLU E 444 3.35 -21.34 -54.82
CA GLU E 444 3.60 -22.74 -54.50
C GLU E 444 4.50 -22.94 -53.30
N THR E 445 5.33 -21.96 -52.97
CA THR E 445 6.31 -22.06 -51.88
C THR E 445 5.87 -21.14 -50.75
N GLU E 446 5.08 -21.68 -49.82
CA GLU E 446 4.63 -20.90 -48.67
C GLU E 446 5.70 -20.92 -47.57
N THR E 447 5.73 -19.84 -46.80
CA THR E 447 6.71 -19.67 -45.74
C THR E 447 6.01 -19.45 -44.40
N PHE E 448 6.46 -20.16 -43.38
CA PHE E 448 5.96 -20.02 -42.02
C PHE E 448 7.12 -19.77 -41.08
N ARG E 449 6.93 -18.86 -40.14
CA ARG E 449 7.98 -18.38 -39.27
C ARG E 449 7.56 -18.55 -37.81
N PRO E 450 8.51 -18.63 -36.89
CA PRO E 450 8.16 -18.59 -35.47
C PRO E 450 7.61 -17.23 -35.09
N ALA E 451 6.74 -17.22 -34.08
CA ALA E 451 6.06 -16.00 -33.69
C ALA E 451 5.92 -15.98 -32.17
N GLY E 452 5.41 -14.87 -31.67
CA GLY E 452 5.22 -14.70 -30.24
C GLY E 452 5.00 -13.24 -29.91
N GLY E 453 4.99 -12.96 -28.62
CA GLY E 453 4.83 -11.60 -28.16
C GLY E 453 3.62 -11.41 -27.26
N ASP E 454 2.52 -12.09 -27.56
CA ASP E 454 1.35 -12.08 -26.70
C ASP E 454 1.31 -13.41 -25.98
N MET E 455 1.67 -13.39 -24.70
CA MET E 455 1.85 -14.62 -23.94
C MET E 455 0.54 -15.27 -23.53
N ARG E 456 -0.59 -14.56 -23.61
CA ARG E 456 -1.89 -15.16 -23.32
C ARG E 456 -2.22 -16.28 -24.29
N ASP E 457 -1.65 -16.23 -25.50
CA ASP E 457 -1.77 -17.31 -26.47
C ASP E 457 -1.26 -18.62 -25.89
N ASN E 458 -0.17 -18.57 -25.12
CA ASN E 458 0.32 -19.75 -24.41
C ASN E 458 -0.74 -20.30 -23.48
N TRP E 459 -1.37 -19.42 -22.71
CA TRP E 459 -2.47 -19.85 -21.86
C TRP E 459 -3.69 -20.23 -22.69
N ARG E 460 -3.84 -19.66 -23.89
CA ARG E 460 -4.89 -20.12 -24.79
C ARG E 460 -4.67 -21.57 -25.18
N SER E 461 -3.40 -21.97 -25.33
CA SER E 461 -3.10 -23.34 -25.71
C SER E 461 -3.41 -24.32 -24.58
N GLU E 462 -3.62 -23.81 -23.36
CA GLU E 462 -4.06 -24.71 -22.31
C GLU E 462 -5.51 -24.51 -21.93
N LEU E 463 -6.19 -23.56 -22.55
CA LEU E 463 -7.57 -23.28 -22.17
C LEU E 463 -8.54 -23.43 -23.33
N TYR E 464 -8.19 -24.22 -24.35
CA TYR E 464 -9.08 -24.41 -25.47
C TYR E 464 -10.27 -25.28 -25.12
N LYS E 465 -10.11 -26.21 -24.18
CA LYS E 465 -11.21 -27.09 -23.81
C LYS E 465 -12.25 -26.38 -22.96
N TYR E 466 -11.81 -25.59 -22.00
CA TYR E 466 -12.68 -25.20 -20.91
C TYR E 466 -13.60 -24.04 -21.29
N LYS E 467 -14.74 -23.97 -20.61
CA LYS E 467 -15.74 -22.94 -20.81
C LYS E 467 -16.55 -22.80 -19.53
N VAL E 468 -16.92 -21.59 -19.17
CA VAL E 468 -17.66 -21.31 -17.94
C VAL E 468 -19.12 -21.02 -18.29
N VAL E 469 -20.04 -21.64 -17.54
CA VAL E 469 -21.47 -21.42 -17.69
C VAL E 469 -22.09 -21.21 -16.32
N LYS E 470 -23.33 -20.72 -16.34
CA LYS E 470 -24.10 -20.40 -15.15
C LYS E 470 -25.32 -21.30 -15.08
N ILE E 471 -25.52 -21.93 -13.93
CA ILE E 471 -26.68 -22.80 -13.71
C ILE E 471 -27.90 -21.94 -13.40
N GLU E 472 -29.02 -22.27 -14.03
CA GLU E 472 -30.27 -21.55 -13.82
C GLU E 472 -31.33 -22.58 -13.44
N PRO E 473 -31.48 -22.89 -12.15
CA PRO E 473 -32.20 -24.09 -11.73
C PRO E 473 -33.73 -23.95 -11.69
N LEU E 474 -34.33 -22.94 -12.31
CA LEU E 474 -35.77 -22.82 -12.32
C LEU E 474 -36.32 -23.06 -13.72
N GLY E 475 -37.38 -23.88 -13.79
CA GLY E 475 -38.00 -24.19 -15.06
C GLY E 475 -39.50 -24.01 -15.00
N VAL E 476 -40.08 -23.66 -16.14
CA VAL E 476 -41.50 -23.37 -16.26
C VAL E 476 -42.08 -24.30 -17.31
N ALA E 477 -43.18 -24.99 -16.97
CA ALA E 477 -43.80 -25.93 -17.90
C ALA E 477 -45.25 -26.12 -17.49
N PRO E 478 -46.15 -26.40 -18.44
CA PRO E 478 -47.51 -26.78 -18.08
C PRO E 478 -47.70 -28.29 -17.99
N THR E 479 -48.48 -28.69 -16.98
CA THR E 479 -48.77 -30.10 -16.78
C THR E 479 -50.24 -30.40 -16.52
N ARG E 480 -51.13 -29.40 -16.64
CA ARG E 480 -52.56 -29.50 -16.31
C ARG E 480 -52.78 -30.00 -14.88
N CYS E 481 -51.99 -29.49 -13.94
CA CYS E 481 -52.06 -29.93 -12.56
C CYS E 481 -52.46 -28.74 -11.70
N LYS E 482 -53.67 -28.79 -11.16
CA LYS E 482 -54.23 -27.70 -10.38
C LYS E 482 -53.79 -27.82 -8.93
N ARG E 483 -53.46 -26.69 -8.32
CA ARG E 483 -53.12 -26.69 -6.90
C ARG E 483 -54.37 -26.91 -6.06
N ARG E 484 -54.21 -27.67 -4.98
CA ARG E 484 -55.30 -27.86 -4.03
C ARG E 484 -55.58 -26.56 -3.29
N VAL E 485 -56.84 -26.32 -2.98
CA VAL E 485 -57.22 -25.13 -2.22
C VAL E 485 -58.38 -25.45 -1.29
N PHE F 504 -23.73 -34.94 -10.62
CA PHE F 504 -24.15 -33.56 -10.88
C PHE F 504 -24.53 -33.37 -12.33
N LEU F 505 -25.73 -32.79 -12.54
CA LEU F 505 -26.36 -32.62 -13.86
C LEU F 505 -26.43 -33.93 -14.62
N GLY F 506 -26.80 -35.00 -13.90
CA GLY F 506 -26.74 -36.34 -14.44
C GLY F 506 -27.80 -36.67 -15.46
N ALA F 507 -28.80 -35.81 -15.64
CA ALA F 507 -29.83 -36.01 -16.63
C ALA F 507 -30.04 -34.72 -17.42
N ALA F 508 -28.94 -34.09 -17.83
CA ALA F 508 -29.05 -32.83 -18.55
C ALA F 508 -29.57 -33.03 -19.97
N GLY F 509 -29.31 -34.19 -20.56
CA GLY F 509 -29.79 -34.50 -21.88
C GLY F 509 -31.03 -35.35 -21.94
N SER F 510 -31.64 -35.68 -20.80
CA SER F 510 -32.79 -36.56 -20.78
C SER F 510 -34.08 -35.75 -20.87
N THR F 511 -35.22 -36.45 -20.82
CA THR F 511 -36.50 -35.78 -20.86
C THR F 511 -36.84 -35.22 -19.48
N MET F 512 -37.95 -34.49 -19.42
CA MET F 512 -38.38 -33.88 -18.17
C MET F 512 -38.89 -34.91 -17.18
N GLY F 513 -39.37 -36.06 -17.68
CA GLY F 513 -39.77 -37.13 -16.80
C GLY F 513 -38.60 -37.74 -16.05
N ALA F 514 -37.46 -37.88 -16.72
CA ALA F 514 -36.29 -38.51 -16.10
C ALA F 514 -35.66 -37.60 -15.06
N ALA F 515 -35.56 -36.30 -15.36
CA ALA F 515 -34.95 -35.32 -14.47
C ALA F 515 -35.66 -35.19 -13.13
N SER F 516 -36.93 -35.61 -13.06
CA SER F 516 -37.69 -35.66 -11.81
C SER F 516 -37.11 -36.64 -10.79
N MET F 517 -36.20 -37.53 -11.19
CA MET F 517 -35.45 -38.31 -10.21
C MET F 517 -34.13 -37.66 -9.82
N THR F 518 -33.52 -36.87 -10.72
CA THR F 518 -32.16 -36.42 -10.47
C THR F 518 -32.08 -35.06 -9.81
N LEU F 519 -33.12 -34.23 -9.98
CA LEU F 519 -33.04 -32.78 -9.84
C LEU F 519 -32.56 -32.33 -8.47
N THR F 520 -32.92 -33.09 -7.43
CA THR F 520 -32.58 -32.73 -6.05
C THR F 520 -31.08 -32.72 -5.81
N VAL F 521 -30.33 -33.62 -6.46
CA VAL F 521 -28.89 -33.65 -6.19
C VAL F 521 -28.22 -32.47 -6.89
N GLN F 522 -28.87 -31.90 -7.92
CA GLN F 522 -28.40 -30.65 -8.48
C GLN F 522 -28.45 -29.54 -7.44
N ALA F 523 -29.54 -29.50 -6.67
CA ALA F 523 -29.64 -28.55 -5.56
C ALA F 523 -28.62 -28.87 -4.48
N ARG F 524 -28.23 -30.15 -4.36
CA ARG F 524 -27.24 -30.53 -3.37
C ARG F 524 -25.87 -29.97 -3.71
N ASN F 525 -25.64 -29.61 -4.97
CA ASN F 525 -24.38 -28.98 -5.30
C ASN F 525 -24.49 -27.47 -5.42
N LEU F 526 -25.61 -26.87 -5.00
CA LEU F 526 -25.72 -25.42 -5.17
C LEU F 526 -25.00 -24.63 -4.10
N LEU F 527 -24.50 -25.27 -3.04
CA LEU F 527 -23.78 -24.55 -2.01
C LEU F 527 -22.57 -25.32 -1.49
N SER F 528 -22.27 -26.48 -2.05
CA SER F 528 -21.20 -27.32 -1.55
C SER F 528 -19.83 -26.77 -1.94
N GLY F 529 -18.80 -27.29 -1.30
CA GLY F 529 -17.44 -26.87 -1.56
C GLY F 529 -16.50 -27.11 -0.39
N THR F 551 -2.22 -11.92 -1.68
CA THR F 551 -3.55 -11.75 -1.15
C THR F 551 -4.58 -11.75 -2.27
N VAL F 552 -4.10 -12.00 -3.49
CA VAL F 552 -4.98 -11.98 -4.66
C VAL F 552 -5.95 -13.15 -4.62
N TRP F 553 -5.44 -14.33 -4.27
CA TRP F 553 -6.28 -15.52 -4.23
C TRP F 553 -7.31 -15.43 -3.11
N GLY F 554 -6.96 -14.78 -1.99
CA GLY F 554 -7.93 -14.58 -0.93
C GLY F 554 -9.06 -13.66 -1.34
N ILE F 555 -8.74 -12.62 -2.10
CA ILE F 555 -9.76 -11.71 -2.62
C ILE F 555 -10.71 -12.46 -3.55
N LYS F 556 -10.15 -13.29 -4.43
CA LYS F 556 -10.98 -14.03 -5.36
C LYS F 556 -11.83 -15.08 -4.65
N GLN F 557 -11.29 -15.72 -3.61
CA GLN F 557 -12.04 -16.70 -2.85
C GLN F 557 -13.21 -16.05 -2.11
N LEU F 558 -12.98 -14.86 -1.54
CA LEU F 558 -14.04 -14.11 -0.89
C LEU F 558 -15.13 -13.72 -1.87
N GLN F 559 -14.73 -13.28 -3.07
CA GLN F 559 -15.70 -12.92 -4.11
C GLN F 559 -16.53 -14.11 -4.53
N ALA F 560 -15.89 -15.28 -4.66
CA ALA F 560 -16.60 -16.49 -5.06
C ALA F 560 -17.63 -16.91 -4.01
N ARG F 561 -17.24 -16.83 -2.73
CA ARG F 561 -18.18 -17.22 -1.67
C ARG F 561 -19.37 -16.28 -1.59
N VAL F 562 -19.12 -14.97 -1.76
CA VAL F 562 -20.21 -14.00 -1.74
C VAL F 562 -21.16 -14.20 -2.92
N LEU F 563 -20.59 -14.49 -4.11
CA LEU F 563 -21.42 -14.72 -5.29
C LEU F 563 -22.26 -15.98 -5.14
N ALA F 564 -21.69 -17.04 -4.56
CA ALA F 564 -22.45 -18.26 -4.35
C ALA F 564 -23.59 -18.05 -3.36
N VAL F 565 -23.35 -17.28 -2.30
CA VAL F 565 -24.41 -17.00 -1.33
C VAL F 565 -25.54 -16.20 -1.96
N GLU F 566 -25.21 -15.18 -2.76
CA GLU F 566 -26.22 -14.39 -3.44
C GLU F 566 -27.05 -15.22 -4.41
N ARG F 567 -26.36 -16.08 -5.18
CA ARG F 567 -27.03 -16.88 -6.19
C ARG F 567 -27.95 -17.91 -5.56
N TYR F 568 -27.55 -18.48 -4.42
CA TYR F 568 -28.45 -19.39 -3.73
C TYR F 568 -29.62 -18.66 -3.11
N LEU F 569 -29.41 -17.44 -2.62
CA LEU F 569 -30.49 -16.78 -1.90
C LEU F 569 -31.55 -16.19 -2.83
N ARG F 570 -31.16 -15.83 -4.07
CA ARG F 570 -32.09 -15.12 -4.96
C ARG F 570 -33.29 -15.98 -5.34
N ASP F 571 -33.04 -17.19 -5.83
CA ASP F 571 -34.16 -18.02 -6.29
C ASP F 571 -34.94 -18.61 -5.13
N GLN F 572 -34.30 -18.78 -3.97
CA GLN F 572 -35.06 -19.15 -2.77
C GLN F 572 -36.00 -18.03 -2.36
N GLN F 573 -35.56 -16.78 -2.51
CA GLN F 573 -36.45 -15.65 -2.27
C GLN F 573 -37.61 -15.64 -3.26
N LEU F 574 -37.35 -15.98 -4.52
CA LEU F 574 -38.42 -16.07 -5.51
C LEU F 574 -39.41 -17.19 -5.18
N LEU F 575 -38.90 -18.33 -4.72
CA LEU F 575 -39.78 -19.43 -4.31
C LEU F 575 -40.63 -19.05 -3.11
N GLY F 576 -40.04 -18.32 -2.16
CA GLY F 576 -40.81 -17.85 -1.02
C GLY F 576 -41.84 -16.80 -1.41
N ILE F 577 -41.53 -16.01 -2.43
CA ILE F 577 -42.51 -15.06 -2.95
C ILE F 577 -43.68 -15.79 -3.58
N TRP F 578 -43.41 -16.83 -4.38
CA TRP F 578 -44.49 -17.61 -4.98
C TRP F 578 -45.23 -18.47 -3.97
N GLY F 579 -44.67 -18.69 -2.77
CA GLY F 579 -45.34 -19.39 -1.71
C GLY F 579 -45.17 -20.89 -1.76
N CYS F 580 -44.69 -21.43 -2.88
CA CYS F 580 -44.48 -22.86 -3.02
C CYS F 580 -43.06 -23.27 -2.66
N SER F 581 -42.40 -22.49 -1.81
CA SER F 581 -41.04 -22.81 -1.38
C SER F 581 -41.05 -24.01 -0.46
N GLY F 582 -39.87 -24.62 -0.33
CA GLY F 582 -39.73 -25.81 0.48
C GLY F 582 -40.03 -27.11 -0.24
N LYS F 583 -40.48 -27.04 -1.50
CA LYS F 583 -40.72 -28.24 -2.28
C LYS F 583 -40.18 -28.03 -3.68
N LEU F 584 -39.77 -29.13 -4.31
CA LEU F 584 -39.17 -29.05 -5.63
C LEU F 584 -40.19 -28.82 -6.74
N ILE F 585 -41.39 -29.35 -6.61
CA ILE F 585 -42.42 -29.24 -7.65
C ILE F 585 -43.56 -28.39 -7.11
N CYS F 586 -43.91 -27.36 -7.85
CA CYS F 586 -44.94 -26.41 -7.43
C CYS F 586 -46.19 -26.60 -8.27
N CYS F 587 -47.35 -26.56 -7.61
CA CYS F 587 -48.61 -26.39 -8.28
C CYS F 587 -49.11 -24.97 -8.00
N THR F 588 -49.58 -24.29 -9.02
CA THR F 588 -49.60 -22.83 -9.00
C THR F 588 -50.97 -22.19 -8.89
N ASN F 589 -52.05 -22.89 -9.27
CA ASN F 589 -53.40 -22.32 -9.42
C ASN F 589 -53.40 -21.11 -10.34
N VAL F 590 -52.62 -21.19 -11.42
CA VAL F 590 -52.61 -20.15 -12.45
C VAL F 590 -52.80 -20.84 -13.79
N PRO F 591 -53.81 -20.45 -14.57
CA PRO F 591 -54.06 -21.13 -15.85
C PRO F 591 -52.99 -20.79 -16.88
N TRP F 592 -52.61 -21.80 -17.66
CA TRP F 592 -51.65 -21.60 -18.73
C TRP F 592 -52.33 -20.90 -19.90
N ASN F 593 -51.77 -19.76 -20.31
CA ASN F 593 -52.37 -18.96 -21.37
C ASN F 593 -52.18 -19.62 -22.73
N SER F 594 -53.14 -19.40 -23.62
CA SER F 594 -53.13 -20.05 -24.92
C SER F 594 -52.07 -19.48 -25.84
N SER F 595 -51.68 -18.21 -25.61
CA SER F 595 -50.63 -17.60 -26.41
C SER F 595 -49.28 -18.27 -26.17
N TRP F 596 -49.06 -18.77 -24.95
CA TRP F 596 -47.87 -19.57 -24.67
C TRP F 596 -48.00 -20.99 -25.20
N SER F 597 -49.23 -21.44 -25.46
CA SER F 597 -49.48 -22.84 -25.75
C SER F 597 -49.39 -23.10 -27.24
N ASN F 598 -48.50 -23.99 -27.62
CA ASN F 598 -48.41 -24.48 -28.99
C ASN F 598 -48.28 -26.00 -29.06
N ARG F 599 -47.69 -26.62 -28.04
CA ARG F 599 -47.44 -28.05 -28.04
C ARG F 599 -48.42 -28.77 -27.12
N ASN F 600 -48.50 -30.09 -27.30
CA ASN F 600 -49.29 -30.93 -26.41
C ASN F 600 -48.47 -31.31 -25.18
N LEU F 601 -49.13 -32.01 -24.26
CA LEU F 601 -48.46 -32.43 -23.03
C LEU F 601 -47.44 -33.52 -23.30
N SER F 602 -47.81 -34.52 -24.10
CA SER F 602 -46.86 -35.57 -24.45
C SER F 602 -45.85 -35.07 -25.47
N GLU F 603 -46.21 -34.04 -26.25
CA GLU F 603 -45.26 -33.42 -27.17
C GLU F 603 -44.14 -32.74 -26.43
N ILE F 604 -44.44 -32.14 -25.28
CA ILE F 604 -43.39 -31.54 -24.47
C ILE F 604 -42.67 -32.61 -23.67
N TRP F 605 -43.40 -33.28 -22.76
CA TRP F 605 -42.78 -33.97 -21.64
C TRP F 605 -42.14 -35.30 -22.00
N ASP F 606 -42.32 -35.79 -23.23
CA ASP F 606 -41.75 -37.06 -23.62
C ASP F 606 -40.90 -37.00 -24.87
N ASN F 607 -40.99 -35.95 -25.67
CA ASN F 607 -40.29 -35.90 -26.93
C ASN F 607 -38.95 -35.16 -26.85
N MET F 608 -38.77 -34.28 -25.88
CA MET F 608 -37.69 -33.32 -25.94
C MET F 608 -37.25 -32.95 -24.54
N THR F 609 -36.14 -32.19 -24.46
CA THR F 609 -35.41 -31.98 -23.22
C THR F 609 -35.63 -30.57 -22.69
N TRP F 610 -34.99 -30.31 -21.54
CA TRP F 610 -35.23 -29.06 -20.81
C TRP F 610 -34.63 -27.87 -21.53
N LEU F 611 -33.52 -28.07 -22.25
CA LEU F 611 -32.73 -26.96 -22.77
C LEU F 611 -33.47 -26.23 -23.89
N GLN F 612 -33.97 -26.99 -24.87
CA GLN F 612 -34.72 -26.40 -25.96
C GLN F 612 -36.05 -25.85 -25.46
N TRP F 613 -36.59 -26.46 -24.41
CA TRP F 613 -37.82 -25.96 -23.81
C TRP F 613 -37.60 -24.60 -23.15
N ASP F 614 -36.45 -24.43 -22.47
CA ASP F 614 -36.10 -23.13 -21.92
C ASP F 614 -35.83 -22.13 -23.03
N LYS F 615 -35.25 -22.60 -24.13
CA LYS F 615 -35.01 -21.74 -25.29
C LYS F 615 -36.32 -21.21 -25.86
N GLU F 616 -37.34 -22.05 -25.91
CA GLU F 616 -38.60 -21.61 -26.48
C GLU F 616 -39.52 -20.96 -25.46
N ILE F 617 -39.22 -21.08 -24.17
CA ILE F 617 -40.01 -20.37 -23.16
C ILE F 617 -39.21 -19.16 -22.68
N SER F 618 -38.14 -18.84 -23.41
CA SER F 618 -37.46 -17.56 -23.23
C SER F 618 -38.41 -16.38 -23.47
N ASN F 619 -39.34 -16.54 -24.40
CA ASN F 619 -40.42 -15.58 -24.54
C ASN F 619 -41.43 -15.75 -23.42
N TYR F 620 -42.09 -14.64 -23.06
CA TYR F 620 -43.27 -14.55 -22.19
C TYR F 620 -43.03 -14.89 -20.72
N THR F 621 -41.83 -15.33 -20.35
CA THR F 621 -41.62 -15.84 -19.00
C THR F 621 -41.54 -14.73 -17.98
N GLN F 622 -41.09 -13.54 -18.41
CA GLN F 622 -40.70 -12.47 -17.49
C GLN F 622 -41.89 -11.85 -16.77
N ILE F 623 -43.11 -12.09 -17.23
CA ILE F 623 -44.28 -11.65 -16.49
C ILE F 623 -44.82 -12.72 -15.57
N ILE F 624 -44.60 -14.00 -15.90
CA ILE F 624 -45.33 -15.13 -15.33
C ILE F 624 -45.14 -15.21 -13.83
N TYR F 625 -43.89 -15.03 -13.38
CA TYR F 625 -43.51 -15.01 -11.97
C TYR F 625 -44.37 -14.05 -11.17
N GLY F 626 -44.52 -12.81 -11.67
CA GLY F 626 -45.30 -11.82 -10.96
C GLY F 626 -46.75 -12.21 -10.83
N LEU F 627 -47.29 -12.88 -11.85
CA LEU F 627 -48.65 -13.39 -11.82
C LEU F 627 -48.80 -14.38 -10.68
N LEU F 628 -47.83 -15.29 -10.55
CA LEU F 628 -47.82 -16.26 -9.47
C LEU F 628 -47.83 -15.56 -8.13
N GLU F 629 -47.04 -14.49 -8.03
CA GLU F 629 -46.92 -13.72 -6.80
C GLU F 629 -48.25 -13.16 -6.37
N GLU F 630 -48.96 -12.51 -7.31
CA GLU F 630 -50.21 -11.89 -6.91
C GLU F 630 -51.27 -12.94 -6.66
N SER F 631 -51.18 -14.06 -7.42
CA SER F 631 -52.07 -15.18 -7.19
C SER F 631 -51.85 -15.74 -5.79
N GLN F 632 -50.58 -15.86 -5.41
CA GLN F 632 -50.24 -16.33 -4.07
C GLN F 632 -50.80 -15.41 -3.02
N ASN F 633 -50.70 -14.09 -3.27
CA ASN F 633 -51.19 -13.10 -2.32
C ASN F 633 -52.69 -13.23 -2.14
N GLN F 634 -53.41 -13.49 -3.24
CA GLN F 634 -54.85 -13.62 -3.18
C GLN F 634 -55.24 -14.81 -2.31
N GLN F 635 -54.48 -15.91 -2.45
CA GLN F 635 -54.73 -17.10 -1.66
C GLN F 635 -54.59 -16.80 -0.18
N GLU F 636 -53.57 -16.01 0.16
CA GLU F 636 -53.30 -15.67 1.56
C GLU F 636 -54.46 -14.88 2.14
N LYS F 637 -54.98 -13.90 1.38
CA LYS F 637 -56.06 -13.10 1.94
C LYS F 637 -57.34 -13.91 1.97
N ASN F 638 -57.50 -14.83 1.01
CA ASN F 638 -58.63 -15.74 1.06
C ASN F 638 -58.52 -16.64 2.26
N GLU F 639 -57.30 -17.08 2.57
CA GLU F 639 -57.06 -17.86 3.76
C GLU F 639 -57.35 -17.05 5.00
N GLN F 640 -57.00 -15.75 4.97
CA GLN F 640 -57.34 -14.88 6.08
C GLN F 640 -58.84 -14.72 6.20
N ASP F 641 -59.54 -14.68 5.05
CA ASP F 641 -60.99 -14.55 5.07
C ASP F 641 -61.65 -15.83 5.56
N LEU F 642 -60.89 -16.94 5.61
CA LEU F 642 -61.38 -18.10 6.33
C LEU F 642 -60.93 -18.06 7.78
N LEU F 643 -59.67 -17.68 8.02
CA LEU F 643 -59.07 -17.95 9.32
C LEU F 643 -59.51 -16.96 10.39
N ALA F 644 -59.99 -15.78 9.98
CA ALA F 644 -60.64 -14.89 10.92
C ALA F 644 -61.96 -15.46 11.40
N LEU F 645 -62.62 -16.27 10.58
CA LEU F 645 -63.86 -16.93 10.94
C LEU F 645 -63.66 -18.40 11.26
N ASP F 646 -62.41 -18.84 11.43
CA ASP F 646 -62.11 -20.21 11.81
C ASP F 646 -62.45 -20.41 13.28
N GLN G 20 52.17 -39.60 -34.67
CA GLN G 20 53.17 -39.21 -33.69
C GLN G 20 52.99 -37.77 -33.27
N VAL G 21 52.95 -37.53 -31.96
CA VAL G 21 52.89 -36.19 -31.40
C VAL G 21 53.99 -36.07 -30.36
N GLN G 22 54.67 -34.93 -30.32
CA GLN G 22 55.76 -34.74 -29.38
C GLN G 22 55.94 -33.26 -29.08
N LEU G 23 56.34 -32.98 -27.85
CA LEU G 23 56.50 -31.61 -27.36
C LEU G 23 57.98 -31.38 -27.04
N VAL G 24 58.61 -30.51 -27.82
CA VAL G 24 60.00 -30.14 -27.59
C VAL G 24 60.04 -29.08 -26.51
N GLN G 25 60.53 -29.43 -25.33
CA GLN G 25 60.77 -28.41 -24.33
C GLN G 25 62.13 -27.78 -24.57
N SER G 26 62.37 -26.66 -23.88
CA SER G 26 63.62 -25.95 -24.08
C SER G 26 64.75 -26.61 -23.30
N GLY G 27 65.93 -26.01 -23.38
CA GLY G 27 67.11 -26.55 -22.75
C GLY G 27 67.16 -26.29 -21.25
N ALA G 28 68.25 -26.75 -20.65
CA ALA G 28 68.43 -26.59 -19.22
C ALA G 28 68.76 -25.14 -18.87
N GLU G 29 68.13 -24.66 -17.80
CA GLU G 29 68.35 -23.32 -17.28
C GLU G 29 69.09 -23.43 -15.97
N VAL G 30 70.21 -22.72 -15.85
CA VAL G 30 70.98 -22.64 -14.62
C VAL G 30 71.13 -21.17 -14.26
N LYS G 31 70.53 -20.75 -13.14
CA LYS G 31 70.67 -19.34 -12.78
C LYS G 31 70.49 -19.17 -11.28
N LYS G 32 70.69 -17.93 -10.85
CA LYS G 32 70.71 -17.52 -9.46
C LYS G 32 69.28 -17.37 -8.92
N PRO G 33 69.11 -17.40 -7.59
CA PRO G 33 67.81 -17.07 -7.00
C PRO G 33 67.39 -15.64 -7.28
N GLY G 34 66.08 -15.43 -7.38
CA GLY G 34 65.52 -14.14 -7.64
C GLY G 34 65.36 -13.80 -9.11
N ALA G 35 65.87 -14.63 -10.00
CA ALA G 35 65.79 -14.37 -11.43
C ALA G 35 64.46 -14.86 -11.99
N SER G 36 64.38 -14.92 -13.31
CA SER G 36 63.17 -15.36 -14.00
C SER G 36 63.55 -16.32 -15.12
N VAL G 37 62.65 -17.28 -15.38
CA VAL G 37 62.89 -18.35 -16.35
C VAL G 37 61.73 -18.40 -17.32
N LYS G 38 62.02 -18.33 -18.62
CA LYS G 38 61.04 -18.65 -19.64
C LYS G 38 61.41 -19.95 -20.33
N VAL G 39 60.44 -20.85 -20.45
CA VAL G 39 60.64 -22.18 -21.02
C VAL G 39 59.70 -22.32 -22.21
N SER G 40 60.24 -22.74 -23.35
CA SER G 40 59.41 -22.97 -24.53
C SER G 40 58.94 -24.42 -24.58
N CYS G 41 57.81 -24.62 -25.26
CA CYS G 41 57.31 -25.96 -25.53
C CYS G 41 56.70 -25.94 -26.93
N LYS G 42 57.42 -26.52 -27.88
CA LYS G 42 57.02 -26.55 -29.29
C LYS G 42 56.26 -27.84 -29.54
N ALA G 43 54.98 -27.73 -29.89
CA ALA G 43 54.19 -28.93 -30.14
C ALA G 43 54.39 -29.42 -31.56
N SER G 44 54.21 -30.73 -31.75
CA SER G 44 54.40 -31.31 -33.07
C SER G 44 53.47 -32.51 -33.23
N GLY G 45 52.92 -32.63 -34.44
CA GLY G 45 52.14 -33.79 -34.82
C GLY G 45 50.64 -33.60 -34.83
N TYR G 46 50.13 -32.48 -34.36
CA TYR G 46 48.69 -32.28 -34.30
C TYR G 46 48.41 -30.78 -34.42
N ARG G 47 47.17 -30.47 -34.78
CA ARG G 47 46.75 -29.07 -34.80
C ARG G 47 46.61 -28.54 -33.39
N PHE G 48 47.43 -27.53 -33.08
CA PHE G 48 47.71 -27.15 -31.69
C PHE G 48 46.50 -26.53 -30.99
N THR G 49 45.52 -26.07 -31.75
CA THR G 49 44.35 -25.45 -31.15
C THR G 49 43.43 -26.49 -30.49
N ASP G 50 43.61 -27.77 -30.80
CA ASP G 50 42.62 -28.78 -30.40
C ASP G 50 42.70 -29.14 -28.92
N HIS G 51 43.86 -29.02 -28.29
CA HIS G 51 44.03 -29.58 -26.96
C HIS G 51 44.60 -28.56 -25.98
N TYR G 52 44.20 -28.70 -24.72
CA TYR G 52 44.70 -27.86 -23.65
C TYR G 52 46.16 -28.19 -23.38
N ILE G 53 46.86 -27.28 -22.71
CA ILE G 53 48.25 -27.53 -22.35
C ILE G 53 48.42 -27.37 -20.85
N HIS G 54 48.91 -28.41 -20.19
CA HIS G 54 49.22 -28.35 -18.78
C HIS G 54 50.72 -28.50 -18.59
N TRP G 55 51.19 -28.11 -17.41
CA TRP G 55 52.60 -28.25 -17.09
C TRP G 55 52.76 -28.85 -15.72
N VAL G 56 53.77 -29.72 -15.59
CA VAL G 56 54.00 -30.47 -14.37
C VAL G 56 55.42 -30.24 -13.89
N ARG G 57 55.57 -29.82 -12.63
CA ARG G 57 56.89 -29.77 -12.02
C ARG G 57 57.18 -31.09 -11.31
N GLN G 58 58.47 -31.35 -11.11
CA GLN G 58 58.89 -32.55 -10.39
C GLN G 58 60.20 -32.21 -9.68
N ALA G 59 60.13 -32.04 -8.37
CA ALA G 59 61.33 -31.86 -7.58
C ALA G 59 62.12 -33.17 -7.56
N PRO G 60 63.45 -33.09 -7.47
CA PRO G 60 64.25 -34.33 -7.43
C PRO G 60 64.01 -35.12 -6.15
N GLY G 61 63.86 -36.42 -6.32
CA GLY G 61 63.45 -37.28 -5.21
C GLY G 61 62.04 -36.99 -4.74
N GLN G 62 61.17 -36.60 -5.66
CA GLN G 62 59.82 -36.16 -5.31
C GLN G 62 58.94 -36.35 -6.54
N GLY G 63 57.64 -36.53 -6.32
CA GLY G 63 56.71 -36.80 -7.39
C GLY G 63 56.34 -35.56 -8.18
N PRO G 64 55.17 -35.62 -8.81
CA PRO G 64 54.76 -34.53 -9.69
C PRO G 64 54.32 -33.30 -8.91
N GLU G 65 54.21 -32.19 -9.63
CA GLU G 65 53.73 -30.94 -9.05
C GLU G 65 53.01 -30.16 -10.15
N TRP G 66 51.72 -29.95 -9.96
CA TRP G 66 50.91 -29.25 -10.95
C TRP G 66 50.95 -27.75 -10.71
N MET G 67 51.11 -26.99 -11.79
CA MET G 67 51.04 -25.53 -11.73
C MET G 67 49.70 -25.01 -12.19
N GLY G 68 49.29 -25.39 -13.40
CA GLY G 68 48.09 -24.82 -13.96
C GLY G 68 47.85 -25.38 -15.34
N TRP G 69 47.10 -24.62 -16.12
CA TRP G 69 46.82 -24.99 -17.49
C TRP G 69 46.58 -23.74 -18.31
N ILE G 70 46.67 -23.91 -19.62
CA ILE G 70 46.38 -22.84 -20.57
C ILE G 70 45.51 -23.40 -21.69
N ASN G 71 44.47 -22.64 -22.01
CA ASN G 71 43.66 -22.83 -23.21
C ASN G 71 44.45 -22.30 -24.41
N THR G 72 44.79 -23.19 -25.34
CA THR G 72 45.54 -22.76 -26.51
C THR G 72 44.67 -21.99 -27.49
N SER G 73 43.35 -22.14 -27.38
CA SER G 73 42.46 -21.48 -28.33
C SER G 73 42.36 -19.99 -28.05
N SER G 74 42.45 -19.60 -26.78
CA SER G 74 42.17 -18.23 -26.42
C SER G 74 43.15 -17.63 -25.43
N GLY G 75 44.12 -18.39 -24.93
CA GLY G 75 45.05 -17.85 -23.96
C GLY G 75 44.54 -17.79 -22.54
N ARG G 76 43.33 -18.29 -22.28
CA ARG G 76 42.83 -18.35 -20.92
C ARG G 76 43.61 -19.39 -20.13
N SER G 77 43.98 -19.02 -18.91
CA SER G 77 44.87 -19.85 -18.13
C SER G 77 44.39 -19.89 -16.69
N ASN G 78 44.80 -20.93 -15.98
CA ASN G 78 44.51 -21.06 -14.56
C ASN G 78 45.70 -21.65 -13.85
N PHE G 79 45.72 -21.48 -12.54
CA PHE G 79 46.91 -21.68 -11.72
C PHE G 79 46.60 -22.52 -10.50
N ALA G 80 47.66 -23.04 -9.88
CA ALA G 80 47.58 -23.44 -8.49
C ALA G 80 47.62 -22.21 -7.60
N GLN G 81 47.15 -22.36 -6.37
CA GLN G 81 47.01 -21.20 -5.49
C GLN G 81 48.35 -20.72 -4.97
N LYS G 82 49.35 -21.60 -4.91
CA LYS G 82 50.67 -21.18 -4.46
C LYS G 82 51.54 -20.69 -5.60
N PHE G 83 51.06 -20.82 -6.84
CA PHE G 83 51.78 -20.33 -8.00
C PHE G 83 51.17 -19.07 -8.58
N GLN G 84 50.33 -18.39 -7.80
CA GLN G 84 49.66 -17.19 -8.29
C GLN G 84 50.63 -16.03 -8.37
N GLY G 85 50.65 -15.35 -9.50
CA GLY G 85 51.50 -14.19 -9.71
C GLY G 85 52.91 -14.48 -10.17
N ARG G 86 53.54 -15.52 -9.62
CA ARG G 86 54.90 -15.86 -9.98
C ARG G 86 54.98 -16.44 -11.38
N VAL G 87 53.90 -17.06 -11.84
CA VAL G 87 53.87 -17.77 -13.11
C VAL G 87 52.98 -17.00 -14.08
N THR G 88 53.36 -17.00 -15.36
CA THR G 88 52.49 -16.62 -16.46
C THR G 88 52.65 -17.64 -17.58
N MET G 89 51.57 -17.87 -18.30
CA MET G 89 51.61 -18.72 -19.47
C MET G 89 51.18 -17.95 -20.71
N THR G 90 51.87 -18.22 -21.82
CA THR G 90 51.47 -17.68 -23.12
C THR G 90 51.53 -18.81 -24.13
N ARG G 91 50.94 -18.58 -25.29
CA ARG G 91 51.01 -19.55 -26.39
C ARG G 91 50.74 -18.81 -27.69
N ASP G 92 51.10 -19.47 -28.80
CA ASP G 92 50.55 -19.10 -30.10
C ASP G 92 50.45 -20.33 -30.99
N THR G 93 49.30 -20.49 -31.65
CA THR G 93 49.11 -21.60 -32.56
C THR G 93 49.68 -21.34 -33.94
N SER G 94 50.22 -20.13 -34.16
CA SER G 94 50.84 -19.80 -35.44
C SER G 94 52.11 -20.61 -35.67
N ILE G 95 52.82 -20.95 -34.60
CA ILE G 95 54.04 -21.75 -34.71
C ILE G 95 53.95 -22.95 -33.81
N SER G 96 52.78 -23.12 -33.17
CA SER G 96 52.44 -24.26 -32.32
C SER G 96 53.42 -24.41 -31.15
N THR G 97 53.44 -23.40 -30.30
CA THR G 97 54.28 -23.46 -29.10
C THR G 97 53.62 -22.66 -27.99
N ALA G 98 54.07 -22.95 -26.77
CA ALA G 98 53.60 -22.29 -25.56
C ALA G 98 54.79 -21.99 -24.67
N TYR G 99 54.77 -20.82 -24.03
CA TYR G 99 55.89 -20.31 -23.24
C TYR G 99 55.47 -20.22 -21.79
N MET G 100 56.22 -20.89 -20.92
CA MET G 100 56.05 -20.73 -19.49
C MET G 100 56.97 -19.64 -19.01
N GLU G 101 56.56 -18.94 -17.95
CA GLU G 101 57.41 -17.90 -17.39
C GLU G 101 57.23 -17.91 -15.88
N LEU G 102 58.29 -18.25 -15.15
CA LEU G 102 58.29 -18.21 -13.70
C LEU G 102 59.18 -17.06 -13.25
N ASN G 103 58.66 -16.22 -12.38
CA ASN G 103 59.35 -15.03 -11.91
C ASN G 103 59.73 -15.18 -10.45
N ARG G 104 60.89 -14.61 -10.09
CA ARG G 104 61.42 -14.53 -8.73
C ARG G 104 61.61 -15.93 -8.13
N LEU G 105 62.55 -16.66 -8.73
CA LEU G 105 62.77 -18.05 -8.37
C LEU G 105 63.37 -18.18 -6.97
N LYS G 106 63.08 -19.31 -6.35
CA LYS G 106 63.60 -19.65 -5.03
C LYS G 106 64.49 -20.89 -5.14
N SER G 107 65.00 -21.32 -3.99
CA SER G 107 65.93 -22.46 -3.97
C SER G 107 65.20 -23.77 -4.28
N ASP G 108 63.92 -23.86 -3.90
CA ASP G 108 63.16 -25.08 -4.15
C ASP G 108 62.68 -25.21 -5.59
N ASP G 109 62.84 -24.17 -6.40
CA ASP G 109 62.31 -24.17 -7.76
C ASP G 109 63.16 -24.98 -8.73
N THR G 110 64.32 -25.48 -8.29
CA THR G 110 65.11 -26.43 -9.07
C THR G 110 64.30 -27.71 -9.25
N ALA G 111 63.86 -27.98 -10.47
CA ALA G 111 62.97 -29.11 -10.74
C ALA G 111 63.05 -29.50 -12.20
N VAL G 112 62.50 -30.67 -12.49
CA VAL G 112 62.29 -31.10 -13.86
C VAL G 112 60.88 -30.68 -14.28
N TYR G 113 60.79 -30.07 -15.44
CA TYR G 113 59.57 -29.43 -15.90
C TYR G 113 59.07 -30.18 -17.13
N TYR G 114 57.76 -30.44 -17.17
CA TYR G 114 57.15 -31.28 -18.19
C TYR G 114 56.00 -30.55 -18.86
N CYS G 115 56.00 -30.57 -20.19
CA CYS G 115 54.91 -30.07 -21.00
C CYS G 115 53.97 -31.23 -21.30
N THR G 116 52.67 -31.05 -21.05
CA THR G 116 51.72 -32.13 -21.27
C THR G 116 50.55 -31.63 -22.09
N THR G 117 50.12 -32.49 -23.01
CA THR G 117 48.90 -32.29 -23.78
C THR G 117 47.71 -32.66 -22.91
N GLY G 118 46.79 -31.71 -22.74
CA GLY G 118 45.57 -31.97 -22.00
C GLY G 118 44.51 -32.64 -22.86
N SER G 119 43.28 -32.56 -22.38
CA SER G 119 42.16 -33.12 -23.11
C SER G 119 41.82 -32.25 -24.31
N TRP G 120 40.89 -32.75 -25.13
CA TRP G 120 40.46 -32.01 -26.30
C TRP G 120 39.63 -30.81 -25.90
N ILE G 121 39.83 -29.70 -26.61
CA ILE G 121 39.13 -28.46 -26.30
C ILE G 121 37.79 -28.48 -27.00
N SER G 122 36.72 -28.41 -26.22
CA SER G 122 35.37 -28.32 -26.75
C SER G 122 34.87 -26.90 -26.64
N LEU G 123 33.72 -26.67 -27.28
CA LEU G 123 33.06 -25.38 -27.20
C LEU G 123 31.98 -25.35 -26.13
N TYR G 124 31.51 -26.51 -25.68
CA TYR G 124 30.27 -26.57 -24.92
C TYR G 124 30.41 -27.17 -23.53
N TYR G 125 31.61 -27.60 -23.12
CA TYR G 125 31.79 -28.06 -21.75
C TYR G 125 33.20 -27.78 -21.30
N ASP G 126 33.35 -27.47 -20.02
CA ASP G 126 34.65 -27.17 -19.42
C ASP G 126 35.39 -28.47 -19.19
N SER G 127 36.21 -28.85 -20.15
CA SER G 127 37.06 -30.02 -20.03
C SER G 127 38.51 -29.67 -19.71
N SER G 128 38.77 -28.41 -19.35
CA SER G 128 40.15 -27.99 -19.08
C SER G 128 40.68 -28.64 -17.81
N GLY G 129 39.80 -28.99 -16.88
CA GLY G 129 40.21 -29.65 -15.66
C GLY G 129 40.36 -31.15 -15.77
N TYR G 130 40.29 -31.70 -16.97
CA TYR G 130 40.40 -33.14 -17.13
C TYR G 130 41.85 -33.57 -16.95
N PRO G 131 42.14 -34.52 -16.06
CA PRO G 131 43.52 -34.95 -15.82
C PRO G 131 44.01 -36.03 -16.80
N ASN G 132 43.74 -35.81 -18.09
CA ASN G 132 44.14 -36.75 -19.13
C ASN G 132 45.38 -36.19 -19.84
N PHE G 133 46.52 -36.37 -19.21
CA PHE G 133 47.79 -35.90 -19.77
C PHE G 133 48.29 -36.99 -20.71
N ASP G 134 47.83 -36.91 -21.96
CA ASP G 134 47.97 -38.00 -22.91
C ASP G 134 49.41 -38.18 -23.35
N TYR G 135 50.09 -37.09 -23.64
CA TYR G 135 51.46 -37.13 -24.15
C TYR G 135 52.32 -36.16 -23.36
N TRP G 136 53.60 -36.46 -23.30
CA TRP G 136 54.52 -35.75 -22.43
C TRP G 136 55.70 -35.23 -23.23
N GLY G 137 56.20 -34.07 -22.82
CA GLY G 137 57.45 -33.56 -23.35
C GLY G 137 58.62 -34.30 -22.75
N GLN G 138 59.80 -34.00 -23.27
CA GLN G 138 61.01 -34.69 -22.82
C GLN G 138 61.49 -34.22 -21.46
N GLY G 139 60.95 -33.14 -20.93
CA GLY G 139 61.38 -32.60 -19.66
C GLY G 139 62.54 -31.62 -19.83
N THR G 140 62.67 -30.74 -18.86
CA THR G 140 63.81 -29.84 -18.84
C THR G 140 64.20 -29.59 -17.39
N LEU G 141 65.42 -29.12 -17.18
CA LEU G 141 65.96 -28.93 -15.84
C LEU G 141 66.09 -27.45 -15.56
N VAL G 142 65.47 -27.00 -14.47
CA VAL G 142 65.67 -25.65 -13.98
C VAL G 142 66.40 -25.72 -12.65
N THR G 143 67.64 -25.23 -12.63
CA THR G 143 68.50 -25.33 -11.46
C THR G 143 68.81 -23.93 -10.94
N VAL G 144 68.66 -23.77 -9.64
CA VAL G 144 68.81 -22.51 -8.95
C VAL G 144 70.04 -22.60 -8.06
N THR G 145 71.05 -21.79 -8.37
CA THR G 145 72.32 -21.84 -7.66
C THR G 145 72.25 -21.04 -6.37
N THR H 5 48.94 -38.45 -0.11
CA THR H 5 47.73 -39.25 0.08
C THR H 5 47.85 -40.58 -0.67
N GLN H 6 48.96 -41.28 -0.45
CA GLN H 6 49.24 -42.49 -1.18
C GLN H 6 50.22 -43.33 -0.36
N PRO H 7 50.03 -44.65 -0.30
CA PRO H 7 51.01 -45.50 0.38
C PRO H 7 52.38 -45.47 -0.29
N ALA H 8 53.42 -45.52 0.54
CA ALA H 8 54.78 -45.20 0.09
C ALA H 8 55.34 -46.30 -0.79
N SER H 9 55.13 -47.56 -0.42
CA SER H 9 55.76 -48.65 -1.15
C SER H 9 54.84 -49.86 -1.16
N VAL H 10 55.10 -50.75 -2.12
CA VAL H 10 54.37 -52.00 -2.24
C VAL H 10 55.34 -53.04 -2.78
N SER H 11 55.11 -54.30 -2.43
CA SER H 11 55.96 -55.39 -2.86
C SER H 11 55.11 -56.52 -3.40
N GLY H 12 55.73 -57.36 -4.24
CA GLY H 12 55.02 -58.49 -4.82
C GLY H 12 55.90 -59.31 -5.74
N SER H 13 55.71 -60.63 -5.73
CA SER H 13 56.43 -61.51 -6.62
C SER H 13 55.94 -61.31 -8.04
N PRO H 14 56.77 -61.65 -9.04
CA PRO H 14 56.27 -61.66 -10.42
C PRO H 14 55.18 -62.69 -10.63
N GLY H 15 54.15 -62.30 -11.37
CA GLY H 15 53.01 -63.16 -11.67
C GLY H 15 51.79 -62.96 -10.80
N GLN H 16 51.98 -62.52 -9.56
CA GLN H 16 50.83 -62.31 -8.70
C GLN H 16 50.28 -60.89 -8.85
N PRO H 17 48.98 -60.70 -8.65
CA PRO H 17 48.42 -59.34 -8.72
C PRO H 17 48.53 -58.58 -7.40
N ILE H 18 48.53 -57.26 -7.54
CA ILE H 18 48.56 -56.34 -6.39
C ILE H 18 47.58 -55.21 -6.67
N THR H 19 47.38 -54.35 -5.67
CA THR H 19 46.61 -53.12 -5.83
C THR H 19 47.40 -51.95 -5.25
N ILE H 20 47.22 -50.77 -5.86
CA ILE H 20 47.76 -49.52 -5.36
C ILE H 20 46.59 -48.62 -5.05
N SER H 21 46.53 -48.10 -3.83
CA SER H 21 45.38 -47.33 -3.39
C SER H 21 45.69 -45.84 -3.34
N CYS H 22 44.64 -45.04 -3.48
CA CYS H 22 44.70 -43.61 -3.22
C CYS H 22 43.40 -43.19 -2.57
N THR H 23 43.52 -42.37 -1.53
CA THR H 23 42.35 -41.91 -0.80
C THR H 23 42.42 -40.40 -0.67
N GLY H 24 41.33 -39.73 -1.03
CA GLY H 24 41.24 -38.28 -0.93
C GLY H 24 39.99 -37.88 -0.22
N THR H 25 39.41 -36.76 -0.62
CA THR H 25 38.20 -36.22 -0.03
C THR H 25 37.03 -36.50 -0.96
N SER H 26 35.87 -35.96 -0.59
CA SER H 26 34.73 -36.04 -1.49
C SER H 26 34.89 -35.08 -2.66
N TYR H 27 35.60 -33.97 -2.44
CA TYR H 27 35.74 -32.93 -3.45
C TYR H 27 36.56 -33.39 -4.65
N ASP H 28 37.63 -34.15 -4.41
CA ASP H 28 38.55 -34.54 -5.47
C ASP H 28 38.30 -35.96 -5.96
N VAL H 29 37.94 -36.87 -5.06
CA VAL H 29 37.72 -38.26 -5.43
C VAL H 29 36.24 -38.61 -5.44
N GLY H 30 35.52 -38.18 -4.39
CA GLY H 30 34.14 -38.60 -4.23
C GLY H 30 33.20 -38.01 -5.26
N ASN H 31 33.44 -36.77 -5.66
CA ASN H 31 32.50 -36.10 -6.57
C ASN H 31 32.62 -36.64 -7.99
N TYR H 32 33.84 -36.84 -8.47
CA TYR H 32 34.06 -37.10 -9.88
C TYR H 32 34.84 -38.38 -10.09
N ASP H 33 34.62 -39.00 -11.24
CA ASP H 33 35.39 -40.16 -11.66
C ASP H 33 36.63 -39.78 -12.45
N LEU H 34 36.90 -38.48 -12.59
CA LEU H 34 38.06 -38.01 -13.34
C LEU H 34 39.35 -38.26 -12.58
N VAL H 35 39.77 -39.51 -12.54
CA VAL H 35 40.98 -39.92 -11.84
C VAL H 35 41.86 -40.68 -12.81
N SER H 36 43.15 -40.40 -12.79
CA SER H 36 44.11 -40.96 -13.72
C SER H 36 45.27 -41.59 -12.95
N TRP H 37 45.92 -42.54 -13.59
CA TRP H 37 47.10 -43.19 -13.03
C TRP H 37 48.24 -43.07 -14.03
N TYR H 38 49.44 -42.87 -13.50
CA TYR H 38 50.64 -42.78 -14.33
C TYR H 38 51.75 -43.57 -13.67
N GLN H 39 52.72 -43.96 -14.47
CA GLN H 39 53.92 -44.60 -13.96
C GLN H 39 55.13 -43.79 -14.41
N GLN H 40 56.23 -43.98 -13.71
CA GLN H 40 57.45 -43.25 -14.01
C GLN H 40 58.62 -44.13 -13.58
N HIS H 41 59.43 -44.55 -14.54
CA HIS H 41 60.69 -45.17 -14.24
C HIS H 41 61.68 -44.09 -13.79
N PRO H 42 62.65 -44.45 -12.95
CA PRO H 42 63.68 -43.49 -12.56
C PRO H 42 64.52 -43.06 -13.76
N GLY H 43 64.87 -41.76 -13.79
CA GLY H 43 65.54 -41.20 -14.94
C GLY H 43 64.69 -41.14 -16.18
N ASN H 44 63.37 -41.08 -16.03
CA ASN H 44 62.46 -41.14 -17.16
C ASN H 44 61.28 -40.21 -16.90
N ALA H 45 60.66 -39.78 -18.00
CA ALA H 45 59.44 -39.00 -17.91
C ALA H 45 58.29 -39.87 -17.40
N PRO H 46 57.30 -39.28 -16.75
CA PRO H 46 56.12 -40.06 -16.35
C PRO H 46 55.35 -40.56 -17.56
N LYS H 47 54.74 -41.73 -17.40
CA LYS H 47 54.18 -42.46 -18.53
C LYS H 47 52.68 -42.65 -18.34
N TYR H 48 51.97 -42.61 -19.46
CA TYR H 48 50.51 -42.54 -19.51
C TYR H 48 49.93 -43.94 -19.32
N MET H 49 49.33 -44.19 -18.16
CA MET H 49 48.84 -45.51 -17.79
C MET H 49 47.33 -45.68 -17.81
N ILE H 50 46.59 -44.88 -17.04
CA ILE H 50 45.14 -45.00 -16.92
C ILE H 50 44.56 -43.60 -17.00
N TYR H 51 43.53 -43.41 -17.82
CA TYR H 51 42.96 -42.07 -17.95
C TYR H 51 41.61 -41.92 -17.26
N GLU H 52 40.66 -42.82 -17.52
CA GLU H 52 39.41 -42.74 -16.79
C GLU H 52 39.52 -43.49 -15.47
N VAL H 53 38.36 -43.70 -14.84
CA VAL H 53 38.35 -44.44 -13.59
C VAL H 53 38.62 -45.93 -13.84
N THR H 54 38.30 -46.44 -15.05
CA THR H 54 38.56 -47.82 -15.40
C THR H 54 39.17 -47.99 -16.78
N LYS H 55 39.06 -47.00 -17.66
CA LYS H 55 39.37 -47.20 -19.07
C LYS H 55 40.87 -47.20 -19.30
N ARG H 56 41.33 -48.12 -20.14
CA ARG H 56 42.73 -48.19 -20.52
C ARG H 56 42.95 -47.55 -21.88
N PRO H 57 44.04 -46.82 -22.06
CA PRO H 57 44.38 -46.33 -23.40
C PRO H 57 44.81 -47.46 -24.31
N ALA H 58 44.74 -47.19 -25.61
CA ALA H 58 45.24 -48.14 -26.60
C ALA H 58 46.75 -48.24 -26.49
N GLY H 59 47.26 -49.47 -26.59
CA GLY H 59 48.65 -49.74 -26.37
C GLY H 59 49.00 -50.16 -24.96
N ILE H 60 48.11 -49.92 -24.01
CA ILE H 60 48.32 -50.35 -22.63
C ILE H 60 47.80 -51.77 -22.48
N SER H 61 48.63 -52.65 -21.93
CA SER H 61 48.29 -54.06 -21.81
C SER H 61 47.25 -54.29 -20.72
N ASN H 62 46.84 -55.55 -20.59
CA ASN H 62 45.88 -55.97 -19.58
C ASN H 62 46.51 -56.23 -18.23
N ARG H 63 47.75 -55.75 -18.02
CA ARG H 63 48.40 -55.84 -16.73
C ARG H 63 47.68 -55.04 -15.67
N PHE H 64 47.07 -53.92 -16.03
CA PHE H 64 46.50 -52.99 -15.08
C PHE H 64 45.00 -52.83 -15.31
N SER H 65 44.31 -52.38 -14.26
CA SER H 65 42.90 -52.04 -14.34
C SER H 65 42.54 -51.03 -13.26
N GLY H 66 41.52 -50.22 -13.50
CA GLY H 66 41.13 -49.23 -12.52
C GLY H 66 39.90 -49.65 -11.71
N SER H 67 39.79 -49.09 -10.51
CA SER H 67 38.64 -49.36 -9.66
C SER H 67 38.45 -48.19 -8.71
N LYS H 68 37.22 -48.06 -8.21
CA LYS H 68 36.88 -46.98 -7.30
C LYS H 68 35.84 -47.47 -6.32
N SER H 69 36.05 -47.13 -5.04
CA SER H 69 35.09 -47.47 -4.00
C SER H 69 34.93 -46.24 -3.12
N GLY H 70 33.82 -45.53 -3.29
CA GLY H 70 33.44 -44.45 -2.39
C GLY H 70 34.41 -43.28 -2.43
N ASN H 71 35.17 -43.15 -1.35
CA ASN H 71 36.12 -42.05 -1.22
C ASN H 71 37.52 -42.43 -1.69
N THR H 72 37.74 -43.67 -2.15
CA THR H 72 39.07 -44.06 -2.56
C THR H 72 39.03 -44.74 -3.92
N ALA H 73 40.21 -44.88 -4.52
CA ALA H 73 40.36 -45.55 -5.81
C ALA H 73 41.60 -46.42 -5.75
N SER H 74 41.71 -47.32 -6.72
CA SER H 74 42.81 -48.28 -6.70
C SER H 74 43.13 -48.75 -8.12
N LEU H 75 44.41 -48.87 -8.38
CA LEU H 75 44.93 -49.47 -9.60
C LEU H 75 45.30 -50.91 -9.30
N THR H 76 44.58 -51.85 -9.87
CA THR H 76 44.87 -53.26 -9.68
C THR H 76 45.79 -53.75 -10.80
N ILE H 77 46.99 -54.16 -10.42
CA ILE H 77 47.98 -54.70 -11.33
C ILE H 77 47.79 -56.22 -11.36
N SER H 78 47.22 -56.71 -12.45
CA SER H 78 46.86 -58.13 -12.58
C SER H 78 48.08 -58.90 -13.05
N GLY H 79 48.75 -59.58 -12.12
CA GLY H 79 50.03 -60.19 -12.40
C GLY H 79 51.15 -59.19 -12.25
N LEU H 80 52.37 -59.69 -12.28
CA LEU H 80 53.53 -58.83 -12.09
C LEU H 80 54.71 -59.33 -12.88
N GLN H 81 55.61 -58.39 -13.19
CA GLN H 81 56.91 -58.67 -13.76
C GLN H 81 57.87 -57.59 -13.25
N ALA H 82 59.16 -57.72 -13.60
CA ALA H 82 60.16 -56.79 -13.10
C ALA H 82 59.99 -55.39 -13.69
N GLU H 83 59.47 -55.31 -14.92
CA GLU H 83 59.26 -54.02 -15.59
C GLU H 83 58.24 -53.15 -14.87
N ASP H 84 57.36 -53.74 -14.07
CA ASP H 84 56.43 -52.99 -13.23
C ASP H 84 57.06 -52.48 -11.94
N ALA H 85 58.39 -52.47 -11.83
CA ALA H 85 59.06 -51.96 -10.64
C ALA H 85 59.19 -50.45 -10.61
N ALA H 86 58.58 -49.74 -11.56
CA ALA H 86 58.66 -48.29 -11.60
C ALA H 86 57.76 -47.67 -10.53
N ASP H 87 57.92 -46.36 -10.34
CA ASP H 87 57.07 -45.63 -9.42
C ASP H 87 55.70 -45.41 -10.06
N TYR H 88 54.68 -45.31 -9.22
CA TYR H 88 53.32 -45.12 -9.70
C TYR H 88 52.67 -43.96 -8.97
N TYR H 89 51.82 -43.23 -9.69
CA TYR H 89 51.20 -42.01 -9.19
C TYR H 89 49.73 -42.01 -9.58
N CYS H 90 48.92 -41.44 -8.71
CA CYS H 90 47.52 -41.19 -9.03
C CYS H 90 47.27 -39.69 -9.03
N CYS H 91 46.34 -39.27 -9.88
CA CYS H 91 46.07 -37.87 -10.16
C CYS H 91 44.58 -37.69 -10.26
N SER H 92 44.09 -36.51 -9.90
CA SER H 92 42.65 -36.29 -9.87
C SER H 92 42.30 -34.83 -10.06
N TYR H 93 41.16 -34.61 -10.70
CA TYR H 93 40.53 -33.30 -10.69
C TYR H 93 40.03 -33.01 -9.28
N ALA H 94 40.40 -31.84 -8.76
CA ALA H 94 40.13 -31.51 -7.37
C ALA H 94 39.14 -30.36 -7.25
N GLY H 95 38.36 -30.12 -8.29
CA GLY H 95 37.39 -29.04 -8.25
C GLY H 95 37.99 -27.68 -8.50
N SER H 96 37.17 -26.74 -8.98
CA SER H 96 37.56 -25.35 -9.24
C SER H 96 38.74 -25.25 -10.20
N SER H 97 38.74 -26.11 -11.22
CA SER H 97 39.79 -26.20 -12.24
C SER H 97 41.17 -26.43 -11.63
N THR H 98 41.21 -27.28 -10.62
CA THR H 98 42.46 -27.65 -9.95
C THR H 98 42.71 -29.14 -10.11
N VAL H 99 43.98 -29.47 -10.31
CA VAL H 99 44.42 -30.83 -10.57
C VAL H 99 45.50 -31.19 -9.56
N ILE H 100 45.31 -32.28 -8.83
CA ILE H 100 46.21 -32.67 -7.76
C ILE H 100 46.74 -34.08 -8.01
N PHE H 101 47.79 -34.43 -7.29
CA PHE H 101 48.42 -35.73 -7.37
C PHE H 101 48.44 -36.38 -5.99
N GLY H 102 48.38 -37.72 -5.98
CA GLY H 102 48.33 -38.45 -4.72
C GLY H 102 49.64 -38.49 -3.97
N GLY H 103 50.76 -38.57 -4.67
CA GLY H 103 52.05 -38.53 -4.01
C GLY H 103 53.05 -39.60 -4.44
N GLY H 104 52.60 -40.83 -4.65
CA GLY H 104 53.51 -41.83 -5.14
C GLY H 104 53.53 -43.17 -4.41
N THR H 105 53.97 -44.21 -5.14
CA THR H 105 54.17 -45.54 -4.59
C THR H 105 55.29 -46.23 -5.34
N LYS H 106 56.30 -46.70 -4.61
CA LYS H 106 57.41 -47.46 -5.19
C LYS H 106 57.02 -48.92 -5.21
N VAL H 107 56.96 -49.50 -6.40
CA VAL H 107 56.67 -50.92 -6.53
C VAL H 107 57.99 -51.70 -6.48
N THR H 108 58.09 -52.63 -5.53
CA THR H 108 59.30 -53.42 -5.31
C THR H 108 59.01 -54.85 -5.75
N VAL H 109 59.31 -55.15 -7.01
CA VAL H 109 59.01 -56.47 -7.56
C VAL H 109 60.04 -57.47 -7.04
N LEU H 110 59.57 -58.54 -6.43
CA LEU H 110 60.44 -59.53 -5.80
C LEU H 110 60.91 -60.55 -6.82
N ASN I 25 -40.75 -50.56 11.38
CA ASN I 25 -40.64 -50.52 12.84
C ASN I 25 -40.01 -49.19 13.26
N LEU I 26 -38.71 -49.22 13.54
CA LEU I 26 -38.00 -48.02 13.97
C LEU I 26 -37.77 -47.07 12.80
N TRP I 27 -37.79 -45.78 13.12
CA TRP I 27 -37.63 -44.74 12.11
C TRP I 27 -36.55 -43.78 12.56
N VAL I 28 -35.69 -43.37 11.64
CA VAL I 28 -34.71 -42.33 11.92
C VAL I 28 -35.44 -40.99 12.00
N THR I 29 -34.91 -40.08 12.82
CA THR I 29 -35.40 -38.72 12.94
C THR I 29 -34.20 -37.81 13.12
N VAL I 30 -34.32 -36.58 12.62
CA VAL I 30 -33.27 -35.59 12.75
C VAL I 30 -33.82 -34.37 13.47
N TYR I 31 -32.98 -33.78 14.31
CA TYR I 31 -33.36 -32.68 15.18
C TYR I 31 -32.46 -31.49 14.88
N TYR I 32 -33.06 -30.30 14.84
CA TYR I 32 -32.34 -29.07 14.56
C TYR I 32 -32.20 -28.27 15.84
N GLY I 33 -30.98 -27.89 16.17
CA GLY I 33 -30.71 -27.18 17.40
C GLY I 33 -30.21 -28.04 18.54
N VAL I 34 -29.53 -29.13 18.25
CA VAL I 34 -29.02 -30.00 19.32
C VAL I 34 -27.83 -29.32 19.99
N PRO I 35 -27.59 -29.55 21.27
CA PRO I 35 -26.43 -28.94 21.92
C PRO I 35 -25.17 -29.81 21.92
N VAL I 36 -24.55 -29.94 20.76
CA VAL I 36 -23.24 -30.59 20.63
C VAL I 36 -22.28 -29.63 19.96
N TRP I 37 -20.99 -29.92 20.08
CA TRP I 37 -19.98 -29.07 19.48
C TRP I 37 -18.80 -29.90 19.03
N LYS I 38 -17.79 -29.23 18.48
CA LYS I 38 -16.58 -29.89 18.03
C LYS I 38 -15.43 -28.90 18.08
N GLU I 39 -14.21 -29.40 18.22
CA GLU I 39 -13.04 -28.55 18.15
C GLU I 39 -12.82 -28.03 16.74
N ALA I 40 -12.52 -26.74 16.65
CA ALA I 40 -12.32 -26.09 15.36
C ALA I 40 -11.47 -24.84 15.56
N LYS I 41 -10.96 -24.33 14.44
CA LYS I 41 -10.28 -23.05 14.41
C LYS I 41 -11.12 -22.03 13.65
N THR I 42 -11.12 -20.79 14.13
CA THR I 42 -11.87 -19.75 13.47
C THR I 42 -11.22 -18.40 13.77
N THR I 43 -11.64 -17.38 13.04
CA THR I 43 -11.07 -16.05 13.15
C THR I 43 -11.92 -15.24 14.12
N LEU I 44 -11.39 -15.01 15.31
CA LEU I 44 -12.10 -14.21 16.29
C LEU I 44 -11.94 -12.73 15.95
N PHE I 45 -12.71 -11.88 16.64
CA PHE I 45 -12.62 -10.45 16.37
C PHE I 45 -12.71 -9.65 17.65
N CYS I 46 -12.20 -8.43 17.58
CA CYS I 46 -12.03 -7.58 18.74
C CYS I 46 -13.34 -6.94 19.19
N ALA I 47 -13.36 -6.56 20.45
CA ALA I 47 -14.49 -5.86 21.06
C ALA I 47 -13.99 -5.16 22.30
N SER I 48 -14.08 -3.83 22.32
CA SER I 48 -13.59 -3.05 23.44
C SER I 48 -14.62 -3.00 24.55
N ASP I 49 -14.37 -2.15 25.54
CA ASP I 49 -15.25 -2.02 26.69
C ASP I 49 -16.20 -0.86 26.59
N ALA I 50 -16.42 -0.32 25.37
CA ALA I 50 -17.35 0.76 25.08
C ALA I 50 -17.04 2.04 25.85
N ARG I 51 -15.77 2.30 26.12
CA ARG I 51 -15.39 3.53 26.80
C ARG I 51 -15.25 4.65 25.77
N ALA I 52 -15.08 5.87 26.28
CA ALA I 52 -15.00 7.06 25.45
C ALA I 52 -13.58 7.19 24.90
N TYR I 53 -13.33 6.54 23.76
CA TYR I 53 -12.04 6.61 23.09
C TYR I 53 -12.01 7.63 21.97
N GLU I 54 -13.06 8.42 21.81
CA GLU I 54 -13.09 9.45 20.79
C GLU I 54 -12.20 10.64 21.13
N LYS I 55 -11.77 10.76 22.38
CA LYS I 55 -10.84 11.81 22.76
C LYS I 55 -9.49 11.64 22.09
N GLU I 56 -9.01 10.40 22.00
CA GLU I 56 -7.74 10.08 21.32
C GLU I 56 -7.94 8.75 20.62
N VAL I 57 -8.21 8.79 19.32
CA VAL I 57 -8.38 7.58 18.55
C VAL I 57 -7.05 6.99 18.12
N HIS I 58 -5.95 7.65 18.44
CA HIS I 58 -4.63 7.23 18.00
C HIS I 58 -3.92 6.38 19.03
N ASN I 59 -4.65 5.60 19.81
CA ASN I 59 -4.01 4.54 20.59
C ASN I 59 -3.41 3.52 19.63
N VAL I 60 -2.28 2.94 20.01
CA VAL I 60 -1.54 2.10 19.09
C VAL I 60 -2.24 0.76 18.88
N TRP I 61 -3.12 0.38 19.79
CA TRP I 61 -3.83 -0.87 19.61
C TRP I 61 -5.18 -0.70 18.91
N ALA I 62 -5.48 0.52 18.44
CA ALA I 62 -6.58 0.81 17.52
C ALA I 62 -7.93 0.34 18.06
N THR I 63 -8.11 0.48 19.37
CA THR I 63 -9.24 -0.13 20.05
C THR I 63 -10.56 0.60 19.79
N HIS I 64 -10.51 1.75 19.15
CA HIS I 64 -11.74 2.48 18.85
C HIS I 64 -12.55 1.78 17.76
N ALA I 65 -11.88 1.03 16.88
CA ALA I 65 -12.57 0.41 15.77
C ALA I 65 -13.33 -0.85 16.17
N CYS I 66 -13.14 -1.34 17.38
CA CYS I 66 -13.80 -2.57 17.79
C CYS I 66 -15.27 -2.33 18.09
N VAL I 67 -16.03 -3.42 18.12
CA VAL I 67 -17.46 -3.38 18.44
C VAL I 67 -17.62 -3.13 19.93
N PRO I 68 -18.47 -2.18 20.34
CA PRO I 68 -18.69 -1.95 21.78
C PRO I 68 -19.50 -3.08 22.39
N THR I 69 -19.00 -3.64 23.50
CA THR I 69 -19.74 -4.63 24.28
C THR I 69 -20.72 -3.88 25.19
N ASP I 70 -21.92 -3.68 24.66
CA ASP I 70 -22.94 -2.96 25.42
C ASP I 70 -23.48 -3.74 26.61
N PRO I 71 -24.09 -4.94 26.48
CA PRO I 71 -24.79 -5.51 27.63
C PRO I 71 -23.85 -6.28 28.54
N SER I 72 -24.44 -6.93 29.53
CA SER I 72 -23.72 -7.84 30.39
C SER I 72 -23.30 -9.09 29.60
N PRO I 73 -22.20 -9.74 29.99
CA PRO I 73 -21.79 -10.96 29.30
C PRO I 73 -22.73 -12.12 29.56
N GLN I 74 -22.51 -13.20 28.81
CA GLN I 74 -23.29 -14.43 28.99
C GLN I 74 -22.54 -15.32 29.96
N GLU I 75 -22.99 -15.32 31.22
CA GLU I 75 -22.34 -16.08 32.28
C GLU I 75 -22.96 -17.47 32.44
N LEU I 76 -23.38 -18.08 31.35
CA LEU I 76 -24.12 -19.34 31.42
C LEU I 76 -23.18 -20.49 31.73
N VAL I 77 -23.24 -20.96 32.97
CA VAL I 77 -22.52 -22.17 33.36
C VAL I 77 -23.34 -23.38 32.90
N LEU I 78 -22.65 -24.40 32.42
CA LEU I 78 -23.36 -25.53 31.82
C LEU I 78 -23.85 -26.51 32.88
N GLY I 79 -22.93 -27.08 33.65
CA GLY I 79 -23.29 -28.12 34.59
C GLY I 79 -23.31 -29.49 33.94
N ASN I 80 -22.82 -30.50 34.67
CA ASN I 80 -22.69 -31.90 34.24
C ASN I 80 -21.83 -32.03 32.98
N VAL I 81 -20.83 -31.15 32.82
CA VAL I 81 -20.04 -31.08 31.61
C VAL I 81 -18.57 -31.19 31.97
N THR I 82 -17.88 -32.15 31.35
CA THR I 82 -16.43 -32.30 31.49
C THR I 82 -15.80 -32.19 30.11
N GLU I 83 -14.70 -31.44 30.02
CA GLU I 83 -14.06 -31.16 28.75
C GLU I 83 -12.56 -31.07 28.95
N ASN I 84 -11.82 -31.61 27.98
CA ASN I 84 -10.37 -31.57 28.00
C ASN I 84 -9.86 -30.27 27.40
N PHE I 85 -8.86 -29.69 28.05
CA PHE I 85 -8.29 -28.41 27.66
C PHE I 85 -6.78 -28.54 27.54
N ASN I 86 -6.21 -27.74 26.65
CA ASN I 86 -4.76 -27.69 26.44
C ASN I 86 -4.39 -26.25 26.12
N MET I 87 -3.74 -25.58 27.06
CA MET I 87 -3.37 -24.20 26.82
C MET I 87 -2.00 -24.06 26.20
N TRP I 88 -1.33 -25.16 25.86
CA TRP I 88 -0.14 -25.03 25.03
C TRP I 88 -0.45 -25.30 23.56
N LYS I 89 -1.59 -25.92 23.27
CA LYS I 89 -2.00 -26.16 21.90
C LYS I 89 -3.09 -25.21 21.43
N ASN I 90 -3.37 -24.15 22.19
CA ASN I 90 -4.44 -23.23 21.83
C ASN I 90 -4.07 -22.40 20.60
N ASP I 91 -5.01 -22.30 19.68
CA ASP I 91 -4.80 -21.54 18.45
C ASP I 91 -4.86 -20.03 18.67
N MET I 92 -5.61 -19.58 19.68
CA MET I 92 -5.93 -18.17 19.82
C MET I 92 -4.71 -17.33 20.15
N VAL I 93 -3.74 -17.91 20.87
CA VAL I 93 -2.57 -17.15 21.28
C VAL I 93 -1.69 -16.81 20.08
N ASP I 94 -1.59 -17.72 19.11
CA ASP I 94 -0.80 -17.42 17.92
C ASP I 94 -1.52 -16.41 17.04
N GLN I 95 -2.85 -16.50 16.96
CA GLN I 95 -3.63 -15.51 16.23
C GLN I 95 -3.46 -14.12 16.81
N MET I 96 -3.49 -14.00 18.14
CA MET I 96 -3.42 -12.67 18.72
C MET I 96 -1.98 -12.16 18.74
N HIS I 97 -0.99 -13.05 18.74
CA HIS I 97 0.40 -12.61 18.52
C HIS I 97 0.57 -12.03 17.12
N GLU I 98 -0.03 -12.70 16.12
CA GLU I 98 -0.01 -12.17 14.76
C GLU I 98 -0.76 -10.84 14.67
N ASP I 99 -1.86 -10.72 15.42
CA ASP I 99 -2.62 -9.48 15.43
C ASP I 99 -1.83 -8.33 16.03
N ILE I 100 -1.09 -8.59 17.10
CA ILE I 100 -0.27 -7.56 17.72
C ILE I 100 0.83 -7.12 16.77
N ILE I 101 1.46 -8.07 16.08
CA ILE I 101 2.48 -7.74 15.09
C ILE I 101 1.90 -6.91 13.94
N SER I 102 0.74 -7.31 13.45
CA SER I 102 0.09 -6.60 12.35
C SER I 102 -0.33 -5.19 12.76
N LEU I 103 -0.86 -5.04 13.98
CA LEU I 103 -1.22 -3.70 14.45
C LEU I 103 -0.01 -2.83 14.69
N TRP I 104 1.11 -3.41 15.11
CA TRP I 104 2.33 -2.64 15.25
C TRP I 104 2.81 -2.10 13.91
N ASP I 105 2.78 -2.96 12.88
CA ASP I 105 3.18 -2.52 11.55
C ASP I 105 2.19 -1.51 10.97
N GLN I 106 0.91 -1.70 11.27
CA GLN I 106 -0.12 -0.80 10.75
C GLN I 106 -0.05 0.57 11.38
N SER I 107 0.16 0.62 12.70
CA SER I 107 0.28 1.91 13.37
C SER I 107 1.59 2.59 13.03
N LEU I 108 2.65 1.83 12.80
CA LEU I 108 3.95 2.42 12.54
C LEU I 108 4.11 2.88 11.10
N LYS I 109 3.25 2.43 10.19
CA LYS I 109 3.45 2.68 8.77
C LYS I 109 3.39 4.15 8.34
N PRO I 110 2.39 4.97 8.71
CA PRO I 110 2.40 6.34 8.17
C PRO I 110 3.33 7.31 8.90
N CYS I 111 4.11 6.85 9.88
CA CYS I 111 4.93 7.78 10.64
C CYS I 111 6.22 8.12 9.87
N VAL I 112 7.01 9.01 10.47
CA VAL I 112 8.16 9.59 9.79
C VAL I 112 9.35 8.65 9.84
N LYS I 113 10.09 8.59 8.74
CA LYS I 113 11.25 7.72 8.59
C LYS I 113 12.53 8.44 9.03
N LEU I 114 13.55 7.65 9.35
CA LEU I 114 14.85 8.16 9.78
C LEU I 114 15.97 7.79 8.84
N THR I 115 15.67 7.68 7.54
CA THR I 115 16.73 7.46 6.56
C THR I 115 17.77 8.58 6.47
N PRO I 116 17.43 9.89 6.44
CA PRO I 116 18.52 10.88 6.36
C PRO I 116 19.36 11.00 7.61
N LEU I 117 18.89 10.48 8.75
CA LEU I 117 19.64 10.60 9.99
C LEU I 117 20.90 9.74 10.00
N CYS I 118 20.91 8.65 9.24
CA CYS I 118 22.02 7.70 9.27
C CYS I 118 23.22 8.30 8.56
N VAL I 119 23.94 9.15 9.27
CA VAL I 119 25.11 9.84 8.75
C VAL I 119 26.27 9.65 9.72
N THR I 120 27.39 10.28 9.42
CA THR I 120 28.54 10.26 10.32
C THR I 120 28.27 11.13 11.53
N LEU I 121 28.52 10.61 12.72
CA LEU I 121 28.33 11.34 13.95
C LEU I 121 29.68 11.62 14.60
N ILE I 122 29.91 12.88 14.95
CA ILE I 122 31.08 13.27 15.73
C ILE I 122 30.61 13.57 17.14
N CYS I 123 31.12 12.82 18.11
CA CYS I 123 30.54 12.81 19.44
C CYS I 123 31.56 13.18 20.50
N SER I 124 31.05 13.47 21.69
CA SER I 124 31.88 13.87 22.81
C SER I 124 31.16 13.56 24.11
N ASP I 125 31.94 13.55 25.18
CA ASP I 125 31.42 13.23 26.50
C ASP I 125 30.61 14.40 27.03
N ALA I 126 29.29 14.23 27.09
CA ALA I 126 28.43 15.29 27.61
C ALA I 126 28.24 15.21 29.12
N THR I 127 28.69 14.12 29.74
CA THR I 127 28.44 13.92 31.16
C THR I 127 29.78 13.57 31.82
N VAL I 128 30.78 14.43 31.60
CA VAL I 128 32.03 14.31 32.34
C VAL I 128 31.80 14.51 33.84
N LYS I 129 30.80 15.33 34.20
CA LYS I 129 30.37 15.51 35.57
C LYS I 129 29.39 14.39 35.95
N THR I 130 29.87 13.15 35.94
CA THR I 130 28.99 12.00 36.07
C THR I 130 28.56 11.78 37.52
N GLY I 131 27.30 11.36 37.68
CA GLY I 131 26.76 10.99 38.96
C GLY I 131 26.57 9.50 39.04
N THR I 132 27.57 8.75 38.53
CA THR I 132 27.57 7.31 38.33
C THR I 132 26.42 6.83 37.46
N VAL I 133 25.95 7.66 36.55
CA VAL I 133 24.94 7.27 35.57
C VAL I 133 25.55 7.44 34.19
N GLU I 134 25.99 8.68 33.90
CA GLU I 134 26.55 9.12 32.63
C GLU I 134 25.58 8.81 31.49
N GLU I 135 25.93 7.82 30.67
CA GLU I 135 25.09 7.21 29.64
C GLU I 135 24.61 8.20 28.59
N MET I 136 25.27 9.35 28.46
CA MET I 136 24.71 10.48 27.74
C MET I 136 25.82 11.07 26.89
N LYS I 137 25.74 10.88 25.58
CA LYS I 137 26.76 11.35 24.66
C LYS I 137 26.22 12.50 23.83
N ASN I 138 26.97 13.59 23.76
CA ASN I 138 26.65 14.67 22.84
C ASN I 138 27.17 14.27 21.47
N CYS I 139 26.43 14.59 20.42
CA CYS I 139 26.85 14.25 19.07
C CYS I 139 26.44 15.36 18.11
N SER I 140 27.17 15.46 17.00
CA SER I 140 26.91 16.44 15.96
C SER I 140 27.00 15.77 14.61
N PHE I 141 26.31 16.35 13.63
CA PHE I 141 26.10 15.72 12.34
C PHE I 141 25.65 16.80 11.35
N ASN I 142 25.28 16.36 10.15
CA ASN I 142 24.84 17.24 9.09
C ASN I 142 23.44 16.83 8.65
N THR I 143 22.45 17.63 9.01
CA THR I 143 21.10 17.36 8.54
C THR I 143 20.88 18.03 7.19
N THR I 144 19.81 17.58 6.54
CA THR I 144 19.36 18.17 5.29
C THR I 144 18.12 19.03 5.59
N THR I 145 18.14 20.27 5.13
CA THR I 145 17.03 21.18 5.34
C THR I 145 15.94 20.90 4.31
N GLU I 146 15.00 21.85 4.20
CA GLU I 146 13.95 21.76 3.19
C GLU I 146 14.54 21.82 1.79
N ILE I 147 15.53 22.65 1.60
CA ILE I 147 16.22 22.74 0.31
C ILE I 147 17.23 21.61 0.25
N ARG I 148 17.34 21.00 -0.94
CA ARG I 148 18.24 19.87 -1.13
C ARG I 148 19.71 20.30 -1.01
N ASP I 149 20.04 21.47 -1.53
CA ASP I 149 21.44 21.89 -1.58
C ASP I 149 21.92 22.51 -0.27
N LYS I 150 21.04 22.75 0.69
CA LYS I 150 21.40 23.42 1.94
C LYS I 150 21.56 22.36 3.03
N GLU I 151 22.81 22.02 3.34
CA GLU I 151 23.10 21.16 4.48
C GLU I 151 23.37 22.02 5.71
N LYS I 152 22.98 21.52 6.87
CA LYS I 152 23.05 22.32 8.08
C LYS I 152 23.68 21.52 9.19
N LYS I 153 24.64 22.11 9.89
CA LYS I 153 25.26 21.43 11.02
C LYS I 153 24.29 21.40 12.20
N GLU I 154 24.20 20.24 12.84
CA GLU I 154 23.17 20.02 13.85
C GLU I 154 23.76 19.19 14.98
N TYR I 155 23.18 19.31 16.16
CA TYR I 155 23.61 18.57 17.34
C TYR I 155 22.42 17.87 17.97
N ALA I 156 22.71 16.79 18.68
CA ALA I 156 21.70 16.04 19.40
C ALA I 156 22.36 15.23 20.51
N LEU I 157 21.58 14.90 21.51
CA LEU I 157 22.03 14.03 22.58
C LEU I 157 21.54 12.61 22.35
N PHE I 158 22.32 11.63 22.81
CA PHE I 158 21.93 10.25 22.63
C PHE I 158 22.37 9.44 23.84
N TYR I 159 21.82 8.23 23.94
CA TYR I 159 22.22 7.27 24.94
C TYR I 159 23.28 6.35 24.36
N LYS I 160 24.20 5.91 25.22
CA LYS I 160 25.27 5.02 24.80
C LYS I 160 24.84 3.68 24.18
N PRO I 161 23.80 2.98 24.65
CA PRO I 161 23.37 1.79 23.89
C PRO I 161 22.82 2.09 22.50
N ASP I 162 22.36 3.31 22.25
CA ASP I 162 21.82 3.62 20.93
C ASP I 162 22.90 3.77 19.88
N ILE I 163 24.08 4.26 20.26
CA ILE I 163 25.12 4.59 19.30
C ILE I 163 26.26 3.60 19.43
N VAL I 164 27.02 3.47 18.35
CA VAL I 164 28.17 2.59 18.29
C VAL I 164 29.32 3.40 17.69
N PRO I 165 30.53 3.32 18.25
CA PRO I 165 31.68 3.96 17.61
C PRO I 165 31.91 3.35 16.23
N LEU I 166 32.07 4.23 15.25
CA LEU I 166 32.16 3.79 13.86
C LEU I 166 33.43 3.00 13.64
N SER I 167 33.32 1.93 12.86
CA SER I 167 34.46 1.07 12.58
C SER I 167 35.46 1.79 11.67
N GLU I 168 36.64 1.20 11.54
CA GLU I 168 37.80 1.72 10.83
C GLU I 168 38.24 3.08 11.36
N THR I 169 38.13 3.31 12.67
CA THR I 169 38.58 4.56 13.26
C THR I 169 39.85 4.36 14.06
N ASN I 170 40.51 5.47 14.38
CA ASN I 170 41.65 5.46 15.30
C ASN I 170 41.21 5.80 16.71
N ASN I 171 40.18 5.10 17.19
CA ASN I 171 39.51 5.33 18.48
C ASN I 171 39.05 6.78 18.63
N THR I 172 38.56 7.36 17.54
CA THR I 172 38.17 8.74 17.49
C THR I 172 36.68 8.88 17.81
N SER I 173 36.13 10.05 17.48
CA SER I 173 34.75 10.39 17.76
C SER I 173 33.79 9.95 16.68
N GLU I 174 34.21 9.11 15.75
CA GLU I 174 33.33 8.66 14.67
C GLU I 174 32.31 7.66 15.22
N TYR I 175 31.03 7.94 14.94
CA TYR I 175 29.94 7.18 15.55
C TYR I 175 28.81 7.01 14.56
N ARG I 176 27.97 6.01 14.82
CA ARG I 176 26.81 5.75 13.99
C ARG I 176 25.73 5.13 14.86
N LEU I 177 24.56 4.96 14.26
CA LEU I 177 23.47 4.30 14.97
C LEU I 177 23.63 2.78 14.93
N ILE I 178 22.93 2.10 15.83
CA ILE I 178 22.98 0.64 15.89
C ILE I 178 22.31 0.01 14.68
N ASN I 179 21.27 0.65 14.15
CA ASN I 179 20.45 -0.01 13.15
C ASN I 179 21.03 0.05 11.74
N CYS I 180 22.01 0.92 11.50
CA CYS I 180 22.35 1.36 10.15
C CYS I 180 22.94 0.26 9.31
N ASN I 181 23.50 -0.77 9.91
CA ASN I 181 23.94 -1.95 9.18
C ASN I 181 22.95 -3.09 9.28
N THR I 182 21.76 -2.87 9.83
CA THR I 182 20.75 -3.92 9.92
C THR I 182 19.51 -3.61 9.09
N SER I 183 18.84 -2.49 9.35
CA SER I 183 17.62 -2.07 8.67
C SER I 183 17.31 -0.65 9.13
N ALA I 184 16.44 0.03 8.38
CA ALA I 184 16.03 1.36 8.77
C ALA I 184 15.01 1.30 9.90
N CYS I 185 14.78 2.43 10.54
CA CYS I 185 13.77 2.55 11.57
C CYS I 185 12.93 3.78 11.29
N THR I 186 11.75 3.80 11.89
CA THR I 186 10.85 4.95 11.81
C THR I 186 10.52 5.39 13.23
N GLN I 187 10.46 6.69 13.44
CA GLN I 187 10.12 7.20 14.76
C GLN I 187 8.63 7.01 14.99
N ALA I 188 8.24 6.93 16.26
CA ALA I 188 6.82 6.86 16.58
C ALA I 188 6.21 8.24 16.46
N CYS I 189 4.98 8.28 15.99
CA CYS I 189 4.27 9.55 15.91
C CYS I 189 3.94 10.03 17.33
N PRO I 190 4.03 11.33 17.60
CA PRO I 190 3.84 11.80 18.97
C PRO I 190 2.40 11.72 19.46
N LYS I 191 1.44 11.60 18.54
CA LYS I 191 0.05 11.43 18.95
C LYS I 191 -0.24 10.02 19.45
N VAL I 192 0.67 9.07 19.18
CA VAL I 192 0.42 7.68 19.51
C VAL I 192 0.58 7.44 21.00
N THR I 193 -0.44 6.83 21.60
CA THR I 193 -0.45 6.53 23.03
C THR I 193 -0.34 5.03 23.22
N PHE I 194 0.58 4.61 24.08
CA PHE I 194 0.89 3.19 24.26
C PHE I 194 0.24 2.59 25.50
N GLU I 195 -0.90 3.13 25.90
CA GLU I 195 -1.59 2.60 27.07
C GLU I 195 -2.23 1.26 26.74
N PRO I 196 -2.03 0.24 27.56
CA PRO I 196 -2.64 -1.07 27.27
C PRO I 196 -4.13 -1.09 27.53
N ILE I 197 -4.91 -0.66 26.54
CA ILE I 197 -6.37 -0.73 26.63
C ILE I 197 -6.80 -2.18 26.60
N PRO I 198 -7.73 -2.61 27.46
CA PRO I 198 -8.17 -4.01 27.45
C PRO I 198 -8.94 -4.36 26.18
N ILE I 199 -8.83 -5.63 25.81
CA ILE I 199 -9.38 -6.14 24.55
C ILE I 199 -10.17 -7.40 24.86
N HIS I 200 -11.40 -7.46 24.38
CA HIS I 200 -12.21 -8.67 24.45
C HIS I 200 -12.20 -9.36 23.09
N TYR I 201 -11.95 -10.66 23.10
CA TYR I 201 -12.11 -11.44 21.88
C TYR I 201 -13.45 -12.15 21.84
N CYS I 202 -14.10 -12.07 20.69
CA CYS I 202 -15.41 -12.68 20.50
C CYS I 202 -15.33 -13.61 19.29
N ALA I 203 -15.91 -14.78 19.46
CA ALA I 203 -16.08 -15.74 18.40
C ALA I 203 -17.19 -15.27 17.45
N PRO I 204 -17.17 -15.69 16.19
CA PRO I 204 -18.28 -15.37 15.31
C PRO I 204 -19.52 -16.13 15.72
N ALA I 205 -20.67 -15.60 15.28
CA ALA I 205 -21.94 -16.24 15.58
C ALA I 205 -22.04 -17.59 14.90
N GLY I 206 -22.47 -18.60 15.67
CA GLY I 206 -22.41 -19.97 15.25
C GLY I 206 -21.27 -20.75 15.86
N TYR I 207 -20.29 -20.06 16.43
CA TYR I 207 -19.23 -20.68 17.19
C TYR I 207 -19.44 -20.41 18.67
N ALA I 208 -18.56 -20.93 19.50
CA ALA I 208 -18.71 -20.75 20.93
C ALA I 208 -17.36 -20.77 21.60
N ILE I 209 -17.31 -20.15 22.78
CA ILE I 209 -16.12 -20.10 23.62
C ILE I 209 -16.44 -20.79 24.93
N LEU I 210 -15.64 -21.80 25.26
CA LEU I 210 -15.76 -22.52 26.52
C LEU I 210 -14.56 -22.19 27.38
N LYS I 211 -14.81 -21.90 28.66
CA LYS I 211 -13.74 -21.59 29.59
C LYS I 211 -13.88 -22.45 30.83
N CYS I 212 -12.74 -22.69 31.47
CA CYS I 212 -12.67 -23.54 32.66
C CYS I 212 -12.96 -22.70 33.88
N ASN I 213 -13.94 -23.11 34.67
CA ASN I 213 -14.27 -22.39 35.88
C ASN I 213 -13.49 -22.88 37.08
N ASP I 214 -12.65 -23.91 36.89
CA ASP I 214 -12.01 -24.55 38.04
C ASP I 214 -10.94 -23.64 38.62
N GLU I 215 -10.98 -23.48 39.94
CA GLU I 215 -10.17 -22.51 40.65
C GLU I 215 -8.73 -22.96 40.80
N THR I 216 -8.42 -24.20 40.47
CA THR I 216 -7.10 -24.78 40.66
C THR I 216 -6.61 -25.50 39.40
N PHE I 217 -6.89 -24.92 38.24
CA PHE I 217 -6.63 -25.60 36.97
C PHE I 217 -5.14 -25.71 36.71
N ASN I 218 -4.72 -26.94 36.38
CA ASN I 218 -3.36 -27.25 35.96
C ASN I 218 -2.98 -26.47 34.70
N GLY I 219 -3.93 -26.26 33.79
CA GLY I 219 -3.65 -25.76 32.47
C GLY I 219 -3.94 -26.76 31.38
N THR I 220 -3.75 -28.05 31.64
CA THR I 220 -4.16 -29.10 30.72
C THR I 220 -5.03 -30.09 31.47
N GLY I 221 -5.80 -30.86 30.71
CA GLY I 221 -6.61 -31.91 31.27
C GLY I 221 -8.08 -31.55 31.35
N PRO I 222 -8.87 -32.36 32.05
CA PRO I 222 -10.32 -32.13 32.08
C PRO I 222 -10.69 -31.11 33.15
N CYS I 223 -11.66 -30.26 32.82
CA CYS I 223 -12.27 -29.39 33.82
C CYS I 223 -13.65 -29.89 34.18
N SER I 224 -13.90 -30.02 35.48
CA SER I 224 -15.22 -30.41 35.95
C SER I 224 -16.24 -29.30 35.74
N ASN I 225 -15.79 -28.05 35.79
CA ASN I 225 -16.68 -26.90 35.75
C ASN I 225 -16.32 -26.04 34.55
N VAL I 226 -17.17 -26.06 33.54
CA VAL I 226 -16.93 -25.38 32.27
C VAL I 226 -18.13 -24.48 31.98
N SER I 227 -17.86 -23.23 31.63
CA SER I 227 -18.93 -22.31 31.25
C SER I 227 -18.67 -21.74 29.87
N THR I 228 -19.75 -21.56 29.11
CA THR I 228 -19.68 -20.90 27.82
C THR I 228 -19.78 -19.40 28.00
N VAL I 229 -19.25 -18.67 27.02
CA VAL I 229 -19.30 -17.22 27.02
C VAL I 229 -19.21 -16.74 25.58
N GLN I 230 -19.86 -15.62 25.29
CA GLN I 230 -19.78 -15.04 23.95
C GLN I 230 -18.44 -14.34 23.73
N CYS I 231 -17.96 -13.61 24.73
CA CYS I 231 -16.75 -12.83 24.58
C CYS I 231 -15.86 -13.00 25.80
N THR I 232 -14.55 -12.98 25.57
CA THR I 232 -13.58 -13.12 26.63
C THR I 232 -13.54 -11.87 27.50
N HIS I 233 -12.91 -12.00 28.66
CA HIS I 233 -12.80 -10.86 29.56
C HIS I 233 -11.69 -9.93 29.08
N GLY I 234 -11.55 -8.80 29.77
CA GLY I 234 -10.67 -7.74 29.31
C GLY I 234 -9.20 -8.00 29.54
N ILE I 235 -8.61 -8.89 28.75
CA ILE I 235 -7.18 -9.11 28.86
C ILE I 235 -6.42 -7.91 28.33
N ARG I 236 -5.19 -7.75 28.79
CA ARG I 236 -4.43 -6.58 28.45
C ARG I 236 -3.19 -6.96 27.64
N PRO I 237 -2.89 -6.23 26.59
CA PRO I 237 -1.74 -6.57 25.73
C PRO I 237 -0.45 -5.91 26.20
N VAL I 238 -0.04 -6.22 27.43
CA VAL I 238 1.09 -5.53 28.04
C VAL I 238 2.39 -6.14 27.53
N VAL I 239 3.23 -5.30 26.94
CA VAL I 239 4.53 -5.72 26.45
C VAL I 239 5.51 -5.72 27.61
N SER I 240 5.96 -6.92 28.00
CA SER I 240 6.93 -7.06 29.08
C SER I 240 7.63 -8.39 28.95
N THR I 241 8.82 -8.48 29.54
CA THR I 241 9.53 -9.74 29.60
C THR I 241 10.06 -9.94 31.02
N GLN I 242 10.16 -11.22 31.41
CA GLN I 242 10.66 -11.76 32.68
C GLN I 242 9.71 -11.52 33.85
N LEU I 243 8.71 -10.67 33.69
CA LEU I 243 7.71 -10.42 34.73
C LEU I 243 6.38 -10.16 34.05
N LEU I 244 5.31 -10.67 34.63
CA LEU I 244 3.97 -10.34 34.16
C LEU I 244 3.47 -9.13 34.91
N LEU I 245 3.01 -8.12 34.17
CA LEU I 245 2.54 -6.89 34.76
C LEU I 245 1.02 -6.83 34.66
N ASN I 246 0.38 -6.42 35.75
CA ASN I 246 -1.07 -6.19 35.99
C ASN I 246 -1.98 -7.23 35.32
N GLY I 247 -1.56 -8.48 35.30
CA GLY I 247 -2.33 -9.52 34.66
C GLY I 247 -3.49 -9.96 35.52
N SER I 248 -4.25 -10.91 34.99
CA SER I 248 -5.33 -11.50 35.77
C SER I 248 -4.76 -12.35 36.90
N LEU I 249 -5.16 -12.04 38.12
CA LEU I 249 -4.59 -12.66 39.30
C LEU I 249 -5.03 -14.10 39.40
N ALA I 250 -4.18 -14.91 40.03
CA ALA I 250 -4.59 -16.25 40.40
C ALA I 250 -5.67 -16.16 41.47
N GLU I 251 -6.61 -17.11 41.44
CA GLU I 251 -7.81 -17.00 42.25
C GLU I 251 -7.54 -17.24 43.73
N LYS I 252 -6.99 -18.40 44.07
CA LYS I 252 -6.73 -18.74 45.46
C LYS I 252 -5.37 -19.37 45.71
N GLU I 253 -4.66 -19.79 44.67
CA GLU I 253 -3.46 -20.60 44.84
C GLU I 253 -2.48 -20.25 43.75
N ILE I 254 -1.19 -20.28 44.10
CA ILE I 254 -0.13 -20.04 43.13
C ILE I 254 -0.08 -21.20 42.14
N VAL I 255 -0.16 -20.88 40.86
CA VAL I 255 -0.26 -21.89 39.82
C VAL I 255 1.08 -22.01 39.12
N ILE I 256 1.51 -23.24 38.88
CA ILE I 256 2.72 -23.52 38.12
C ILE I 256 2.34 -24.28 36.87
N ARG I 257 2.72 -23.74 35.71
CA ARG I 257 2.40 -24.37 34.44
C ARG I 257 3.67 -24.68 33.67
N SER I 258 3.77 -25.91 33.17
CA SER I 258 4.90 -26.35 32.38
C SER I 258 4.43 -27.39 31.39
N GLU I 259 4.88 -27.28 30.14
CA GLU I 259 4.46 -28.24 29.12
C GLU I 259 5.06 -29.60 29.36
N ASN I 260 6.34 -29.66 29.72
CA ASN I 260 7.01 -30.89 30.15
C ASN I 260 7.86 -30.51 31.35
N LEU I 261 7.35 -30.83 32.54
CA LEU I 261 8.03 -30.42 33.77
C LEU I 261 9.34 -31.16 33.95
N THR I 262 9.47 -32.36 33.38
CA THR I 262 10.74 -33.06 33.35
C THR I 262 11.75 -32.35 32.45
N ASN I 263 11.29 -31.60 31.45
CA ASN I 263 12.18 -30.91 30.54
C ASN I 263 12.50 -29.52 31.10
N ASN I 264 13.76 -29.12 30.96
CA ASN I 264 14.15 -27.77 31.33
C ASN I 264 13.85 -26.77 30.23
N ALA I 265 13.57 -27.26 29.02
CA ALA I 265 13.36 -26.36 27.88
C ALA I 265 12.01 -25.66 27.94
N LYS I 266 11.03 -26.28 28.60
CA LYS I 266 9.69 -25.70 28.69
C LYS I 266 9.70 -24.59 29.74
N ILE I 267 9.08 -23.46 29.41
CA ILE I 267 9.13 -22.30 30.30
C ILE I 267 8.12 -22.45 31.41
N ILE I 268 8.59 -22.35 32.66
CA ILE I 268 7.72 -22.33 33.81
C ILE I 268 6.94 -21.02 33.84
N ILE I 269 5.62 -21.14 33.95
CA ILE I 269 4.74 -19.99 34.10
C ILE I 269 4.28 -20.00 35.56
N VAL I 270 4.55 -18.93 36.28
CA VAL I 270 4.19 -18.80 37.68
C VAL I 270 3.10 -17.77 37.81
N HIS I 271 1.97 -18.18 38.36
CA HIS I 271 0.79 -17.33 38.53
C HIS I 271 0.64 -17.05 40.02
N LEU I 272 0.89 -15.81 40.41
CA LEU I 272 0.88 -15.43 41.81
C LEU I 272 -0.53 -15.11 42.27
N HIS I 273 -0.83 -15.51 43.51
CA HIS I 273 -2.16 -15.25 44.06
C HIS I 273 -2.32 -13.78 44.42
N THR I 274 -1.30 -13.17 45.00
CA THR I 274 -1.40 -11.79 45.44
C THR I 274 -0.43 -10.93 44.66
N PRO I 275 -0.85 -9.73 44.25
CA PRO I 275 0.03 -8.88 43.46
C PRO I 275 1.12 -8.25 44.31
N VAL I 276 2.22 -7.89 43.66
CA VAL I 276 3.31 -7.19 44.31
C VAL I 276 3.46 -5.84 43.64
N GLU I 277 3.33 -4.76 44.40
CA GLU I 277 3.37 -3.42 43.81
C GLU I 277 4.79 -3.00 43.51
N ILE I 278 5.01 -2.50 42.30
CA ILE I 278 6.33 -2.07 41.84
C ILE I 278 6.22 -0.66 41.29
N VAL I 279 7.18 0.18 41.68
CA VAL I 279 7.23 1.56 41.23
C VAL I 279 8.48 1.73 40.36
N CYS I 280 8.34 2.45 39.26
CA CYS I 280 9.50 2.70 38.42
C CYS I 280 9.49 4.17 38.01
N THR I 281 10.69 4.76 37.94
CA THR I 281 10.71 6.16 37.57
C THR I 281 12.01 6.53 36.86
N ARG I 282 11.92 7.52 35.99
CA ARG I 282 13.08 8.20 35.44
C ARG I 282 13.17 9.56 36.13
N PRO I 283 14.15 9.77 36.98
CA PRO I 283 14.12 10.96 37.84
C PRO I 283 14.53 12.24 37.15
N ASN I 284 15.51 12.19 36.24
CA ASN I 284 16.11 13.41 35.73
C ASN I 284 15.18 14.10 34.73
N ASN I 285 15.21 15.43 34.76
CA ASN I 285 14.31 16.25 33.96
C ASN I 285 14.88 16.38 32.56
N ASN I 286 14.22 15.73 31.61
CA ASN I 286 14.66 15.73 30.23
C ASN I 286 13.85 16.70 29.39
N THR I 287 14.47 17.24 28.35
CA THR I 287 13.81 18.17 27.44
C THR I 287 13.82 17.62 26.02
N ARG I 288 12.81 18.02 25.25
CA ARG I 288 12.65 17.57 23.87
C ARG I 288 12.89 18.71 22.92
N LYS I 289 13.77 18.50 21.94
CA LYS I 289 14.03 19.44 20.88
C LYS I 289 13.52 18.87 19.56
N SER I 290 13.59 19.68 18.52
CA SER I 290 13.09 19.30 17.20
C SER I 290 14.15 19.59 16.15
N VAL I 291 14.23 18.71 15.15
CA VAL I 291 15.18 18.84 14.06
C VAL I 291 14.42 18.68 12.75
N ARG I 292 14.53 19.68 11.88
CA ARG I 292 13.94 19.60 10.55
C ARG I 292 14.74 18.65 9.66
N ILE I 293 14.05 17.71 9.02
CA ILE I 293 14.67 16.83 8.03
C ILE I 293 13.79 16.77 6.79
N GLY I 294 14.39 17.05 5.63
CA GLY I 294 13.72 16.87 4.37
C GLY I 294 12.57 17.83 4.14
N PRO I 295 11.75 17.55 3.12
CA PRO I 295 10.57 18.39 2.86
C PRO I 295 9.44 18.05 3.82
N GLY I 296 9.22 18.93 4.79
CA GLY I 296 8.06 18.85 5.66
C GLY I 296 8.02 17.65 6.59
N GLN I 297 9.16 17.29 7.17
CA GLN I 297 9.22 16.21 8.14
C GLN I 297 10.05 16.65 9.32
N THR I 298 9.62 16.26 10.52
CA THR I 298 10.27 16.70 11.75
C THR I 298 10.83 15.51 12.49
N PHE I 299 12.01 15.70 13.07
CA PHE I 299 12.66 14.70 13.89
C PHE I 299 12.79 15.20 15.31
N TYR I 300 12.49 14.33 16.28
CA TYR I 300 12.51 14.69 17.68
C TYR I 300 13.67 13.99 18.37
N ALA I 301 14.33 14.72 19.27
CA ALA I 301 15.49 14.16 19.95
C ALA I 301 15.64 14.83 21.31
N THR I 302 16.50 14.23 22.13
CA THR I 302 16.78 14.73 23.47
C THR I 302 17.63 15.99 23.35
N GLY I 303 17.12 17.10 23.87
CA GLY I 303 17.78 18.39 23.71
C GLY I 303 18.72 18.74 24.84
N ASP I 304 18.25 18.63 26.08
CA ASP I 304 19.06 18.95 27.25
C ASP I 304 18.45 18.29 28.47
N ILE I 305 19.31 17.92 29.40
CA ILE I 305 18.90 17.48 30.72
C ILE I 305 19.10 18.64 31.67
N ILE I 306 18.01 19.06 32.33
CA ILE I 306 18.05 20.18 33.25
C ILE I 306 17.98 19.63 34.67
N GLY I 307 18.83 20.16 35.55
CA GLY I 307 18.93 19.67 36.91
C GLY I 307 19.99 18.60 37.05
N ASP I 308 20.18 18.17 38.29
CA ASP I 308 21.18 17.15 38.57
C ASP I 308 20.68 15.78 38.11
N ILE I 309 21.53 15.07 37.38
CA ILE I 309 21.14 13.78 36.83
C ILE I 309 21.13 12.73 37.95
N LYS I 310 20.07 11.93 37.98
CA LYS I 310 19.97 10.83 38.92
C LYS I 310 19.65 9.55 38.16
N GLN I 311 19.75 8.44 38.86
CA GLN I 311 19.69 7.13 38.23
C GLN I 311 18.27 6.63 38.05
N ALA I 312 17.96 6.14 36.86
CA ALA I 312 16.68 5.51 36.60
C ALA I 312 16.59 4.17 37.32
N HIS I 313 15.47 3.94 38.01
CA HIS I 313 15.42 2.80 38.92
C HIS I 313 13.97 2.37 39.14
N CYS I 314 13.84 1.26 39.85
CA CYS I 314 12.57 0.71 40.28
C CYS I 314 12.68 0.25 41.73
N ASN I 315 11.52 0.26 42.38
CA ASN I 315 11.38 0.02 43.81
C ASN I 315 10.35 -1.06 44.06
N ILE I 316 10.74 -2.06 44.85
CA ILE I 316 9.90 -3.21 45.17
C ILE I 316 9.96 -3.42 46.68
N SER I 317 8.80 -3.65 47.30
CA SER I 317 8.74 -4.00 48.71
C SER I 317 9.44 -5.34 48.93
N GLU I 318 10.55 -5.31 49.66
CA GLU I 318 11.45 -6.47 49.72
C GLU I 318 10.86 -7.61 50.54
N GLU I 319 10.13 -7.27 51.62
CA GLU I 319 9.58 -8.29 52.51
C GLU I 319 8.51 -9.11 51.80
N LYS I 320 7.62 -8.43 51.07
CA LYS I 320 6.56 -9.13 50.34
C LYS I 320 7.15 -9.96 49.21
N TRP I 321 8.22 -9.46 48.57
CA TRP I 321 8.87 -10.19 47.50
C TRP I 321 9.53 -11.47 48.03
N ASN I 322 10.18 -11.38 49.19
CA ASN I 322 10.82 -12.56 49.77
C ASN I 322 9.77 -13.57 50.22
N ASP I 323 8.66 -13.10 50.79
CA ASP I 323 7.58 -13.99 51.18
C ASP I 323 6.95 -14.67 49.95
N THR I 324 6.78 -13.92 48.87
CA THR I 324 6.21 -14.47 47.65
C THR I 324 7.14 -15.50 47.03
N LEU I 325 8.44 -15.23 47.05
CA LEU I 325 9.42 -16.19 46.55
C LEU I 325 9.44 -17.45 47.40
N GLN I 326 9.28 -17.30 48.71
CA GLN I 326 9.23 -18.46 49.60
C GLN I 326 7.98 -19.30 49.35
N LYS I 327 6.84 -18.66 49.10
CA LYS I 327 5.63 -19.40 48.80
C LYS I 327 5.72 -20.07 47.43
N VAL I 328 6.41 -19.44 46.48
CA VAL I 328 6.66 -20.05 45.18
C VAL I 328 7.55 -21.27 45.33
N GLY I 329 8.56 -21.19 46.21
CA GLY I 329 9.37 -22.35 46.50
C GLY I 329 8.60 -23.46 47.19
N ILE I 330 7.62 -23.10 48.02
CA ILE I 330 6.73 -24.09 48.63
C ILE I 330 5.93 -24.81 47.56
N GLU I 331 5.37 -24.05 46.62
CA GLU I 331 4.55 -24.63 45.56
C GLU I 331 5.40 -25.41 44.56
N LEU I 332 6.69 -25.09 44.47
CA LEU I 332 7.54 -25.75 43.50
C LEU I 332 8.20 -27.00 44.09
N GLN I 333 8.44 -26.99 45.40
CA GLN I 333 9.14 -28.10 46.04
C GLN I 333 8.27 -29.34 46.16
N LYS I 334 6.94 -29.18 46.09
CA LYS I 334 6.07 -30.34 46.07
C LYS I 334 6.08 -31.04 44.71
N HIS I 335 6.52 -30.35 43.66
CA HIS I 335 6.73 -31.01 42.38
C HIS I 335 8.12 -31.62 42.26
N PHE I 336 9.08 -31.15 43.04
CA PHE I 336 10.43 -31.69 43.08
C PHE I 336 10.81 -31.94 44.54
N PRO I 337 10.38 -33.06 45.10
CA PRO I 337 10.60 -33.29 46.53
C PRO I 337 12.04 -33.61 46.86
N ASN I 338 12.42 -33.29 48.10
CA ASN I 338 13.76 -33.48 48.67
C ASN I 338 14.84 -32.80 47.85
N LYS I 339 14.52 -31.62 47.32
CA LYS I 339 15.49 -30.75 46.69
C LYS I 339 15.26 -29.33 47.18
N THR I 340 16.36 -28.61 47.40
CA THR I 340 16.30 -27.22 47.82
C THR I 340 16.61 -26.36 46.61
N ILE I 341 15.59 -25.72 46.06
CA ILE I 341 15.74 -24.90 44.88
C ILE I 341 16.31 -23.54 45.28
N LYS I 342 16.97 -22.89 44.33
CA LYS I 342 17.65 -21.63 44.60
C LYS I 342 17.27 -20.60 43.55
N TYR I 343 17.05 -19.37 43.99
CA TYR I 343 16.77 -18.26 43.09
C TYR I 343 18.08 -17.58 42.70
N ASN I 344 18.38 -17.58 41.40
CA ASN I 344 19.64 -17.10 40.89
C ASN I 344 19.34 -16.15 39.73
N GLN I 345 20.37 -15.45 39.26
CA GLN I 345 20.24 -14.58 38.11
C GLN I 345 19.91 -15.37 36.85
N SER I 346 19.38 -14.66 35.86
CA SER I 346 19.18 -15.25 34.55
C SER I 346 20.53 -15.49 33.88
N ALA I 347 20.52 -16.37 32.88
CA ALA I 347 21.73 -16.67 32.14
C ALA I 347 22.18 -15.46 31.34
N GLY I 348 23.50 -15.36 31.15
CA GLY I 348 24.05 -14.20 30.46
C GLY I 348 23.73 -14.21 28.98
N GLY I 349 23.65 -13.01 28.41
CA GLY I 349 23.26 -12.89 27.01
C GLY I 349 23.08 -11.44 26.64
N ASP I 350 22.01 -11.19 25.89
CA ASP I 350 21.76 -9.84 25.40
C ASP I 350 21.21 -8.95 26.50
N MET I 351 21.25 -7.64 26.23
CA MET I 351 20.62 -6.67 27.11
C MET I 351 19.11 -6.87 27.16
N GLU I 352 18.50 -7.13 26.01
CA GLU I 352 17.05 -7.28 25.95
C GLU I 352 16.58 -8.60 26.55
N ILE I 353 17.47 -9.56 26.74
CA ILE I 353 17.09 -10.86 27.26
C ILE I 353 17.37 -10.98 28.75
N THR I 354 18.56 -10.54 29.19
CA THR I 354 18.91 -10.62 30.60
C THR I 354 18.09 -9.64 31.43
N THR I 355 18.03 -8.39 31.00
CA THR I 355 17.36 -7.37 31.77
C THR I 355 15.85 -7.47 31.59
N HIS I 356 15.12 -7.17 32.65
CA HIS I 356 13.67 -7.11 32.55
C HIS I 356 13.27 -5.85 31.80
N SER I 357 12.64 -6.01 30.65
CA SER I 357 12.33 -4.89 29.78
C SER I 357 10.83 -4.65 29.79
N PHE I 358 10.47 -3.37 29.84
CA PHE I 358 9.05 -3.03 29.79
C PHE I 358 8.88 -1.62 29.26
N ASN I 359 7.62 -1.25 29.09
CA ASN I 359 7.21 0.04 28.57
C ASN I 359 6.27 0.70 29.56
N CYS I 360 6.58 1.93 29.96
CA CYS I 360 5.60 2.70 30.71
C CYS I 360 5.75 4.17 30.36
N GLY I 361 4.61 4.86 30.31
CA GLY I 361 4.57 6.28 30.02
C GLY I 361 5.00 6.67 28.62
N GLY I 362 5.16 5.72 27.71
CA GLY I 362 5.78 5.98 26.44
C GLY I 362 7.29 5.86 26.42
N GLU I 363 7.89 5.30 27.47
CA GLU I 363 9.33 5.11 27.53
C GLU I 363 9.67 3.67 27.83
N PHE I 364 10.81 3.23 27.32
CA PHE I 364 11.23 1.85 27.43
C PHE I 364 12.33 1.69 28.45
N PHE I 365 12.17 0.74 29.36
CA PHE I 365 13.05 0.53 30.50
C PHE I 365 13.65 -0.87 30.43
N TYR I 366 14.90 -0.98 30.89
CA TYR I 366 15.60 -2.26 30.99
C TYR I 366 16.25 -2.33 32.37
N CYS I 367 15.77 -3.22 33.22
CA CYS I 367 16.15 -3.24 34.62
C CYS I 367 17.01 -4.46 34.93
N ASN I 368 17.94 -4.26 35.87
CA ASN I 368 19.12 -5.12 36.01
C ASN I 368 18.77 -6.52 36.53
N THR I 369 17.95 -6.58 37.59
CA THR I 369 17.38 -7.79 38.20
C THR I 369 18.39 -8.82 38.68
N SER I 370 19.64 -8.44 38.94
CA SER I 370 20.55 -9.39 39.57
C SER I 370 20.19 -9.63 41.03
N ASN I 371 20.00 -8.55 41.78
CA ASN I 371 19.73 -8.68 43.21
C ASN I 371 18.29 -9.05 43.49
N LEU I 372 17.41 -8.98 42.50
CA LEU I 372 16.02 -9.37 42.70
C LEU I 372 15.88 -10.87 42.85
N PHE I 373 16.56 -11.63 41.98
CA PHE I 373 16.47 -13.09 41.99
C PHE I 373 17.69 -13.64 42.73
N ASN I 374 17.65 -13.49 44.04
CA ASN I 374 18.76 -13.85 44.90
C ASN I 374 18.22 -14.58 46.12
N GLY I 375 19.00 -15.53 46.63
CA GLY I 375 18.57 -16.30 47.77
C GLY I 375 17.95 -17.62 47.37
N THR I 376 17.37 -18.28 48.36
CA THR I 376 16.83 -19.61 48.15
C THR I 376 15.73 -19.87 49.16
N TYR I 377 14.96 -20.91 48.89
CA TYR I 377 13.99 -21.45 49.83
C TYR I 377 14.41 -22.86 50.22
N ASN I 378 14.55 -23.09 51.52
CA ASN I 378 15.02 -24.36 52.05
C ASN I 378 14.01 -24.89 53.05
N GLY I 379 13.74 -26.20 52.95
CA GLY I 379 12.93 -26.89 53.93
C GLY I 379 11.49 -26.42 54.01
N THR I 380 11.11 -25.90 55.17
CA THR I 380 9.77 -25.34 55.39
C THR I 380 9.94 -24.02 56.14
N TYR I 381 9.71 -22.91 55.43
CA TYR I 381 9.49 -21.57 56.02
C TYR I 381 10.70 -21.09 56.82
N ILE I 382 11.87 -21.06 56.17
CA ILE I 382 13.05 -20.51 56.83
C ILE I 382 12.94 -19.01 56.99
N SER I 383 12.22 -18.33 56.10
CA SER I 383 11.94 -16.91 56.23
C SER I 383 10.67 -16.76 57.07
N THR I 384 10.80 -16.12 58.23
CA THR I 384 9.68 -16.02 59.14
C THR I 384 8.70 -14.91 58.77
N ASN I 385 9.08 -14.06 57.80
CA ASN I 385 8.26 -12.98 57.23
C ASN I 385 7.90 -11.92 58.27
N SER I 386 7.01 -12.26 59.19
CA SER I 386 6.53 -11.32 60.20
C SER I 386 7.58 -11.21 61.29
N SER I 387 8.40 -10.17 61.21
CA SER I 387 9.41 -9.91 62.23
C SER I 387 9.27 -8.54 62.86
N ALA I 388 9.00 -7.50 62.07
CA ALA I 388 8.88 -6.13 62.56
C ALA I 388 8.10 -5.33 61.52
N ASN I 389 8.01 -4.02 61.74
CA ASN I 389 7.40 -3.10 60.79
C ASN I 389 8.47 -2.52 59.87
N SER I 390 9.13 -3.40 59.14
CA SER I 390 10.23 -2.99 58.27
C SER I 390 9.71 -2.32 57.02
N THR I 391 10.38 -1.26 56.60
CA THR I 391 10.12 -0.57 55.34
C THR I 391 11.24 -0.84 54.34
N SER I 392 11.79 -2.05 54.35
CA SER I 392 12.89 -2.37 53.46
C SER I 392 12.37 -2.53 52.03
N THR I 393 12.89 -1.71 51.13
CA THR I 393 12.52 -1.75 49.72
C THR I 393 13.77 -2.00 48.91
N ILE I 394 13.76 -3.06 48.10
CA ILE I 394 14.86 -3.27 47.18
C ILE I 394 14.72 -2.29 46.02
N THR I 395 15.84 -1.66 45.67
CA THR I 395 15.90 -0.71 44.57
C THR I 395 16.88 -1.25 43.54
N LEU I 396 16.41 -1.39 42.31
CA LEU I 396 17.24 -1.90 41.23
C LEU I 396 17.34 -0.84 40.13
N GLN I 397 18.55 -0.63 39.64
CA GLN I 397 18.79 0.39 38.63
C GLN I 397 18.34 -0.10 37.26
N CYS I 398 17.94 0.86 36.42
CA CYS I 398 17.45 0.55 35.09
C CYS I 398 18.08 1.52 34.09
N ARG I 399 18.14 1.07 32.84
CA ARG I 399 18.74 1.81 31.75
C ARG I 399 17.68 2.01 30.66
N ILE I 400 17.96 2.93 29.75
CA ILE I 400 16.97 3.42 28.80
C ILE I 400 17.53 3.37 27.39
N LYS I 401 16.79 2.70 26.50
CA LYS I 401 17.14 2.62 25.09
C LYS I 401 16.13 3.42 24.28
N GLN I 402 16.61 4.08 23.23
CA GLN I 402 15.73 4.80 22.33
C GLN I 402 15.35 3.97 21.10
N ILE I 403 16.24 3.09 20.65
CA ILE I 403 16.01 2.29 19.46
C ILE I 403 15.85 0.84 19.88
N ILE I 404 14.73 0.23 19.52
CA ILE I 404 14.44 -1.14 19.90
C ILE I 404 14.06 -1.95 18.66
N ASN I 405 14.64 -3.14 18.54
CA ASN I 405 14.24 -4.10 17.52
C ASN I 405 13.34 -5.14 18.16
N MET I 406 12.10 -4.73 18.40
CA MET I 406 11.19 -5.52 19.22
C MET I 406 10.68 -6.72 18.43
N TRP I 407 10.43 -7.82 19.16
CA TRP I 407 10.05 -9.13 18.63
C TRP I 407 11.12 -9.69 17.71
N GLN I 408 12.39 -9.52 18.11
CA GLN I 408 13.56 -10.15 17.49
C GLN I 408 13.72 -9.77 16.02
N GLY I 409 13.39 -8.52 15.71
CA GLY I 409 13.53 -8.03 14.35
C GLY I 409 12.43 -8.44 13.40
N VAL I 410 11.43 -9.18 13.87
CA VAL I 410 10.30 -9.54 13.00
C VAL I 410 9.45 -8.31 12.72
N GLY I 411 9.15 -7.53 13.76
CA GLY I 411 8.46 -6.29 13.55
C GLY I 411 9.38 -5.21 13.01
N ARG I 412 8.77 -4.09 12.63
CA ARG I 412 9.53 -2.95 12.17
C ARG I 412 10.27 -2.29 13.33
N CYS I 413 11.45 -1.76 13.03
CA CYS I 413 12.25 -1.07 14.03
C CYS I 413 11.60 0.22 14.50
N MET I 414 11.49 0.37 15.82
CA MET I 414 10.94 1.56 16.46
C MET I 414 12.04 2.54 16.82
N TYR I 415 11.66 3.80 16.94
CA TYR I 415 12.47 4.81 17.61
C TYR I 415 11.54 5.58 18.52
N ALA I 416 11.66 5.38 19.82
CA ALA I 416 10.81 6.07 20.78
C ALA I 416 11.24 7.53 20.88
N PRO I 417 10.33 8.48 20.72
CA PRO I 417 10.68 9.87 20.93
C PRO I 417 10.85 10.15 22.41
N PRO I 418 11.75 11.06 22.77
CA PRO I 418 11.90 11.40 24.19
C PRO I 418 10.72 12.21 24.69
N ILE I 419 10.48 12.12 25.98
CA ILE I 419 9.30 12.70 26.61
C ILE I 419 9.75 13.67 27.69
N ALA I 420 9.24 14.90 27.64
CA ALA I 420 9.63 15.94 28.57
C ALA I 420 9.14 15.65 29.98
N GLY I 421 9.74 16.34 30.94
CA GLY I 421 9.43 16.10 32.33
C GLY I 421 10.03 14.79 32.81
N ASN I 422 9.44 14.28 33.88
CA ASN I 422 9.83 12.99 34.42
C ASN I 422 8.74 11.96 34.17
N ILE I 423 9.10 10.70 34.37
CA ILE I 423 8.20 9.58 34.17
C ILE I 423 8.12 8.76 35.44
N THR I 424 6.89 8.50 35.90
CA THR I 424 6.65 7.56 36.98
C THR I 424 5.57 6.59 36.54
N CYS I 425 5.75 5.32 36.91
CA CYS I 425 4.76 4.31 36.54
C CYS I 425 4.66 3.27 37.63
N ARG I 426 3.43 2.96 38.03
CA ARG I 426 3.12 1.98 39.04
C ARG I 426 2.54 0.73 38.39
N SER I 427 2.83 -0.43 38.96
CA SER I 427 2.33 -1.65 38.36
C SER I 427 2.16 -2.72 39.43
N ASN I 428 1.40 -3.75 39.08
CA ASN I 428 1.30 -4.96 39.87
C ASN I 428 2.04 -6.08 39.16
N ILE I 429 2.87 -6.78 39.90
CA ILE I 429 3.45 -8.04 39.44
C ILE I 429 2.50 -9.14 39.83
N THR I 430 2.00 -9.87 38.83
CA THR I 430 1.10 -10.98 39.05
C THR I 430 1.65 -12.33 38.61
N GLY I 431 2.76 -12.36 37.89
CA GLY I 431 3.28 -13.63 37.42
C GLY I 431 4.73 -13.52 37.01
N LEU I 432 5.38 -14.68 36.95
CA LEU I 432 6.80 -14.79 36.65
C LEU I 432 7.05 -15.79 35.54
N LEU I 433 8.09 -15.54 34.76
CA LEU I 433 8.56 -16.46 33.73
C LEU I 433 9.88 -17.04 34.20
N LEU I 434 9.90 -18.35 34.45
CA LEU I 434 11.07 -18.98 35.04
C LEU I 434 11.55 -20.12 34.15
N THR I 435 12.81 -20.47 34.31
CA THR I 435 13.41 -21.62 33.65
C THR I 435 14.20 -22.43 34.67
N ARG I 436 14.24 -23.73 34.46
CA ARG I 436 14.91 -24.65 35.38
C ARG I 436 16.32 -24.96 34.87
N ASP I 437 17.28 -24.91 35.78
CA ASP I 437 18.65 -25.26 35.45
C ASP I 437 19.22 -26.09 36.58
N GLY I 438 20.06 -27.04 36.24
CA GLY I 438 20.64 -27.97 37.19
C GLY I 438 20.32 -29.39 36.80
N GLY I 439 20.26 -30.26 37.80
CA GLY I 439 19.97 -31.66 37.55
C GLY I 439 21.05 -32.58 38.06
N THR I 440 21.76 -33.25 37.13
CA THR I 440 22.83 -34.16 37.52
C THR I 440 24.01 -33.40 38.11
N ASN I 441 24.29 -32.20 37.61
CA ASN I 441 25.41 -31.41 38.12
C ASN I 441 25.11 -30.69 39.42
N SER I 442 23.85 -30.70 39.88
CA SER I 442 23.47 -30.09 41.14
C SER I 442 22.95 -31.09 42.16
N ASN I 443 22.26 -32.14 41.69
CA ASN I 443 21.77 -33.28 42.49
C ASN I 443 20.81 -32.85 43.59
N GLU I 444 21.36 -32.33 44.68
CA GLU I 444 20.56 -31.99 45.85
C GLU I 444 19.79 -30.70 45.66
N THR I 445 20.21 -29.85 44.72
CA THR I 445 19.66 -28.51 44.59
C THR I 445 19.20 -28.29 43.15
N GLU I 446 18.64 -27.11 42.93
CA GLU I 446 18.17 -26.69 41.62
C GLU I 446 18.18 -25.17 41.56
N THR I 447 18.33 -24.61 40.36
CA THR I 447 18.27 -23.18 40.19
C THR I 447 17.13 -22.84 39.24
N PHE I 448 16.47 -21.73 39.51
CA PHE I 448 15.42 -21.23 38.63
C PHE I 448 15.72 -19.78 38.31
N ARG I 449 15.73 -19.48 37.02
CA ARG I 449 16.21 -18.20 36.52
C ARG I 449 15.09 -17.50 35.76
N PRO I 450 15.14 -16.16 35.68
CA PRO I 450 14.20 -15.45 34.81
C PRO I 450 14.43 -15.79 33.35
N ALA I 451 13.35 -15.78 32.58
CA ALA I 451 13.42 -16.11 31.17
C ALA I 451 12.39 -15.30 30.41
N GLY I 452 12.42 -15.41 29.09
CA GLY I 452 11.49 -14.69 28.25
C GLY I 452 12.01 -14.61 26.83
N GLY I 453 11.39 -13.72 26.06
CA GLY I 453 11.77 -13.51 24.69
C GLY I 453 10.63 -13.78 23.73
N ASP I 454 9.88 -14.85 23.98
CA ASP I 454 8.67 -15.12 23.22
C ASP I 454 7.51 -14.45 23.94
N MET I 455 6.87 -13.50 23.26
CA MET I 455 5.83 -12.73 23.92
C MET I 455 4.55 -13.52 24.11
N ARG I 456 4.34 -14.58 23.32
CA ARG I 456 3.15 -15.40 23.46
C ARG I 456 3.15 -16.16 24.77
N ASP I 457 4.34 -16.39 25.36
CA ASP I 457 4.43 -16.96 26.68
C ASP I 457 3.85 -16.03 27.73
N ASN I 458 3.91 -14.72 27.49
CA ASN I 458 3.08 -13.80 28.27
C ASN I 458 1.62 -14.08 28.01
N TRP I 459 1.24 -14.13 26.74
CA TRP I 459 -0.15 -14.20 26.34
C TRP I 459 -0.80 -15.54 26.63
N ARG I 460 -0.02 -16.62 26.65
CA ARG I 460 -0.54 -17.91 27.09
C ARG I 460 -0.95 -17.87 28.55
N SER I 461 -0.37 -16.96 29.33
CA SER I 461 -0.80 -16.82 30.71
C SER I 461 -2.18 -16.21 30.83
N GLU I 462 -2.66 -15.53 29.79
CA GLU I 462 -3.97 -14.92 29.87
C GLU I 462 -5.05 -15.65 29.11
N LEU I 463 -4.68 -16.50 28.16
CA LEU I 463 -5.64 -17.24 27.37
C LEU I 463 -5.71 -18.71 27.76
N TYR I 464 -5.32 -19.05 28.98
CA TYR I 464 -5.31 -20.46 29.38
C TYR I 464 -6.71 -21.00 29.60
N LYS I 465 -7.66 -20.14 29.99
CA LYS I 465 -9.01 -20.62 30.24
C LYS I 465 -9.75 -20.91 28.95
N TYR I 466 -9.60 -20.06 27.94
CA TYR I 466 -10.53 -20.02 26.83
C TYR I 466 -10.23 -21.10 25.80
N LYS I 467 -11.28 -21.51 25.08
CA LYS I 467 -11.19 -22.51 24.03
C LYS I 467 -12.33 -22.27 23.04
N VAL I 468 -12.05 -22.43 21.75
CA VAL I 468 -13.03 -22.15 20.71
C VAL I 468 -13.56 -23.47 20.15
N VAL I 469 -14.88 -23.55 19.99
CA VAL I 469 -15.55 -24.72 19.43
C VAL I 469 -16.58 -24.27 18.41
N LYS I 470 -16.99 -25.23 17.58
CA LYS I 470 -17.99 -25.03 16.54
C LYS I 470 -19.27 -25.76 16.93
N ILE I 471 -20.39 -25.07 16.83
CA ILE I 471 -21.70 -25.64 17.11
C ILE I 471 -22.20 -26.40 15.89
N GLU I 472 -22.73 -27.59 16.11
CA GLU I 472 -23.24 -28.44 15.04
C GLU I 472 -24.67 -28.82 15.39
N PRO I 473 -25.65 -28.00 15.01
CA PRO I 473 -27.00 -28.11 15.59
C PRO I 473 -27.86 -29.22 15.03
N LEU I 474 -27.32 -30.17 14.27
CA LEU I 474 -28.13 -31.25 13.72
C LEU I 474 -27.81 -32.56 14.44
N GLY I 475 -28.86 -33.30 14.80
CA GLY I 475 -28.69 -34.56 15.50
C GLY I 475 -29.56 -35.65 14.89
N VAL I 476 -29.12 -36.88 15.07
CA VAL I 476 -29.77 -38.05 14.49
C VAL I 476 -30.13 -39.02 15.61
N ALA I 477 -31.39 -39.46 15.67
CA ALA I 477 -31.84 -40.38 16.70
C ALA I 477 -33.06 -41.13 16.18
N PRO I 478 -33.29 -42.36 16.65
CA PRO I 478 -34.54 -43.05 16.34
C PRO I 478 -35.60 -42.85 17.41
N THR I 479 -36.86 -42.79 16.96
CA THR I 479 -37.99 -42.58 17.85
C THR I 479 -39.14 -43.55 17.64
N ARG I 480 -39.08 -44.41 16.62
CA ARG I 480 -40.22 -45.21 16.13
C ARG I 480 -41.42 -44.31 15.80
N CYS I 481 -41.15 -43.23 15.08
CA CYS I 481 -42.16 -42.26 14.68
C CYS I 481 -42.19 -42.17 13.16
N LYS I 482 -43.32 -42.53 12.57
CA LYS I 482 -43.48 -42.54 11.13
C LYS I 482 -44.07 -41.23 10.66
N ARG I 483 -43.55 -40.72 9.56
CA ARG I 483 -44.11 -39.51 8.96
C ARG I 483 -45.46 -39.81 8.32
N ARG I 484 -46.38 -38.87 8.45
CA ARG I 484 -47.70 -39.02 7.84
C ARG I 484 -47.59 -38.91 6.33
N VAL I 485 -48.19 -39.88 5.63
CA VAL I 485 -48.16 -39.89 4.17
C VAL I 485 -49.49 -40.38 3.62
N PHE J 504 -28.11 -19.21 25.76
CA PHE J 504 -27.48 -20.00 24.70
C PHE J 504 -26.81 -21.23 25.28
N LEU J 505 -27.16 -22.40 24.72
CA LEU J 505 -26.68 -23.72 25.17
C LEU J 505 -26.96 -23.94 26.67
N GLY J 506 -28.17 -23.56 27.09
CA GLY J 506 -28.55 -23.62 28.48
C GLY J 506 -28.93 -24.99 28.98
N ALA J 507 -28.98 -26.00 28.12
CA ALA J 507 -29.36 -27.35 28.54
C ALA J 507 -28.47 -28.39 27.88
N ALA J 508 -27.19 -28.10 27.71
CA ALA J 508 -26.32 -28.99 26.96
C ALA J 508 -26.00 -30.27 27.71
N GLY J 509 -26.05 -30.24 29.04
CA GLY J 509 -25.72 -31.42 29.81
C GLY J 509 -26.86 -32.39 30.03
N SER J 510 -28.08 -32.00 29.67
CA SER J 510 -29.25 -32.81 29.98
C SER J 510 -29.44 -33.92 28.95
N THR J 511 -30.52 -34.67 29.12
CA THR J 511 -30.87 -35.72 28.16
C THR J 511 -31.58 -35.13 26.95
N MET J 512 -31.85 -35.99 25.97
CA MET J 512 -32.53 -35.55 24.76
C MET J 512 -33.98 -35.19 25.03
N GLY J 513 -34.66 -35.95 25.86
CA GLY J 513 -36.02 -35.61 26.24
C GLY J 513 -36.09 -34.34 27.05
N ALA J 514 -35.07 -34.08 27.87
CA ALA J 514 -35.03 -32.83 28.63
C ALA J 514 -34.67 -31.65 27.73
N ALA J 515 -33.89 -31.90 26.68
CA ALA J 515 -33.58 -30.84 25.73
C ALA J 515 -34.67 -30.67 24.68
N SER J 516 -35.68 -31.54 24.70
CA SER J 516 -36.72 -31.50 23.67
C SER J 516 -37.62 -30.27 23.79
N MET J 517 -37.64 -29.61 24.94
CA MET J 517 -38.35 -28.34 25.04
C MET J 517 -37.43 -27.13 24.99
N THR J 518 -36.11 -27.34 25.01
CA THR J 518 -35.17 -26.25 25.03
C THR J 518 -34.31 -26.16 23.77
N LEU J 519 -34.73 -26.77 22.67
CA LEU J 519 -33.85 -26.83 21.51
C LEU J 519 -33.89 -25.56 20.67
N THR J 520 -34.78 -24.61 20.99
CA THR J 520 -34.86 -23.38 20.21
C THR J 520 -33.87 -22.31 20.66
N VAL J 521 -33.26 -22.46 21.84
CA VAL J 521 -32.38 -21.42 22.35
C VAL J 521 -31.05 -21.46 21.60
N GLN J 522 -30.72 -22.61 21.02
CA GLN J 522 -29.55 -22.69 20.14
C GLN J 522 -29.80 -21.91 18.86
N ALA J 523 -30.96 -22.14 18.23
CA ALA J 523 -31.20 -21.57 16.91
C ALA J 523 -31.57 -20.10 16.98
N ARG J 524 -32.02 -19.62 18.15
CA ARG J 524 -32.45 -18.23 18.23
C ARG J 524 -31.27 -17.27 18.26
N ASN J 525 -30.07 -17.77 18.52
CA ASN J 525 -28.87 -16.93 18.53
C ASN J 525 -27.82 -17.38 17.52
N LEU J 526 -28.21 -18.17 16.52
CA LEU J 526 -27.22 -18.66 15.56
C LEU J 526 -26.75 -17.56 14.63
N LEU J 527 -27.67 -16.72 14.16
CA LEU J 527 -27.36 -15.75 13.13
C LEU J 527 -27.33 -14.36 13.73
N SER J 528 -26.15 -13.72 13.69
CA SER J 528 -25.92 -12.33 14.09
C SER J 528 -26.35 -12.07 15.53
N GLY J 529 -25.80 -12.85 16.45
CA GLY J 529 -26.11 -12.70 17.86
C GLY J 529 -25.52 -11.44 18.47
N THR J 551 -7.22 -1.15 9.89
CA THR J 551 -8.21 -1.80 9.05
C THR J 551 -8.22 -3.30 9.30
N VAL J 552 -7.37 -3.74 10.23
CA VAL J 552 -7.24 -5.16 10.53
C VAL J 552 -8.51 -5.70 11.18
N TRP J 553 -9.05 -4.97 12.16
CA TRP J 553 -10.25 -5.40 12.85
C TRP J 553 -11.46 -5.40 11.92
N GLY J 554 -11.51 -4.47 10.96
CA GLY J 554 -12.59 -4.47 9.99
C GLY J 554 -12.55 -5.69 9.08
N ILE J 555 -11.34 -6.09 8.69
CA ILE J 555 -11.17 -7.30 7.89
C ILE J 555 -11.66 -8.52 8.67
N LYS J 556 -11.32 -8.59 9.96
CA LYS J 556 -11.75 -9.71 10.77
C LYS J 556 -13.27 -9.72 10.97
N GLN J 557 -13.87 -8.54 11.13
CA GLN J 557 -15.32 -8.48 11.28
C GLN J 557 -16.04 -8.92 10.03
N LEU J 558 -15.51 -8.51 8.86
CA LEU J 558 -16.08 -8.93 7.59
C LEU J 558 -16.00 -10.45 7.43
N GLN J 559 -14.85 -11.02 7.78
CA GLN J 559 -14.69 -12.47 7.71
C GLN J 559 -15.64 -13.19 8.64
N ALA J 560 -15.83 -12.65 9.85
CA ALA J 560 -16.72 -13.27 10.83
C ALA J 560 -18.16 -13.25 10.35
N ARG J 561 -18.62 -12.12 9.78
CA ARG J 561 -20.00 -12.04 9.32
C ARG J 561 -20.25 -12.96 8.14
N VAL J 562 -19.27 -13.05 7.23
CA VAL J 562 -19.40 -13.97 6.08
C VAL J 562 -19.45 -15.42 6.55
N LEU J 563 -18.61 -15.77 7.52
CA LEU J 563 -18.61 -17.14 8.05
C LEU J 563 -19.92 -17.48 8.74
N ALA J 564 -20.48 -16.52 9.49
CA ALA J 564 -21.74 -16.75 10.17
C ALA J 564 -22.88 -16.95 9.18
N VAL J 565 -22.88 -16.18 8.09
CA VAL J 565 -23.92 -16.31 7.07
C VAL J 565 -23.84 -17.68 6.39
N GLU J 566 -22.62 -18.12 6.06
CA GLU J 566 -22.43 -19.43 5.44
C GLU J 566 -22.86 -20.57 6.35
N ARG J 567 -22.46 -20.49 7.63
CA ARG J 567 -22.76 -21.57 8.56
C ARG J 567 -24.23 -21.64 8.89
N TYR J 568 -24.93 -20.50 8.87
CA TYR J 568 -26.37 -20.55 9.03
C TYR J 568 -27.05 -21.09 7.78
N LEU J 569 -26.54 -20.75 6.59
CA LEU J 569 -27.24 -21.16 5.39
C LEU J 569 -27.04 -22.63 5.05
N ARG J 570 -25.97 -23.25 5.56
CA ARG J 570 -25.63 -24.62 5.16
C ARG J 570 -26.69 -25.62 5.62
N ASP J 571 -26.96 -25.67 6.93
CA ASP J 571 -27.90 -26.65 7.44
C ASP J 571 -29.34 -26.30 7.07
N GLN J 572 -29.63 -25.02 6.85
CA GLN J 572 -30.94 -24.65 6.31
C GLN J 572 -31.13 -25.19 4.91
N GLN J 573 -30.07 -25.17 4.10
CA GLN J 573 -30.12 -25.80 2.79
C GLN J 573 -30.31 -27.29 2.90
N LEU J 574 -29.66 -27.93 3.88
CA LEU J 574 -29.83 -29.37 4.07
C LEU J 574 -31.26 -29.72 4.50
N LEU J 575 -31.85 -28.90 5.37
CA LEU J 575 -33.23 -29.14 5.78
C LEU J 575 -34.20 -28.89 4.64
N GLY J 576 -33.89 -27.92 3.78
CA GLY J 576 -34.69 -27.72 2.58
C GLY J 576 -34.59 -28.87 1.61
N ILE J 577 -33.42 -29.51 1.54
CA ILE J 577 -33.27 -30.72 0.76
C ILE J 577 -34.12 -31.84 1.35
N TRP J 578 -34.07 -32.02 2.66
CA TRP J 578 -34.85 -33.09 3.27
C TRP J 578 -36.33 -32.78 3.39
N GLY J 579 -36.75 -31.54 3.11
CA GLY J 579 -38.14 -31.19 3.01
C GLY J 579 -38.83 -30.95 4.33
N CYS J 580 -38.18 -31.27 5.45
CA CYS J 580 -38.74 -31.06 6.76
C CYS J 580 -38.30 -29.73 7.37
N SER J 581 -37.91 -28.78 6.53
CA SER J 581 -37.50 -27.47 7.01
C SER J 581 -38.70 -26.70 7.53
N GLY J 582 -38.41 -25.68 8.34
CA GLY J 582 -39.44 -24.90 8.98
C GLY J 582 -39.91 -25.46 10.31
N LYS J 583 -39.44 -26.64 10.70
CA LYS J 583 -39.77 -27.20 12.00
C LYS J 583 -38.49 -27.81 12.58
N LEU J 584 -38.45 -27.91 13.90
CA LEU J 584 -37.26 -28.37 14.58
C LEU J 584 -37.17 -29.89 14.68
N ILE J 585 -38.28 -30.60 14.61
CA ILE J 585 -38.31 -32.05 14.70
C ILE J 585 -38.86 -32.60 13.38
N CYS J 586 -38.13 -33.53 12.80
CA CYS J 586 -38.48 -34.09 11.49
C CYS J 586 -38.87 -35.54 11.63
N CYS J 587 -40.04 -35.89 11.10
CA CYS J 587 -40.40 -37.28 10.85
C CYS J 587 -40.05 -37.60 9.41
N THR J 588 -39.41 -38.75 9.20
CA THR J 588 -38.58 -38.93 8.02
C THR J 588 -39.10 -39.94 7.00
N ASN J 589 -39.92 -40.92 7.41
CA ASN J 589 -40.31 -42.07 6.58
C ASN J 589 -39.10 -42.82 6.02
N VAL J 590 -38.07 -42.97 6.86
CA VAL J 590 -36.92 -43.79 6.50
C VAL J 590 -36.70 -44.78 7.63
N PRO J 591 -36.66 -46.08 7.36
CA PRO J 591 -36.51 -47.06 8.43
C PRO J 591 -35.10 -47.05 9.01
N TRP J 592 -35.04 -47.20 10.33
CA TRP J 592 -33.76 -47.26 11.02
C TRP J 592 -33.13 -48.64 10.79
N ASN J 593 -31.93 -48.66 10.20
CA ASN J 593 -31.27 -49.92 9.90
C ASN J 593 -30.74 -50.57 11.17
N SER J 594 -30.70 -51.91 11.14
CA SER J 594 -30.31 -52.67 12.33
C SER J 594 -28.82 -52.55 12.61
N SER J 595 -28.02 -52.23 11.59
CA SER J 595 -26.60 -52.03 11.79
C SER J 595 -26.32 -50.79 12.63
N TRP J 596 -27.20 -49.80 12.56
CA TRP J 596 -27.09 -48.63 13.41
C TRP J 596 -27.64 -48.87 14.80
N SER J 597 -28.41 -49.94 14.98
CA SER J 597 -29.20 -50.15 16.19
C SER J 597 -28.43 -51.01 17.19
N ASN J 598 -28.19 -50.46 18.36
CA ASN J 598 -27.63 -51.22 19.47
C ASN J 598 -28.39 -50.98 20.77
N ARG J 599 -28.98 -49.80 20.95
CA ARG J 599 -29.63 -49.44 22.20
C ARG J 599 -31.14 -49.45 22.04
N ASN J 600 -31.82 -49.45 23.18
CA ASN J 600 -33.27 -49.35 23.23
C ASN J 600 -33.70 -47.88 23.22
N LEU J 601 -35.00 -47.67 23.09
CA LEU J 601 -35.53 -46.31 23.05
C LEU J 601 -35.43 -45.64 24.42
N SER J 602 -35.71 -46.37 25.48
CA SER J 602 -35.58 -45.81 26.82
C SER J 602 -34.11 -45.66 27.22
N GLU J 603 -33.25 -46.49 26.65
CA GLU J 603 -31.82 -46.37 26.89
C GLU J 603 -31.27 -45.09 26.27
N ILE J 604 -31.85 -44.66 25.16
CA ILE J 604 -31.41 -43.42 24.53
C ILE J 604 -32.09 -42.22 25.17
N TRP J 605 -33.42 -42.15 25.08
CA TRP J 605 -34.12 -40.92 25.38
C TRP J 605 -34.30 -40.64 26.86
N ASP J 606 -33.80 -41.49 27.74
CA ASP J 606 -33.83 -41.19 29.17
C ASP J 606 -32.47 -41.26 29.82
N ASN J 607 -31.57 -42.09 29.32
CA ASN J 607 -30.31 -42.37 29.98
C ASN J 607 -29.11 -41.68 29.33
N MET J 608 -29.30 -41.06 28.17
CA MET J 608 -28.17 -40.70 27.33
C MET J 608 -28.23 -39.20 27.07
N THR J 609 -27.07 -38.58 26.86
CA THR J 609 -27.00 -37.16 26.53
C THR J 609 -26.48 -36.99 25.11
N TRP J 610 -26.83 -35.85 24.51
CA TRP J 610 -26.63 -35.61 23.08
C TRP J 610 -25.15 -35.66 22.69
N LEU J 611 -24.31 -35.06 23.52
CA LEU J 611 -22.90 -34.87 23.18
C LEU J 611 -22.15 -36.18 23.08
N GLN J 612 -22.37 -37.09 24.02
CA GLN J 612 -21.71 -38.37 23.97
C GLN J 612 -22.37 -39.29 22.96
N TRP J 613 -23.67 -39.09 22.72
CA TRP J 613 -24.38 -39.86 21.71
C TRP J 613 -23.92 -39.51 20.31
N ASP J 614 -23.46 -38.28 20.11
CA ASP J 614 -22.94 -37.86 18.82
C ASP J 614 -21.67 -38.65 18.45
N LYS J 615 -20.91 -39.05 19.48
CA LYS J 615 -19.70 -39.83 19.25
C LYS J 615 -20.01 -41.18 18.64
N GLU J 616 -21.06 -41.84 19.12
CA GLU J 616 -21.38 -43.17 18.60
C GLU J 616 -22.27 -43.10 17.37
N ILE J 617 -22.95 -41.97 17.14
CA ILE J 617 -23.80 -41.88 15.95
C ILE J 617 -23.01 -41.14 14.87
N SER J 618 -21.72 -40.88 15.15
CA SER J 618 -20.83 -40.27 14.17
C SER J 618 -20.65 -41.14 12.92
N ASN J 619 -20.79 -42.45 13.06
CA ASN J 619 -20.74 -43.33 11.91
C ASN J 619 -22.08 -43.29 11.15
N TYR J 620 -22.03 -43.70 9.88
CA TYR J 620 -23.16 -43.96 8.98
C TYR J 620 -23.95 -42.72 8.57
N THR J 621 -23.55 -41.55 9.06
CA THR J 621 -24.41 -40.38 9.04
C THR J 621 -24.46 -39.76 7.64
N GLN J 622 -23.34 -39.79 6.93
CA GLN J 622 -23.27 -39.26 5.58
C GLN J 622 -24.11 -40.09 4.61
N ILE J 623 -24.27 -41.38 4.87
CA ILE J 623 -25.18 -42.20 4.09
C ILE J 623 -26.62 -41.85 4.43
N ILE J 624 -26.88 -41.56 5.71
CA ILE J 624 -28.21 -41.23 6.20
C ILE J 624 -28.73 -39.96 5.54
N TYR J 625 -27.85 -38.98 5.33
CA TYR J 625 -28.24 -37.74 4.66
C TYR J 625 -28.73 -37.99 3.24
N GLY J 626 -27.97 -38.81 2.49
CA GLY J 626 -28.38 -39.13 1.12
C GLY J 626 -29.65 -39.95 1.07
N LEU J 627 -29.83 -40.84 2.06
CA LEU J 627 -31.06 -41.63 2.13
C LEU J 627 -32.27 -40.74 2.37
N LEU J 628 -32.11 -39.74 3.26
CA LEU J 628 -33.18 -38.78 3.48
C LEU J 628 -33.49 -37.98 2.22
N GLU J 629 -32.44 -37.61 1.47
CA GLU J 629 -32.63 -36.84 0.25
C GLU J 629 -33.40 -37.63 -0.81
N GLU J 630 -33.01 -38.89 -1.03
CA GLU J 630 -33.69 -39.68 -2.05
C GLU J 630 -35.11 -40.06 -1.63
N SER J 631 -35.32 -40.30 -0.33
CA SER J 631 -36.67 -40.59 0.14
C SER J 631 -37.57 -39.37 0.02
N GLN J 632 -37.02 -38.18 0.29
CA GLN J 632 -37.77 -36.95 0.10
C GLN J 632 -38.14 -36.73 -1.36
N ASN J 633 -37.20 -37.03 -2.28
CA ASN J 633 -37.49 -36.89 -3.70
C ASN J 633 -38.56 -37.89 -4.15
N GLN J 634 -38.51 -39.12 -3.61
CA GLN J 634 -39.54 -40.10 -3.90
C GLN J 634 -40.91 -39.66 -3.40
N GLN J 635 -40.94 -39.07 -2.20
CA GLN J 635 -42.19 -38.53 -1.66
C GLN J 635 -42.74 -37.42 -2.53
N GLU J 636 -41.86 -36.54 -3.02
CA GLU J 636 -42.30 -35.44 -3.87
C GLU J 636 -42.83 -35.93 -5.20
N LYS J 637 -42.17 -36.93 -5.80
CA LYS J 637 -42.64 -37.43 -7.09
C LYS J 637 -43.93 -38.24 -6.95
N ASN J 638 -44.11 -38.93 -5.81
CA ASN J 638 -45.36 -39.62 -5.58
C ASN J 638 -46.49 -38.64 -5.33
N GLU J 639 -46.21 -37.54 -4.62
CA GLU J 639 -47.21 -36.50 -4.40
C GLU J 639 -47.57 -35.80 -5.70
N GLN J 640 -46.59 -35.62 -6.59
CA GLN J 640 -46.88 -35.04 -7.90
C GLN J 640 -47.73 -35.98 -8.74
N ASP J 641 -47.44 -37.28 -8.70
CA ASP J 641 -48.23 -38.25 -9.46
C ASP J 641 -49.66 -38.35 -8.91
N LEU J 642 -49.83 -38.16 -7.61
CA LEU J 642 -51.17 -38.14 -7.05
C LEU J 642 -51.90 -36.85 -7.42
N LEU J 643 -51.23 -35.71 -7.33
CA LEU J 643 -51.90 -34.42 -7.50
C LEU J 643 -52.07 -34.02 -8.96
N ALA J 644 -51.38 -34.69 -9.88
CA ALA J 644 -51.62 -34.43 -11.30
C ALA J 644 -53.00 -34.90 -11.74
N LEU J 645 -53.52 -35.95 -11.10
CA LEU J 645 -54.87 -36.43 -11.34
C LEU J 645 -55.84 -35.99 -10.26
N ASP J 646 -55.45 -35.04 -9.42
CA ASP J 646 -56.34 -34.50 -8.40
C ASP J 646 -57.45 -33.66 -9.03
N GLN K 20 29.28 19.73 65.37
CA GLN K 20 29.76 20.99 64.82
C GLN K 20 30.23 20.82 63.39
N VAL K 21 29.72 21.68 62.52
CA VAL K 21 30.22 21.79 61.14
C VAL K 21 30.49 23.26 60.88
N GLN K 22 31.40 23.54 59.95
CA GLN K 22 31.73 24.93 59.70
C GLN K 22 32.20 25.09 58.26
N LEU K 23 31.89 26.25 57.68
CA LEU K 23 31.98 26.52 56.24
C LEU K 23 32.84 27.76 56.00
N VAL K 24 34.07 27.74 56.53
CA VAL K 24 34.97 28.89 56.57
C VAL K 24 35.31 29.41 55.19
N GLN K 25 34.89 30.63 54.88
CA GLN K 25 35.13 31.22 53.58
C GLN K 25 36.50 31.90 53.58
N SER K 26 36.85 32.48 52.44
CA SER K 26 38.13 33.17 52.31
C SER K 26 38.03 34.57 52.89
N GLY K 27 39.14 35.30 52.79
CA GLY K 27 39.22 36.64 53.34
C GLY K 27 38.55 37.68 52.45
N ALA K 28 38.69 38.93 52.86
CA ALA K 28 38.09 40.04 52.13
C ALA K 28 38.87 40.29 50.84
N GLU K 29 38.13 40.39 49.74
CA GLU K 29 38.69 40.67 48.42
C GLU K 29 38.44 42.12 48.08
N VAL K 30 39.49 42.84 47.72
CA VAL K 30 39.42 44.25 47.35
C VAL K 30 40.10 44.41 46.02
N LYS K 31 39.35 44.78 44.98
CA LYS K 31 40.01 45.02 43.70
C LYS K 31 39.19 45.97 42.84
N LYS K 32 39.75 46.26 41.66
CA LYS K 32 39.22 47.18 40.67
C LYS K 32 38.18 46.48 39.81
N PRO K 33 37.31 47.24 39.13
CA PRO K 33 36.38 46.63 38.17
C PRO K 33 37.11 45.99 37.00
N GLY K 34 36.47 44.96 36.43
CA GLY K 34 36.98 44.28 35.27
C GLY K 34 37.89 43.11 35.55
N ALA K 35 38.27 42.90 36.81
CA ALA K 35 39.16 41.80 37.17
C ALA K 35 38.33 40.55 37.46
N SER K 36 38.94 39.57 38.11
CA SER K 36 38.28 38.34 38.49
C SER K 36 38.52 38.06 39.97
N VAL K 37 37.59 37.33 40.58
CA VAL K 37 37.60 37.05 42.00
C VAL K 37 37.46 35.54 42.22
N LYS K 38 38.38 34.99 43.00
CA LYS K 38 38.30 33.61 43.48
C LYS K 38 38.00 33.63 44.97
N VAL K 39 37.00 32.84 45.37
CA VAL K 39 36.63 32.70 46.77
C VAL K 39 36.67 31.22 47.12
N SER K 40 37.36 30.89 48.20
CA SER K 40 37.39 29.52 48.70
C SER K 40 36.39 29.36 49.85
N CYS K 41 36.00 28.11 50.08
CA CYS K 41 35.14 27.76 51.21
C CYS K 41 35.54 26.38 51.69
N LYS K 42 36.11 26.32 52.90
CA LYS K 42 36.60 25.09 53.50
C LYS K 42 35.52 24.55 54.43
N ALA K 43 35.10 23.31 54.19
CA ALA K 43 34.07 22.70 55.01
C ALA K 43 34.70 21.75 56.04
N SER K 44 34.05 21.65 57.19
CA SER K 44 34.60 20.90 58.31
C SER K 44 33.46 20.33 59.15
N GLY K 45 33.75 19.21 59.80
CA GLY K 45 32.83 18.61 60.74
C GLY K 45 31.90 17.55 60.18
N TYR K 46 31.92 17.32 58.87
CA TYR K 46 31.05 16.33 58.26
C TYR K 46 31.70 15.89 56.96
N ARG K 47 31.21 14.75 56.44
CA ARG K 47 31.70 14.26 55.16
C ARG K 47 31.17 15.13 54.04
N PHE K 48 32.06 15.93 53.46
CA PHE K 48 31.70 17.05 52.59
C PHE K 48 31.08 16.59 51.28
N THR K 49 31.36 15.35 50.86
CA THR K 49 30.89 14.83 49.58
C THR K 49 29.37 14.71 49.52
N ASP K 50 28.70 14.46 50.65
CA ASP K 50 27.32 14.01 50.65
C ASP K 50 26.29 15.13 50.66
N HIS K 51 26.68 16.39 50.63
CA HIS K 51 25.72 17.47 50.64
C HIS K 51 26.00 18.49 49.56
N TYR K 52 24.93 19.04 48.99
CA TYR K 52 25.05 20.05 47.95
C TYR K 52 25.59 21.33 48.54
N ILE K 53 26.17 22.17 47.68
CA ILE K 53 26.73 23.44 48.12
C ILE K 53 26.10 24.56 47.32
N HIS K 54 25.54 25.54 48.02
CA HIS K 54 24.99 26.73 47.39
C HIS K 54 25.74 27.95 47.88
N TRP K 55 25.53 29.06 47.18
CA TRP K 55 26.15 30.32 47.56
C TRP K 55 25.15 31.45 47.48
N VAL K 56 25.25 32.37 48.43
CA VAL K 56 24.31 33.47 48.57
C VAL K 56 25.07 34.79 48.49
N ARG K 57 24.63 35.66 47.60
CA ARG K 57 25.15 37.02 47.50
C ARG K 57 24.22 37.95 48.28
N GLN K 58 24.81 38.97 48.91
CA GLN K 58 24.02 39.96 49.62
C GLN K 58 24.66 41.32 49.41
N ALA K 59 24.01 42.17 48.62
CA ALA K 59 24.43 43.55 48.49
C ALA K 59 24.20 44.27 49.81
N PRO K 60 25.05 45.26 50.12
CA PRO K 60 24.89 46.00 51.40
C PRO K 60 23.62 46.82 51.40
N GLY K 61 22.82 46.64 52.46
CA GLY K 61 21.52 47.24 52.53
C GLY K 61 20.44 46.50 51.75
N GLN K 62 20.74 45.34 51.22
CA GLN K 62 19.82 44.59 50.37
C GLN K 62 19.74 43.14 50.85
N GLY K 63 18.73 42.43 50.36
CA GLY K 63 18.49 41.07 50.77
C GLY K 63 19.42 40.09 50.10
N PRO K 64 19.09 38.81 50.23
CA PRO K 64 19.94 37.76 49.66
C PRO K 64 19.82 37.70 48.15
N GLU K 65 20.82 37.06 47.54
CA GLU K 65 20.82 36.80 46.10
C GLU K 65 21.43 35.43 45.87
N TRP K 66 20.75 34.61 45.08
CA TRP K 66 21.12 33.22 44.87
C TRP K 66 21.79 33.08 43.51
N MET K 67 22.95 32.44 43.48
CA MET K 67 23.66 32.20 42.23
C MET K 67 23.37 30.82 41.66
N GLY K 68 23.69 29.78 42.43
CA GLY K 68 23.56 28.46 41.85
C GLY K 68 23.80 27.40 42.91
N TRP K 69 23.93 26.17 42.42
CA TRP K 69 24.23 25.04 43.27
C TRP K 69 25.28 24.18 42.59
N ILE K 70 26.07 23.50 43.40
CA ILE K 70 27.05 22.55 42.89
C ILE K 70 26.92 21.24 43.66
N ASN K 71 26.87 20.16 42.90
CA ASN K 71 27.01 18.80 43.43
C ASN K 71 28.48 18.57 43.70
N THR K 72 28.81 18.25 44.95
CA THR K 72 30.21 18.09 45.32
C THR K 72 30.77 16.77 44.80
N SER K 73 29.93 15.74 44.76
CA SER K 73 30.40 14.42 44.34
C SER K 73 30.66 14.37 42.84
N SER K 74 29.78 14.99 42.05
CA SER K 74 29.88 14.90 40.61
C SER K 74 30.61 16.06 39.98
N GLY K 75 30.57 17.24 40.61
CA GLY K 75 31.08 18.44 39.98
C GLY K 75 30.09 19.15 39.11
N ARG K 76 28.90 18.57 38.90
CA ARG K 76 27.87 19.25 38.13
C ARG K 76 27.34 20.45 38.92
N SER K 77 27.18 21.56 38.23
CA SER K 77 26.71 22.78 38.86
C SER K 77 25.73 23.48 37.93
N ASN K 78 24.85 24.26 38.53
CA ASN K 78 23.94 25.10 37.77
C ASN K 78 23.94 26.50 38.39
N PHE K 79 23.61 27.48 37.57
CA PHE K 79 23.69 28.88 37.95
C PHE K 79 22.38 29.58 37.63
N ALA K 80 22.22 30.77 38.20
CA ALA K 80 21.12 31.63 37.78
C ALA K 80 21.43 32.21 36.41
N GLN K 81 20.37 32.74 35.78
CA GLN K 81 20.47 33.12 34.37
C GLN K 81 21.31 34.38 34.18
N LYS K 82 21.41 35.22 35.22
CA LYS K 82 22.24 36.41 35.08
C LYS K 82 23.68 36.15 35.51
N PHE K 83 23.96 34.97 36.03
CA PHE K 83 25.32 34.57 36.36
C PHE K 83 25.90 33.57 35.37
N GLN K 84 25.24 33.38 34.24
CA GLN K 84 25.72 32.40 33.26
C GLN K 84 26.97 32.92 32.56
N GLY K 85 28.00 32.09 32.52
CA GLY K 85 29.29 32.48 31.96
C GLY K 85 30.21 33.21 32.90
N ARG K 86 29.67 34.13 33.68
CA ARG K 86 30.49 34.93 34.59
C ARG K 86 31.02 34.11 35.76
N VAL K 87 30.24 33.15 36.25
CA VAL K 87 30.57 32.41 37.47
C VAL K 87 30.81 30.96 37.11
N THR K 88 31.90 30.40 37.63
CA THR K 88 32.15 28.96 37.57
C THR K 88 32.36 28.46 38.98
N MET K 89 31.75 27.32 39.31
CA MET K 89 31.93 26.74 40.63
C MET K 89 32.67 25.41 40.51
N THR K 90 33.74 25.27 41.28
CA THR K 90 34.49 24.03 41.36
C THR K 90 34.50 23.56 42.81
N ARG K 91 34.95 22.34 43.03
CA ARG K 91 35.03 21.80 44.38
C ARG K 91 36.15 20.77 44.44
N ASP K 92 36.58 20.46 45.66
CA ASP K 92 37.56 19.42 45.93
C ASP K 92 37.11 18.69 47.19
N THR K 93 36.56 17.49 47.01
CA THR K 93 36.13 16.70 48.16
C THR K 93 37.30 16.04 48.86
N SER K 94 38.46 15.97 48.19
CA SER K 94 39.64 15.38 48.80
C SER K 94 40.17 16.22 49.95
N ILE K 95 39.97 17.54 49.90
CA ILE K 95 40.43 18.42 50.96
C ILE K 95 39.25 19.20 51.53
N SER K 96 38.03 18.84 51.09
CA SER K 96 36.75 19.33 51.61
C SER K 96 36.62 20.85 51.48
N THR K 97 36.61 21.31 50.24
CA THR K 97 36.47 22.74 49.97
C THR K 97 35.83 22.95 48.62
N ALA K 98 35.52 24.21 48.33
CA ALA K 98 34.94 24.60 47.05
C ALA K 98 35.40 25.99 46.66
N TYR K 99 35.42 26.27 45.36
CA TYR K 99 36.02 27.49 44.83
C TYR K 99 35.08 28.15 43.83
N MET K 100 34.72 29.40 44.11
CA MET K 100 33.92 30.23 43.21
C MET K 100 34.81 31.16 42.42
N GLU K 101 34.60 31.19 41.10
CA GLU K 101 35.32 32.10 40.23
C GLU K 101 34.30 33.01 39.56
N LEU K 102 34.49 34.31 39.71
CA LEU K 102 33.65 35.30 39.05
C LEU K 102 34.56 36.17 38.20
N ASN K 103 34.11 36.47 36.98
CA ASN K 103 34.95 37.20 36.03
C ASN K 103 34.21 38.43 35.53
N ARG K 104 35.00 39.47 35.22
CA ARG K 104 34.55 40.74 34.65
C ARG K 104 33.53 41.41 35.58
N LEU K 105 34.00 41.77 36.77
CA LEU K 105 33.12 42.26 37.81
C LEU K 105 32.67 43.68 37.53
N LYS K 106 31.50 44.02 38.08
CA LYS K 106 30.91 45.34 37.96
C LYS K 106 30.79 45.97 39.34
N SER K 107 30.28 47.20 39.37
CA SER K 107 30.28 47.98 40.60
C SER K 107 29.27 47.44 41.60
N ASP K 108 28.24 46.74 41.13
CA ASP K 108 27.24 46.19 42.04
C ASP K 108 27.73 44.91 42.72
N ASP K 109 28.85 44.35 42.26
CA ASP K 109 29.32 43.08 42.78
C ASP K 109 30.00 43.19 44.13
N THR K 110 30.20 44.41 44.63
CA THR K 110 30.63 44.61 46.01
C THR K 110 29.54 44.09 46.94
N ALA K 111 29.80 42.97 47.59
CA ALA K 111 28.74 42.27 48.32
C ALA K 111 29.36 41.32 49.33
N VAL K 112 28.52 40.83 50.22
CA VAL K 112 28.89 39.80 51.19
C VAL K 112 28.41 38.46 50.66
N TYR K 113 29.29 37.48 50.68
CA TYR K 113 29.07 36.20 50.03
C TYR K 113 29.08 35.10 51.10
N TYR K 114 28.16 34.15 50.95
CA TYR K 114 27.90 33.14 51.96
C TYR K 114 27.98 31.76 51.35
N CYS K 115 28.75 30.88 51.99
CA CYS K 115 28.85 29.47 51.64
C CYS K 115 27.79 28.72 52.44
N THR K 116 26.91 27.99 51.75
CA THR K 116 25.87 27.26 52.46
C THR K 116 25.87 25.81 52.04
N THR K 117 25.55 24.95 53.00
CA THR K 117 25.39 23.52 52.78
C THR K 117 23.93 23.26 52.48
N GLY K 118 23.68 22.63 51.34
CA GLY K 118 22.33 22.28 50.92
C GLY K 118 21.87 20.97 51.52
N SER K 119 20.91 20.34 50.85
CA SER K 119 20.36 19.09 51.34
C SER K 119 21.35 17.95 51.10
N TRP K 120 21.03 16.80 51.67
CA TRP K 120 21.85 15.62 51.49
C TRP K 120 21.72 15.09 50.07
N ILE K 121 22.85 14.72 49.48
CA ILE K 121 22.86 14.27 48.10
C ILE K 121 22.38 12.83 48.04
N SER K 122 21.35 12.59 47.25
CA SER K 122 20.82 11.26 47.01
C SER K 122 21.26 10.77 45.64
N LEU K 123 21.01 9.50 45.41
CA LEU K 123 21.27 8.90 44.11
C LEU K 123 20.02 8.82 43.24
N TYR K 124 18.84 8.94 43.83
CA TYR K 124 17.62 8.55 43.14
C TYR K 124 16.60 9.68 43.00
N TYR K 125 16.89 10.88 43.48
CA TYR K 125 15.97 11.99 43.24
C TYR K 125 16.75 13.29 43.21
N ASP K 126 16.30 14.23 42.39
CA ASP K 126 16.94 15.53 42.23
C ASP K 126 16.57 16.39 43.43
N SER K 127 17.44 16.37 44.44
CA SER K 127 17.25 17.20 45.62
C SER K 127 18.16 18.41 45.62
N SER K 128 18.82 18.72 44.50
CA SER K 128 19.76 19.83 44.46
C SER K 128 19.05 21.17 44.56
N GLY K 129 17.80 21.24 44.13
CA GLY K 129 17.05 22.47 44.21
C GLY K 129 16.33 22.70 45.52
N TYR K 130 16.65 21.94 46.55
CA TYR K 130 15.94 22.08 47.81
C TYR K 130 16.43 23.29 48.58
N PRO K 131 15.57 24.24 48.94
CA PRO K 131 16.01 25.40 49.73
C PRO K 131 16.12 25.08 51.22
N ASN K 132 17.13 24.27 51.56
CA ASN K 132 17.26 23.77 52.92
C ASN K 132 18.65 24.06 53.46
N PHE K 133 19.08 25.31 53.38
CA PHE K 133 20.46 25.65 53.70
C PHE K 133 20.65 25.63 55.22
N ASP K 134 21.08 24.47 55.73
CA ASP K 134 21.11 24.23 57.17
C ASP K 134 22.18 25.07 57.85
N TYR K 135 23.35 25.17 57.26
CA TYR K 135 24.48 25.83 57.87
C TYR K 135 25.03 26.88 56.92
N TRP K 136 25.63 27.90 57.51
CA TRP K 136 26.10 29.05 56.76
C TRP K 136 27.56 29.31 57.04
N GLY K 137 28.26 29.83 56.05
CA GLY K 137 29.61 30.30 56.26
C GLY K 137 29.62 31.63 56.99
N GLN K 138 30.83 32.05 57.35
CA GLN K 138 30.98 33.31 58.09
C GLN K 138 30.76 34.54 57.22
N GLY K 139 30.73 34.39 55.90
CA GLY K 139 30.58 35.52 55.01
C GLY K 139 31.92 36.14 54.66
N THR K 140 32.02 36.59 53.41
CA THR K 140 33.21 37.32 52.98
C THR K 140 32.75 38.57 52.25
N LEU K 141 33.62 39.57 52.20
CA LEU K 141 33.27 40.82 51.56
C LEU K 141 34.13 41.05 50.32
N VAL K 142 33.48 41.33 49.19
CA VAL K 142 34.15 41.65 47.96
C VAL K 142 33.83 43.10 47.60
N THR K 143 34.86 43.92 47.51
CA THR K 143 34.72 45.35 47.24
C THR K 143 35.31 45.65 45.86
N VAL K 144 34.43 46.02 44.93
CA VAL K 144 34.81 46.43 43.59
C VAL K 144 35.08 47.92 43.64
N THR K 145 36.36 48.29 43.66
CA THR K 145 36.75 49.68 43.84
C THR K 145 36.74 50.46 42.53
N THR L 5 8.50 38.18 46.13
CA THR L 5 7.63 39.28 46.55
C THR L 5 7.29 39.16 48.04
N GLN L 6 7.64 40.19 48.80
CA GLN L 6 7.47 40.14 50.24
C GLN L 6 7.15 41.54 50.75
N PRO L 7 6.22 41.67 51.71
CA PRO L 7 5.95 42.99 52.31
C PRO L 7 7.17 43.55 53.04
N ALA L 8 7.30 44.88 52.98
CA ALA L 8 8.55 45.53 53.38
C ALA L 8 8.76 45.51 54.88
N SER L 9 7.70 45.76 55.65
CA SER L 9 7.88 45.85 57.09
C SER L 9 6.62 45.39 57.81
N VAL L 10 6.81 45.03 59.08
CA VAL L 10 5.71 44.62 59.95
C VAL L 10 6.07 45.09 61.36
N SER L 11 5.03 45.24 62.20
CA SER L 11 5.22 45.72 63.56
C SER L 11 4.34 44.91 64.50
N GLY L 12 4.71 44.92 65.78
CA GLY L 12 3.94 44.23 66.80
C GLY L 12 4.49 44.45 68.19
N SER L 13 3.60 44.46 69.18
CA SER L 13 4.01 44.60 70.56
C SER L 13 4.70 43.32 71.03
N PRO L 14 5.57 43.41 72.02
CA PRO L 14 6.15 42.19 72.61
C PRO L 14 5.09 41.34 73.29
N GLY L 15 5.22 40.03 73.09
CA GLY L 15 4.28 39.07 73.65
C GLY L 15 3.16 38.64 72.73
N GLN L 16 2.72 39.54 71.85
CA GLN L 16 1.64 39.19 70.93
C GLN L 16 2.20 38.45 69.71
N PRO L 17 1.38 37.63 69.05
CA PRO L 17 1.82 37.00 67.81
C PRO L 17 1.52 37.87 66.58
N ILE L 18 2.33 37.67 65.55
CA ILE L 18 2.16 38.33 64.27
C ILE L 18 2.33 37.30 63.16
N THR L 19 2.10 37.73 61.92
CA THR L 19 2.33 36.89 60.76
C THR L 19 3.14 37.67 59.72
N ILE L 20 3.98 36.93 58.99
CA ILE L 20 4.70 37.45 57.83
C ILE L 20 4.25 36.64 56.62
N SER L 21 3.99 37.32 55.51
CA SER L 21 3.45 36.67 54.33
C SER L 21 4.43 36.75 53.17
N CYS L 22 4.30 35.82 52.24
CA CYS L 22 4.99 35.85 50.97
C CYS L 22 4.08 35.28 49.90
N THR L 23 4.00 35.97 48.77
CA THR L 23 3.17 35.49 47.68
C THR L 23 3.98 35.51 46.39
N GLY L 24 4.00 34.38 45.69
CA GLY L 24 4.68 34.30 44.42
C GLY L 24 3.81 33.70 43.35
N THR L 25 4.40 33.19 42.29
CA THR L 25 3.63 32.58 41.21
C THR L 25 3.21 31.17 41.60
N SER L 26 2.44 30.54 40.72
CA SER L 26 2.08 29.14 40.92
C SER L 26 3.29 28.23 40.76
N TYR L 27 4.24 28.63 39.91
CA TYR L 27 5.47 27.87 39.74
C TYR L 27 6.32 27.88 41.01
N ASP L 28 6.39 29.03 41.68
CA ASP L 28 7.31 29.22 42.80
C ASP L 28 6.73 28.79 44.14
N VAL L 29 5.46 29.08 44.39
CA VAL L 29 4.81 28.78 45.66
C VAL L 29 3.74 27.72 45.48
N GLY L 30 2.93 27.84 44.43
CA GLY L 30 1.77 26.97 44.29
C GLY L 30 2.13 25.55 43.88
N ASN L 31 3.24 25.39 43.16
CA ASN L 31 3.60 24.06 42.70
C ASN L 31 4.17 23.20 43.83
N TYR L 32 5.01 23.74 44.68
CA TYR L 32 5.76 22.93 45.62
C TYR L 32 5.68 23.51 47.02
N ASP L 33 5.82 22.65 48.01
CA ASP L 33 5.87 23.07 49.41
C ASP L 33 7.28 23.42 49.86
N LEU L 34 8.26 23.35 48.97
CA LEU L 34 9.65 23.62 49.32
C LEU L 34 9.87 25.11 49.52
N VAL L 35 9.42 25.63 50.66
CA VAL L 35 9.56 27.04 50.99
C VAL L 35 10.16 27.13 52.39
N SER L 36 11.11 28.06 52.56
CA SER L 36 11.92 28.16 53.75
C SER L 36 11.92 29.58 54.27
N TRP L 37 12.17 29.71 55.57
CA TRP L 37 12.25 31.02 56.22
C TRP L 37 13.59 31.17 56.90
N TYR L 38 14.10 32.40 56.86
CA TYR L 38 15.40 32.74 57.39
C TYR L 38 15.28 34.06 58.13
N GLN L 39 16.18 34.28 59.10
CA GLN L 39 16.19 35.53 59.82
C GLN L 39 17.61 36.06 59.91
N GLN L 40 17.83 37.23 59.35
CA GLN L 40 19.14 37.86 59.41
C GLN L 40 19.08 39.02 60.39
N HIS L 41 19.93 38.96 61.40
CA HIS L 41 20.20 40.11 62.24
C HIS L 41 21.16 41.04 61.50
N PRO L 42 21.09 42.34 61.78
CA PRO L 42 22.01 43.28 61.11
C PRO L 42 23.45 43.04 61.51
N GLY L 43 24.32 42.95 60.50
CA GLY L 43 25.70 42.56 60.72
C GLY L 43 25.85 41.14 61.22
N ASN L 44 25.10 40.20 60.65
CA ASN L 44 25.09 38.84 61.16
C ASN L 44 24.69 37.89 60.05
N ALA L 45 25.02 36.61 60.24
CA ALA L 45 24.59 35.57 59.33
C ALA L 45 23.09 35.30 59.53
N PRO L 46 22.40 34.81 58.49
CA PRO L 46 20.97 34.49 58.64
C PRO L 46 20.72 33.29 59.54
N LYS L 47 19.50 33.22 60.08
CA LYS L 47 19.07 32.12 60.95
C LYS L 47 18.26 31.15 60.12
N TYR L 48 17.87 30.03 60.73
CA TYR L 48 17.30 28.89 60.01
C TYR L 48 16.25 28.25 60.89
N MET L 49 14.97 28.47 60.58
CA MET L 49 13.90 27.97 61.44
C MET L 49 12.72 27.35 60.70
N ILE L 50 12.59 27.52 59.40
CA ILE L 50 11.57 26.83 58.61
C ILE L 50 12.24 26.31 57.35
N TYR L 51 12.15 25.01 57.11
CA TYR L 51 12.72 24.40 55.92
C TYR L 51 11.66 23.82 54.99
N GLU L 52 10.78 22.96 55.48
CA GLU L 52 9.48 22.84 54.83
C GLU L 52 8.49 23.69 55.61
N VAL L 53 7.32 23.89 54.99
CA VAL L 53 6.39 24.92 55.43
C VAL L 53 5.77 24.59 56.78
N THR L 54 5.78 23.33 57.19
CA THR L 54 5.29 22.96 58.51
C THR L 54 6.38 22.47 59.44
N LYS L 55 7.62 22.35 58.98
CA LYS L 55 8.68 21.72 59.75
C LYS L 55 9.71 22.73 60.21
N ARG L 56 10.17 22.55 61.44
CA ARG L 56 11.16 23.40 62.08
C ARG L 56 12.33 22.55 62.53
N PRO L 57 13.56 23.04 62.42
CA PRO L 57 14.72 22.25 62.86
C PRO L 57 14.81 22.16 64.37
N ALA L 58 15.73 21.32 64.82
CA ALA L 58 16.01 21.22 66.25
C ALA L 58 16.65 22.50 66.75
N GLY L 59 16.32 22.87 67.99
CA GLY L 59 16.74 24.12 68.56
C GLY L 59 15.82 25.29 68.26
N ILE L 60 14.77 25.08 67.46
CA ILE L 60 13.81 26.14 67.18
C ILE L 60 12.62 25.96 68.11
N SER L 61 12.27 27.02 68.83
CA SER L 61 11.22 26.95 69.83
C SER L 61 9.85 27.09 69.16
N ASN L 62 8.83 27.23 70.00
CA ASN L 62 7.46 27.46 69.52
C ASN L 62 7.18 28.91 69.23
N ARG L 63 8.22 29.75 69.16
CA ARG L 63 8.05 31.14 68.76
C ARG L 63 7.55 31.25 67.33
N PHE L 64 8.01 30.38 66.45
CA PHE L 64 7.69 30.45 65.04
C PHE L 64 6.87 29.24 64.63
N SER L 65 6.01 29.42 63.62
CA SER L 65 5.26 28.32 63.03
C SER L 65 4.85 28.70 61.61
N GLY L 66 5.23 27.89 60.63
CA GLY L 66 4.90 28.21 59.26
C GLY L 66 3.54 27.69 58.84
N SER L 67 3.07 28.20 57.70
CA SER L 67 1.77 27.84 57.16
C SER L 67 1.74 28.16 55.68
N LYS L 68 0.83 27.49 54.96
CA LYS L 68 0.69 27.68 53.52
C LYS L 68 -0.78 27.77 53.18
N SER L 69 -1.10 28.61 52.19
CA SER L 69 -2.47 28.76 51.72
C SER L 69 -2.41 29.10 50.23
N GLY L 70 -2.64 28.07 49.40
CA GLY L 70 -2.82 28.28 47.97
C GLY L 70 -1.55 28.76 47.29
N ASN L 71 -1.59 30.02 46.85
CA ASN L 71 -0.46 30.63 46.18
C ASN L 71 0.44 31.42 47.12
N THR L 72 0.14 31.46 48.42
CA THR L 72 0.96 32.22 49.35
C THR L 72 1.36 31.36 50.54
N ALA L 73 2.42 31.78 51.21
CA ALA L 73 2.90 31.16 52.43
C ALA L 73 3.05 32.22 53.51
N SER L 74 3.17 31.76 54.74
CA SER L 74 3.22 32.67 55.87
C SER L 74 3.99 32.03 57.01
N LEU L 75 4.52 32.87 57.89
CA LEU L 75 5.17 32.44 59.12
C LEU L 75 4.55 33.23 60.26
N THR L 76 3.91 32.53 61.19
CA THR L 76 3.33 33.14 62.37
C THR L 76 4.36 33.12 63.49
N ILE L 77 4.74 34.30 63.94
CA ILE L 77 5.59 34.47 65.11
C ILE L 77 4.68 34.51 66.34
N SER L 78 4.62 33.39 67.05
CA SER L 78 3.73 33.21 68.19
C SER L 78 4.42 33.80 69.42
N GLY L 79 3.97 35.00 69.82
CA GLY L 79 4.67 35.76 70.83
C GLY L 79 5.77 36.61 70.23
N LEU L 80 6.17 37.64 70.98
CA LEU L 80 7.17 38.55 70.46
C LEU L 80 8.07 39.06 71.57
N GLN L 81 9.32 39.32 71.20
CA GLN L 81 10.29 39.99 72.05
C GLN L 81 11.18 40.83 71.14
N ALA L 82 12.13 41.56 71.75
CA ALA L 82 12.97 42.47 70.99
C ALA L 82 13.94 41.74 70.07
N GLU L 83 14.32 40.51 70.43
CA GLU L 83 15.23 39.70 69.62
C GLU L 83 14.64 39.35 68.27
N ASP L 84 13.31 39.31 68.15
CA ASP L 84 12.64 39.11 66.89
C ASP L 84 12.53 40.38 66.06
N ALA L 85 13.28 41.44 66.38
CA ALA L 85 13.26 42.67 65.62
C ALA L 85 14.18 42.63 64.39
N ALA L 86 14.75 41.47 64.09
CA ALA L 86 15.63 41.33 62.94
C ALA L 86 14.84 41.20 61.65
N ASP L 87 15.58 41.11 60.53
CA ASP L 87 14.95 41.00 59.23
C ASP L 87 14.63 39.53 58.94
N TYR L 88 13.55 39.31 58.18
CA TYR L 88 13.11 37.96 57.86
C TYR L 88 12.98 37.81 56.36
N TYR L 89 13.43 36.66 55.86
CA TYR L 89 13.47 36.35 54.44
C TYR L 89 12.70 35.07 54.19
N CYS L 90 11.98 35.02 53.09
CA CYS L 90 11.39 33.77 52.63
C CYS L 90 12.03 33.37 51.30
N CYS L 91 12.24 32.07 51.15
CA CYS L 91 13.02 31.53 50.05
C CYS L 91 12.26 30.33 49.51
N SER L 92 12.39 30.08 48.20
CA SER L 92 11.57 29.04 47.59
C SER L 92 12.28 28.44 46.39
N TYR L 93 11.83 27.23 46.04
CA TYR L 93 12.26 26.60 44.80
C TYR L 93 11.43 27.15 43.65
N ALA L 94 12.08 27.80 42.70
CA ALA L 94 11.40 28.46 41.60
C ALA L 94 11.21 27.55 40.39
N GLY L 95 11.57 26.28 40.50
CA GLY L 95 11.51 25.39 39.37
C GLY L 95 12.73 25.53 38.48
N SER L 96 12.95 24.50 37.66
CA SER L 96 14.07 24.40 36.72
C SER L 96 15.41 24.51 37.43
N SER L 97 15.50 23.90 38.63
CA SER L 97 16.69 23.91 39.49
C SER L 97 17.12 25.33 39.84
N THR L 98 16.15 26.20 40.09
CA THR L 98 16.42 27.59 40.41
C THR L 98 15.74 27.93 41.73
N VAL L 99 16.46 28.67 42.58
CA VAL L 99 16.02 28.99 43.92
C VAL L 99 15.99 30.50 44.07
N ILE L 100 14.85 31.04 44.50
CA ILE L 100 14.66 32.49 44.59
C ILE L 100 14.34 32.89 46.02
N PHE L 101 14.48 34.18 46.30
CA PHE L 101 14.16 34.75 47.60
C PHE L 101 12.99 35.72 47.48
N GLY L 102 12.21 35.81 48.55
CA GLY L 102 11.03 36.67 48.53
C GLY L 102 11.36 38.15 48.49
N GLY L 103 12.34 38.57 49.30
CA GLY L 103 12.76 39.96 49.28
C GLY L 103 13.02 40.59 50.64
N GLY L 104 12.29 40.19 51.67
CA GLY L 104 12.61 40.65 52.99
C GLY L 104 11.46 41.38 53.67
N THR L 105 11.45 41.28 55.00
CA THR L 105 10.53 42.01 55.86
C THR L 105 11.26 42.41 57.14
N LYS L 106 11.26 43.72 57.42
CA LYS L 106 11.82 44.24 58.66
C LYS L 106 10.75 44.19 59.75
N VAL L 107 11.03 43.44 60.80
CA VAL L 107 10.11 43.37 61.93
C VAL L 107 10.45 44.47 62.94
N THR L 108 9.46 45.29 63.26
CA THR L 108 9.63 46.43 64.17
C THR L 108 8.90 46.11 65.47
N VAL L 109 9.60 45.47 66.40
CA VAL L 109 9.01 45.07 67.67
C VAL L 109 8.87 46.31 68.56
N LEU L 110 7.66 46.57 69.01
CA LEU L 110 7.36 47.78 69.77
C LEU L 110 7.70 47.61 71.25
C1 NAG M . 14.34 31.95 -19.03
C2 NAG M . 14.25 32.24 -20.51
C3 NAG M . 15.03 31.19 -21.30
C4 NAG M . 16.46 31.08 -20.78
C5 NAG M . 16.47 30.87 -19.26
C6 NAG M . 17.85 30.92 -18.66
C7 NAG M . 12.33 33.39 -21.50
C8 NAG M . 10.89 33.27 -21.91
N2 NAG M . 12.88 32.29 -20.96
O3 NAG M . 15.02 31.55 -22.68
O4 NAG M . 17.12 29.97 -21.39
O5 NAG M . 15.71 31.90 -18.63
O6 NAG M . 18.68 31.85 -19.35
O7 NAG M . 12.96 34.43 -21.64
C1 NAG M . 18.09 30.45 -22.33
C2 NAG M . 19.22 29.44 -22.44
C3 NAG M . 20.24 29.90 -23.48
C4 NAG M . 19.54 30.14 -24.82
C5 NAG M . 18.39 31.12 -24.63
C6 NAG M . 17.55 31.31 -25.87
C7 NAG M . 19.55 28.25 -20.32
C8 NAG M . 20.33 28.18 -19.04
N2 NAG M . 19.87 29.25 -21.15
O3 NAG M . 21.24 28.89 -23.62
O4 NAG M . 20.46 30.70 -25.76
O5 NAG M . 17.49 30.64 -23.62
O6 NAG M . 16.16 31.18 -25.60
O7 NAG M . 18.68 27.43 -20.59
C1 BMA M . 20.80 29.72 -26.75
C2 BMA M . 21.15 30.45 -28.07
C3 BMA M . 21.68 29.44 -29.10
C4 BMA M . 22.78 28.53 -28.53
C5 BMA M . 22.30 27.88 -27.21
C6 BMA M . 23.37 27.05 -26.53
O2 BMA M . 22.20 31.39 -27.86
O3 BMA M . 22.15 30.10 -30.27
O4 BMA M . 23.12 27.52 -29.46
O5 BMA M . 21.89 28.91 -26.30
O6 BMA M . 22.85 26.56 -25.31
C1 NAG N . 37.17 -6.57 -12.47
C2 NAG N . 38.08 -7.71 -12.02
C3 NAG N . 38.38 -7.58 -10.53
C4 NAG N . 38.95 -6.20 -10.21
C5 NAG N . 38.02 -5.11 -10.75
C6 NAG N . 38.59 -3.72 -10.62
C7 NAG N . 38.12 -9.96 -12.97
C8 NAG N . 37.37 -11.23 -13.19
N2 NAG N . 37.47 -9.00 -12.31
O3 NAG N . 39.31 -8.60 -10.18
O4 NAG N . 39.08 -6.04 -8.81
O5 NAG N . 37.78 -5.32 -12.15
O6 NAG N . 40.00 -3.73 -10.82
O7 NAG N . 39.27 -9.81 -13.37
C1 NAG N . 40.48 -6.06 -8.48
C2 NAG N . 40.70 -5.19 -7.24
C3 NAG N . 42.17 -5.25 -6.82
C4 NAG N . 42.61 -6.69 -6.61
C5 NAG N . 42.30 -7.52 -7.87
C6 NAG N . 42.56 -9.00 -7.69
C7 NAG N . 39.11 -3.33 -7.10
C8 NAG N . 38.85 -1.89 -7.41
N2 NAG N . 40.30 -3.82 -7.48
O3 NAG N . 42.33 -4.50 -5.62
O4 NAG N . 44.01 -6.76 -6.36
O5 NAG N . 40.92 -7.40 -8.21
O6 NAG N . 41.50 -9.77 -8.23
O7 NAG N . 38.29 -4.03 -6.51
C1 BMA N . 44.25 -7.07 -4.97
C2 BMA N . 45.60 -7.80 -4.86
C3 BMA N . 45.96 -8.00 -3.38
C4 BMA N . 45.82 -6.70 -2.55
C5 BMA N . 44.42 -6.07 -2.78
C6 BMA N . 44.27 -4.72 -2.10
O2 BMA N . 46.64 -7.01 -5.41
O3 BMA N . 47.27 -8.53 -3.23
O4 BMA N . 46.00 -6.97 -1.18
O5 BMA N . 44.24 -5.88 -4.19
O6 BMA N . 43.01 -4.19 -2.47
C1 NAG O . 26.16 19.47 22.79
C2 NAG O . 25.84 20.56 23.79
C3 NAG O . 25.28 21.78 23.07
C4 NAG O . 26.22 22.22 21.95
C5 NAG O . 26.56 21.04 21.04
C6 NAG O . 27.63 21.36 20.02
C7 NAG O . 25.22 20.07 26.10
C8 NAG O . 24.15 19.56 27.03
N2 NAG O . 24.92 20.10 24.81
O3 NAG O . 25.09 22.82 24.01
O4 NAG O . 25.60 23.24 21.16
O5 NAG O . 27.07 19.95 21.82
O6 NAG O . 28.59 22.27 20.54
O7 NAG O . 26.31 20.42 26.53
C1 NAG O . 26.27 24.48 21.44
C2 NAG O . 26.18 25.38 20.22
C3 NAG O . 26.82 26.73 20.53
C4 NAG O . 26.21 27.35 21.77
C5 NAG O . 26.24 26.36 22.94
C6 NAG O . 25.50 26.84 24.15
C7 NAG O . 26.14 24.05 18.16
C8 NAG O . 26.96 23.48 17.04
N2 NAG O . 26.82 24.75 19.06
O3 NAG O . 26.65 27.59 19.40
O4 NAG O . 26.98 28.48 22.16
O5 NAG O . 25.63 25.11 22.55
O6 NAG O . 24.72 25.80 24.72
O7 NAG O . 24.94 23.86 18.25
C1 BMA O . 26.31 29.73 21.90
C2 BMA O . 27.05 30.75 22.74
C3 BMA O . 26.74 32.23 22.26
C4 BMA O . 26.68 32.38 20.71
C5 BMA O . 25.79 31.27 20.13
C6 BMA O . 25.73 31.31 18.62
O2 BMA O . 28.43 30.49 22.66
O3 BMA O . 27.56 33.26 22.95
O4 BMA O . 26.11 33.63 20.35
O5 BMA O . 26.35 30.01 20.51
O6 BMA O . 26.75 30.47 18.11
C1 MAN O . 28.78 33.69 22.29
C2 MAN O . 29.96 33.36 23.22
C3 MAN O . 29.94 34.26 24.45
C4 MAN O . 29.85 35.75 24.05
C5 MAN O . 28.64 35.97 23.13
C6 MAN O . 28.57 37.38 22.58
O2 MAN O . 31.22 33.59 22.58
O3 MAN O . 31.06 34.04 25.30
O4 MAN O . 29.71 36.56 25.21
O5 MAN O . 28.73 35.07 21.98
O6 MAN O . 29.62 37.55 21.65
C1 NAG P . 26.84 -29.15 -13.89
C2 NAG P . 25.46 -29.81 -13.71
C3 NAG P . 25.59 -31.34 -13.65
C4 NAG P . 26.45 -31.89 -14.77
C5 NAG P . 27.78 -31.15 -14.83
C6 NAG P . 28.64 -31.56 -16.00
C7 NAG P . 23.97 -28.29 -12.47
C8 NAG P . 23.39 -27.97 -11.13
N2 NAG P . 24.82 -29.32 -12.50
O3 NAG P . 24.29 -31.90 -13.71
O4 NAG P . 26.73 -33.26 -14.51
O5 NAG P . 27.52 -29.75 -14.99
O6 NAG P . 27.94 -31.41 -17.22
O7 NAG P . 23.69 -27.66 -13.48
C1 NAG P . 26.04 -34.13 -15.42
C2 NAG P . 26.72 -35.50 -15.34
C3 NAG P . 25.99 -36.49 -16.24
C4 NAG P . 24.52 -36.57 -15.88
C5 NAG P . 23.90 -35.16 -15.94
C6 NAG P . 22.47 -35.12 -15.45
C7 NAG P . 29.11 -35.44 -14.77
C8 NAG P . 30.50 -35.34 -15.30
N2 NAG P . 28.12 -35.42 -15.68
O3 NAG P . 26.61 -37.78 -16.12
O4 NAG P . 23.84 -37.44 -16.79
O5 NAG P . 24.65 -34.27 -15.09
O6 NAG P . 21.59 -35.77 -16.37
O7 NAG P . 28.86 -35.52 -13.57
C1 BMA P . 23.38 -38.65 -16.15
C2 BMA P . 23.02 -39.68 -17.26
C3 BMA P . 22.63 -41.03 -16.62
C4 BMA P . 23.69 -41.51 -15.61
C5 BMA P . 23.96 -40.40 -14.57
C6 BMA P . 25.06 -40.78 -13.59
O2 BMA P . 24.13 -39.94 -18.10
O3 BMA P . 22.41 -42.02 -17.61
O4 BMA P . 23.23 -42.68 -14.96
O5 BMA P . 24.37 -39.20 -15.25
O6 BMA P . 25.39 -39.63 -12.83
C1 NAG Q . 32.49 -24.01 -9.09
C2 NAG Q . 33.31 -25.26 -8.82
C3 NAG Q . 33.16 -25.69 -7.35
C4 NAG Q . 33.47 -24.53 -6.42
C5 NAG Q . 32.62 -23.33 -6.79
C6 NAG Q . 32.91 -22.10 -5.97
C7 NAG Q . 33.73 -27.24 -10.21
C8 NAG Q . 33.13 -28.27 -11.10
N2 NAG Q . 32.89 -26.34 -9.71
O3 NAG Q . 34.04 -26.78 -7.10
O4 NAG Q . 33.22 -24.92 -5.08
O5 NAG Q . 32.86 -22.98 -8.16
O6 NAG Q . 34.30 -21.98 -5.68
O7 NAG Q . 34.93 -27.24 -9.95
C1 NAG Q . 34.45 -24.99 -4.33
C2 NAG Q . 34.10 -24.85 -2.85
C3 NAG Q . 35.36 -24.94 -1.99
C4 NAG Q . 36.13 -26.21 -2.30
C5 NAG Q . 36.40 -26.31 -3.81
C6 NAG Q . 37.05 -27.62 -4.21
C7 NAG Q . 32.08 -23.53 -2.49
C8 NAG Q . 31.51 -22.17 -2.23
N2 NAG Q . 33.41 -23.60 -2.60
O3 NAG Q . 34.99 -24.88 -0.62
O4 NAG Q . 37.38 -26.22 -1.60
O5 NAG Q . 35.17 -26.22 -4.53
O6 NAG Q . 37.87 -27.45 -5.36
O7 NAG Q . 31.36 -24.52 -2.58
C1 BMA Q . 37.35 -27.17 -0.51
C2 BMA Q . 38.80 -27.56 -0.17
C3 BMA Q . 38.84 -28.40 1.12
C4 BMA Q . 38.03 -27.76 2.25
C5 BMA Q . 36.60 -27.51 1.77
C6 BMA Q . 35.72 -26.86 2.82
O2 BMA Q . 39.59 -26.42 0.08
O3 BMA Q . 40.17 -28.63 1.56
O4 BMA Q . 38.00 -28.60 3.39
O5 BMA Q . 36.67 -26.63 0.63
O6 BMA Q . 35.77 -25.45 2.63
C1 NAG R . 16.79 4.73 -23.59
C2 NAG R . 15.89 5.15 -24.75
C3 NAG R . 15.94 4.11 -25.86
C4 NAG R . 17.37 3.80 -26.27
C5 NAG R . 18.21 3.45 -25.04
C6 NAG R . 19.68 3.28 -25.34
C7 NAG R . 14.06 6.57 -23.94
C8 NAG R . 12.63 6.62 -23.50
N2 NAG R . 14.53 5.38 -24.30
O3 NAG R . 15.21 4.61 -26.98
O4 NAG R . 17.36 2.69 -27.16
O5 NAG R . 18.11 4.49 -24.06
O6 NAG R . 20.12 4.22 -26.31
O7 NAG R . 14.76 7.58 -23.97
C1 NAG R . 17.81 3.08 -28.47
C2 NAG R . 18.48 1.86 -29.10
C3 NAG R . 18.97 2.19 -30.50
C4 NAG R . 17.83 2.75 -31.35
C5 NAG R . 17.17 3.92 -30.65
C6 NAG R . 15.93 4.42 -31.36
C7 NAG R . 19.46 0.31 -27.48
C8 NAG R . 20.69 -0.06 -26.70
N2 NAG R . 19.57 1.38 -28.28
O3 NAG R . 19.53 1.02 -31.08
O4 NAG R . 18.34 3.20 -32.61
O5 NAG R . 16.75 3.53 -29.33
O6 NAG R . 15.10 3.35 -31.77
O7 NAG R . 18.42 -0.33 -27.40
C1 BMA R . 17.99 2.30 -33.68
C2 BMA R . 17.44 3.13 -34.85
C3 BMA R . 17.19 2.21 -36.06
C4 BMA R . 18.42 1.35 -36.40
C5 BMA R . 18.87 0.58 -35.14
C6 BMA R . 20.14 -0.21 -35.38
O2 BMA R . 18.41 4.08 -35.27
O3 BMA R . 16.79 2.96 -37.20
O4 BMA R . 18.09 0.43 -37.43
O5 BMA R . 19.12 1.52 -34.07
O6 BMA R . 20.44 -0.95 -34.19
C1 NAG S . 19.54 -24.86 -43.89
C2 NAG S . 20.64 -23.82 -43.71
C3 NAG S . 21.56 -23.83 -44.94
C4 NAG S . 22.08 -25.23 -45.22
C5 NAG S . 20.92 -26.21 -45.34
C6 NAG S . 21.35 -27.65 -45.48
C7 NAG S . 19.87 -22.00 -42.27
C8 NAG S . 19.29 -20.62 -42.23
N2 NAG S . 20.08 -22.50 -43.50
O3 NAG S . 22.64 -22.93 -44.70
O4 NAG S . 22.84 -25.23 -46.42
O5 NAG S . 20.10 -26.14 -44.15
O6 NAG S . 22.35 -27.97 -44.52
O7 NAG S . 20.11 -22.64 -41.26
C1 NAG S . 24.24 -25.47 -46.11
C2 NAG S . 24.98 -25.84 -47.39
C3 NAG S . 26.45 -26.09 -47.07
C4 NAG S . 27.06 -24.88 -46.36
C5 NAG S . 26.22 -24.49 -45.14
C6 NAG S . 26.67 -23.20 -44.51
C7 NAG S . 23.57 -26.89 -49.09
C8 NAG S . 23.03 -28.19 -49.63
N2 NAG S . 24.39 -26.99 -48.04
O3 NAG S . 27.16 -26.36 -48.27
O4 NAG S . 28.38 -25.19 -45.93
O5 NAG S . 24.84 -24.31 -45.51
O6 NAG S . 25.69 -22.18 -44.70
O7 NAG S . 23.26 -25.80 -49.58
C1 NAG T . -16.54 -38.86 -24.33
C2 NAG T . -16.25 -40.25 -24.86
C3 NAG T . -16.08 -41.24 -23.70
C4 NAG T . -15.03 -40.73 -22.72
C5 NAG T . -15.37 -39.31 -22.27
C6 NAG T . -14.29 -38.69 -21.42
C7 NAG T . -17.28 -40.48 -27.08
C8 NAG T . -18.44 -41.01 -27.86
N2 NAG T . -17.30 -40.70 -25.76
O3 NAG T . -15.71 -42.51 -24.22
O4 NAG T . -14.98 -41.58 -21.58
O5 NAG T . -15.51 -38.46 -23.42
O6 NAG T . -13.47 -37.81 -22.18
O7 NAG T . -16.36 -39.86 -27.61
C1 NAG T . -13.73 -42.32 -21.58
C2 NAG T . -13.51 -42.92 -20.19
C3 NAG T . -12.23 -43.77 -20.20
C4 NAG T . -12.28 -44.80 -21.31
C5 NAG T . -12.56 -44.13 -22.65
C6 NAG T . -12.74 -45.11 -23.79
C7 NAG T . -13.84 -42.02 -17.93
C8 NAG T . -13.67 -40.84 -17.04
N2 NAG T . -13.41 -41.87 -19.19
O3 NAG T . -12.10 -44.42 -18.94
O4 NAG T . -11.04 -45.49 -21.38
O5 NAG T . -13.77 -43.37 -22.56
O6 NAG T . -13.43 -44.50 -24.88
O7 NAG T . -14.34 -43.07 -17.54
C1 NAG U . 25.17 -30.61 -26.55
C2 NAG U . 26.00 -31.36 -25.52
C3 NAG U . 27.49 -31.25 -25.85
C4 NAG U . 27.77 -31.65 -27.30
C5 NAG U . 26.83 -30.88 -28.24
C6 NAG U . 26.92 -31.35 -29.67
C7 NAG U . 24.80 -31.33 -23.39
C8 NAG U . 24.70 -30.70 -22.03
N2 NAG U . 25.77 -30.85 -24.18
O3 NAG U . 28.22 -32.11 -24.98
O4 NAG U . 29.11 -31.32 -27.60
O5 NAG U . 25.48 -31.08 -27.84
O6 NAG U . 26.47 -32.68 -29.80
O7 NAG U . 24.04 -32.22 -23.75
C1 NAG U . 29.86 -32.52 -27.89
C2 NAG U . 31.16 -32.09 -28.55
C3 NAG U . 31.99 -33.31 -28.93
C4 NAG U . 32.21 -34.19 -27.71
C5 NAG U . 30.90 -34.51 -27.01
C6 NAG U . 31.08 -35.21 -25.69
C7 NAG U . 30.31 -31.43 -30.83
C8 NAG U . 30.29 -30.29 -31.81
N2 NAG U . 30.98 -31.17 -29.67
O3 NAG U . 33.22 -32.85 -29.50
O4 NAG U . 32.83 -35.42 -28.07
O5 NAG U . 30.15 -33.31 -26.72
O6 NAG U . 31.54 -36.54 -25.88
O7 NAG U . 29.77 -32.50 -31.06
C1 BMA U . 34.24 -35.40 -27.80
C2 BMA U . 34.66 -36.72 -27.12
C3 BMA U . 36.18 -36.93 -27.18
C4 BMA U . 36.77 -36.59 -28.57
C5 BMA U . 36.33 -35.20 -28.98
C6 BMA U . 36.81 -34.82 -30.35
O2 BMA U . 34.07 -37.81 -27.78
O3 BMA U . 36.45 -38.29 -26.85
O4 BMA U . 38.19 -36.61 -28.55
O5 BMA U . 34.91 -35.20 -29.03
O6 BMA U . 35.98 -35.52 -31.27
C1 MAN U . 37.51 -38.35 -25.87
C2 MAN U . 37.90 -39.85 -25.72
C3 MAN U . 36.90 -40.58 -24.85
C4 MAN U . 36.76 -39.87 -23.51
C5 MAN U . 36.20 -38.47 -23.76
C6 MAN U . 36.09 -37.69 -22.50
O2 MAN U . 39.10 -39.96 -25.00
O3 MAN U . 37.30 -41.92 -24.63
O4 MAN U . 35.87 -40.59 -22.68
O5 MAN U . 37.12 -37.75 -24.63
O6 MAN U . 37.36 -37.72 -21.86
C1 MAN U . 40.16 -40.19 -25.93
C2 MAN U . 41.13 -41.13 -25.21
C3 MAN U . 41.67 -40.40 -23.98
C4 MAN U . 42.27 -39.03 -24.34
C5 MAN U . 41.24 -38.19 -25.14
C6 MAN U . 41.82 -36.91 -25.69
O2 MAN U . 42.30 -41.40 -25.98
O3 MAN U . 42.65 -41.19 -23.31
O4 MAN U . 42.60 -38.33 -23.15
O5 MAN U . 40.78 -38.98 -26.27
O6 MAN U . 42.95 -37.25 -26.46
C1 MAN U . 42.01 -42.12 -27.19
C2 MAN U . 41.59 -43.57 -26.85
C3 MAN U . 42.77 -44.32 -26.23
C4 MAN U . 44.07 -44.15 -27.06
C5 MAN U . 44.32 -42.67 -27.34
C6 MAN U . 45.51 -42.43 -28.22
O2 MAN U . 41.27 -44.29 -28.04
O3 MAN U . 42.48 -45.71 -26.08
O4 MAN U . 45.16 -44.70 -26.36
O5 MAN U . 43.15 -42.11 -27.98
O6 MAN U . 46.63 -43.04 -27.60
C1 MAN U . 36.71 -35.77 -32.48
C2 MAN U . 35.68 -35.99 -33.61
C3 MAN U . 34.96 -37.32 -33.39
C4 MAN U . 35.97 -38.47 -33.26
C5 MAN U . 36.92 -38.17 -32.09
C6 MAN U . 38.01 -39.20 -31.95
O2 MAN U . 36.32 -36.12 -34.86
O3 MAN U . 34.05 -37.60 -34.44
O4 MAN U . 35.28 -39.68 -33.00
O5 MAN U . 37.57 -36.89 -32.33
O6 MAN U . 39.00 -38.92 -32.95
C1 NAG V . 33.99 7.22 -7.65
C2 NAG V . 34.28 7.69 -9.08
C3 NAG V . 35.71 8.23 -9.21
C4 NAG V . 36.04 9.22 -8.10
C5 NAG V . 35.67 8.62 -6.73
C6 NAG V . 35.86 9.56 -5.58
C7 NAG V . 34.60 5.46 -10.20
C8 NAG V . 34.09 4.60 -11.31
N2 NAG V . 34.00 6.66 -10.08
O3 NAG V . 35.85 8.87 -10.48
O4 NAG V . 37.43 9.51 -8.13
O5 NAG V . 34.29 8.24 -6.73
O6 NAG V . 35.24 9.05 -4.40
O7 NAG V . 35.50 5.08 -9.45
C1 NAG V . 37.63 10.88 -8.52
C2 NAG V . 39.07 11.26 -8.17
C3 NAG V . 39.36 12.72 -8.57
C4 NAG V . 39.03 12.92 -10.04
C5 NAG V . 37.60 12.46 -10.35
C6 NAG V . 37.28 12.50 -11.82
C7 NAG V . 38.81 11.58 -5.68
C8 NAG V . 39.35 11.13 -4.36
N2 NAG V . 39.40 11.02 -6.76
O3 NAG V . 40.72 13.01 -8.33
O4 NAG V . 39.15 14.30 -10.38
O5 NAG V . 37.42 11.09 -9.94
O6 NAG V . 38.33 11.93 -12.60
O7 NAG V . 37.91 12.41 -5.76
C1 NAG W . 9.65 -28.62 -17.28
C2 NAG W . 10.34 -27.37 -16.75
C3 NAG W . 11.71 -27.70 -16.19
C4 NAG W . 11.65 -28.86 -15.20
C5 NAG W . 10.90 -30.05 -15.82
C6 NAG W . 10.65 -31.18 -14.84
C7 NAG W . 10.46 -25.06 -17.55
C8 NAG W . 10.58 -24.16 -18.74
N2 NAG W . 10.44 -26.37 -17.80
O3 NAG W . 12.25 -26.56 -15.53
O4 NAG W . 12.97 -29.28 -14.87
O5 NAG W . 9.61 -29.61 -16.27
O6 NAG W . 10.40 -30.68 -13.54
O7 NAG W . 10.41 -24.61 -16.41
C1 NAG W . 13.25 -28.96 -13.49
C2 NAG W . 14.24 -30.00 -12.97
C3 NAG W . 14.57 -29.71 -11.51
C4 NAG W . 15.08 -28.29 -11.34
C5 NAG W . 14.10 -27.29 -11.97
C6 NAG W . 14.63 -25.87 -12.01
C7 NAG W . 14.12 -32.15 -14.12
C8 NAG W . 13.49 -33.51 -14.14
N2 NAG W . 13.72 -31.34 -13.13
O3 NAG W . 15.55 -30.64 -11.07
O4 NAG W . 15.20 -27.99 -9.97
O5 NAG W . 13.81 -27.65 -13.34
O6 NAG W . 15.48 -25.67 -13.12
O7 NAG W . 14.94 -31.80 -14.96
C1 BMA W . 16.58 -27.86 -9.55
C2 BMA W . 16.56 -27.38 -8.09
C3 BMA W . 17.96 -27.38 -7.49
C4 BMA W . 18.68 -28.72 -7.73
C5 BMA W . 18.65 -29.08 -9.22
C6 BMA W . 19.19 -30.47 -9.45
O2 BMA W . 15.78 -28.24 -7.29
O3 BMA W . 17.91 -27.11 -6.11
O4 BMA W . 20.02 -28.63 -7.29
O5 BMA W . 17.28 -29.09 -9.67
O6 BMA W . 18.31 -31.35 -8.77
C1 MAN W . 18.46 -25.80 -5.85
C2 MAN W . 18.83 -25.73 -4.33
C3 MAN W . 17.56 -25.65 -3.49
C4 MAN W . 16.63 -24.51 -3.96
C5 MAN W . 16.30 -24.72 -5.44
C6 MAN W . 15.48 -23.61 -6.04
O2 MAN W . 19.56 -24.55 -4.04
O3 MAN W . 17.88 -25.46 -2.11
O4 MAN W . 15.44 -24.54 -3.21
O5 MAN W . 17.53 -24.78 -6.21
O6 MAN W . 16.37 -22.65 -6.58
C1 MAN W . 18.85 -32.69 -8.79
C2 MAN W . 17.65 -33.63 -8.55
C3 MAN W . 17.13 -33.43 -7.13
C4 MAN W . 18.26 -33.62 -6.09
C5 MAN W . 19.41 -32.64 -6.42
C6 MAN W . 20.60 -32.84 -5.54
O2 MAN W . 18.05 -34.99 -8.63
O3 MAN W . 16.04 -34.31 -6.83
O4 MAN W . 17.77 -33.35 -4.79
O5 MAN W . 19.84 -32.86 -7.79
O6 MAN W . 21.09 -34.16 -5.74
C1 NAG X . 8.26 -35.51 -21.38
C2 NAG X . 7.67 -35.62 -19.98
C3 NAG X . 8.13 -36.91 -19.32
C4 NAG X . 7.85 -38.12 -20.20
C5 NAG X . 8.37 -37.88 -21.62
C6 NAG X . 7.95 -38.96 -22.59
C7 NAG X . 9.15 -33.98 -18.76
C8 NAG X . 9.12 -32.76 -17.91
N2 NAG X . 7.95 -34.45 -19.15
O3 NAG X . 7.46 -37.05 -18.06
O4 NAG X . 8.51 -39.25 -19.65
O5 NAG X . 7.88 -36.64 -22.14
O6 NAG X . 7.95 -38.48 -23.93
O7 NAG X . 10.21 -34.52 -19.09
C1 NAG X . 7.55 -40.18 -19.14
C2 NAG X . 8.31 -41.45 -18.70
C3 NAG X . 7.35 -42.45 -18.06
C4 NAG X . 6.55 -41.81 -16.95
C5 NAG X . 5.85 -40.53 -17.46
C6 NAG X . 5.15 -39.76 -16.38
C7 NAG X . 8.66 -42.53 -20.93
C8 NAG X . 9.70 -43.08 -21.85
N2 NAG X . 9.10 -42.04 -19.77
O3 NAG X . 8.11 -43.55 -17.57
O4 NAG X . 5.56 -42.72 -16.48
O5 NAG X . 6.83 -39.64 -18.02
O6 NAG X . 6.01 -38.78 -15.80
O7 NAG X . 7.47 -42.55 -21.24
C1 NAG X . 5.90 -43.13 -15.13
C2 NAG X . 4.66 -43.74 -14.46
C3 NAG X . 5.02 -44.26 -13.06
C4 NAG X . 6.21 -45.20 -13.12
C5 NAG X . 7.39 -44.53 -13.84
C6 NAG X . 8.56 -45.46 -14.05
C7 NAG X . 2.68 -42.58 -15.35
C8 NAG X . 1.64 -41.54 -15.08
N2 NAG X . 3.58 -42.77 -14.37
O3 NAG X . 3.90 -44.93 -12.51
O4 NAG X . 6.62 -45.56 -11.81
O5 NAG X . 6.97 -44.10 -15.14
O6 NAG X . 8.36 -46.31 -15.16
O7 NAG X . 2.71 -43.23 -16.39
C1 NAG Y . -10.46 -14.48 -43.13
C2 NAG Y . -11.35 -13.26 -42.89
C3 NAG Y . -12.07 -12.86 -44.17
C4 NAG Y . -11.08 -12.68 -45.32
C5 NAG Y . -10.24 -13.94 -45.47
C6 NAG Y . -9.15 -13.82 -46.52
C7 NAG Y . -12.07 -13.30 -40.54
C8 NAG Y . -13.18 -13.63 -39.59
N2 NAG Y . -12.31 -13.53 -41.83
O3 NAG Y . -12.80 -11.66 -43.95
O4 NAG Y . -11.79 -12.41 -46.53
O5 NAG Y . -9.58 -14.23 -44.23
O6 NAG Y . -7.87 -13.94 -45.93
O7 NAG Y . -10.99 -12.87 -40.16
C1 NAG Y . -11.51 -11.06 -46.94
C2 NAG Y . -11.63 -10.96 -48.45
C3 NAG Y . -11.33 -9.53 -48.90
C4 NAG Y . -12.20 -8.52 -48.15
C5 NAG Y . -12.14 -8.75 -46.63
C6 NAG Y . -13.14 -7.93 -45.87
C7 NAG Y . -11.15 -13.11 -49.52
C8 NAG Y . -10.10 -13.95 -50.19
N2 NAG Y . -10.75 -11.90 -49.12
O3 NAG Y . -11.55 -9.43 -50.30
O4 NAG Y . -11.74 -7.20 -48.41
O5 NAG Y . -12.41 -10.13 -46.32
O6 NAG Y . -14.43 -8.52 -45.91
O7 NAG Y . -12.29 -13.51 -49.33
C1 BMA Y . -12.64 -6.48 -49.28
C2 BMA Y . -12.31 -4.97 -49.15
C3 BMA Y . -13.01 -4.15 -50.27
C4 BMA Y . -12.87 -4.81 -51.67
C5 BMA Y . -13.35 -6.28 -51.58
C6 BMA Y . -13.22 -7.02 -52.89
O2 BMA Y . -10.92 -4.73 -49.28
O3 BMA Y . -12.53 -2.82 -50.32
O4 BMA Y . -13.66 -4.11 -52.62
O5 BMA Y . -12.52 -6.95 -50.62
O6 BMA Y . -13.19 -8.41 -52.61
C1 NAG Z . 21.18 -16.20 -35.15
C2 NAG Z . 21.62 -14.74 -35.23
C3 NAG Z . 21.74 -14.28 -36.69
C4 NAG Z . 22.62 -15.24 -37.49
C5 NAG Z . 22.14 -16.68 -37.30
C6 NAG Z . 23.05 -17.72 -37.92
C7 NAG Z . 19.46 -13.60 -34.63
C8 NAG Z . 18.84 -12.63 -33.67
N2 NAG Z . 20.77 -13.84 -34.45
O3 NAG Z . 22.29 -12.97 -36.73
O4 NAG Z . 22.55 -14.88 -38.86
O5 NAG Z . 22.08 -17.00 -35.90
O6 NAG Z . 24.42 -17.39 -37.71
O7 NAG Z . 18.79 -14.15 -35.51
C1 NAG Z . 23.86 -14.48 -39.36
C2 NAG Z . 23.85 -14.53 -40.89
C3 NAG Z . 25.21 -14.11 -41.46
C4 NAG Z . 25.63 -12.77 -40.90
C5 NAG Z . 25.55 -12.75 -39.36
C6 NAG Z . 25.82 -11.39 -38.76
C7 NAG Z . 24.03 -17.02 -41.23
C8 NAG Z . 23.36 -18.18 -41.90
N2 NAG Z . 23.42 -15.83 -41.41
O3 NAG Z . 25.13 -14.06 -42.88
O4 NAG Z . 26.98 -12.51 -41.28
O5 NAG Z . 24.24 -13.15 -38.93
O6 NAG Z . 26.61 -11.50 -37.58
O7 NAG Z . 25.06 -17.15 -40.58
C1 BMA Z . 27.11 -11.43 -42.24
C2 BMA Z . 28.62 -11.33 -42.62
C3 BMA Z . 28.82 -10.39 -43.81
C4 BMA Z . 27.84 -10.68 -44.97
C5 BMA Z . 26.41 -10.62 -44.43
C6 BMA Z . 25.37 -10.88 -45.50
O2 BMA Z . 29.11 -12.60 -43.02
O3 BMA Z . 30.16 -10.42 -44.28
O4 BMA Z . 28.01 -9.73 -46.01
O5 BMA Z . 26.27 -11.64 -43.41
O6 BMA Z . 25.72 -12.07 -46.20
C1 NAG AA . 13.77 -16.55 -45.09
C2 NAG AA . 14.45 -16.97 -46.39
C3 NAG AA . 15.37 -15.87 -46.91
C4 NAG AA . 14.60 -14.56 -47.03
C5 NAG AA . 13.97 -14.20 -45.69
C6 NAG AA . 13.12 -12.96 -45.74
C7 NAG AA . 14.68 -19.42 -46.48
C8 NAG AA . 15.60 -20.58 -46.25
N2 NAG AA . 15.20 -18.21 -46.21
O3 NAG AA . 15.91 -16.26 -48.16
O4 NAG AA . 15.48 -13.52 -47.46
O5 NAG AA . 13.12 -15.28 -45.27
O6 NAG AA . 13.91 -11.80 -45.95
O7 NAG AA . 13.54 -19.55 -46.87
C1 NAG AA . 15.13 -13.10 -48.79
C2 NAG AA . 15.94 -11.87 -49.16
C3 NAG AA . 15.60 -11.41 -50.58
C4 NAG AA . 15.80 -12.56 -51.57
C5 NAG AA . 15.02 -13.79 -51.12
C6 NAG AA . 15.29 -15.01 -51.97
C7 NAG AA . 16.59 -10.44 -47.27
C8 NAG AA . 16.20 -9.31 -46.38
N2 NAG AA . 15.71 -10.79 -48.21
O3 NAG AA . 16.42 -10.31 -50.94
O4 NAG AA . 15.36 -12.17 -52.86
O5 NAG AA . 15.38 -14.15 -49.77
O6 NAG AA . 15.07 -14.73 -53.34
O7 NAG AA . 17.67 -11.02 -47.15
C1 NAG BA . -8.89 30.28 -27.95
C2 NAG BA . -10.17 29.49 -27.63
C3 NAG BA . -11.21 29.66 -28.75
C4 NAG BA . -11.41 31.12 -29.13
C5 NAG BA . -10.06 31.76 -29.42
C6 NAG BA . -10.15 33.25 -29.70
C7 NAG BA . -9.62 27.51 -26.27
C8 NAG BA . -9.35 26.03 -26.31
N2 NAG BA . -9.88 28.08 -27.45
O3 NAG BA . -12.45 29.11 -28.30
O4 NAG BA . -12.19 31.20 -30.31
O5 NAG BA . -9.22 31.62 -28.27
O6 NAG BA . -10.71 33.94 -28.60
O7 NAG BA . -9.58 28.15 -25.23
C1 NAG BA . -13.51 31.71 -30.05
C2 NAG BA . -14.06 32.23 -31.37
C3 NAG BA . -15.49 32.74 -31.18
C4 NAG BA . -16.36 31.65 -30.57
C5 NAG BA . -15.74 31.15 -29.27
C6 NAG BA . -16.46 29.97 -28.66
C7 NAG BA . -12.34 33.03 -32.91
C8 NAG BA . -11.54 34.22 -33.39
N2 NAG BA . -13.22 33.26 -31.93
O3 NAG BA . -16.02 33.15 -32.43
O4 NAG BA . -17.67 32.15 -30.32
O5 NAG BA . -14.39 30.71 -29.51
O6 NAG BA . -15.55 28.96 -28.22
O7 NAG BA . -12.19 31.92 -33.40
C1 BMA BA . -18.66 31.55 -31.19
C2 BMA BA . -19.93 32.44 -31.17
C3 BMA BA . -20.98 31.90 -32.16
C4 BMA BA . -20.38 31.66 -33.55
C5 BMA BA . -19.11 30.76 -33.45
C6 BMA BA . -18.42 30.58 -34.78
O2 BMA BA . -19.64 33.77 -31.60
O3 BMA BA . -22.10 32.75 -32.25
O4 BMA BA . -21.33 31.03 -34.39
O5 BMA BA . -18.19 31.39 -32.53
O6 BMA BA . -17.19 29.93 -34.54
C1 NAG CA . 0.05 28.60 -29.85
C2 NAG CA . -0.19 28.86 -31.34
C3 NAG CA . -0.11 27.55 -32.14
C4 NAG CA . 1.18 26.79 -31.82
C5 NAG CA . 1.33 26.62 -30.32
C6 NAG CA . 2.64 25.98 -29.90
C7 NAG CA . -1.64 30.79 -31.72
C8 NAG CA . -3.05 31.27 -31.91
N2 NAG CA . -1.48 29.48 -31.54
O3 NAG CA . -0.17 27.84 -33.53
O4 NAG CA . 1.11 25.51 -32.44
O5 NAG CA . 1.29 27.91 -29.69
O6 NAG CA . 3.70 26.39 -30.75
O7 NAG CA . -0.68 31.56 -31.74
C1 NAG CA . 2.12 25.33 -33.47
C2 NAG CA . 1.90 23.97 -34.08
C3 NAG CA . 2.96 23.71 -35.15
C4 NAG CA . 2.95 24.82 -36.19
C5 NAG CA . 3.07 26.19 -35.51
C6 NAG CA . 2.90 27.33 -36.47
C7 NAG CA . 0.80 22.32 -32.64
C8 NAG CA . 0.99 21.26 -31.59
N2 NAG CA . 1.91 22.92 -33.08
O3 NAG CA . 2.70 22.44 -35.75
O4 NAG CA . 4.04 24.65 -37.09
O5 NAG CA . 2.07 26.35 -34.49
O6 NAG CA . 1.76 27.15 -37.29
O7 NAG CA . -0.31 22.62 -33.07
C1 BMA CA . 3.56 24.19 -38.38
C2 BMA CA . 4.37 24.88 -39.50
C3 BMA CA . 4.02 24.26 -40.87
C4 BMA CA . 4.10 22.72 -40.84
C5 BMA CA . 3.21 22.19 -39.70
C6 BMA CA . 3.26 20.68 -39.56
O2 BMA CA . 5.76 24.67 -39.31
O3 BMA CA . 4.85 24.77 -41.90
O4 BMA CA . 3.67 22.19 -42.07
O5 BMA CA . 3.67 22.77 -38.46
O6 BMA CA . 4.30 20.36 -38.64
C1 NAG DA . 6.58 28.07 5.42
C2 NAG DA . 6.00 28.47 6.77
C3 NAG DA . 4.93 29.53 6.57
C4 NAG DA . 5.45 30.71 5.76
C5 NAG DA . 6.09 30.21 4.47
C6 NAG DA . 6.79 31.30 3.68
C7 NAG DA . 6.14 26.60 8.34
C8 NAG DA . 5.42 25.44 8.96
N2 NAG DA . 5.45 27.31 7.45
O3 NAG DA . 4.49 29.99 7.85
O4 NAG DA . 4.37 31.58 5.45
O5 NAG DA . 7.08 29.22 4.75
O6 NAG DA . 7.44 32.22 4.55
O7 NAG DA . 7.30 26.88 8.64
C1 NAG DA . 4.52 32.87 6.09
C2 NAG DA . 3.87 33.90 5.19
C3 NAG DA . 3.99 35.30 5.80
C4 NAG DA . 3.42 35.31 7.22
C5 NAG DA . 4.07 34.21 8.06
C6 NAG DA . 3.44 34.07 9.42
C7 NAG DA . 3.85 33.32 2.81
C8 NAG DA . 4.58 33.39 1.50
N2 NAG DA . 4.46 33.87 3.86
O3 NAG DA . 3.31 36.22 4.97
O4 NAG DA . 3.68 36.56 7.84
O5 NAG DA . 3.93 32.93 7.41
O6 NAG DA . 2.02 34.08 9.34
O7 NAG DA . 2.74 32.79 2.90
C1 BMA DA . 2.48 37.36 7.92
C2 BMA DA . 2.39 37.96 9.33
C3 BMA DA . 1.19 38.93 9.40
C4 BMA DA . 1.23 39.97 8.26
C5 BMA DA . 1.32 39.25 6.91
C6 BMA DA . 1.46 40.21 5.75
O2 BMA DA . 3.54 38.74 9.60
O3 BMA DA . 1.15 39.60 10.66
O4 BMA DA . 0.05 40.76 8.29
O5 BMA DA . 2.48 38.38 6.92
O6 BMA DA . 1.43 39.47 4.54
C1 NAG EA . -18.84 50.16 -6.21
C2 NAG EA . -17.38 50.58 -6.36
C3 NAG EA . -17.26 52.10 -6.32
C4 NAG EA . -18.18 52.75 -7.34
C5 NAG EA . -19.61 52.24 -7.17
C6 NAG EA . -20.56 52.71 -8.25
C7 NAG EA . -15.90 48.82 -5.51
C8 NAG EA . -15.10 48.34 -4.34
N2 NAG EA . -16.56 49.97 -5.33
O3 NAG EA . -15.91 52.48 -6.56
O4 NAG EA . -18.15 54.17 -7.17
O5 NAG EA . -19.63 50.80 -7.23
O6 NAG EA . -20.02 52.46 -9.55
O7 NAG EA . -15.95 48.20 -6.56
C1 NAG EA . -17.56 54.81 -8.32
C2 NAG EA . -17.72 56.32 -8.17
C3 NAG EA . -17.13 57.04 -9.37
C4 NAG EA . -15.68 56.60 -9.60
C5 NAG EA . -15.57 55.08 -9.67
C6 NAG EA . -14.15 54.58 -9.75
C7 NAG EA . -19.63 57.02 -6.79
C8 NAG EA . -21.09 57.37 -6.79
N2 NAG EA . -19.12 56.69 -7.99
O3 NAG EA . -17.18 58.44 -9.18
O4 NAG EA . -15.18 57.17 -10.81
O5 NAG EA . -16.17 54.48 -8.51
O6 NAG EA . -13.22 55.64 -9.55
O7 NAG EA . -18.96 57.02 -5.77
C1 NAG FA . -45.84 15.75 -5.27
C2 NAG FA . -46.77 16.55 -6.18
C3 NAG FA . -46.99 15.80 -7.49
C4 NAG FA . -45.66 15.43 -8.14
C5 NAG FA . -44.77 14.69 -7.14
C6 NAG FA . -43.37 14.44 -7.65
C7 NAG FA . -48.26 17.92 -4.78
C8 NAG FA . -49.62 18.05 -4.19
N2 NAG FA . -48.04 16.82 -5.52
O3 NAG FA . -47.77 16.60 -8.36
O4 NAG FA . -45.87 14.59 -9.27
O5 NAG FA . -44.62 15.47 -5.94
O6 NAG FA . -42.48 15.46 -7.26
O7 NAG FA . -47.39 18.75 -4.60
C1 NAG FA . -45.57 15.33 -10.47
C2 NAG FA . -45.40 14.35 -11.64
C3 NAG FA . -45.16 15.11 -12.94
C4 NAG FA . -46.26 16.15 -13.17
C5 NAG FA . -46.38 17.06 -11.95
C6 NAG FA . -47.54 18.03 -12.05
C7 NAG FA . -44.32 12.16 -11.81
C8 NAG FA . -43.11 11.34 -11.44
N2 NAG FA . -44.32 13.42 -11.38
O3 NAG FA . -45.14 14.20 -14.03
O4 NAG FA . -45.93 16.94 -14.31
O5 NAG FA . -46.62 16.27 -10.77
O6 NAG FA . -47.96 18.46 -10.77
O7 NAG FA . -45.24 11.70 -12.47
C1 NAG GA . -14.80 39.79 -21.70
C2 NAG GA . -14.44 39.49 -23.15
C3 NAG GA . -13.55 40.58 -23.74
C4 NAG GA . -14.12 41.96 -23.50
C5 NAG GA . -14.50 42.14 -22.03
C6 NAG GA . -15.25 43.42 -21.74
C7 NAG GA . -13.86 37.39 -24.31
C8 NAG GA . -13.11 36.10 -24.22
N2 NAG GA . -13.78 38.19 -23.24
O3 NAG GA . -13.40 40.37 -25.14
O4 NAG GA . -13.14 42.93 -23.86
O5 NAG GA . -15.38 41.08 -21.64
O6 NAG GA . -16.52 43.42 -22.39
O7 NAG GA . -14.51 37.71 -25.29
C1 NAG GA . -13.61 43.76 -24.95
C2 NAG GA . -12.66 44.95 -25.03
C3 NAG GA . -13.12 45.91 -26.13
C4 NAG GA . -13.25 45.17 -27.45
C5 NAG GA . -14.11 43.91 -27.29
C6 NAG GA . -14.11 43.05 -28.54
C7 NAG GA . -13.40 46.24 -23.01
C8 NAG GA . -12.90 46.85 -21.74
N2 NAG GA . -12.46 45.63 -23.75
O3 NAG GA . -12.18 46.97 -26.20
O4 NAG GA . -13.86 45.99 -28.44
O5 NAG GA . -13.64 43.08 -26.23
O6 NAG GA . -14.84 43.66 -29.59
O7 NAG GA . -14.58 46.31 -23.34
C1 BMA GA . -12.88 46.58 -29.32
C2 BMA GA . -13.35 46.41 -30.78
C3 BMA GA . -12.59 47.35 -31.73
C4 BMA GA . -12.40 48.78 -31.14
C5 BMA GA . -11.81 48.68 -29.75
C6 BMA GA . -11.68 50.02 -29.09
O2 BMA GA . -14.72 46.76 -30.90
O3 BMA GA . -13.29 47.42 -32.97
O4 BMA GA . -11.52 49.55 -31.94
O5 BMA GA . -12.72 47.93 -28.95
O6 BMA GA . -12.98 50.40 -28.68
C1 MAN GA . -12.37 47.24 -34.06
C2 MAN GA . -13.16 47.55 -35.37
C3 MAN GA . -14.06 46.40 -35.75
C4 MAN GA . -13.25 45.12 -35.85
C5 MAN GA . -12.64 44.81 -34.49
C6 MAN GA . -11.76 43.59 -34.53
O2 MAN GA . -12.27 47.65 -36.45
O3 MAN GA . -14.72 46.64 -36.97
O4 MAN GA . -14.08 44.05 -36.25
O5 MAN GA . -11.80 45.91 -34.07
O6 MAN GA . -10.82 43.81 -35.56
C1 MAN GA . -12.05 49.04 -36.71
C2 MAN GA . -11.95 49.16 -38.24
C3 MAN GA . -10.71 48.37 -38.70
C4 MAN GA . -9.44 48.79 -37.94
C5 MAN GA . -9.70 48.67 -36.42
C6 MAN GA . -8.55 49.20 -35.58
O2 MAN GA . -11.69 50.48 -38.67
O3 MAN GA . -10.51 48.50 -40.10
O4 MAN GA . -8.37 47.94 -38.30
O5 MAN GA . -10.87 49.45 -36.08
O6 MAN GA . -8.35 50.56 -35.93
C1 MAN GA . -12.77 51.38 -38.34
C2 MAN GA . -13.97 51.10 -39.26
C3 MAN GA . -13.60 51.45 -40.71
C4 MAN GA . -12.97 52.85 -40.81
C5 MAN GA . -11.81 52.98 -39.82
C6 MAN GA . -11.19 54.36 -39.80
O2 MAN GA . -15.06 51.96 -38.94
O3 MAN GA . -14.73 51.36 -41.56
O4 MAN GA . -12.48 53.05 -42.13
O5 MAN GA . -12.31 52.69 -38.50
O6 MAN GA . -10.68 54.62 -41.10
C1 MAN GA . -13.08 51.84 -28.70
C2 MAN GA . -14.22 52.25 -27.74
C3 MAN GA . -15.56 51.82 -28.35
C4 MAN GA . -15.73 52.39 -29.76
C5 MAN GA . -14.56 51.91 -30.63
C6 MAN GA . -14.59 52.51 -32.01
O2 MAN GA . -14.30 53.66 -27.62
O3 MAN GA . -16.65 52.23 -27.53
O4 MAN GA . -16.95 51.93 -30.31
O5 MAN GA . -13.31 52.31 -30.02
O6 MAN GA . -14.14 53.85 -31.91
C1 NAG HA . 23.77 24.30 -10.08
C2 NAG HA . 23.87 25.53 -9.18
C3 NAG HA . 25.09 26.38 -9.55
C4 NAG HA . 26.35 25.54 -9.66
C5 NAG HA . 26.10 24.32 -10.55
C6 NAG HA . 27.26 23.36 -10.61
C7 NAG HA . 22.06 26.94 -10.21
C8 NAG HA . 20.79 27.66 -9.91
N2 NAG HA . 22.64 26.32 -9.17
O3 NAG HA . 25.26 27.40 -8.57
O4 NAG HA . 27.40 26.33 -10.22
O5 NAG HA . 24.98 23.57 -10.04
O6 NAG HA . 26.87 22.14 -11.22
O7 NAG HA . 22.53 26.92 -11.35
C1 NAG HA . 28.40 26.58 -9.23
C2 NAG HA . 29.68 27.05 -9.94
C3 NAG HA . 30.78 27.36 -8.93
C4 NAG HA . 30.28 28.35 -7.89
C5 NAG HA . 28.97 27.86 -7.25
C6 NAG HA . 28.35 28.87 -6.33
C7 NAG HA . 30.51 24.84 -10.81
C8 NAG HA . 30.93 24.12 -12.06
N2 NAG HA . 30.13 26.11 -10.97
O3 NAG HA . 31.91 27.90 -9.61
O4 NAG HA . 31.25 28.51 -6.86
O5 NAG HA . 27.99 27.58 -8.27
O6 NAG HA . 28.31 30.16 -6.93
O7 NAG HA . 30.54 24.28 -9.70
C1 NAG IA . -19.28 23.60 -15.98
C2 NAG IA . -17.81 23.23 -16.00
C3 NAG IA . -17.23 23.46 -17.39
C4 NAG IA . -18.07 22.76 -18.46
C5 NAG IA . -19.55 23.09 -18.30
C6 NAG IA . -20.43 22.26 -19.19
C7 NAG IA . -16.94 23.61 -13.75
C8 NAG IA . -16.16 24.52 -12.85
N2 NAG IA . -17.08 24.01 -15.02
O3 NAG IA . -15.90 22.99 -17.40
O4 NAG IA . -17.65 23.19 -19.75
O5 NAG IA . -19.98 22.84 -16.96
O6 NAG IA . -19.90 20.95 -19.36
O7 NAG IA . -17.41 22.55 -13.35
C1 NAG IA . -16.88 22.17 -20.41
C2 NAG IA . -16.91 22.41 -21.91
C3 NAG IA . -16.06 21.37 -22.63
C4 NAG IA . -14.64 21.36 -22.06
C5 NAG IA . -14.68 21.20 -20.53
C6 NAG IA . -13.32 21.36 -19.89
C7 NAG IA . -19.01 23.49 -22.58
C8 NAG IA . -20.39 23.29 -23.11
N2 NAG IA . -18.27 22.39 -22.41
O3 NAG IA . -16.03 21.65 -24.02
O4 NAG IA . -13.92 20.26 -22.61
O5 NAG IA . -15.53 22.20 -19.95
O6 NAG IA . -13.39 22.25 -18.78
O7 NAG IA . -18.56 24.60 -22.32
C1 BMA IA . -12.86 20.71 -23.48
C2 BMA IA . -12.05 19.46 -23.87
C3 BMA IA . -10.98 19.81 -24.92
C4 BMA IA . -11.59 20.60 -26.09
C5 BMA IA . -12.38 21.82 -25.58
C6 BMA IA . -13.12 22.51 -26.68
O2 BMA IA . -12.88 18.49 -24.47
O3 BMA IA . -10.35 18.64 -25.40
O4 BMA IA . -10.55 21.04 -26.95
O5 BMA IA . -13.37 21.36 -24.63
O6 BMA IA . -14.08 21.57 -27.16
C1 MAN IA . -9.00 18.57 -24.89
C2 MAN IA . -8.20 17.58 -25.78
C3 MAN IA . -8.62 16.14 -25.49
C4 MAN IA . -8.57 15.83 -23.98
C5 MAN IA . -9.44 16.84 -23.22
C6 MAN IA . -9.37 16.68 -21.73
O2 MAN IA . -6.81 17.63 -25.49
O3 MAN IA . -7.82 15.22 -26.19
O4 MAN IA . -9.04 14.52 -23.75
O5 MAN IA . -8.98 18.19 -23.52
O6 MAN IA . -8.37 17.57 -21.24
C1 MAN IA . -14.65 22.03 -28.40
C2 MAN IA . -15.95 21.21 -28.62
C3 MAN IA . -15.59 19.76 -28.95
C4 MAN IA . -14.60 19.69 -30.13
C5 MAN IA . -13.35 20.50 -29.78
C6 MAN IA . -12.34 20.57 -30.90
O2 MAN IA . -16.67 21.70 -29.74
O3 MAN IA . -16.75 18.97 -29.22
O4 MAN IA . -14.23 18.34 -30.37
O5 MAN IA . -13.74 21.87 -29.48
O6 MAN IA . -11.21 21.29 -30.42
C1 NAG JA . -27.16 26.92 -18.11
C2 NAG JA . -27.06 25.48 -18.60
C3 NAG JA . -27.52 25.38 -20.06
C4 NAG JA . -28.89 26.02 -20.25
C5 NAG JA . -28.94 27.42 -19.63
C6 NAG JA . -30.32 28.02 -19.63
C7 NAG JA . -24.58 25.33 -18.94
C8 NAG JA . -23.37 24.54 -18.57
N2 NAG JA . -25.74 24.90 -18.40
O3 NAG JA . -27.57 24.00 -20.43
O4 NAG JA . -29.14 26.15 -21.65
O5 NAG JA . -28.50 27.38 -18.27
O6 NAG JA . -30.36 29.25 -18.91
O7 NAG JA . -24.50 26.30 -19.71
C1 NAG JA . -30.19 25.25 -22.04
C2 NAG JA . -30.52 25.54 -23.52
C3 NAG JA . -31.60 24.58 -24.03
C4 NAG JA . -31.19 23.13 -23.76
C5 NAG JA . -30.84 22.94 -22.29
C6 NAG JA . -30.29 21.57 -21.98
C7 NAG JA . -31.90 27.62 -23.25
C8 NAG JA . -32.02 29.05 -23.67
N2 NAG JA . -30.87 26.94 -23.76
O3 NAG JA . -31.80 24.80 -25.41
O4 NAG JA . -32.28 22.27 -24.10
O5 NAG JA . -29.82 23.88 -21.90
O6 NAG JA . -28.87 21.57 -22.02
O7 NAG JA . -32.72 27.12 -22.47
C1 NAG JA . -31.93 21.50 -25.28
C2 NAG JA . -32.87 20.30 -25.40
C3 NAG JA . -32.58 19.52 -26.68
C4 NAG JA . -32.61 20.44 -27.89
C5 NAG JA . -31.67 21.64 -27.68
C6 NAG JA . -31.75 22.65 -28.79
C7 NAG JA . -33.48 19.58 -23.13
C8 NAG JA . -33.23 18.59 -22.03
N2 NAG JA . -32.76 19.43 -24.24
O3 NAG JA . -33.54 18.48 -26.84
O4 NAG JA . -32.18 19.73 -29.05
O5 NAG JA . -32.03 22.32 -26.47
O6 NAG JA . -33.00 23.31 -28.80
O7 NAG JA . -34.31 20.49 -23.01
C1 NAG KA . -9.31 42.76 -5.65
C2 NAG KA . -8.06 42.83 -4.77
C3 NAG KA . -8.12 44.05 -3.85
C4 NAG KA . -8.40 45.32 -4.65
C5 NAG KA . -9.62 45.13 -5.57
C6 NAG KA . -9.86 46.27 -6.53
C7 NAG KA . -8.63 41.05 -3.10
C8 NAG KA . -8.12 39.77 -2.48
N2 NAG KA . -7.82 41.61 -4.02
O3 NAG KA . -6.89 44.19 -3.15
O4 NAG KA . -8.64 46.40 -3.75
O5 NAG KA . -9.43 43.96 -6.39
O6 NAG KA . -8.64 46.77 -7.06
O7 NAG KA . -9.71 41.53 -2.77
C1 NAG KA . -7.67 47.46 -3.90
C2 NAG KA . -8.23 48.73 -3.22
C3 NAG KA . -7.24 49.89 -3.35
C4 NAG KA . -5.85 49.48 -2.86
C5 NAG KA . -5.39 48.17 -3.51
C6 NAG KA . -4.10 47.64 -2.95
C7 NAG KA . -9.92 49.43 -4.94
C8 NAG KA . -11.37 49.76 -5.13
N2 NAG KA . -9.56 49.09 -3.70
O3 NAG KA . -7.72 51.00 -2.61
O4 NAG KA . -4.93 50.50 -3.22
O5 NAG KA . -6.38 47.14 -3.32
O6 NAG KA . -3.25 47.14 -3.98
O7 NAG KA . -9.12 49.48 -5.88
C1 BMA KA . -4.42 51.24 -2.07
C2 BMA KA . -3.54 52.40 -2.64
C3 BMA KA . -3.13 53.37 -1.52
C4 BMA KA . -4.33 53.79 -0.65
C5 BMA KA . -5.01 52.52 -0.09
C6 BMA KA . -6.19 52.84 0.80
O2 BMA KA . -4.25 53.15 -3.60
O3 BMA KA . -2.49 54.52 -2.06
O4 BMA KA . -3.90 54.60 0.42
O5 BMA KA . -5.47 51.74 -1.22
O6 BMA KA . -7.03 53.77 0.14
C1 NAG LA . -17.38 46.88 3.22
C2 NAG LA . -17.75 48.36 3.29
C3 NAG LA . -16.54 49.19 3.72
C4 NAG LA . -15.96 48.66 5.02
C5 NAG LA . -15.63 47.18 4.87
C6 NAG LA . -15.14 46.53 6.14
C7 NAG LA . -19.57 49.00 1.77
C8 NAG LA . -19.93 49.49 0.41
N2 NAG LA . -18.26 48.83 2.01
O3 NAG LA . -16.93 50.55 3.86
O4 NAG LA . -14.78 49.38 5.36
O5 NAG LA . -16.81 46.46 4.47
O6 NAG LA . -13.86 47.01 6.51
O7 NAG LA . -20.42 48.78 2.63
C1 NAG LA . -15.03 50.16 6.56
C2 NAG LA . -13.72 50.74 7.07
C3 NAG LA . -13.97 51.59 8.31
C4 NAG LA . -15.01 52.66 8.03
C5 NAG LA . -16.29 52.03 7.47
C6 NAG LA . -17.31 53.04 7.03
C7 NAG LA . -11.70 49.45 6.55
C8 NAG LA . -10.80 48.34 6.99
N2 NAG LA . -12.74 49.70 7.34
O3 NAG LA . -12.75 52.20 8.73
O4 NAG LA . -15.33 53.36 9.23
O5 NAG LA . -15.97 51.24 6.31
O6 NAG LA . -17.51 54.03 8.03
O7 NAG LA . -11.48 50.10 5.53
C1 NAG MA . -29.47 31.28 17.18
C2 NAG MA . -29.20 30.37 18.36
C3 NAG MA . -30.05 30.79 19.57
C4 NAG MA . -29.94 32.28 19.86
C5 NAG MA . -30.08 33.11 18.56
C6 NAG MA . -29.73 34.57 18.74
C7 NAG MA . -30.51 28.34 17.66
C8 NAG MA . -30.39 26.86 17.41
N2 NAG MA . -29.37 28.95 18.05
O3 NAG MA . -29.68 30.03 20.71
O4 NAG MA . -31.03 32.61 20.71
O5 NAG MA . -29.20 32.62 17.54
O6 NAG MA . -30.56 35.39 17.92
O7 NAG MA . -31.59 28.92 17.53
C1 NAG MA . -30.86 33.30 22.00
C2 NAG MA . -29.56 32.99 22.78
C3 NAG MA . -29.49 33.84 24.05
C4 NAG MA . -29.75 35.31 23.77
C5 NAG MA . -31.02 35.51 22.94
C6 NAG MA . -31.23 36.93 22.49
C7 NAG MA . -28.33 30.93 23.35
C8 NAG MA . -28.43 29.48 23.70
N2 NAG MA . -29.48 31.57 23.12
O3 NAG MA . -28.21 33.68 24.65
O4 NAG MA . -29.97 36.00 25.00
O5 NAG MA . -30.95 34.72 21.74
O6 NAG MA . -31.72 37.00 21.16
O7 NAG MA . -27.24 31.51 23.28
C1 BMA MA . -28.83 36.80 25.40
C2 BMA MA . -29.29 38.28 25.54
C3 BMA MA . -28.14 39.13 26.12
C4 BMA MA . -27.53 38.49 27.39
C5 BMA MA . -27.12 37.03 27.09
C6 BMA MA . -26.59 36.30 28.32
O2 BMA MA . -30.39 38.39 26.42
O3 BMA MA . -28.57 40.46 26.40
O4 BMA MA . -26.39 39.22 27.80
O5 BMA MA . -28.29 36.32 26.62
O6 BMA MA . -27.69 35.80 29.06
C1 NAG NA . -27.16 47.71 -10.16
C2 NAG NA . -28.23 48.74 -10.51
C3 NAG NA . -27.91 50.08 -9.85
C4 NAG NA . -27.57 49.93 -8.37
C5 NAG NA . -26.69 48.72 -8.06
C6 NAG NA . -26.71 48.32 -6.60
C7 NAG NA . -29.17 48.19 -12.72
C8 NAG NA . -29.13 48.51 -14.19
N2 NAG NA . -28.33 48.90 -11.95
O3 NAG NA . -29.00 50.96 -10.01
O4 NAG NA . -26.81 51.10 -8.02
O5 NAG NA . -27.13 47.55 -8.77
O6 NAG NA . -27.48 47.15 -6.39
O7 NAG NA . -29.89 47.32 -12.28
C1 NAG NA . -27.32 51.88 -6.94
C2 NAG NA . -26.10 52.52 -6.30
C3 NAG NA . -26.51 53.37 -5.11
C4 NAG NA . -27.56 54.40 -5.52
C5 NAG NA . -28.71 53.71 -6.25
C6 NAG NA . -29.69 54.70 -6.84
C7 NAG NA . -23.99 51.30 -6.62
C8 NAG NA . -23.08 50.24 -6.08
N2 NAG NA . -25.11 51.52 -5.91
O3 NAG NA . -25.34 54.00 -4.59
O4 NAG NA . -28.08 55.05 -4.36
O5 NAG NA . -28.24 52.90 -7.33
O6 NAG NA . -30.46 54.09 -7.88
O7 NAG NA . -23.73 51.93 -7.64
C1 BMA NA . -27.53 56.36 -4.19
C2 BMA NA . -28.55 57.23 -3.41
C3 BMA NA . -27.92 58.59 -3.05
C4 BMA NA . -26.55 58.42 -2.35
C5 BMA NA . -25.63 57.55 -3.22
C6 BMA NA . -24.29 57.25 -2.55
O2 BMA NA . -28.90 56.61 -2.19
O3 BMA NA . -28.78 59.36 -2.24
O4 BMA NA . -25.96 59.69 -2.14
O5 BMA NA . -26.28 56.29 -3.48
O6 BMA NA . -23.90 58.39 -1.79
C1 NAG OA . 7.91 13.84 38.90
C2 NAG OA . 6.62 13.03 38.94
C3 NAG OA . 5.78 13.36 40.17
C4 NAG OA . 6.62 13.36 41.45
C5 NAG OA . 7.85 14.22 41.26
C6 NAG OA . 8.79 14.19 42.45
C7 NAG OA . 5.89 12.52 36.63
C8 NAG OA . 4.97 12.90 35.52
N2 NAG OA . 5.82 13.25 37.74
O3 NAG OA . 4.72 12.43 40.28
O4 NAG OA . 5.85 13.91 42.52
O5 NAG OA . 8.59 13.75 40.14
O6 NAG OA . 9.13 12.85 42.79
O7 NAG OA . 6.66 11.56 36.54
C1 NAG OA . 5.48 12.91 43.48
C2 NAG OA . 5.08 13.64 44.75
C3 NAG OA . 4.62 12.63 45.81
C4 NAG OA . 3.48 11.78 45.27
C5 NAG OA . 3.93 11.10 43.96
C6 NAG OA . 2.82 10.34 43.28
C7 NAG OA . 6.23 15.78 45.10
C8 NAG OA . 7.44 16.46 45.69
N2 NAG OA . 6.18 14.45 45.26
O3 NAG OA . 4.20 13.35 46.97
O4 NAG OA . 3.11 10.80 46.23
O5 NAG OA . 4.38 12.09 43.02
O6 NAG OA . 2.77 10.63 41.90
O7 NAG OA . 5.36 16.40 44.51
C1 BMA OA . 1.79 11.05 46.77
C2 BMA OA . 1.62 10.19 48.05
C3 BMA OA . 0.27 10.49 48.72
C4 BMA OA . 0.05 12.01 48.91
C5 BMA OA . 0.24 12.75 47.57
C6 BMA OA . 0.13 14.25 47.71
O2 BMA OA . 2.61 10.52 49.01
O3 BMA OA . 0.14 9.83 49.96
O4 BMA OA . -1.27 12.25 49.39
O5 BMA OA . 1.56 12.44 47.06
O6 BMA OA . 0.55 14.84 46.49
C1 NAG PA . 11.69 20.43 34.09
C2 NAG PA . 11.35 21.39 35.23
C3 NAG PA . 10.24 22.35 34.79
C4 NAG PA . 10.62 23.06 33.49
C5 NAG PA . 10.98 22.02 32.43
C6 NAG PA . 11.48 22.64 31.14
C7 NAG PA . 11.35 21.00 37.64
C8 NAG PA . 10.85 20.14 38.75
N2 NAG PA . 10.94 20.67 36.41
O3 NAG PA . 10.03 23.31 35.82
O4 NAG PA . 9.52 23.85 33.04
O5 NAG PA . 12.03 21.18 32.92
O6 NAG PA . 11.04 21.89 30.01
O7 NAG PA . 12.09 21.96 37.84
C1 NAG PA . 9.83 25.25 33.16
C2 NAG PA . 9.01 26.00 32.11
C3 NAG PA . 9.24 27.50 32.24
C4 NAG PA . 8.98 27.98 33.67
C5 NAG PA . 9.82 27.16 34.64
C6 NAG PA . 9.54 27.48 36.09
C7 NAG PA . 8.60 24.65 30.12
C8 NAG PA . 9.06 24.30 28.75
N2 NAG PA . 9.33 25.55 30.78
O3 NAG PA . 8.39 28.18 31.32
O4 NAG PA . 9.31 29.36 33.80
O5 NAG PA . 9.53 25.76 34.46
O6 NAG PA . 10.72 27.42 36.87
O7 NAG PA . 7.60 24.15 30.62
C1 BMA PA . 8.11 30.16 33.94
C2 BMA PA . 8.51 31.55 34.51
C3 BMA PA . 7.31 32.50 34.49
C4 BMA PA . 6.60 32.52 33.12
C5 BMA PA . 6.22 31.08 32.72
C6 BMA PA . 5.54 30.99 31.38
O2 BMA PA . 9.52 32.15 33.71
O3 BMA PA . 7.68 33.82 34.85
O4 BMA PA . 5.42 33.31 33.18
O5 BMA PA . 7.44 30.30 32.67
O6 BMA PA . 6.55 30.80 30.39
C1 NAG QA . 26.07 -4.40 12.76
C2 NAG QA . 26.34 -5.90 12.73
C3 NAG QA . 26.39 -6.46 14.15
C4 NAG QA . 27.38 -5.68 15.01
C5 NAG QA . 27.09 -4.18 14.93
C6 NAG QA . 28.11 -3.33 15.63
C7 NAG QA . 25.52 -6.92 10.66
C8 NAG QA . 24.37 -7.63 10.00
N2 NAG QA . 25.34 -6.58 11.94
O3 NAG QA . 26.76 -7.83 14.10
O4 NAG QA . 27.25 -6.09 16.36
O5 NAG QA . 27.06 -3.75 13.56
O6 NAG QA . 29.41 -3.88 15.50
O7 NAG QA . 26.56 -6.66 10.06
C1 NAG QA . 28.42 -6.81 16.80
C2 NAG QA . 28.36 -6.90 18.33
C3 NAG QA . 29.55 -7.70 18.86
C4 NAG QA . 29.62 -9.07 18.18
C5 NAG QA . 29.63 -8.90 16.66
C6 NAG QA . 29.57 -10.22 15.93
C7 NAG QA . 27.21 -4.97 19.30
C8 NAG QA . 27.36 -3.61 19.90
N2 NAG QA . 28.34 -5.57 18.93
O3 NAG QA . 29.43 -7.86 20.26
O4 NAG QA . 30.80 -9.75 18.60
O5 NAG QA . 28.49 -8.14 16.25
O6 NAG QA . 29.91 -11.30 16.79
O7 NAG QA . 26.12 -5.49 19.15
C1 NAG RA . 22.52 -12.23 47.60
C2 NAG RA . 23.69 -11.40 47.06
C3 NAG RA . 24.92 -11.59 47.95
C4 NAG RA . 24.58 -11.29 49.41
C5 NAG RA . 23.38 -12.13 49.85
C6 NAG RA . 22.89 -11.79 51.24
C7 NAG RA . 23.46 -11.13 44.65
C8 NAG RA . 23.88 -11.62 43.29
N2 NAG RA . 23.99 -11.76 45.69
O3 NAG RA . 25.95 -10.72 47.50
O4 NAG RA . 25.70 -11.59 50.24
O5 NAG RA . 22.28 -11.89 48.97
O6 NAG RA . 22.61 -10.40 51.36
O7 NAG RA . 22.66 -10.21 44.78
C1 NAG RA . 26.23 -10.36 50.79
C2 NAG RA . 27.20 -10.69 51.92
C3 NAG RA . 27.77 -9.41 52.51
C4 NAG RA . 28.40 -8.55 51.42
C5 NAG RA . 27.42 -8.32 50.27
C6 NAG RA . 28.05 -7.63 49.09
C7 NAG RA . 26.73 -12.82 53.03
C8 NAG RA . 25.99 -13.50 54.16
N2 NAG RA . 26.57 -11.50 52.95
O3 NAG RA . 28.74 -9.72 53.50
O4 NAG RA . 28.79 -7.29 51.96
O5 NAG RA . 26.91 -9.57 49.79
O6 NAG RA . 28.10 -8.50 47.96
O7 NAG RA . 27.44 -13.44 52.25
C1 NAG SA . -18.73 -23.48 38.61
C2 NAG SA . -18.90 -23.35 40.12
C3 NAG SA . -19.98 -22.32 40.44
C4 NAG SA . -19.68 -20.99 39.75
C5 NAG SA . -19.48 -21.21 38.25
C6 NAG SA . -19.03 -19.97 37.52
C7 NAG SA . -18.28 -25.48 41.17
C8 NAG SA . -18.80 -26.75 41.76
N2 NAG SA . -19.22 -24.62 40.73
O3 NAG SA . -20.04 -22.13 41.85
O4 NAG SA . -20.76 -20.08 39.93
O5 NAG SA . -18.46 -22.20 38.04
O6 NAG SA . -17.62 -19.97 37.32
O7 NAG SA . -17.09 -25.24 41.07
C1 NAG SA . -20.36 -19.03 40.83
C2 NAG SA . -21.28 -17.82 40.64
C3 NAG SA . -20.91 -16.71 41.64
C4 NAG SA . -20.89 -17.27 43.06
C5 NAG SA . -19.98 -18.49 43.14
C6 NAG SA . -20.00 -19.16 44.50
C7 NAG SA . -22.24 -16.75 38.65
C8 NAG SA . -22.00 -16.30 37.24
N2 NAG SA . -21.20 -17.32 39.28
O3 NAG SA . -21.85 -15.66 41.55
O4 NAG SA . -20.40 -16.26 43.95
O5 NAG SA . -20.40 -19.47 42.18
O6 NAG SA . -19.55 -20.51 44.40
O7 NAG SA . -23.34 -16.62 39.19
C1 NAG TA . 12.98 4.21 45.66
C2 NAG TA . 12.54 5.64 45.96
C3 NAG TA . 13.72 6.47 46.49
C4 NAG TA . 14.43 5.77 47.64
C5 NAG TA . 14.77 4.33 47.25
C6 NAG TA . 15.31 3.50 48.38
C7 NAG TA . 11.04 7.18 44.79
C8 NAG TA . 10.59 7.70 43.45
N2 NAG TA . 11.99 6.25 44.75
O3 NAG TA . 13.23 7.72 46.93
O4 NAG TA . 15.63 6.48 47.92
O5 NAG TA . 13.58 3.66 46.82
O6 NAG TA . 14.35 3.36 49.42
O7 NAG TA . 10.57 7.59 45.83
C1 NAG TA . 15.59 7.00 49.27
C2 NAG TA . 17.01 7.42 49.62
C3 NAG TA . 17.07 7.93 51.06
C4 NAG TA . 16.06 9.05 51.26
C5 NAG TA . 14.66 8.63 50.78
C6 NAG TA . 13.67 9.77 50.78
C7 NAG TA . 18.09 5.17 49.93
C8 NAG TA . 19.23 4.31 49.48
N2 NAG TA . 18.01 6.39 49.37
O3 NAG TA . 18.41 8.36 51.32
O4 NAG TA . 15.96 9.41 52.64
O5 NAG TA . 14.70 8.12 49.44
O6 NAG TA . 13.33 10.15 52.11
O7 NAG TA . 17.29 4.78 50.79
C1 BMA TA . 16.71 10.59 52.94
C2 BMA TA . 15.87 11.54 53.79
C3 BMA TA . 16.74 12.61 54.49
C4 BMA TA . 18.04 12.03 55.08
C5 BMA TA . 18.77 11.24 54.00
C6 BMA TA . 20.03 10.60 54.51
O2 BMA TA . 15.22 10.83 54.84
O3 BMA TA . 15.98 13.23 55.51
O4 BMA TA . 18.91 13.05 55.53
O5 BMA TA . 17.91 10.19 53.59
O6 BMA TA . 19.64 9.47 55.29
C1 MAN TA . 16.08 14.67 55.41
C2 MAN TA . 15.40 15.25 56.69
C3 MAN TA . 13.90 15.24 56.55
C4 MAN TA . 13.48 15.96 55.27
C5 MAN TA . 14.05 15.21 54.08
C6 MAN TA . 13.73 15.87 52.78
O2 MAN TA . 15.71 16.61 56.81
O3 MAN TA . 13.28 15.86 57.67
O4 MAN TA . 12.07 15.99 55.18
O5 MAN TA . 15.50 15.17 54.19
O6 MAN TA . 13.85 17.27 52.97
C1 MAN TA . 16.77 16.75 57.77
C2 MAN TA . 16.47 18.04 58.52
C3 MAN TA . 16.52 19.19 57.52
C4 MAN TA . 17.87 19.21 56.76
C5 MAN TA . 18.11 17.85 56.10
C6 MAN TA . 19.48 17.73 55.47
O2 MAN TA . 17.46 18.38 59.48
O3 MAN TA . 16.30 20.45 58.16
O4 MAN TA . 17.84 20.21 55.76
O5 MAN TA . 18.01 16.81 57.12
O6 MAN TA . 20.43 18.20 56.41
C1 MAN TA . 17.54 17.40 60.54
C2 MAN TA . 16.31 17.54 61.46
C3 MAN TA . 16.33 18.88 62.19
C4 MAN TA . 17.70 19.16 62.85
C5 MAN TA . 18.82 18.96 61.80
C6 MAN TA . 20.19 19.14 62.38
O2 MAN TA . 16.35 16.55 62.50
O3 MAN TA . 15.31 18.96 63.17
O4 MAN TA . 17.74 20.48 63.32
O5 MAN TA . 18.72 17.64 61.27
O6 MAN TA . 20.28 20.45 62.94
C1 MAN TA . 20.62 9.26 56.31
C2 MAN TA . 20.51 7.78 56.75
C3 MAN TA . 19.20 7.56 57.51
C4 MAN TA . 19.05 8.54 58.67
C5 MAN TA . 19.14 9.98 58.12
C6 MAN TA . 19.12 11.01 59.21
O2 MAN TA . 21.52 7.45 57.68
O3 MAN TA . 19.08 6.22 57.98
O4 MAN TA . 17.80 8.35 59.30
O5 MAN TA . 20.39 10.14 57.41
O6 MAN TA . 20.41 11.04 59.81
C1 NAG UA . 29.30 18.40 8.19
C2 NAG UA . 30.56 17.56 8.48
C3 NAG UA . 31.81 18.45 8.58
C4 NAG UA . 31.91 19.40 7.38
C5 NAG UA . 30.58 20.14 7.19
C6 NAG UA . 30.56 21.02 5.96
C7 NAG UA . 30.18 17.15 10.93
C8 NAG UA . 30.05 16.07 11.96
N2 NAG UA . 30.40 16.73 9.68
O3 NAG UA . 32.95 17.62 8.65
O4 NAG UA . 32.94 20.34 7.64
O5 NAG UA . 29.53 19.19 7.04
O6 NAG UA . 29.30 21.67 5.84
O7 NAG UA . 30.10 18.34 11.25
C1 NAG UA . 34.05 20.11 6.74
C2 NAG UA . 34.93 21.35 6.73
C3 NAG UA . 36.14 21.16 5.82
C4 NAG UA . 36.88 19.88 6.18
C5 NAG UA . 35.94 18.69 6.23
C6 NAG UA . 36.60 17.44 6.74
C7 NAG UA . 33.54 22.86 5.28
C8 NAG UA . 32.87 24.21 5.25
N2 NAG UA . 34.20 22.57 6.42
O3 NAG UA . 37.01 22.28 5.92
O4 NAG UA . 37.91 19.63 5.22
O5 NAG UA . 34.83 18.95 7.12
O6 NAG UA . 37.29 17.68 7.96
O7 NAG UA . 33.48 22.09 4.32
C1 NAG VA . -0.17 -0.69 35.21
C2 NAG VA . 0.43 -0.09 33.97
C3 NAG VA . 0.65 1.41 34.18
C4 NAG VA . -0.61 2.10 34.69
C5 NAG VA . -1.28 1.31 35.82
C6 NAG VA . -2.67 1.80 36.13
C7 NAG VA . 2.12 -0.85 32.37
C8 NAG VA . 3.42 -1.56 32.18
N2 NAG VA . 1.68 -0.74 33.62
O3 NAG VA . 1.06 1.99 32.95
O4 NAG VA . -0.25 3.37 35.21
O5 NAG VA . -1.39 -0.08 35.49
O6 NAG VA . -3.27 2.40 34.99
O7 NAG VA . 1.49 -0.40 31.42
C1 NAG VA . -0.69 4.42 34.35
C2 NAG VA . -0.99 5.64 35.20
C3 NAG VA . -1.42 6.80 34.31
C4 NAG VA . -0.35 7.08 33.26
C5 NAG VA . -0.02 5.80 32.48
C6 NAG VA . 1.15 5.95 31.54
C7 NAG VA . -1.72 5.04 37.45
C8 NAG VA . -2.88 4.78 38.35
N2 NAG VA . -2.01 5.35 36.19
O3 NAG VA . -1.62 7.96 35.11
O4 NAG VA . -0.84 8.06 32.34
O5 NAG VA . 0.32 4.74 33.39
O6 NAG VA . 2.00 4.82 31.60
O7 NAG VA . -0.56 4.97 37.85
C1 BMA VA . -0.11 9.30 32.46
C2 BMA VA . -0.68 10.24 31.39
C3 BMA VA . -0.07 11.64 31.54
C4 BMA VA . -0.18 12.15 32.98
C5 BMA VA . 0.39 11.12 33.97
C6 BMA VA . 0.10 11.51 35.39
O2 BMA VA . -2.07 10.40 31.55
O3 BMA VA . -0.69 12.55 30.65
O4 BMA VA . 0.53 13.36 33.11
O5 BMA VA . -0.27 9.86 33.75
O6 BMA VA . -1.32 11.47 35.53
C1 MAN VA . 0.23 12.91 29.61
C2 MAN VA . -0.29 14.21 28.93
C3 MAN VA . -1.51 13.91 28.06
C4 MAN VA . -1.24 12.76 27.08
C5 MAN VA . -0.79 11.52 27.86
C6 MAN VA . -0.39 10.36 26.98
O2 MAN VA . 0.67 14.76 28.03
O3 MAN VA . -1.94 15.06 27.36
O4 MAN VA . -2.42 12.46 26.36
O5 MAN VA . 0.38 11.85 28.66
O6 MAN VA . 1.00 10.46 26.72
C1 MAN VA . -1.71 12.03 36.80
C2 MAN VA . -3.17 11.57 37.05
C3 MAN VA . -4.12 12.29 36.07
C4 MAN VA . -3.92 13.82 36.14
C5 MAN VA . -2.44 14.15 35.84
C6 MAN VA . -2.11 15.61 35.95
O2 MAN VA . -3.61 11.95 38.35
O3 MAN VA . -5.48 11.97 36.30
O4 MAN VA . -4.74 14.47 35.19
O5 MAN VA . -1.59 13.44 36.79
O6 MAN VA . -0.74 15.77 35.61
C1 NAG WA . -2.98 -3.89 42.00
C2 NAG WA . -4.12 -3.26 41.23
C3 NAG WA . -4.91 -2.31 42.14
C4 NAG WA . -5.33 -3.01 43.42
C5 NAG WA . -4.14 -3.72 44.08
C6 NAG WA . -4.56 -4.61 45.24
C7 NAG WA . -2.84 -1.56 39.90
C8 NAG WA . -2.58 -1.09 38.50
N2 NAG WA . -3.69 -2.60 40.00
O3 NAG WA . -6.05 -1.84 41.44
O4 NAG WA . -5.82 -2.03 44.34
O5 NAG WA . -3.49 -4.58 43.13
O6 NAG WA . -5.81 -5.22 44.99
O7 NAG WA . -2.31 -1.01 40.86
C1 NAG WA . -7.23 -2.18 44.53
C2 NAG WA . -7.68 -1.15 45.58
C3 NAG WA . -9.19 -1.21 45.79
C4 NAG WA . -9.92 -1.09 44.46
C5 NAG WA . -9.39 -2.12 43.45
C6 NAG WA . -9.96 -1.95 42.07
C7 NAG WA . -6.91 -2.32 47.67
C8 NAG WA . -6.07 -2.15 48.90
N2 NAG WA . -6.94 -1.26 46.83
O3 NAG WA . -9.58 -0.16 46.67
O4 NAG WA . -11.32 -1.30 44.65
O5 NAG WA . -7.97 -1.98 43.32
O6 NAG WA . -9.11 -1.17 41.25
O7 NAG WA . -7.54 -3.36 47.46
C1 NAG WA . -12.04 -0.06 44.45
C2 NAG WA . -13.52 -0.36 44.23
C3 NAG WA . -14.31 0.95 44.11
C4 NAG WA . -14.03 1.88 45.28
C5 NAG WA . -12.52 2.09 45.44
C6 NAG WA . -12.17 2.90 46.67
C7 NAG WA . -13.70 -2.53 43.10
C8 NAG WA . -13.93 -3.23 41.79
N2 NAG WA . -13.72 -1.19 43.06
O3 NAG WA . -15.70 0.65 44.04
O4 NAG WA . -14.65 3.13 45.07
O5 NAG WA . -11.87 0.82 45.59
O6 NAG WA . -12.37 2.15 47.86
O7 NAG WA . -13.50 -3.15 44.14
C1 NAG XA . 23.43 -6.20 36.88
C2 NAG XA . 24.53 -6.20 35.80
C3 NAG XA . 25.67 -7.16 36.20
C4 NAG XA . 26.16 -6.86 37.61
C5 NAG XA . 24.99 -6.81 38.59
C6 NAG XA . 25.37 -6.36 39.99
C7 NAG XA . 23.40 -7.61 34.06
C8 NAG XA . 22.98 -7.62 32.62
N2 NAG XA . 24.02 -6.49 34.46
O3 NAG XA . 26.73 -7.04 35.27
O4 NAG XA . 27.07 -7.89 37.99
O5 NAG XA . 24.00 -5.87 38.14
O6 NAG XA . 26.30 -5.29 39.95
O7 NAG XA . 23.17 -8.57 34.80
C1 NAG XA . 28.39 -7.36 38.26
C2 NAG XA . 29.19 -8.39 39.06
C3 NAG XA . 30.59 -7.87 39.37
C4 NAG XA . 31.29 -7.40 38.10
C5 NAG XA . 30.40 -6.42 37.31
C6 NAG XA . 30.98 -6.03 35.98
C7 NAG XA . 28.13 -8.12 41.32
C8 NAG XA . 27.43 -8.86 42.41
N2 NAG XA . 28.50 -8.86 40.25
O3 NAG XA . 31.35 -8.91 39.99
O4 NAG XA . 32.48 -6.70 38.47
O5 NAG XA . 29.11 -7.01 37.06
O6 NAG XA . 30.75 -4.66 35.70
O7 NAG XA . 28.35 -6.91 41.40
C1 BMA XA . 33.69 -7.42 38.10
C2 BMA XA . 34.88 -6.58 38.62
C3 BMA XA . 36.20 -7.35 38.50
C4 BMA XA . 36.08 -8.78 39.07
C5 BMA XA . 34.93 -9.50 38.36
C6 BMA XA . 34.75 -10.93 38.81
O2 BMA XA . 34.73 -6.26 40.00
O3 BMA XA . 37.27 -6.66 39.14
O4 BMA XA . 37.29 -9.50 38.87
O5 BMA XA . 33.72 -8.76 38.64
O6 BMA XA . 34.74 -10.95 40.24
C1 NAG YA . 24.19 -18.57 39.58
C2 NAG YA . 25.09 -18.86 40.77
C3 NAG YA . 26.57 -18.72 40.37
C4 NAG YA . 26.88 -19.57 39.15
C5 NAG YA . 25.92 -19.21 38.02
C6 NAG YA . 26.09 -20.07 36.79
C7 NAG YA . 24.05 -18.32 42.93
C8 NAG YA . 23.84 -17.28 43.98
N2 NAG YA . 24.79 -17.96 41.88
O3 NAG YA . 27.39 -19.11 41.47
O4 NAG YA . 28.22 -19.35 38.74
O5 NAG YA . 24.57 -19.40 38.47
O6 NAG YA . 27.31 -19.77 36.13
O7 NAG YA . 23.57 -19.45 43.03
C1 NAG YA . 29.01 -20.55 38.94
C2 NAG YA . 30.41 -20.33 38.38
C3 NAG YA . 31.26 -21.57 38.58
C4 NAG YA . 31.28 -21.97 40.05
C5 NAG YA . 29.86 -22.11 40.59
C6 NAG YA . 29.82 -22.35 42.08
C7 NAG YA . 30.48 -18.70 36.53
C8 NAG YA . 30.40 -18.51 35.05
N2 NAG YA . 30.35 -19.97 36.97
O3 NAG YA . 32.58 -21.32 38.12
O4 NAG YA . 31.98 -23.20 40.21
O5 NAG YA . 29.11 -20.91 40.34
O6 NAG YA . 29.71 -21.11 42.79
O7 NAG YA . 30.66 -17.77 37.31
C1 NAG ZA . -41.15 48.16 7.45
C2 NAG ZA . -41.84 49.48 7.83
C3 NAG ZA . -43.31 49.44 7.43
C4 NAG ZA . -43.48 49.06 5.96
C5 NAG ZA . -42.75 47.75 5.68
C6 NAG ZA . -42.76 47.37 4.22
C7 NAG ZA . -41.60 51.00 9.74
C8 NAG ZA . -41.45 51.10 11.23
N2 NAG ZA . -41.69 49.76 9.24
O3 NAG ZA . -43.91 50.71 7.65
O4 NAG ZA . -44.85 48.91 5.65
O5 NAG ZA . -41.36 47.87 6.06
O6 NAG ZA . -41.46 47.00 3.78
O7 NAG ZA . -41.64 51.99 9.02
C1 NAG AB . -34.18 52.95 -1.35
C2 NAG AB . -34.96 54.16 -0.84
C3 NAG AB . -35.42 55.02 -2.01
C4 NAG AB . -34.23 55.40 -2.89
C5 NAG AB . -33.44 54.16 -3.29
C6 NAG AB . -32.16 54.49 -4.03
C7 NAG AB . -36.11 53.79 1.30
C8 NAG AB . -37.36 53.32 1.98
N2 NAG AB . -36.10 53.75 -0.03
O3 NAG AB . -36.05 56.20 -1.51
O4 NAG AB . -34.70 56.06 -4.07
O5 NAG AB . -33.05 53.40 -2.13
O6 NAG AB . -32.39 55.48 -5.02
O7 NAG AB . -35.14 54.20 1.94
C1 NAG BB . -37.91 26.55 7.58
C2 NAG BB . -37.74 27.61 8.67
C3 NAG BB . -38.49 27.19 9.93
C4 NAG BB . -39.95 26.87 9.62
C5 NAG BB . -40.03 25.85 8.47
C6 NAG BB . -41.44 25.60 8.00
C7 NAG BB . -35.61 28.77 8.34
C8 NAG BB . -34.19 28.89 8.78
N2 NAG BB . -36.34 27.85 8.97
O3 NAG BB . -38.43 28.23 10.89
O4 NAG BB . -40.59 26.34 10.77
O5 NAG BB . -39.30 26.34 7.33
O6 NAG BB . -41.46 25.22 6.63
O7 NAG BB . -36.06 29.46 7.44
C1 NAG CB . -2.71 -31.32 -55.51
C2 NAG CB . -2.53 -31.83 -56.94
C3 NAG CB . -3.15 -33.23 -57.10
C4 NAG CB . -2.61 -34.18 -56.04
C5 NAG CB . -2.82 -33.59 -54.65
C6 NAG CB . -2.22 -34.42 -53.55
C7 NAG CB . -2.39 -29.97 -58.54
C8 NAG CB . -3.15 -29.11 -59.49
N2 NAG CB . -3.11 -30.90 -57.90
O3 NAG CB . -2.86 -33.72 -58.40
O4 NAG CB . -3.28 -35.43 -56.13
O5 NAG CB . -2.20 -32.30 -54.58
O6 NAG CB . -1.43 -33.62 -52.68
O7 NAG CB . -1.18 -29.85 -58.36
C1 NAG DB . -11.17 -25.52 -37.67
C2 NAG DB . -12.69 -25.69 -37.70
C3 NAG DB . -13.28 -24.93 -38.90
C4 NAG DB . -12.84 -23.48 -38.88
C5 NAG DB . -11.31 -23.39 -38.80
C6 NAG DB . -10.81 -21.98 -38.65
C7 NAG DB . -14.09 -27.59 -37.05
C8 NAG DB . -14.33 -29.06 -37.20
N2 NAG DB . -13.06 -27.09 -37.75
O3 NAG DB . -14.70 -25.01 -38.85
O4 NAG DB . -13.28 -22.82 -40.05
O5 NAG DB . -10.84 -24.12 -37.65
O6 NAG DB . -10.61 -21.64 -37.29
O7 NAG DB . -14.78 -26.89 -36.33
C1 NAG EB . 14.68 -31.80 -42.52
C2 NAG EB . 15.03 -32.73 -43.67
C3 NAG EB . 15.03 -31.97 -45.00
C4 NAG EB . 13.70 -31.24 -45.19
C5 NAG EB . 13.41 -30.36 -43.98
C6 NAG EB . 12.04 -29.73 -44.04
C7 NAG EB . 16.55 -34.66 -43.77
C8 NAG EB . 17.92 -35.17 -43.49
N2 NAG EB . 16.30 -33.38 -43.46
O3 NAG EB . 15.26 -32.87 -46.07
O4 NAG EB . 13.77 -30.42 -46.35
O5 NAG EB . 13.42 -31.15 -42.78
O6 NAG EB . 11.94 -28.65 -43.11
O7 NAG EB . 15.69 -35.37 -44.28
C1 NAG FB . 9.64 -32.39 -54.28
C2 NAG FB . 9.80 -33.91 -53.95
C3 NAG FB . 10.29 -34.72 -55.17
C4 NAG FB . 9.49 -34.38 -56.43
C5 NAG FB . 9.53 -32.87 -56.65
C6 NAG FB . 8.74 -32.44 -57.87
C7 NAG FB . 12.01 -33.82 -52.73
C8 NAG FB . 12.68 -34.20 -51.44
N2 NAG FB . 10.69 -34.13 -52.81
O3 NAG FB . 10.18 -36.11 -54.88
O4 NAG FB . 10.07 -35.03 -57.55
O5 NAG FB . 8.93 -32.24 -55.51
O6 NAG FB . 8.57 -31.03 -57.88
O7 NAG FB . 12.63 -33.26 -53.63
C1 NAG GB . 11.51 -35.57 51.58
C2 NAG GB . 12.06 -36.20 52.87
C3 NAG GB . 10.91 -36.50 53.84
C4 NAG GB . 10.07 -35.25 54.09
C5 NAG GB . 9.57 -34.69 52.76
C6 NAG GB . 8.83 -33.38 52.92
C7 NAG GB . 14.13 -37.41 52.36
C8 NAG GB . 14.74 -38.75 52.09
N2 NAG GB . 12.81 -37.41 52.58
O3 NAG GB . 11.45 -36.97 55.07
O4 NAG GB . 8.96 -35.57 54.92
O5 NAG GB . 10.69 -34.43 51.91
O6 NAG GB . 9.43 -32.36 52.14
O7 NAG GB . 14.80 -36.38 52.40
C1 NAG HB . 0.05 -30.56 36.08
C2 NAG HB . -0.04 -31.78 35.13
C3 NAG HB . 1.34 -32.39 34.93
C4 NAG HB . 2.34 -31.34 34.47
C5 NAG HB . 2.36 -30.16 35.45
C6 NAG HB . 3.25 -29.04 35.00
C7 NAG HB . -1.86 -33.39 34.85
C8 NAG HB . -2.76 -34.38 35.52
N2 NAG HB . -0.98 -32.76 35.63
O3 NAG HB . 1.26 -33.44 33.97
O4 NAG HB . 3.64 -31.90 34.39
O5 NAG HB . 1.03 -29.63 35.57
O6 NAG HB . 2.69 -28.36 33.88
O7 NAG HB . -1.94 -33.16 33.64
#